data_6JHP
#
_entry.id   6JHP
#
_cell.length_a   103.250
_cell.length_b   173.043
_cell.length_c   177.277
_cell.angle_alpha   90.000
_cell.angle_beta   90.000
_cell.angle_gamma   90.000
#
_symmetry.space_group_name_H-M   'P 21 21 21'
#
loop_
_entity.id
_entity.type
_entity.pdbx_description
1 polymer Alpha-galactosidase
2 non-polymer 2-AMINO-2-HYDROXYMETHYL-PROPANE-1,3-DIOL
3 water water
#
_entity_poly.entity_id   1
_entity_poly.type   'polypeptide(L)'
_entity_poly.pdbx_seq_one_letter_code
;MGSSHHHHHHSSGLVPRGSHMASMTGGQQMGRGSEFQSTSGSNAIVVDGTTFALHGAGMSYVFHANTTTGDLITDHYGAS
VSGALPSPPEPVVNGWVGMIGRTRREFPDQGRGDFRIPAVRIRQTAGYAVSDLRYQGHEVRDGKPGLPGLPATFGEAGDV
TTLVVHLYDNHSAVAADLSYSVFPEFDAVVRSVNITNKGNGNITIEHLASMSVDFPFEDLDLLGLRGDWAREAHRMRRRV
EYGVQGFGSSTGYSSHLHNPFFVLAHPSTTESQGEAWGFNLTYTGSFSAQVEKGSQGLTRALIGFNPDQLSWTLGPGETL
TSPECVSVYSSDGIGGMSRKFHRLYRKHLIRSKYATLDRPPLLNSWEGVYFDYNQTGIERLARQSAALGIRLFVMDDGWF
GNKYPRTSDKAGLGDWTPNPDRFPDGLEPVVERITNLPVNGTAGEKLRFGIWVEPEMVNPNSSLYREHPDWVLHAGSYPR
TERRNQLVLNLALPEVQDFIIDFMTNLLNSADISYVKWDNNRGMHEMPSTRTYHEYMLGLYRVLDTLSARFPDVLWEGCA
SGGGRFDAGILHYFPQIWTSDNTDGVDRITIQFGTSLAYPPSTMGAHLSAVPNHQTSRTVPLEFRAHVAMMGGSFGLELD
PATLQDDPEVRRLIKLAEKVNPLVINGDLYRLRLPEESQWPAALFVAEDGSQAVLFYFQVGPNVNHAAPWVRLQGLDPEA
RYTVDGNATYKGATLMNLGLQFTFDSEYGSKVVFLEKQ
;
_entity_poly.pdbx_strand_id   A,B,C,D
#
loop_
_chem_comp.id
_chem_comp.type
_chem_comp.name
_chem_comp.formula
TRS non-polymer 2-AMINO-2-HYDROXYMETHYL-PROPANE-1,3-DIOL 'C4 H12 N O3 1'
#
# COMPACT_ATOMS: atom_id res chain seq x y z
N ASN A 43 -17.95 11.41 40.48
CA ASN A 43 -18.31 10.06 40.07
C ASN A 43 -17.42 9.53 38.93
N ALA A 44 -16.12 9.81 39.04
CA ALA A 44 -15.17 9.39 38.01
C ALA A 44 -14.86 7.89 38.07
N ILE A 45 -14.91 7.27 39.25
CA ILE A 45 -14.83 5.82 39.37
C ILE A 45 -16.16 5.31 39.91
N VAL A 46 -16.64 4.21 39.34
CA VAL A 46 -17.98 3.68 39.63
C VAL A 46 -17.85 2.17 39.77
N VAL A 47 -18.30 1.64 40.90
CA VAL A 47 -18.25 0.19 41.15
C VAL A 47 -19.68 -0.32 41.33
N ASP A 48 -20.10 -1.24 40.47
CA ASP A 48 -21.33 -2.02 40.63
C ASP A 48 -20.96 -3.49 40.70
N GLY A 49 -21.18 -4.11 41.84
CA GLY A 49 -20.83 -5.52 41.93
C GLY A 49 -19.35 -5.67 41.69
N THR A 50 -19.00 -6.57 40.78
CA THR A 50 -17.60 -6.76 40.43
C THR A 50 -17.19 -5.95 39.20
N THR A 51 -18.03 -5.01 38.80
CA THR A 51 -17.79 -4.20 37.62
C THR A 51 -17.24 -2.84 38.04
N PHE A 52 -16.02 -2.55 37.60
CA PHE A 52 -15.34 -1.29 37.87
C PHE A 52 -15.37 -0.44 36.60
N ALA A 53 -15.80 0.80 36.73
CA ALA A 53 -15.83 1.72 35.59
C ALA A 53 -15.06 2.98 35.94
N LEU A 54 -14.10 3.34 35.10
CA LEU A 54 -13.40 4.61 35.17
C LEU A 54 -13.88 5.49 34.02
N HIS A 55 -14.41 6.67 34.33
CA HIS A 55 -15.07 7.53 33.36
C HIS A 55 -14.35 8.88 33.32
N GLY A 56 -13.70 9.19 32.20
CA GLY A 56 -13.28 10.55 31.93
C GLY A 56 -14.36 11.36 31.23
N ALA A 57 -13.95 12.52 30.70
CA ALA A 57 -14.90 13.39 30.03
C ALA A 57 -15.40 12.77 28.74
N GLY A 58 -14.48 12.29 27.89
CA GLY A 58 -14.85 11.62 26.66
C GLY A 58 -14.22 10.26 26.52
N MET A 59 -13.91 9.64 27.65
CA MET A 59 -13.28 8.34 27.71
C MET A 59 -13.97 7.49 28.76
N SER A 60 -13.89 6.18 28.60
CA SER A 60 -14.39 5.23 29.59
C SER A 60 -13.53 3.99 29.59
N TYR A 61 -13.32 3.42 30.77
CA TYR A 61 -12.50 2.23 30.95
C TYR A 61 -13.27 1.33 31.91
N VAL A 62 -13.67 0.17 31.45
CA VAL A 62 -14.58 -0.69 32.19
C VAL A 62 -14.04 -2.11 32.22
N PHE A 63 -13.90 -2.67 33.41
CA PHE A 63 -13.54 -4.07 33.54
C PHE A 63 -14.29 -4.64 34.71
N HIS A 64 -14.16 -5.95 34.89
CA HIS A 64 -14.91 -6.64 35.93
C HIS A 64 -14.14 -7.89 36.35
N ALA A 65 -14.42 -8.34 37.58
CA ALA A 65 -13.86 -9.58 38.07
C ALA A 65 -14.84 -10.71 37.80
N ASN A 66 -14.35 -11.81 37.26
CA ASN A 66 -15.16 -13.00 37.07
C ASN A 66 -15.19 -13.78 38.38
N THR A 67 -16.34 -13.73 39.10
CA THR A 67 -16.41 -14.43 40.40
C THR A 67 -16.42 -15.99 40.28
N THR A 68 -16.16 -16.57 39.11
CA THR A 68 -15.97 -18.01 38.92
C THR A 68 -14.51 -18.41 38.77
N THR A 69 -13.72 -17.62 38.04
CA THR A 69 -12.29 -17.87 37.86
C THR A 69 -11.41 -16.96 38.68
N GLY A 70 -11.95 -15.88 39.25
CA GLY A 70 -11.17 -14.89 39.96
C GLY A 70 -10.40 -13.90 39.09
N ASP A 71 -10.51 -13.97 37.76
CA ASP A 71 -9.69 -13.16 36.86
C ASP A 71 -10.37 -11.83 36.55
N LEU A 72 -9.55 -10.83 36.19
CA LEU A 72 -10.01 -9.51 35.78
C LEU A 72 -10.14 -9.47 34.27
N ILE A 73 -11.33 -9.14 33.77
CA ILE A 73 -11.65 -9.16 32.35
C ILE A 73 -12.00 -7.75 31.89
N THR A 74 -11.35 -7.29 30.82
CA THR A 74 -11.65 -6.00 30.23
C THR A 74 -12.94 -6.06 29.42
N ASP A 75 -13.80 -5.06 29.59
CA ASP A 75 -14.99 -4.91 28.77
C ASP A 75 -14.83 -3.80 27.74
N HIS A 76 -14.28 -2.65 28.12
CA HIS A 76 -14.26 -1.53 27.20
C HIS A 76 -13.16 -0.55 27.57
N TYR A 77 -12.41 -0.12 26.57
CA TYR A 77 -11.48 1.01 26.74
C TYR A 77 -11.62 1.87 25.49
N GLY A 78 -12.29 3.00 25.62
CA GLY A 78 -12.57 3.82 24.47
C GLY A 78 -13.45 4.98 24.86
N ALA A 79 -14.28 5.45 23.94
CA ALA A 79 -15.17 6.56 24.17
C ALA A 79 -16.22 6.20 25.24
N SER A 80 -16.90 7.25 25.72
CA SER A 80 -17.78 7.15 26.88
C SER A 80 -18.87 6.12 26.66
N VAL A 81 -19.03 5.24 27.64
CA VAL A 81 -20.21 4.41 27.76
C VAL A 81 -20.85 4.73 29.10
N SER A 82 -22.09 4.28 29.26
CA SER A 82 -22.77 4.47 30.53
C SER A 82 -23.99 3.56 30.55
N GLY A 83 -24.50 3.32 31.76
CA GLY A 83 -25.58 2.36 31.88
C GLY A 83 -25.07 0.95 31.60
N ALA A 84 -26.00 0.08 31.24
CA ALA A 84 -25.67 -1.32 30.99
C ALA A 84 -24.89 -1.48 29.70
N LEU A 85 -23.91 -2.37 29.71
CA LEU A 85 -23.10 -2.66 28.54
C LEU A 85 -23.44 -4.04 27.97
N PRO A 86 -23.43 -4.18 26.66
CA PRO A 86 -23.68 -5.50 26.06
C PRO A 86 -22.54 -6.44 26.39
N SER A 87 -22.89 -7.62 26.91
CA SER A 87 -21.82 -8.59 27.17
C SER A 87 -21.66 -9.52 25.97
N PRO A 88 -20.42 -9.86 25.64
CA PRO A 88 -20.16 -10.63 24.42
C PRO A 88 -20.76 -12.02 24.52
N PRO A 89 -21.32 -12.54 23.43
CA PRO A 89 -21.77 -13.94 23.42
C PRO A 89 -20.59 -14.86 23.70
N GLU A 90 -20.89 -15.98 24.38
CA GLU A 90 -19.85 -16.89 24.81
C GLU A 90 -19.19 -17.54 23.60
N PRO A 91 -17.86 -17.59 23.54
CA PRO A 91 -17.20 -18.14 22.35
C PRO A 91 -17.08 -19.66 22.42
N VAL A 92 -17.36 -20.29 21.28
CA VAL A 92 -17.22 -21.73 21.17
C VAL A 92 -15.74 -22.10 21.22
N VAL A 93 -15.41 -23.14 21.99
CA VAL A 93 -14.01 -23.51 22.27
C VAL A 93 -13.65 -24.77 21.49
N ASN A 94 -12.58 -24.70 20.70
CA ASN A 94 -12.12 -25.81 19.88
C ASN A 94 -10.61 -25.78 19.69
N GLY A 95 -9.99 -26.97 19.75
CA GLY A 95 -8.54 -27.04 19.71
C GLY A 95 -7.92 -26.82 21.07
N TRP A 96 -6.70 -26.27 21.06
CA TRP A 96 -5.94 -26.11 22.30
C TRP A 96 -6.26 -24.82 23.03
N VAL A 97 -6.84 -23.83 22.36
CA VAL A 97 -7.05 -22.54 22.99
C VAL A 97 -8.36 -22.61 23.76
N GLY A 98 -8.27 -22.65 25.08
CA GLY A 98 -9.42 -22.72 25.95
C GLY A 98 -10.07 -21.37 26.10
N MET A 99 -11.02 -21.30 27.03
CA MET A 99 -11.74 -20.06 27.26
C MET A 99 -10.81 -18.93 27.71
N ILE A 100 -9.76 -19.26 28.44
CA ILE A 100 -8.82 -18.24 28.91
C ILE A 100 -8.09 -17.57 27.74
N GLY A 101 -7.88 -18.27 26.63
CA GLY A 101 -7.26 -17.74 25.44
C GLY A 101 -8.17 -16.90 24.58
N ARG A 102 -9.44 -16.80 24.95
CA ARG A 102 -10.47 -16.12 24.17
C ARG A 102 -11.06 -14.91 24.85
N THR A 103 -10.58 -14.56 26.05
CA THR A 103 -11.16 -13.43 26.79
C THR A 103 -10.16 -12.28 26.82
N ARG A 104 -10.69 -11.08 26.99
CA ARG A 104 -9.84 -9.91 27.20
C ARG A 104 -9.50 -9.84 28.67
N ARG A 105 -8.19 -9.92 28.99
CA ARG A 105 -7.72 -9.97 30.35
C ARG A 105 -6.95 -8.71 30.70
N GLU A 106 -6.89 -8.39 32.00
CA GLU A 106 -6.24 -7.18 32.49
C GLU A 106 -4.88 -7.43 33.12
N PHE A 107 -4.68 -8.62 33.69
CA PHE A 107 -3.37 -8.99 34.27
C PHE A 107 -3.05 -10.43 33.90
N PRO A 108 -2.87 -10.70 32.60
CA PRO A 108 -2.77 -12.10 32.15
C PRO A 108 -1.45 -12.74 32.55
N ASP A 109 -1.55 -13.93 33.14
CA ASP A 109 -0.43 -14.83 33.33
C ASP A 109 -0.40 -15.85 32.21
N GLN A 110 0.70 -16.60 32.16
CA GLN A 110 0.87 -17.71 31.23
C GLN A 110 1.18 -18.99 32.00
N GLY A 111 0.73 -20.12 31.45
CA GLY A 111 0.97 -21.40 32.08
C GLY A 111 -0.27 -22.08 32.62
N ARG A 112 -1.44 -21.52 32.39
CA ARG A 112 -2.68 -22.16 32.81
C ARG A 112 -3.67 -22.21 31.66
N GLY A 113 -3.20 -22.00 30.44
CA GLY A 113 -4.07 -22.13 29.30
C GLY A 113 -3.98 -20.99 28.30
N ASP A 114 -3.53 -19.83 28.74
CA ASP A 114 -3.37 -18.68 27.85
C ASP A 114 -1.97 -18.74 27.24
N PHE A 115 -1.91 -18.85 25.92
CA PHE A 115 -0.66 -18.96 25.20
C PHE A 115 -0.15 -17.61 24.71
N ARG A 116 -0.88 -16.54 24.97
CA ARG A 116 -0.51 -15.18 24.64
C ARG A 116 0.58 -14.64 25.58
N ILE A 117 1.19 -13.53 25.18
CA ILE A 117 2.24 -12.89 25.99
C ILE A 117 1.66 -12.45 27.33
N PRO A 118 2.36 -12.67 28.45
CA PRO A 118 1.81 -12.31 29.76
C PRO A 118 2.22 -10.91 30.21
N ALA A 119 1.47 -10.41 31.20
CA ALA A 119 1.85 -9.20 31.90
C ALA A 119 2.80 -9.48 33.06
N VAL A 120 2.81 -10.72 33.58
CA VAL A 120 3.59 -11.08 34.74
C VAL A 120 4.16 -12.49 34.56
N ARG A 121 5.38 -12.71 35.08
CA ARG A 121 6.00 -14.04 35.19
C ARG A 121 6.71 -14.11 36.53
N ILE A 122 6.39 -15.14 37.30
CA ILE A 122 6.94 -15.35 38.63
C ILE A 122 7.48 -16.77 38.68
N ARG A 123 8.77 -16.90 38.96
CA ARG A 123 9.33 -18.21 39.28
C ARG A 123 9.19 -18.42 40.78
N GLN A 124 8.35 -19.37 41.18
CA GLN A 124 8.03 -19.55 42.58
C GLN A 124 9.18 -20.25 43.32
N THR A 125 9.09 -20.29 44.66
CA THR A 125 10.16 -20.88 45.45
C THR A 125 10.42 -22.33 45.05
N ALA A 126 9.36 -23.12 44.88
CA ALA A 126 9.50 -24.52 44.51
C ALA A 126 9.97 -24.72 43.07
N GLY A 127 10.10 -23.64 42.28
CA GLY A 127 10.65 -23.73 40.95
C GLY A 127 9.66 -23.68 39.80
N TYR A 128 8.36 -23.65 40.07
CA TYR A 128 7.40 -23.48 38.99
C TYR A 128 7.40 -22.03 38.50
N ALA A 129 6.99 -21.87 37.25
CA ALA A 129 6.65 -20.57 36.69
C ALA A 129 5.15 -20.50 36.42
N VAL A 130 4.36 -20.98 37.38
CA VAL A 130 2.91 -20.86 37.31
C VAL A 130 2.47 -19.74 38.24
N SER A 131 1.32 -19.14 37.93
CA SER A 131 0.76 -18.07 38.72
C SER A 131 -0.76 -18.03 38.53
N ASP A 132 -1.52 -17.82 39.63
CA ASP A 132 -3.00 -17.83 39.66
C ASP A 132 -3.44 -16.74 40.66
N LEU A 133 -3.33 -15.47 40.24
CA LEU A 133 -3.70 -14.32 41.04
C LEU A 133 -5.21 -14.07 40.90
N ARG A 134 -5.96 -14.33 41.96
CA ARG A 134 -7.42 -14.22 41.92
C ARG A 134 -7.89 -13.00 42.70
N TYR A 135 -8.94 -12.35 42.17
CA TYR A 135 -9.50 -11.15 42.79
C TYR A 135 -9.87 -11.40 44.25
N GLN A 136 -9.58 -10.42 45.12
CA GLN A 136 -9.73 -10.50 46.58
C GLN A 136 -10.59 -9.38 47.14
N GLY A 137 -10.51 -8.21 46.52
CA GLY A 137 -11.21 -7.05 47.00
C GLY A 137 -10.66 -5.80 46.33
N HIS A 138 -11.15 -4.66 46.79
CA HIS A 138 -10.73 -3.41 46.17
C HIS A 138 -11.04 -2.26 47.10
N GLU A 139 -10.42 -1.12 46.82
CA GLU A 139 -10.68 0.11 47.54
C GLU A 139 -10.66 1.25 46.55
N VAL A 140 -11.61 2.19 46.68
CA VAL A 140 -11.58 3.42 45.90
C VAL A 140 -11.27 4.58 46.83
N ARG A 141 -10.38 5.47 46.39
CA ARG A 141 -10.08 6.67 47.15
C ARG A 141 -9.88 7.82 46.19
N ASP A 142 -10.23 9.01 46.66
CA ASP A 142 -10.06 10.22 45.87
C ASP A 142 -8.63 10.72 45.98
N GLY A 143 -8.09 11.16 44.86
CA GLY A 143 -6.71 11.55 44.81
C GLY A 143 -5.83 10.41 44.34
N LYS A 144 -4.54 10.57 44.57
CA LYS A 144 -3.56 9.64 44.03
C LYS A 144 -2.41 9.49 45.01
N PRO A 145 -2.14 8.28 45.47
CA PRO A 145 -1.00 8.09 46.36
C PRO A 145 0.29 8.28 45.58
N GLY A 146 1.36 8.63 46.30
CA GLY A 146 2.65 8.67 45.67
C GLY A 146 3.15 7.27 45.35
N LEU A 147 4.16 7.22 44.51
CA LEU A 147 4.83 5.96 44.18
C LEU A 147 6.18 5.91 44.88
N PRO A 148 6.46 4.87 45.67
CA PRO A 148 7.67 4.86 46.51
C PRO A 148 8.92 4.75 45.65
N GLY A 149 9.75 5.79 45.70
CA GLY A 149 11.04 5.78 45.05
C GLY A 149 11.02 6.01 43.56
N LEU A 150 9.88 6.39 42.99
CA LEU A 150 9.73 6.55 41.56
C LEU A 150 8.92 7.81 41.29
N PRO A 151 9.10 8.40 40.11
CA PRO A 151 8.24 9.51 39.71
C PRO A 151 6.85 9.01 39.33
N ALA A 152 5.84 9.83 39.63
CA ALA A 152 4.50 9.49 39.20
C ALA A 152 3.71 10.78 39.00
N THR A 153 2.67 10.71 38.19
CA THR A 153 1.74 11.81 38.16
C THR A 153 1.13 12.01 39.56
N PHE A 154 0.72 13.25 39.83
CA PHE A 154 0.19 13.62 41.13
C PHE A 154 -1.00 14.53 40.89
N GLY A 155 -1.93 14.53 41.84
CA GLY A 155 -3.08 15.39 41.71
C GLY A 155 -3.87 15.39 42.99
N GLU A 156 -4.83 16.30 43.06
CA GLU A 156 -5.67 16.44 44.24
C GLU A 156 -7.04 15.81 44.01
N ALA A 157 -7.83 15.78 45.09
CA ALA A 157 -9.06 14.99 45.11
C ALA A 157 -9.99 15.35 43.95
N GLY A 158 -10.00 16.61 43.53
CA GLY A 158 -10.85 16.99 42.41
C GLY A 158 -10.36 16.44 41.08
N ASP A 159 -9.05 16.46 40.84
CA ASP A 159 -8.47 16.18 39.53
C ASP A 159 -8.35 14.70 39.23
N VAL A 160 -8.18 13.85 40.24
CA VAL A 160 -7.84 12.44 40.03
C VAL A 160 -8.51 11.60 41.11
N THR A 161 -8.98 10.41 40.72
CA THR A 161 -9.52 9.40 41.63
C THR A 161 -8.84 8.06 41.34
N THR A 162 -8.59 7.27 42.39
CA THR A 162 -7.79 6.06 42.27
C THR A 162 -8.53 4.82 42.77
N LEU A 163 -8.39 3.74 42.03
CA LEU A 163 -8.89 2.41 42.38
C LEU A 163 -7.70 1.47 42.50
N VAL A 164 -7.58 0.80 43.65
CA VAL A 164 -6.63 -0.28 43.83
C VAL A 164 -7.41 -1.60 43.91
N VAL A 165 -6.99 -2.57 43.09
CA VAL A 165 -7.57 -3.91 43.06
C VAL A 165 -6.54 -4.88 43.60
N HIS A 166 -6.97 -5.78 44.50
CA HIS A 166 -6.09 -6.72 45.18
C HIS A 166 -6.26 -8.12 44.62
N LEU A 167 -5.16 -8.72 44.20
CA LEU A 167 -5.12 -10.10 43.76
C LEU A 167 -4.25 -10.89 44.71
N TYR A 168 -4.52 -12.19 44.81
CA TYR A 168 -3.76 -13.06 45.69
C TYR A 168 -3.71 -14.47 45.10
N ASP A 169 -2.56 -15.14 45.23
CA ASP A 169 -2.37 -16.52 44.79
C ASP A 169 -2.31 -17.43 46.01
N ASN A 170 -3.39 -18.22 46.21
CA ASN A 170 -3.51 -19.09 47.39
C ASN A 170 -2.41 -20.15 47.44
N HIS A 171 -2.03 -20.71 46.29
CA HIS A 171 -1.08 -21.82 46.27
C HIS A 171 0.36 -21.37 46.48
N SER A 172 0.72 -20.15 46.07
CA SER A 172 2.11 -19.68 46.18
C SER A 172 2.32 -18.52 47.16
N ALA A 173 1.25 -17.95 47.72
CA ALA A 173 1.34 -16.86 48.68
C ALA A 173 2.01 -15.62 48.07
N VAL A 174 1.45 -15.17 46.95
CA VAL A 174 1.90 -13.96 46.26
C VAL A 174 0.70 -13.05 46.09
N ALA A 175 0.89 -11.77 46.35
CA ALA A 175 -0.16 -10.77 46.17
C ALA A 175 0.25 -9.78 45.08
N ALA A 176 -0.75 -9.32 44.32
CA ALA A 176 -0.56 -8.28 43.31
C ALA A 176 -1.62 -7.22 43.53
N ASP A 177 -1.21 -5.96 43.56
CA ASP A 177 -2.12 -4.83 43.75
C ASP A 177 -2.06 -3.92 42.52
N LEU A 178 -3.16 -3.84 41.80
CA LEU A 178 -3.24 -3.09 40.56
C LEU A 178 -3.88 -1.73 40.84
N SER A 179 -3.16 -0.65 40.51
CA SER A 179 -3.62 0.73 40.69
C SER A 179 -4.14 1.31 39.38
N TYR A 180 -5.32 1.94 39.41
CA TYR A 180 -5.90 2.67 38.28
C TYR A 180 -6.28 4.07 38.74
N SER A 181 -5.72 5.09 38.11
CA SER A 181 -6.14 6.45 38.42
C SER A 181 -6.71 7.12 37.18
N VAL A 182 -7.78 7.89 37.37
CA VAL A 182 -8.40 8.65 36.29
C VAL A 182 -8.18 10.13 36.54
N PHE A 183 -7.56 10.81 35.58
CA PHE A 183 -7.70 12.25 35.51
C PHE A 183 -8.79 12.52 34.48
N PRO A 184 -10.05 12.71 34.90
CA PRO A 184 -11.14 12.77 33.91
C PRO A 184 -11.02 13.92 32.92
N GLU A 185 -10.48 15.06 33.32
CA GLU A 185 -10.32 16.18 32.38
C GLU A 185 -9.46 15.84 31.17
N PHE A 186 -8.54 14.88 31.30
CA PHE A 186 -7.62 14.58 30.21
C PHE A 186 -7.84 13.19 29.62
N ASP A 187 -8.94 12.52 29.97
CA ASP A 187 -9.25 11.19 29.46
C ASP A 187 -8.08 10.23 29.63
N ALA A 188 -7.33 10.42 30.74
CA ALA A 188 -6.12 9.66 31.03
C ALA A 188 -6.36 8.62 32.12
N VAL A 189 -5.75 7.46 31.94
CA VAL A 189 -5.82 6.37 32.90
C VAL A 189 -4.39 5.97 33.25
N VAL A 190 -4.00 6.15 34.51
CA VAL A 190 -2.64 5.84 34.98
C VAL A 190 -2.66 4.52 35.76
N ARG A 191 -1.88 3.54 35.30
CA ARG A 191 -1.81 2.21 35.89
C ARG A 191 -0.43 1.88 36.42
N SER A 192 -0.39 1.07 37.47
CA SER A 192 0.85 0.52 38.02
C SER A 192 0.50 -0.68 38.87
N VAL A 193 1.49 -1.54 39.14
CA VAL A 193 1.24 -2.82 39.79
C VAL A 193 2.33 -3.07 40.81
N ASN A 194 1.96 -3.79 41.87
CA ASN A 194 2.82 -4.21 42.98
C ASN A 194 2.79 -5.73 43.07
N ILE A 195 3.96 -6.36 43.14
CA ILE A 195 4.05 -7.78 43.49
C ILE A 195 4.68 -7.86 44.86
N THR A 196 3.94 -8.44 45.82
CA THR A 196 4.44 -8.66 47.17
C THR A 196 4.50 -10.16 47.42
N ASN A 197 5.66 -10.62 47.91
CA ASN A 197 5.87 -12.03 48.23
C ASN A 197 5.42 -12.25 49.68
N LYS A 198 4.37 -13.05 49.86
CA LYS A 198 3.84 -13.36 51.17
C LYS A 198 4.17 -14.78 51.60
N GLY A 199 5.08 -15.45 50.90
CA GLY A 199 5.47 -16.81 51.21
C GLY A 199 6.60 -16.87 52.20
N ASN A 200 7.28 -18.01 52.21
CA ASN A 200 8.36 -18.24 53.14
C ASN A 200 9.70 -18.51 52.46
N GLY A 201 9.71 -18.72 51.14
CA GLY A 201 10.93 -18.74 50.37
C GLY A 201 10.98 -17.54 49.45
N ASN A 202 12.05 -17.47 48.65
CA ASN A 202 12.13 -16.37 47.69
C ASN A 202 11.27 -16.64 46.47
N ILE A 203 10.97 -15.55 45.76
CA ILE A 203 10.39 -15.65 44.43
C ILE A 203 11.14 -14.69 43.53
N THR A 204 11.04 -14.92 42.22
CA THR A 204 11.71 -14.10 41.23
C THR A 204 10.67 -13.56 40.25
N ILE A 205 10.58 -12.23 40.16
CA ILE A 205 9.78 -11.58 39.13
C ILE A 205 10.62 -11.61 37.86
N GLU A 206 10.22 -12.45 36.90
CA GLU A 206 10.97 -12.50 35.66
C GLU A 206 10.42 -11.54 34.61
N HIS A 207 9.23 -11.01 34.84
CA HIS A 207 8.59 -10.07 33.95
C HIS A 207 7.44 -9.37 34.67
N LEU A 208 7.32 -8.04 34.54
CA LEU A 208 6.25 -7.30 35.23
C LEU A 208 5.87 -6.07 34.39
N ALA A 209 4.76 -6.17 33.66
CA ALA A 209 4.31 -5.05 32.83
C ALA A 209 3.53 -4.05 33.68
N SER A 210 3.86 -2.76 33.51
CA SER A 210 3.13 -1.71 34.21
C SER A 210 1.69 -1.67 33.78
N MET A 211 1.43 -1.85 32.50
CA MET A 211 0.12 -1.69 31.89
C MET A 211 -0.09 -2.84 30.92
N SER A 212 -1.34 -3.28 30.83
CA SER A 212 -1.68 -4.47 30.07
C SER A 212 -3.14 -4.33 29.64
N VAL A 213 -3.36 -4.06 28.35
CA VAL A 213 -4.72 -3.91 27.84
C VAL A 213 -4.93 -4.89 26.70
N ASP A 214 -6.11 -5.50 26.68
CA ASP A 214 -6.53 -6.41 25.62
C ASP A 214 -7.61 -5.69 24.82
N PHE A 215 -7.42 -5.62 23.51
CA PHE A 215 -8.27 -4.93 22.54
C PHE A 215 -9.17 -5.93 21.83
N PRO A 216 -10.41 -5.57 21.49
CA PRO A 216 -11.24 -6.50 20.72
C PRO A 216 -10.66 -6.70 19.33
N PHE A 217 -11.25 -7.63 18.59
CA PHE A 217 -10.80 -7.94 17.24
C PHE A 217 -11.17 -6.81 16.31
N GLU A 218 -10.17 -6.09 15.82
CA GLU A 218 -10.30 -4.94 14.91
C GLU A 218 -8.89 -4.60 14.41
N ASP A 219 -8.83 -4.06 13.20
CA ASP A 219 -7.54 -3.73 12.61
C ASP A 219 -6.94 -2.53 13.34
N LEU A 220 -5.67 -2.62 13.71
CA LEU A 220 -5.01 -1.57 14.47
C LEU A 220 -3.71 -1.24 13.78
N ASP A 221 -3.24 -0.03 14.02
CA ASP A 221 -1.92 0.45 13.56
C ASP A 221 -1.14 0.88 14.79
N LEU A 222 0.16 0.62 14.75
CA LEU A 222 1.06 0.91 15.84
C LEU A 222 1.98 2.04 15.42
N LEU A 223 2.03 3.11 16.21
CA LEU A 223 2.97 4.21 15.99
C LEU A 223 4.01 4.18 17.09
N GLY A 224 5.30 4.29 16.70
CA GLY A 224 6.37 4.49 17.65
C GLY A 224 7.33 5.57 17.19
N LEU A 225 8.26 5.90 18.08
CA LEU A 225 9.36 6.80 17.76
C LEU A 225 10.65 6.01 17.81
N ARG A 226 11.37 5.99 16.70
CA ARG A 226 12.64 5.30 16.62
C ARG A 226 13.72 6.28 16.15
N GLY A 227 14.97 6.00 16.52
CA GLY A 227 16.09 6.76 15.99
C GLY A 227 17.41 6.27 16.53
N ASP A 228 18.37 7.18 16.56
CA ASP A 228 19.67 6.95 17.19
C ASP A 228 20.24 8.33 17.48
N TRP A 229 21.53 8.39 17.83
CA TRP A 229 22.15 9.68 18.10
C TRP A 229 22.06 10.57 16.85
N ALA A 230 21.67 11.82 17.07
CA ALA A 230 21.50 12.86 16.04
C ALA A 230 20.33 12.61 15.11
N ARG A 231 19.41 11.70 15.46
CA ARG A 231 18.21 11.52 14.66
C ARG A 231 17.13 10.84 15.49
N GLU A 232 16.91 11.33 16.71
CA GLU A 232 15.94 10.72 17.61
C GLU A 232 14.51 10.97 17.13
N ALA A 233 13.58 10.17 17.67
CA ALA A 233 12.16 10.45 17.61
C ALA A 233 11.64 10.58 16.17
N HIS A 234 11.93 9.58 15.34
CA HIS A 234 11.33 9.54 14.01
C HIS A 234 10.06 8.71 14.07
N ARG A 235 8.94 9.31 13.67
CA ARG A 235 7.66 8.63 13.62
C ARG A 235 7.74 7.42 12.72
N MET A 236 7.20 6.31 13.20
CA MET A 236 7.03 5.12 12.38
C MET A 236 5.60 4.60 12.59
N ARG A 237 4.96 4.18 11.51
CA ARG A 237 3.60 3.67 11.60
C ARG A 237 3.51 2.37 10.81
N ARG A 238 3.05 1.28 11.45
CA ARG A 238 2.94 -0.02 10.82
C ARG A 238 1.64 -0.68 11.25
N ARG A 239 1.13 -1.57 10.42
CA ARG A 239 -0.07 -2.32 10.72
C ARG A 239 0.24 -3.47 11.67
N VAL A 240 -0.66 -3.71 12.62
CA VAL A 240 -0.48 -4.73 13.63
C VAL A 240 -0.83 -6.08 13.00
N GLU A 241 0.11 -7.01 13.03
CA GLU A 241 -0.02 -8.32 12.42
C GLU A 241 -0.11 -9.40 13.48
N TYR A 242 -0.70 -10.53 13.10
CA TYR A 242 -0.67 -11.71 13.93
C TYR A 242 0.75 -11.99 14.34
N GLY A 243 0.96 -12.14 15.64
CA GLY A 243 2.28 -12.27 16.21
C GLY A 243 2.66 -11.08 17.07
N VAL A 244 3.96 -10.92 17.25
CA VAL A 244 4.52 -9.91 18.13
C VAL A 244 5.22 -8.85 17.29
N GLN A 245 5.02 -7.60 17.66
CA GLN A 245 5.82 -6.47 17.20
C GLN A 245 5.99 -5.55 18.38
N GLY A 246 7.11 -4.84 18.39
CA GLY A 246 7.34 -3.85 19.42
C GLY A 246 8.78 -3.43 19.41
N PHE A 247 9.21 -2.93 20.55
CA PHE A 247 10.54 -2.37 20.65
C PHE A 247 10.80 -2.21 22.13
N GLY A 248 12.02 -1.87 22.47
CA GLY A 248 12.33 -1.55 23.84
C GLY A 248 13.70 -0.94 23.91
N SER A 249 14.30 -1.05 25.08
CA SER A 249 15.64 -0.52 25.23
C SER A 249 16.44 -1.47 26.09
N SER A 250 17.69 -1.65 25.71
CA SER A 250 18.63 -2.44 26.49
C SER A 250 19.87 -1.65 26.89
N THR A 251 19.85 -0.33 26.71
CA THR A 251 20.95 0.53 27.12
C THR A 251 21.00 0.74 28.63
N GLY A 252 19.94 0.38 29.37
CA GLY A 252 19.80 0.72 30.76
C GLY A 252 19.10 2.04 30.99
N TYR A 253 18.99 2.87 29.96
CA TYR A 253 18.20 4.09 29.98
C TYR A 253 17.11 3.97 28.90
N SER A 254 16.26 4.98 28.79
CA SER A 254 15.18 4.88 27.82
C SER A 254 15.71 4.93 26.39
N SER A 255 16.76 5.73 26.13
CA SER A 255 17.64 5.65 24.94
C SER A 255 17.18 6.44 23.72
N HIS A 256 18.11 6.61 22.76
CA HIS A 256 17.81 7.23 21.47
C HIS A 256 17.08 6.28 20.54
N LEU A 257 17.16 4.97 20.79
CA LEU A 257 16.77 4.00 19.78
C LEU A 257 15.25 3.84 19.71
N HIS A 258 14.56 3.85 20.84
CA HIS A 258 13.11 3.76 20.88
C HIS A 258 12.59 4.53 22.09
N ASN A 259 11.53 5.21 21.91
CA ASN A 259 11.11 5.93 23.11
C ASN A 259 10.12 5.07 23.91
N PRO A 260 9.98 5.24 25.23
CA PRO A 260 9.01 4.34 25.92
C PRO A 260 7.59 4.85 25.78
N PHE A 261 7.09 4.76 24.55
CA PHE A 261 5.87 5.43 24.13
C PHE A 261 5.35 4.76 22.85
N PHE A 262 4.05 4.58 22.75
CA PHE A 262 3.49 4.08 21.51
C PHE A 262 2.00 4.34 21.50
N VAL A 263 1.44 4.36 20.29
CA VAL A 263 0.05 4.69 20.02
C VAL A 263 -0.56 3.56 19.22
N LEU A 264 -1.75 3.11 19.60
CA LEU A 264 -2.55 2.22 18.78
C LEU A 264 -3.66 3.05 18.18
N ALA A 265 -3.83 2.93 16.86
CA ALA A 265 -4.82 3.71 16.14
C ALA A 265 -5.50 2.85 15.09
N HIS A 266 -6.70 3.24 14.72
CA HIS A 266 -7.29 2.66 13.53
C HIS A 266 -6.48 3.09 12.31
N PRO A 267 -6.43 2.26 11.26
CA PRO A 267 -5.68 2.64 10.05
C PRO A 267 -6.08 3.99 9.48
N SER A 268 -7.34 4.37 9.62
CA SER A 268 -7.83 5.65 9.10
C SER A 268 -7.57 6.82 10.03
N THR A 269 -7.03 6.60 11.23
CA THR A 269 -6.83 7.68 12.18
C THR A 269 -5.70 8.60 11.72
N THR A 270 -5.96 9.91 11.76
CA THR A 270 -5.02 10.95 11.37
C THR A 270 -4.74 11.84 12.56
N GLU A 271 -4.04 12.96 12.30
CA GLU A 271 -3.73 13.87 13.39
C GLU A 271 -4.99 14.49 13.99
N SER A 272 -6.11 14.49 13.26
CA SER A 272 -7.32 15.15 13.72
C SER A 272 -8.59 14.33 13.55
N GLN A 273 -8.53 13.12 13.05
CA GLN A 273 -9.73 12.31 12.89
C GLN A 273 -9.53 10.94 13.50
N GLY A 274 -10.55 10.46 14.21
CA GLY A 274 -10.63 9.05 14.58
C GLY A 274 -10.06 8.74 15.93
N GLU A 275 -9.92 7.45 16.20
CA GLU A 275 -9.62 6.96 17.53
C GLU A 275 -8.16 6.60 17.69
N ALA A 276 -7.54 7.08 18.77
CA ALA A 276 -6.18 6.75 19.11
C ALA A 276 -6.10 6.42 20.60
N TRP A 277 -5.23 5.46 20.93
CA TRP A 277 -4.92 5.09 22.30
C TRP A 277 -3.41 5.24 22.51
N GLY A 278 -3.00 6.14 23.39
CA GLY A 278 -1.59 6.33 23.69
C GLY A 278 -1.19 5.68 25.00
N PHE A 279 0.10 5.34 25.09
CA PHE A 279 0.70 4.69 26.24
C PHE A 279 2.10 5.23 26.47
N ASN A 280 2.38 5.67 27.69
CA ASN A 280 3.67 6.26 28.02
C ASN A 280 4.13 5.74 29.36
N LEU A 281 5.31 5.14 29.37
CA LEU A 281 5.92 4.61 30.59
C LEU A 281 6.70 5.71 31.29
N THR A 282 6.41 5.93 32.57
CA THR A 282 7.05 7.01 33.35
C THR A 282 8.31 6.45 34.02
N TYR A 283 9.36 6.31 33.22
CA TYR A 283 10.50 5.54 33.66
C TYR A 283 11.67 5.86 32.75
N THR A 284 12.86 5.97 33.33
CA THR A 284 14.06 6.37 32.61
C THR A 284 14.99 5.17 32.33
N GLY A 285 14.62 3.97 32.76
CA GLY A 285 15.45 2.80 32.58
C GLY A 285 15.15 2.06 31.28
N SER A 286 15.68 0.84 31.20
CA SER A 286 15.27 -0.07 30.13
C SER A 286 13.77 -0.28 30.18
N PHE A 287 13.22 -0.71 29.04
CA PHE A 287 11.79 -0.95 28.97
C PHE A 287 11.54 -1.89 27.80
N SER A 288 10.34 -2.44 27.76
CA SER A 288 9.88 -3.31 26.69
C SER A 288 8.45 -2.93 26.38
N ALA A 289 8.14 -2.75 25.09
CA ALA A 289 6.79 -2.48 24.63
C ALA A 289 6.44 -3.55 23.62
N GLN A 290 5.27 -4.20 23.78
CA GLN A 290 4.90 -5.28 22.89
C GLN A 290 3.43 -5.23 22.54
N VAL A 291 3.12 -5.38 21.27
CA VAL A 291 1.76 -5.53 20.78
C VAL A 291 1.68 -6.89 20.12
N GLU A 292 0.71 -7.70 20.56
CA GLU A 292 0.55 -9.05 20.06
C GLU A 292 -0.89 -9.22 19.63
N LYS A 293 -1.10 -9.50 18.35
CA LYS A 293 -2.39 -9.94 17.87
C LYS A 293 -2.36 -11.46 17.96
N GLY A 294 -3.15 -12.01 18.89
CA GLY A 294 -3.16 -13.43 19.17
C GLY A 294 -3.94 -14.23 18.13
N SER A 295 -3.89 -15.55 18.32
CA SER A 295 -4.44 -16.45 17.29
C SER A 295 -5.91 -16.16 17.08
N GLN A 296 -6.63 -15.82 18.15
CA GLN A 296 -8.07 -15.62 18.12
C GLN A 296 -8.46 -14.25 17.58
N GLY A 297 -7.50 -13.31 17.50
CA GLY A 297 -7.73 -12.03 16.84
C GLY A 297 -7.79 -10.85 17.77
N LEU A 298 -7.81 -11.06 19.08
CA LEU A 298 -7.73 -9.96 20.02
C LEU A 298 -6.28 -9.51 20.14
N THR A 299 -6.10 -8.23 20.45
CA THR A 299 -4.78 -7.61 20.47
C THR A 299 -4.40 -7.23 21.89
N ARG A 300 -3.20 -7.64 22.30
CA ARG A 300 -2.66 -7.35 23.60
C ARG A 300 -1.53 -6.35 23.52
N ALA A 301 -1.60 -5.31 24.33
CA ALA A 301 -0.60 -4.29 24.36
C ALA A 301 -0.07 -4.18 25.75
N LEU A 302 1.24 -4.12 25.90
CA LEU A 302 1.82 -4.04 27.22
C LEU A 302 3.19 -3.38 27.25
N ILE A 303 3.40 -2.56 28.26
CA ILE A 303 4.62 -1.86 28.46
C ILE A 303 5.04 -1.97 29.92
N GLY A 304 6.31 -1.92 30.16
CA GLY A 304 6.88 -2.04 31.48
C GLY A 304 8.37 -2.29 31.37
N PHE A 305 8.95 -2.88 32.44
CA PHE A 305 10.35 -3.29 32.46
C PHE A 305 10.71 -4.15 31.26
N ASN A 306 11.94 -4.01 30.80
CA ASN A 306 12.53 -4.97 29.86
C ASN A 306 12.73 -6.28 30.58
N PRO A 307 11.96 -7.34 30.29
CA PRO A 307 12.13 -8.59 31.06
C PRO A 307 13.57 -9.06 31.15
N ASP A 308 14.30 -8.98 30.05
CA ASP A 308 15.67 -9.49 29.98
C ASP A 308 16.61 -8.77 30.92
N GLN A 309 16.22 -7.65 31.50
CA GLN A 309 17.01 -6.96 32.50
C GLN A 309 16.19 -6.76 33.77
N LEU A 310 15.39 -7.76 34.09
CA LEU A 310 14.54 -7.81 35.29
C LEU A 310 14.56 -9.27 35.74
N SER A 311 15.35 -9.55 36.78
CA SER A 311 15.29 -10.81 37.53
C SER A 311 15.33 -10.32 38.97
N TRP A 312 14.16 -10.10 39.53
CA TRP A 312 14.05 -9.35 40.76
C TRP A 312 13.70 -10.35 41.85
N THR A 313 14.69 -10.71 42.66
CA THR A 313 14.41 -11.59 43.79
C THR A 313 13.62 -10.85 44.88
N LEU A 314 12.51 -11.45 45.30
CA LEU A 314 11.66 -10.92 46.35
C LEU A 314 11.75 -11.91 47.51
N GLY A 315 12.33 -11.47 48.62
CA GLY A 315 12.32 -12.24 49.84
C GLY A 315 10.96 -12.18 50.51
N PRO A 316 10.76 -13.06 51.52
CA PRO A 316 9.50 -13.03 52.27
C PRO A 316 9.20 -11.65 52.83
N GLY A 317 8.15 -11.01 52.32
CA GLY A 317 7.76 -9.69 52.76
C GLY A 317 8.23 -8.55 51.87
N GLU A 318 8.95 -8.82 50.79
CA GLU A 318 9.39 -7.77 49.89
C GLU A 318 8.39 -7.55 48.76
N THR A 319 8.47 -6.37 48.16
CA THR A 319 7.52 -5.86 47.19
C THR A 319 8.30 -5.24 46.04
N LEU A 320 7.85 -5.51 44.82
CA LEU A 320 8.37 -4.83 43.63
C LEU A 320 7.27 -3.90 43.12
N THR A 321 7.61 -2.66 42.86
CA THR A 321 6.68 -1.65 42.38
C THR A 321 7.07 -1.26 40.96
N SER A 322 6.19 -1.53 40.01
CA SER A 322 6.45 -1.13 38.63
C SER A 322 6.31 0.38 38.49
N PRO A 323 6.98 0.98 37.51
CA PRO A 323 6.73 2.39 37.23
C PRO A 323 5.32 2.58 36.67
N GLU A 324 4.81 3.80 36.74
CA GLU A 324 3.47 4.05 36.23
C GLU A 324 3.50 4.08 34.71
N CYS A 325 2.40 3.66 34.09
CA CYS A 325 2.16 3.92 32.68
C CYS A 325 0.92 4.80 32.54
N VAL A 326 1.06 5.88 31.77
CA VAL A 326 0.00 6.86 31.55
C VAL A 326 -0.67 6.53 30.22
N SER A 327 -1.98 6.39 30.23
CA SER A 327 -2.74 6.00 29.05
C SER A 327 -3.79 7.05 28.71
N VAL A 328 -3.84 7.45 27.44
CA VAL A 328 -4.77 8.45 26.97
C VAL A 328 -5.58 7.89 25.80
N TYR A 329 -6.89 8.13 25.82
CA TYR A 329 -7.75 7.87 24.68
C TYR A 329 -8.20 9.18 24.06
N SER A 330 -8.29 9.19 22.73
CA SER A 330 -8.89 10.31 22.04
C SER A 330 -9.77 9.81 20.91
N SER A 331 -10.90 10.47 20.72
CA SER A 331 -11.71 10.32 19.52
C SER A 331 -11.49 11.44 18.50
N ASP A 332 -10.56 12.36 18.76
CA ASP A 332 -10.25 13.49 17.90
C ASP A 332 -8.85 13.35 17.31
N GLY A 333 -8.48 12.11 16.99
CA GLY A 333 -7.25 11.83 16.28
C GLY A 333 -6.03 11.77 17.17
N ILE A 334 -4.91 11.41 16.55
CA ILE A 334 -3.65 11.33 17.26
C ILE A 334 -3.29 12.67 17.90
N GLY A 335 -3.66 13.79 17.26
CA GLY A 335 -3.31 15.09 17.80
C GLY A 335 -4.09 15.43 19.05
N GLY A 336 -5.39 15.15 19.06
CA GLY A 336 -6.14 15.22 20.30
C GLY A 336 -5.50 14.42 21.42
N MET A 337 -5.00 13.22 21.11
CA MET A 337 -4.31 12.44 22.12
C MET A 337 -3.11 13.18 22.67
N SER A 338 -2.31 13.78 21.77
CA SER A 338 -1.11 14.49 22.21
C SER A 338 -1.47 15.65 23.13
N ARG A 339 -2.48 16.44 22.75
CA ARG A 339 -2.82 17.64 23.50
C ARG A 339 -3.23 17.31 24.93
N LYS A 340 -3.92 16.18 25.12
CA LYS A 340 -4.24 15.75 26.47
C LYS A 340 -2.98 15.35 27.24
N PHE A 341 -2.09 14.56 26.61
CA PHE A 341 -0.80 14.28 27.23
C PHE A 341 -0.12 15.58 27.66
N HIS A 342 0.00 16.54 26.73
CA HIS A 342 0.74 17.76 27.02
C HIS A 342 0.16 18.50 28.22
N ARG A 343 -1.16 18.65 28.27
CA ARG A 343 -1.76 19.35 29.39
C ARG A 343 -1.61 18.55 30.69
N LEU A 344 -1.69 17.23 30.60
CA LEU A 344 -1.50 16.40 31.79
C LEU A 344 -0.10 16.55 32.36
N TYR A 345 0.92 16.40 31.52
CA TYR A 345 2.28 16.48 32.02
C TYR A 345 2.59 17.88 32.55
N ARG A 346 2.07 18.92 31.89
CA ARG A 346 2.33 20.29 32.34
C ARG A 346 1.62 20.63 33.63
N LYS A 347 0.51 19.95 33.94
CA LYS A 347 -0.27 20.19 35.15
C LYS A 347 -0.09 19.14 36.24
N HIS A 348 0.28 17.89 35.88
CA HIS A 348 0.29 16.83 36.88
C HIS A 348 1.55 15.95 36.82
N LEU A 349 2.63 16.41 36.19
CA LEU A 349 3.87 15.63 36.15
C LEU A 349 5.12 16.50 36.36
N ILE A 350 5.34 17.46 35.48
CA ILE A 350 6.47 18.37 35.64
C ILE A 350 6.24 19.15 36.92
N ARG A 351 6.98 18.83 37.96
CA ARG A 351 6.72 19.50 39.23
C ARG A 351 7.54 20.77 39.39
N SER A 352 8.55 21.00 38.57
CA SER A 352 9.38 22.20 38.72
C SER A 352 8.56 23.47 38.55
N LYS A 353 8.95 24.52 39.25
CA LYS A 353 8.23 25.78 39.11
C LYS A 353 8.33 26.38 37.71
N TYR A 354 9.07 25.78 36.79
CA TYR A 354 9.24 26.31 35.44
C TYR A 354 8.30 25.70 34.42
N ALA A 355 7.40 24.81 34.84
CA ALA A 355 6.55 24.11 33.88
C ALA A 355 5.76 25.08 33.04
N THR A 356 5.32 26.19 33.63
CA THR A 356 4.46 27.18 33.00
C THR A 356 5.17 28.52 32.84
N LEU A 357 6.38 28.65 33.39
CA LEU A 357 7.21 29.84 33.20
C LEU A 357 7.99 29.75 31.89
N ASP A 358 8.25 30.94 31.35
CA ASP A 358 8.96 31.06 30.10
C ASP A 358 10.46 30.97 30.31
N ARG A 359 11.14 30.37 29.30
CA ARG A 359 12.56 30.06 29.47
C ARG A 359 13.38 31.15 28.81
N PRO A 360 14.44 31.60 29.47
CA PRO A 360 15.24 32.69 28.92
C PRO A 360 15.99 32.21 27.69
N PRO A 361 16.02 33.01 26.63
CA PRO A 361 16.91 32.72 25.50
C PRO A 361 18.36 32.61 25.98
N LEU A 362 19.01 31.49 25.66
CA LEU A 362 20.33 31.20 26.20
C LEU A 362 21.36 31.04 25.09
N LEU A 363 22.64 31.14 25.45
CA LEU A 363 23.71 30.75 24.55
C LEU A 363 24.54 29.66 25.20
N ASN A 364 24.60 28.49 24.55
CA ASN A 364 25.41 27.38 24.99
C ASN A 364 26.73 27.40 24.23
N SER A 365 27.83 27.14 24.93
CA SER A 365 29.16 27.41 24.37
C SER A 365 29.76 26.23 23.61
N TRP A 366 29.06 25.10 23.49
CA TRP A 366 29.68 23.85 23.05
C TRP A 366 30.09 23.89 21.59
N GLU A 367 29.14 24.07 20.68
CA GLU A 367 29.46 24.04 19.26
C GLU A 367 30.25 25.26 18.81
N GLY A 368 30.32 26.31 19.64
CA GLY A 368 31.13 27.47 19.28
C GLY A 368 32.59 27.35 19.66
N VAL A 369 32.91 26.53 20.67
CA VAL A 369 34.23 26.57 21.28
C VAL A 369 34.73 25.16 21.63
N TYR A 370 33.81 24.20 21.78
CA TYR A 370 34.13 22.79 22.10
C TYR A 370 35.01 22.76 23.35
N PHE A 371 36.18 22.13 23.32
CA PHE A 371 37.03 22.03 24.50
C PHE A 371 38.09 23.11 24.58
N ASP A 372 38.29 23.87 23.51
CA ASP A 372 39.43 24.77 23.38
C ASP A 372 39.06 26.16 23.88
N TYR A 373 39.20 26.39 25.18
CA TYR A 373 38.96 27.71 25.74
C TYR A 373 39.65 27.83 27.10
N ASN A 374 39.54 29.03 27.67
CA ASN A 374 39.86 29.33 29.06
C ASN A 374 38.96 30.49 29.50
N GLN A 375 39.18 31.01 30.72
CA GLN A 375 38.48 32.20 31.22
C GLN A 375 38.27 33.26 30.16
N THR A 376 39.33 33.55 29.42
CA THR A 376 39.33 34.60 28.42
C THR A 376 38.24 34.40 27.38
N GLY A 377 38.13 33.18 26.87
CA GLY A 377 37.12 32.91 25.85
C GLY A 377 35.70 32.88 26.39
N ILE A 378 35.53 32.29 27.58
CA ILE A 378 34.19 32.20 28.17
C ILE A 378 33.61 33.59 28.33
N GLU A 379 34.43 34.54 28.77
CA GLU A 379 33.97 35.93 28.94
C GLU A 379 33.69 36.58 27.59
N ARG A 380 34.51 36.28 26.58
CA ARG A 380 34.21 36.74 25.24
C ARG A 380 32.82 36.27 24.80
N LEU A 381 32.51 34.99 25.00
CA LEU A 381 31.19 34.49 24.62
C LEU A 381 30.09 35.15 25.43
N ALA A 382 30.34 35.41 26.72
CA ALA A 382 29.32 36.02 27.56
C ALA A 382 29.04 37.46 27.15
N ARG A 383 30.09 38.23 26.83
CA ARG A 383 29.89 39.62 26.42
C ARG A 383 29.09 39.71 25.13
N GLN A 384 29.51 38.97 24.10
CA GLN A 384 28.75 38.95 22.85
C GLN A 384 27.31 38.46 23.07
N SER A 385 27.12 37.52 24.01
CA SER A 385 25.79 37.02 24.34
C SER A 385 24.88 38.15 24.82
N ALA A 386 25.30 38.89 25.85
CA ALA A 386 24.44 39.94 26.39
C ALA A 386 24.27 41.11 25.42
N ALA A 387 25.29 41.43 24.61
CA ALA A 387 25.10 42.45 23.58
C ALA A 387 24.00 42.05 22.59
N LEU A 388 23.82 40.76 22.35
CA LEU A 388 22.78 40.33 21.41
C LEU A 388 21.39 40.28 22.04
N GLY A 389 21.29 40.37 23.38
CA GLY A 389 20.03 40.21 24.09
C GLY A 389 19.82 38.86 24.75
N ILE A 390 20.83 38.00 24.78
CA ILE A 390 20.70 36.69 25.41
C ILE A 390 20.71 36.86 26.92
N ARG A 391 19.79 36.20 27.60
CA ARG A 391 19.56 36.37 29.02
C ARG A 391 20.19 35.30 29.89
N LEU A 392 20.80 34.27 29.29
CA LEU A 392 21.41 33.19 30.06
C LEU A 392 22.57 32.61 29.28
N PHE A 393 23.72 32.48 29.90
CA PHE A 393 24.89 31.94 29.22
C PHE A 393 25.32 30.65 29.88
N VAL A 394 25.48 29.61 29.08
CA VAL A 394 25.76 28.27 29.59
C VAL A 394 27.17 27.88 29.19
N MET A 395 27.97 27.51 30.17
CA MET A 395 29.32 27.05 29.93
C MET A 395 29.29 25.52 29.91
N ASP A 396 29.46 24.95 28.72
CA ASP A 396 29.25 23.52 28.53
C ASP A 396 30.47 22.74 29.01
N ASP A 397 30.78 21.60 28.37
CA ASP A 397 31.90 20.74 28.72
C ASP A 397 33.22 21.53 28.73
N GLY A 398 34.25 21.02 29.42
CA GLY A 398 35.60 21.55 29.28
C GLY A 398 36.14 22.41 30.40
N TRP A 399 35.42 22.59 31.50
CA TRP A 399 35.79 23.52 32.54
C TRP A 399 36.45 22.88 33.75
N PHE A 400 36.54 21.56 33.83
CA PHE A 400 36.79 20.93 35.13
C PHE A 400 38.03 20.03 35.04
N GLY A 401 38.30 19.34 36.14
CA GLY A 401 39.50 18.50 36.22
C GLY A 401 40.69 19.34 36.61
N ASN A 402 41.63 18.75 37.35
CA ASN A 402 42.85 19.47 37.71
C ASN A 402 44.08 18.67 37.33
N LYS A 403 44.38 17.62 38.10
CA LYS A 403 45.47 16.72 37.72
C LYS A 403 45.23 16.11 36.35
N TYR A 404 43.97 15.81 36.02
CA TYR A 404 43.60 15.29 34.71
C TYR A 404 42.57 16.25 34.11
N PRO A 405 43.02 17.26 33.37
CA PRO A 405 42.10 18.32 32.92
C PRO A 405 41.15 17.81 31.84
N ARG A 406 39.95 18.40 31.83
CA ARG A 406 38.98 18.12 30.77
C ARG A 406 39.28 19.05 29.59
N THR A 407 40.40 18.77 28.95
CA THR A 407 40.73 19.42 27.70
C THR A 407 40.37 18.57 26.48
N SER A 408 39.83 17.36 26.69
CA SER A 408 39.38 16.53 25.58
C SER A 408 38.35 15.52 26.10
N ASP A 409 37.97 14.58 25.22
CA ASP A 409 37.04 13.51 25.53
C ASP A 409 37.57 12.55 26.57
N LYS A 410 38.82 12.71 26.99
CA LYS A 410 39.63 11.61 27.49
C LYS A 410 40.03 11.73 28.95
N ALA A 411 39.53 12.72 29.69
CA ALA A 411 40.00 12.86 31.07
C ALA A 411 39.07 13.77 31.86
N GLY A 412 39.12 13.60 33.18
CA GLY A 412 38.59 14.57 34.11
C GLY A 412 37.16 14.36 34.54
N LEU A 413 36.39 13.52 33.85
CA LEU A 413 35.03 13.26 34.30
C LEU A 413 35.14 12.58 35.67
N GLY A 414 34.57 13.21 36.69
CA GLY A 414 34.67 12.72 38.05
C GLY A 414 35.23 13.75 39.01
N ASP A 415 36.19 14.56 38.55
CA ASP A 415 36.82 15.61 39.37
C ASP A 415 36.11 16.93 39.08
N TRP A 416 35.16 17.28 39.91
CA TRP A 416 34.23 18.38 39.56
C TRP A 416 34.59 19.67 40.28
N THR A 417 35.84 20.06 40.15
CA THR A 417 36.36 21.34 40.55
C THR A 417 36.91 22.06 39.32
N PRO A 418 36.89 23.40 39.31
CA PRO A 418 37.33 24.10 38.11
C PRO A 418 38.80 23.86 37.84
N ASN A 419 39.16 23.96 36.56
CA ASN A 419 40.53 23.68 36.13
C ASN A 419 41.37 24.94 36.30
N PRO A 420 42.43 24.90 37.12
CA PRO A 420 43.19 26.13 37.41
C PRO A 420 43.97 26.65 36.22
N ASP A 421 44.38 25.78 35.29
CA ASP A 421 44.94 26.24 34.01
C ASP A 421 44.01 27.18 33.28
N ARG A 422 42.70 26.97 33.38
CA ARG A 422 41.75 27.76 32.62
C ARG A 422 41.04 28.81 33.46
N PHE A 423 40.88 28.56 34.77
CA PHE A 423 40.22 29.50 35.69
C PHE A 423 41.14 29.78 36.88
N PRO A 424 42.19 30.59 36.69
CA PRO A 424 43.23 30.67 37.73
C PRO A 424 42.72 31.14 39.08
N ASP A 425 41.76 32.06 39.13
CA ASP A 425 41.27 32.55 40.41
C ASP A 425 39.99 31.86 40.83
N GLY A 426 39.67 30.71 40.23
CA GLY A 426 38.47 29.99 40.57
C GLY A 426 37.32 30.33 39.64
N LEU A 427 36.18 29.73 39.93
CA LEU A 427 35.01 29.96 39.09
C LEU A 427 34.21 31.16 39.54
N GLU A 428 34.10 31.37 40.85
CA GLU A 428 33.25 32.42 41.40
C GLU A 428 33.57 33.83 40.90
N PRO A 429 34.83 34.26 40.72
CA PRO A 429 35.04 35.61 40.15
C PRO A 429 34.63 35.72 38.69
N VAL A 430 34.76 34.66 37.89
CA VAL A 430 34.32 34.72 36.50
C VAL A 430 32.80 34.74 36.42
N VAL A 431 32.13 33.88 37.19
CA VAL A 431 30.68 33.91 37.24
C VAL A 431 30.22 35.29 37.68
N GLU A 432 31.03 35.95 38.52
CA GLU A 432 30.73 37.27 39.06
C GLU A 432 30.75 38.34 37.97
N ARG A 433 31.83 38.37 37.18
CA ARG A 433 31.91 39.33 36.07
C ARG A 433 30.88 39.01 34.99
N ILE A 434 30.60 37.73 34.74
CA ILE A 434 29.62 37.38 33.73
C ILE A 434 28.23 37.86 34.13
N THR A 435 27.84 37.65 35.40
CA THR A 435 26.50 38.01 35.86
C THR A 435 26.33 39.50 36.14
N ASN A 436 27.37 40.31 35.93
CA ASN A 436 27.20 41.77 35.95
C ASN A 436 27.00 42.36 34.56
N LEU A 437 27.16 41.59 33.50
CA LEU A 437 26.96 42.10 32.16
C LEU A 437 25.47 42.40 31.95
N PRO A 438 25.12 43.62 31.54
CA PRO A 438 23.72 43.92 31.24
C PRO A 438 23.29 43.37 29.89
N VAL A 439 22.01 43.04 29.79
CA VAL A 439 21.47 42.41 28.59
C VAL A 439 20.85 43.48 27.70
N ASN A 440 21.24 43.50 26.44
CA ASN A 440 20.79 44.53 25.50
C ASN A 440 19.28 44.52 25.30
N GLY A 441 18.72 45.70 25.11
CA GLY A 441 17.30 45.84 24.81
C GLY A 441 16.41 45.39 25.95
N THR A 442 16.84 45.61 27.18
CA THR A 442 16.17 45.01 28.33
C THR A 442 15.89 45.99 29.45
N ALA A 443 16.80 46.95 29.68
CA ALA A 443 16.66 47.95 30.73
C ALA A 443 16.52 47.31 32.11
N GLY A 444 17.65 47.05 32.77
CA GLY A 444 17.59 46.47 34.09
C GLY A 444 18.28 45.13 34.19
N GLU A 445 17.85 44.14 33.40
CA GLU A 445 18.22 42.75 33.69
C GLU A 445 19.67 42.48 33.31
N LYS A 446 20.31 41.65 34.12
CA LYS A 446 21.69 41.25 33.94
C LYS A 446 21.74 39.77 33.58
N LEU A 447 22.85 39.39 32.97
CA LEU A 447 23.01 38.06 32.41
C LEU A 447 23.08 37.01 33.52
N ARG A 448 22.47 35.86 33.28
CA ARG A 448 22.56 34.71 34.16
C ARG A 448 23.57 33.71 33.65
N PHE A 449 24.05 32.86 34.55
CA PHE A 449 25.08 31.88 34.27
C PHE A 449 24.58 30.47 34.55
N GLY A 450 24.88 29.54 33.63
CA GLY A 450 24.58 28.14 33.83
C GLY A 450 25.78 27.26 33.47
N ILE A 451 25.70 26.00 33.87
CA ILE A 451 26.88 25.14 33.80
C ILE A 451 26.47 23.71 33.46
N TRP A 452 27.41 23.00 32.82
CA TRP A 452 27.24 21.64 32.34
C TRP A 452 27.87 20.69 33.33
N VAL A 453 27.24 19.54 33.55
CA VAL A 453 27.79 18.49 34.40
C VAL A 453 27.35 17.16 33.82
N GLU A 454 28.09 16.11 34.16
CA GLU A 454 27.77 14.74 33.75
C GLU A 454 28.10 13.84 34.94
N PRO A 455 27.26 13.88 35.97
CA PRO A 455 27.67 13.29 37.26
C PRO A 455 27.80 11.78 37.27
N GLU A 456 26.95 11.05 36.54
CA GLU A 456 26.91 9.60 36.55
C GLU A 456 28.11 8.93 35.88
N MET A 457 29.08 9.70 35.37
CA MET A 457 30.18 9.17 34.56
C MET A 457 31.54 9.50 35.16
N VAL A 458 32.56 8.76 34.71
CA VAL A 458 33.93 8.97 35.15
C VAL A 458 34.86 8.56 34.01
N ASN A 459 35.90 9.37 33.75
CA ASN A 459 36.95 8.84 32.88
C ASN A 459 37.90 7.96 33.69
N PRO A 460 38.40 6.86 33.12
CA PRO A 460 39.54 6.19 33.78
C PRO A 460 40.69 7.15 34.02
N ASN A 461 41.02 8.01 33.06
CA ASN A 461 42.03 9.03 33.32
C ASN A 461 41.39 10.17 34.11
N SER A 462 41.16 9.90 35.41
CA SER A 462 40.70 10.93 36.33
C SER A 462 41.18 10.61 37.74
N SER A 463 40.98 11.57 38.64
CA SER A 463 41.38 11.32 40.02
C SER A 463 40.37 10.44 40.75
N LEU A 464 39.07 10.65 40.51
CA LEU A 464 38.04 9.86 41.18
C LEU A 464 38.21 8.38 40.85
N TYR A 465 38.49 8.07 39.59
CA TYR A 465 38.60 6.67 39.19
C TYR A 465 39.82 6.04 39.84
N ARG A 466 40.92 6.79 39.96
CA ARG A 466 42.10 6.24 40.61
C ARG A 466 41.84 5.91 42.07
N GLU A 467 40.97 6.67 42.75
CA GLU A 467 40.72 6.43 44.16
C GLU A 467 39.65 5.36 44.36
N HIS A 468 38.53 5.48 43.64
CA HIS A 468 37.39 4.57 43.80
C HIS A 468 37.10 3.77 42.52
N PRO A 469 38.04 2.96 42.04
CA PRO A 469 37.78 2.22 40.80
C PRO A 469 36.60 1.25 40.93
N ASP A 470 36.18 0.93 42.15
CA ASP A 470 35.08 -0.01 42.33
C ASP A 470 33.72 0.67 42.33
N TRP A 471 33.70 1.99 42.16
CA TRP A 471 32.46 2.73 42.04
C TRP A 471 31.77 2.51 40.71
N VAL A 472 32.47 1.98 39.71
CA VAL A 472 31.88 1.90 38.39
C VAL A 472 31.08 0.61 38.23
N LEU A 473 30.14 0.65 37.26
CA LEU A 473 29.48 -0.55 36.78
C LEU A 473 30.50 -1.44 36.09
N HIS A 474 30.46 -2.73 36.42
CA HIS A 474 31.37 -3.74 35.90
C HIS A 474 30.88 -5.11 36.39
N ALA A 475 31.34 -6.15 35.70
CA ALA A 475 30.99 -7.53 36.04
C ALA A 475 32.31 -8.27 36.26
N GLY A 476 32.62 -8.52 37.53
CA GLY A 476 33.84 -9.19 37.94
C GLY A 476 35.09 -8.72 37.25
N SER A 477 35.75 -9.62 36.53
CA SER A 477 37.00 -9.33 35.86
C SER A 477 36.84 -9.07 34.36
N TYR A 478 35.60 -8.95 33.86
CA TYR A 478 35.43 -8.69 32.43
C TYR A 478 36.00 -7.32 32.07
N PRO A 479 36.52 -7.13 30.85
CA PRO A 479 37.07 -5.83 30.48
C PRO A 479 36.06 -4.71 30.73
N ARG A 480 36.55 -3.58 31.22
CA ARG A 480 35.69 -2.43 31.49
C ARG A 480 35.60 -1.60 30.22
N THR A 481 34.61 -1.90 29.38
CA THR A 481 34.54 -1.29 28.06
C THR A 481 34.13 0.18 28.16
N GLU A 482 34.80 1.00 27.38
CA GLU A 482 34.59 2.43 27.32
C GLU A 482 33.74 2.80 26.10
N ARG A 483 32.97 3.88 26.25
CA ARG A 483 32.33 4.54 25.11
C ARG A 483 32.57 6.02 25.32
N ARG A 484 33.20 6.66 24.34
CA ARG A 484 33.77 8.00 24.51
C ARG A 484 34.65 8.05 25.76
N ASN A 485 35.46 7.01 25.94
CA ASN A 485 36.52 6.95 26.96
C ASN A 485 36.00 7.05 28.37
N GLN A 486 34.75 6.71 28.63
CA GLN A 486 34.25 6.87 29.98
C GLN A 486 33.54 5.60 30.44
N LEU A 487 33.48 5.44 31.76
CA LEU A 487 32.71 4.39 32.41
C LEU A 487 31.58 5.04 33.21
N VAL A 488 30.62 4.22 33.57
CA VAL A 488 29.40 4.68 34.23
C VAL A 488 29.53 4.40 35.72
N LEU A 489 29.16 5.39 36.54
CA LEU A 489 29.15 5.18 37.98
C LEU A 489 27.94 4.35 38.37
N ASN A 490 28.10 3.56 39.43
CA ASN A 490 27.03 2.69 39.92
C ASN A 490 26.17 3.49 40.88
N LEU A 491 25.09 4.08 40.35
CA LEU A 491 24.18 4.84 41.21
C LEU A 491 23.33 3.96 42.13
N ALA A 492 23.42 2.63 42.03
CA ALA A 492 22.81 1.76 43.04
C ALA A 492 23.55 1.83 44.37
N LEU A 493 24.82 2.23 44.37
CA LEU A 493 25.56 2.37 45.63
C LEU A 493 25.24 3.69 46.31
N PRO A 494 24.82 3.68 47.59
CA PRO A 494 24.57 4.96 48.29
C PRO A 494 25.79 5.86 48.36
N GLU A 495 26.98 5.28 48.44
CA GLU A 495 28.21 6.06 48.38
C GLU A 495 28.23 6.92 47.12
N VAL A 496 27.99 6.31 45.96
CA VAL A 496 28.01 7.06 44.69
C VAL A 496 26.91 8.10 44.68
N GLN A 497 25.74 7.77 45.24
CA GLN A 497 24.66 8.74 45.30
C GLN A 497 25.10 9.98 46.09
N ASP A 498 25.65 9.76 47.28
CA ASP A 498 26.03 10.90 48.10
C ASP A 498 27.21 11.65 47.51
N PHE A 499 28.10 10.97 46.77
CA PHE A 499 29.15 11.70 46.06
C PHE A 499 28.56 12.71 45.09
N ILE A 500 27.51 12.33 44.37
CA ILE A 500 26.89 13.22 43.38
C ILE A 500 26.10 14.31 44.07
N ILE A 501 25.26 13.93 45.04
CA ILE A 501 24.48 14.91 45.80
C ILE A 501 25.39 15.96 46.41
N ASP A 502 26.56 15.54 46.92
CA ASP A 502 27.42 16.47 47.64
C ASP A 502 28.19 17.39 46.68
N PHE A 503 28.83 16.87 45.65
CA PHE A 503 29.55 17.80 44.78
C PHE A 503 28.62 18.74 43.99
N MET A 504 27.36 18.37 43.79
CA MET A 504 26.42 19.29 43.14
C MET A 504 25.92 20.35 44.12
N THR A 505 25.63 19.95 45.35
CA THR A 505 25.27 20.94 46.37
C THR A 505 26.40 21.93 46.56
N ASN A 506 27.64 21.45 46.58
CA ASN A 506 28.77 22.35 46.81
C ASN A 506 29.00 23.23 45.59
N LEU A 507 28.84 22.67 44.39
CA LEU A 507 29.01 23.44 43.16
C LEU A 507 28.01 24.57 43.08
N LEU A 508 26.72 24.24 43.23
CA LEU A 508 25.65 25.23 43.16
C LEU A 508 25.71 26.28 44.27
N ASN A 509 26.41 26.01 45.37
CA ASN A 509 26.56 27.00 46.41
C ASN A 509 27.87 27.79 46.29
N SER A 510 28.71 27.47 45.31
CA SER A 510 30.02 28.09 45.19
C SER A 510 30.04 29.32 44.30
N ALA A 511 28.96 29.59 43.56
CA ALA A 511 28.86 30.72 42.64
C ALA A 511 27.40 30.98 42.29
N ASP A 512 27.18 31.92 41.36
CA ASP A 512 25.84 32.38 41.00
C ASP A 512 25.33 31.59 39.80
N ILE A 513 24.92 30.36 40.05
CA ILE A 513 24.52 29.44 39.00
C ILE A 513 23.01 29.25 39.08
N SER A 514 22.29 29.63 38.03
CA SER A 514 20.83 29.50 37.99
C SER A 514 20.34 28.52 36.93
N TYR A 515 21.23 27.69 36.38
CA TYR A 515 20.91 26.75 35.31
C TYR A 515 21.94 25.65 35.34
N VAL A 516 21.47 24.40 35.23
CA VAL A 516 22.35 23.24 35.13
C VAL A 516 21.86 22.35 34.00
N LYS A 517 22.76 22.06 33.06
CA LYS A 517 22.53 21.05 32.02
C LYS A 517 23.16 19.74 32.49
N TRP A 518 22.34 18.72 32.71
CA TRP A 518 22.75 17.45 33.29
C TRP A 518 22.82 16.43 32.16
N ASP A 519 24.04 16.14 31.71
CA ASP A 519 24.29 15.30 30.55
C ASP A 519 24.52 13.84 30.97
N ASN A 520 24.79 12.97 29.99
CA ASN A 520 24.87 11.52 30.18
C ASN A 520 25.16 10.87 28.83
N ASN A 521 26.44 10.58 28.56
CA ASN A 521 26.90 10.41 27.18
C ASN A 521 27.21 8.97 26.80
N ARG A 522 26.67 8.00 27.53
CA ARG A 522 26.80 6.61 27.10
C ARG A 522 25.77 5.76 27.83
N GLY A 523 25.68 4.50 27.39
CA GLY A 523 24.80 3.54 28.02
C GLY A 523 25.57 2.63 28.96
N MET A 524 24.80 1.81 29.69
CA MET A 524 25.37 0.77 30.53
C MET A 524 25.76 -0.41 29.66
N HIS A 525 26.95 -0.99 29.93
CA HIS A 525 27.36 -2.23 29.28
C HIS A 525 27.36 -3.31 30.32
N GLU A 526 28.51 -3.68 30.91
CA GLU A 526 28.58 -4.73 31.92
C GLU A 526 27.97 -4.26 33.23
N MET A 527 27.26 -5.16 33.91
CA MET A 527 26.58 -4.85 35.15
C MET A 527 26.90 -5.91 36.20
N PRO A 528 27.08 -5.52 37.46
CA PRO A 528 27.40 -6.52 38.50
C PRO A 528 26.29 -7.51 38.78
N SER A 529 25.05 -7.24 38.37
CA SER A 529 23.93 -8.18 38.48
C SER A 529 22.75 -7.59 37.74
N THR A 530 21.81 -8.46 37.33
CA THR A 530 20.60 -7.97 36.68
C THR A 530 19.81 -7.02 37.59
N ARG A 531 19.87 -7.25 38.91
CA ARG A 531 19.18 -6.37 39.85
C ARG A 531 19.64 -4.93 39.74
N THR A 532 20.87 -4.70 39.28
CA THR A 532 21.45 -3.37 39.30
C THR A 532 20.77 -2.43 38.29
N TYR A 533 20.22 -2.96 37.19
CA TYR A 533 19.49 -2.14 36.21
C TYR A 533 18.47 -1.24 36.87
N HIS A 534 17.57 -1.83 37.66
CA HIS A 534 16.52 -1.04 38.29
C HIS A 534 16.98 -0.39 39.60
N GLU A 535 17.99 -0.95 40.27
CA GLU A 535 18.48 -0.26 41.47
C GLU A 535 19.27 1.00 41.11
N TYR A 536 19.96 0.99 39.98
CA TYR A 536 20.56 2.22 39.48
C TYR A 536 19.49 3.31 39.34
N MET A 537 18.34 2.96 38.78
CA MET A 537 17.31 3.97 38.54
C MET A 537 16.68 4.46 39.83
N LEU A 538 16.48 3.56 40.81
CA LEU A 538 16.03 4.02 42.12
C LEU A 538 17.05 4.94 42.77
N GLY A 539 18.33 4.72 42.48
CA GLY A 539 19.36 5.59 43.05
C GLY A 539 19.38 6.94 42.38
N LEU A 540 19.33 6.94 41.04
CA LEU A 540 19.28 8.19 40.28
C LEU A 540 18.07 9.03 40.68
N TYR A 541 16.94 8.38 40.98
CA TYR A 541 15.76 9.16 41.33
C TYR A 541 15.89 9.79 42.72
N ARG A 542 16.51 9.10 43.67
CA ARG A 542 16.84 9.74 44.95
C ARG A 542 17.71 10.96 44.73
N VAL A 543 18.72 10.86 43.86
CA VAL A 543 19.62 11.98 43.57
C VAL A 543 18.85 13.12 42.93
N LEU A 544 18.11 12.84 41.83
CA LEU A 544 17.38 13.90 41.15
C LEU A 544 16.32 14.50 42.05
N ASP A 545 15.76 13.71 42.96
CA ASP A 545 14.72 14.22 43.86
C ASP A 545 15.33 15.17 44.89
N THR A 546 16.45 14.77 45.49
CA THR A 546 17.13 15.63 46.46
C THR A 546 17.55 16.95 45.82
N LEU A 547 18.39 16.89 44.76
CA LEU A 547 19.01 18.06 44.17
C LEU A 547 18.00 19.05 43.59
N SER A 548 16.86 18.57 43.06
CA SER A 548 15.90 19.49 42.46
C SER A 548 14.96 20.09 43.50
N ALA A 549 14.65 19.35 44.57
CA ALA A 549 13.99 19.94 45.73
C ALA A 549 14.92 20.91 46.46
N ARG A 550 16.20 20.59 46.54
CA ARG A 550 17.13 21.44 47.26
C ARG A 550 17.40 22.75 46.54
N PHE A 551 17.35 22.76 45.20
CA PHE A 551 17.56 23.96 44.39
C PHE A 551 16.35 24.18 43.49
N PRO A 552 15.22 24.60 44.05
CA PRO A 552 14.03 24.78 43.23
C PRO A 552 14.12 25.96 42.28
N ASP A 553 15.03 26.90 42.52
CA ASP A 553 15.15 28.07 41.66
C ASP A 553 16.16 27.90 40.53
N VAL A 554 16.92 26.81 40.51
CA VAL A 554 17.71 26.46 39.34
C VAL A 554 16.79 25.90 38.27
N LEU A 555 16.99 26.33 37.02
CA LEU A 555 16.39 25.68 35.87
C LEU A 555 17.29 24.52 35.47
N TRP A 556 16.77 23.30 35.59
CA TRP A 556 17.49 22.07 35.30
C TRP A 556 17.11 21.55 33.93
N GLU A 557 18.09 21.28 33.07
CA GLU A 557 17.85 20.72 31.75
C GLU A 557 18.46 19.32 31.70
N GLY A 558 17.65 18.31 31.42
CA GLY A 558 18.19 16.98 31.22
C GLY A 558 18.84 16.86 29.85
N CYS A 559 19.70 15.86 29.72
CA CYS A 559 20.41 15.67 28.47
C CYS A 559 21.08 14.30 28.50
N ALA A 560 21.24 13.71 27.32
CA ALA A 560 21.92 12.45 27.21
C ALA A 560 22.38 12.25 25.78
N SER A 561 23.45 12.94 25.38
CA SER A 561 23.78 13.10 23.96
C SER A 561 22.53 13.47 23.20
N GLY A 562 21.79 14.42 23.76
CA GLY A 562 20.50 14.79 23.24
C GLY A 562 19.37 14.06 23.95
N GLY A 563 18.44 13.52 23.18
CA GLY A 563 17.25 12.93 23.75
C GLY A 563 17.43 11.46 24.08
N GLY A 564 18.60 11.10 24.61
CA GLY A 564 18.82 9.72 24.97
C GLY A 564 18.15 9.31 26.26
N ARG A 565 17.64 10.27 27.04
CA ARG A 565 16.80 10.02 28.22
C ARG A 565 15.60 10.96 28.19
N PHE A 566 14.86 10.97 27.08
CA PHE A 566 13.73 11.89 26.89
C PHE A 566 12.47 11.14 27.26
N ASP A 567 12.09 11.22 28.53
CA ASP A 567 10.97 10.43 29.01
C ASP A 567 10.33 11.15 30.19
N ALA A 568 9.09 10.76 30.48
CA ALA A 568 8.34 11.39 31.56
C ALA A 568 9.03 11.24 32.90
N GLY A 569 9.86 10.20 33.08
CA GLY A 569 10.60 10.06 34.33
C GLY A 569 11.50 11.25 34.65
N ILE A 570 12.25 11.72 33.65
CA ILE A 570 13.11 12.89 33.84
C ILE A 570 12.28 14.17 33.90
N LEU A 571 11.16 14.25 33.17
CA LEU A 571 10.37 15.49 33.18
C LEU A 571 9.74 15.76 34.54
N HIS A 572 9.59 14.72 35.36
CA HIS A 572 9.06 14.93 36.70
C HIS A 572 9.96 15.89 37.48
N TYR A 573 11.27 15.71 37.37
CA TYR A 573 12.24 16.53 38.08
C TYR A 573 12.79 17.68 37.25
N PHE A 574 12.91 17.53 35.92
CA PHE A 574 13.48 18.56 35.07
C PHE A 574 12.42 19.10 34.14
N PRO A 575 12.26 20.42 34.03
CA PRO A 575 11.17 20.97 33.21
C PRO A 575 11.47 21.00 31.72
N GLN A 576 12.65 20.54 31.30
CA GLN A 576 13.05 20.64 29.90
C GLN A 576 14.26 19.75 29.66
N ILE A 577 14.39 19.31 28.40
CA ILE A 577 15.36 18.31 28.01
C ILE A 577 15.96 18.69 26.66
N TRP A 578 17.26 18.52 26.52
CA TRP A 578 17.94 18.76 25.25
C TRP A 578 17.45 17.73 24.23
N THR A 579 16.78 18.21 23.17
CA THR A 579 16.02 17.32 22.29
C THR A 579 16.92 16.42 21.46
N SER A 580 18.06 16.94 21.03
CA SER A 580 18.91 16.22 20.11
C SER A 580 20.20 17.00 19.86
N ASP A 581 21.29 16.28 19.60
CA ASP A 581 22.54 16.94 19.23
C ASP A 581 22.53 17.41 17.79
N ASN A 582 21.62 16.87 16.98
CA ASN A 582 21.38 17.37 15.65
C ASN A 582 20.73 18.75 15.77
N THR A 583 21.45 19.79 15.39
CA THR A 583 20.96 21.15 15.44
C THR A 583 20.65 21.71 14.06
N ASP A 584 20.48 20.84 13.08
CA ASP A 584 20.21 21.27 11.72
C ASP A 584 18.74 21.61 11.57
N GLY A 585 18.44 22.74 10.94
CA GLY A 585 17.05 23.18 10.84
C GLY A 585 16.13 22.14 10.25
N VAL A 586 16.56 21.51 9.16
CA VAL A 586 15.66 20.61 8.45
C VAL A 586 15.36 19.39 9.28
N ASP A 587 16.37 18.84 9.94
CA ASP A 587 16.18 17.59 10.68
C ASP A 587 15.53 17.81 12.03
N ARG A 588 15.74 18.99 12.63
CA ARG A 588 15.05 19.35 13.86
C ARG A 588 13.54 19.45 13.68
N ILE A 589 13.04 19.68 12.46
CA ILE A 589 11.60 19.66 12.26
C ILE A 589 11.04 18.26 12.41
N THR A 590 11.73 17.26 11.84
CA THR A 590 11.31 15.88 12.05
C THR A 590 11.46 15.46 13.51
N ILE A 591 12.55 15.89 14.18
CA ILE A 591 12.83 15.45 15.53
C ILE A 591 11.88 16.10 16.53
N GLN A 592 11.61 17.40 16.35
CA GLN A 592 10.72 18.10 17.26
C GLN A 592 9.27 17.68 17.03
N PHE A 593 8.87 17.43 15.77
CA PHE A 593 7.52 16.94 15.52
C PHE A 593 7.30 15.56 16.13
N GLY A 594 8.29 14.67 16.00
CA GLY A 594 8.15 13.34 16.58
C GLY A 594 8.12 13.38 18.10
N THR A 595 8.99 14.18 18.70
CA THR A 595 9.05 14.24 20.15
C THR A 595 7.75 14.79 20.73
N SER A 596 7.09 15.71 20.02
CA SER A 596 5.85 16.31 20.49
C SER A 596 4.68 15.33 20.44
N LEU A 597 4.89 14.15 19.83
CA LEU A 597 3.87 13.12 19.87
C LEU A 597 3.50 12.75 21.30
N ALA A 598 4.48 12.74 22.19
CA ALA A 598 4.27 12.41 23.58
C ALA A 598 4.48 13.57 24.53
N TYR A 599 5.44 14.43 24.24
CA TYR A 599 5.90 15.38 25.22
C TYR A 599 5.61 16.80 24.76
N PRO A 600 5.30 17.71 25.70
CA PRO A 600 4.88 19.05 25.29
C PRO A 600 6.05 19.86 24.75
N PRO A 601 5.84 20.64 23.69
CA PRO A 601 6.90 21.54 23.21
C PRO A 601 7.58 22.36 24.31
N SER A 602 6.87 22.70 25.40
CA SER A 602 7.50 23.39 26.53
C SER A 602 8.72 22.64 27.04
N THR A 603 8.82 21.36 26.73
CA THR A 603 9.81 20.45 27.29
C THR A 603 11.09 20.39 26.46
N MET A 604 11.08 20.96 25.26
CA MET A 604 12.08 20.67 24.24
C MET A 604 13.05 21.83 24.09
N GLY A 605 14.33 21.55 24.32
CA GLY A 605 15.36 22.54 24.09
C GLY A 605 15.78 22.55 22.63
N ALA A 606 15.99 23.74 22.09
CA ALA A 606 16.25 23.88 20.66
C ALA A 606 17.09 25.12 20.42
N HIS A 607 18.22 24.95 19.73
CA HIS A 607 19.20 26.01 19.58
C HIS A 607 19.47 26.30 18.11
N LEU A 608 19.41 27.59 17.75
CA LEU A 608 19.94 28.05 16.47
C LEU A 608 21.44 27.77 16.39
N SER A 609 21.87 27.08 15.35
CA SER A 609 23.25 26.67 15.24
C SER A 609 23.93 27.25 14.00
N ALA A 610 25.25 27.06 13.98
CA ALA A 610 26.11 27.54 12.91
C ALA A 610 25.96 26.68 11.66
N VAL A 611 26.22 27.29 10.50
CA VAL A 611 26.26 26.53 9.25
C VAL A 611 27.62 26.72 8.58
N PRO A 612 28.10 25.78 7.76
CA PRO A 612 27.57 24.41 7.56
C PRO A 612 27.49 23.57 8.85
N ASN A 613 26.38 22.86 8.95
CA ASN A 613 26.02 22.19 10.19
C ASN A 613 27.02 21.08 10.52
N HIS A 614 27.38 20.97 11.80
CA HIS A 614 28.50 20.14 12.20
C HIS A 614 28.18 18.65 12.18
N GLN A 615 26.90 18.29 12.12
CA GLN A 615 26.47 16.89 12.00
C GLN A 615 25.98 16.54 10.60
N THR A 616 25.28 17.44 9.92
CA THR A 616 24.75 17.13 8.59
C THR A 616 25.60 17.67 7.45
N SER A 617 26.37 18.74 7.69
CA SER A 617 27.08 19.57 6.70
C SER A 617 26.13 20.38 5.82
N ARG A 618 24.86 20.46 6.18
CA ARG A 618 23.88 21.15 5.38
C ARG A 618 23.83 22.62 5.79
N THR A 619 23.64 23.50 4.81
CA THR A 619 23.53 24.92 5.07
C THR A 619 22.10 25.39 4.84
N VAL A 620 21.50 25.96 5.88
CA VAL A 620 20.11 26.41 5.87
C VAL A 620 20.09 27.86 6.31
N PRO A 621 19.30 28.73 5.68
CA PRO A 621 19.33 30.16 6.04
C PRO A 621 19.01 30.44 7.51
N LEU A 622 19.50 31.58 8.00
CA LEU A 622 19.48 31.84 9.45
C LEU A 622 18.05 31.95 9.98
N GLU A 623 17.14 32.55 9.23
CA GLU A 623 15.79 32.74 9.73
C GLU A 623 15.03 31.42 9.79
N PHE A 624 15.19 30.56 8.78
CA PHE A 624 14.63 29.22 8.83
C PHE A 624 15.07 28.50 10.10
N ARG A 625 16.40 28.46 10.33
CA ARG A 625 16.97 27.83 11.51
C ARG A 625 16.37 28.37 12.81
N ALA A 626 16.15 29.70 12.88
CA ALA A 626 15.58 30.28 14.09
C ALA A 626 14.12 29.91 14.27
N HIS A 627 13.33 30.04 13.19
CA HIS A 627 11.93 29.72 13.29
C HIS A 627 11.71 28.29 13.76
N VAL A 628 12.63 27.36 13.41
CA VAL A 628 12.51 25.99 13.89
C VAL A 628 12.77 25.92 15.39
N ALA A 629 13.77 26.66 15.87
CA ALA A 629 14.11 26.65 17.29
C ALA A 629 13.02 27.28 18.15
N MET A 630 12.27 28.24 17.60
CA MET A 630 11.22 28.89 18.39
C MET A 630 10.06 27.98 18.73
N MET A 631 9.96 26.80 18.12
CA MET A 631 8.96 25.82 18.56
C MET A 631 9.42 25.02 19.77
N GLY A 632 10.68 25.15 20.17
CA GLY A 632 11.11 24.56 21.43
C GLY A 632 10.77 25.49 22.59
N GLY A 633 10.42 24.88 23.74
CA GLY A 633 10.12 25.66 24.91
C GLY A 633 11.28 26.51 25.39
N SER A 634 12.51 26.04 25.17
CA SER A 634 13.69 26.80 25.55
C SER A 634 14.51 27.05 24.29
N PHE A 635 14.45 28.29 23.81
CA PHE A 635 15.14 28.74 22.61
C PHE A 635 16.55 29.23 22.98
N GLY A 636 17.48 29.11 22.04
CA GLY A 636 18.80 29.60 22.31
C GLY A 636 19.69 29.58 21.08
N LEU A 637 20.91 30.09 21.26
CA LEU A 637 21.98 30.06 20.27
C LEU A 637 23.02 29.04 20.69
N GLU A 638 23.58 28.31 19.73
CA GLU A 638 24.72 27.46 20.07
C GLU A 638 25.75 27.59 18.96
N LEU A 639 26.53 28.65 19.05
CA LEU A 639 27.53 28.95 18.04
C LEU A 639 28.45 30.00 18.62
N ASP A 640 29.53 30.28 17.92
CA ASP A 640 30.32 31.45 18.25
C ASP A 640 29.63 32.68 17.66
N PRO A 641 29.21 33.64 18.49
CA PRO A 641 28.56 34.85 17.93
C PRO A 641 29.50 35.67 17.05
N ALA A 642 30.82 35.45 17.15
CA ALA A 642 31.75 36.08 16.22
C ALA A 642 31.48 35.64 14.78
N THR A 643 30.90 34.46 14.58
CA THR A 643 30.67 33.98 13.23
C THR A 643 29.40 34.53 12.59
N LEU A 644 28.45 35.03 13.38
CA LEU A 644 27.28 35.69 12.81
C LEU A 644 27.56 37.18 12.67
N GLN A 645 27.32 37.73 11.48
CA GLN A 645 27.66 39.12 11.20
C GLN A 645 26.47 40.06 11.08
N ASP A 646 25.23 39.56 11.00
CA ASP A 646 24.04 40.42 11.03
C ASP A 646 23.48 40.47 12.44
N ASP A 647 23.98 41.43 13.24
CA ASP A 647 23.48 41.59 14.60
C ASP A 647 22.03 42.04 14.66
N PRO A 648 21.60 43.05 13.88
CA PRO A 648 20.17 43.43 13.95
C PRO A 648 19.22 42.30 13.62
N GLU A 649 19.56 41.44 12.66
CA GLU A 649 18.70 40.28 12.38
C GLU A 649 18.65 39.33 13.59
N VAL A 650 19.80 39.05 14.20
CA VAL A 650 19.80 38.11 15.32
C VAL A 650 19.03 38.69 16.50
N ARG A 651 19.25 39.98 16.83
CA ARG A 651 18.47 40.60 17.90
C ARG A 651 16.99 40.62 17.55
N ARG A 652 16.66 40.75 16.27
CA ARG A 652 15.26 40.71 15.84
C ARG A 652 14.67 39.31 15.98
N LEU A 653 15.47 38.26 15.75
CA LEU A 653 14.95 36.92 15.95
C LEU A 653 14.84 36.56 17.43
N ILE A 654 15.68 37.12 18.29
CA ILE A 654 15.59 36.81 19.72
C ILE A 654 14.33 37.43 20.33
N LYS A 655 13.97 38.65 19.91
CA LYS A 655 12.72 39.23 20.40
C LYS A 655 11.50 38.47 19.87
N LEU A 656 11.58 37.97 18.64
CA LEU A 656 10.49 37.13 18.12
C LEU A 656 10.36 35.86 18.95
N ALA A 657 11.51 35.27 19.29
CA ALA A 657 11.50 34.08 20.15
C ALA A 657 10.84 34.37 21.49
N GLU A 658 11.14 35.52 22.09
CA GLU A 658 10.51 35.89 23.35
C GLU A 658 9.01 36.15 23.17
N LYS A 659 8.61 36.66 22.01
CA LYS A 659 7.20 36.92 21.74
C LYS A 659 6.40 35.63 21.61
N VAL A 660 6.95 34.62 20.93
CA VAL A 660 6.22 33.36 20.74
C VAL A 660 6.41 32.40 21.91
N ASN A 661 7.40 32.63 22.78
CA ASN A 661 7.65 31.64 23.84
C ASN A 661 6.45 31.42 24.73
N PRO A 662 5.67 32.43 25.15
CA PRO A 662 4.51 32.12 26.00
C PRO A 662 3.53 31.16 25.35
N LEU A 663 3.22 31.33 24.08
CA LEU A 663 2.28 30.44 23.40
C LEU A 663 2.84 29.02 23.26
N VAL A 664 4.15 28.88 23.07
CA VAL A 664 4.73 27.53 23.00
C VAL A 664 4.67 26.86 24.35
N ILE A 665 4.87 27.63 25.43
CA ILE A 665 4.88 27.02 26.76
C ILE A 665 3.48 26.59 27.17
N ASN A 666 2.49 27.46 27.01
CA ASN A 666 1.16 27.24 27.56
C ASN A 666 0.11 26.88 26.54
N GLY A 667 0.40 26.95 25.24
CA GLY A 667 -0.61 26.71 24.25
C GLY A 667 -0.87 25.24 23.99
N ASP A 668 -1.89 24.99 23.17
CA ASP A 668 -2.20 23.67 22.64
C ASP A 668 -1.58 23.56 21.27
N LEU A 669 -0.93 22.45 21.00
CA LEU A 669 -0.28 22.21 19.72
C LEU A 669 -1.23 21.48 18.76
N TYR A 670 -1.35 21.97 17.55
CA TYR A 670 -2.01 21.25 16.46
C TYR A 670 -0.95 21.06 15.38
N ARG A 671 -0.58 19.82 15.11
CA ARG A 671 0.41 19.56 14.05
C ARG A 671 -0.35 19.53 12.73
N LEU A 672 -0.48 20.71 12.12
CA LEU A 672 -1.35 20.87 10.96
C LEU A 672 -0.91 19.98 9.80
N ARG A 673 0.39 19.85 9.56
CA ARG A 673 0.90 19.15 8.40
C ARG A 673 2.19 18.46 8.82
N LEU A 674 2.28 17.15 8.61
CA LEU A 674 3.42 16.43 9.14
C LEU A 674 4.57 16.42 8.14
N PRO A 675 5.82 16.55 8.60
CA PRO A 675 6.96 16.40 7.69
C PRO A 675 7.05 15.03 7.02
N GLU A 676 6.51 13.98 7.64
CA GLU A 676 6.46 12.68 7.00
C GLU A 676 5.55 12.67 5.77
N GLU A 677 4.46 13.44 5.81
CA GLU A 677 3.50 13.42 4.72
C GLU A 677 3.87 14.36 3.57
N SER A 678 4.55 15.46 3.83
CA SER A 678 4.82 16.42 2.76
C SER A 678 6.03 17.28 3.10
N GLN A 679 6.45 18.06 2.11
CA GLN A 679 7.55 19.02 2.25
C GLN A 679 7.09 20.39 2.77
N TRP A 680 5.82 20.53 3.18
CA TRP A 680 5.34 21.74 3.82
C TRP A 680 4.79 21.41 5.22
N PRO A 681 5.66 21.12 6.19
CA PRO A 681 5.17 20.89 7.56
C PRO A 681 4.69 22.18 8.20
N ALA A 682 3.69 22.06 9.08
CA ALA A 682 3.17 23.25 9.74
C ALA A 682 2.63 22.88 11.10
N ALA A 683 2.71 23.82 12.04
CA ALA A 683 2.20 23.59 13.38
C ALA A 683 1.57 24.86 13.92
N LEU A 684 0.59 24.68 14.77
CA LEU A 684 -0.23 25.77 15.26
C LEU A 684 -0.26 25.68 16.77
N PHE A 685 0.05 26.78 17.43
CA PHE A 685 -0.03 26.88 18.88
C PHE A 685 -1.17 27.82 19.20
N VAL A 686 -2.17 27.30 19.91
CA VAL A 686 -3.36 28.07 20.25
C VAL A 686 -3.36 28.25 21.76
N ALA A 687 -3.39 29.50 22.21
CA ALA A 687 -3.58 29.77 23.63
C ALA A 687 -4.70 28.90 24.20
N GLU A 688 -4.54 28.50 25.47
CA GLU A 688 -5.51 27.58 26.07
C GLU A 688 -6.92 28.16 26.08
N ASP A 689 -7.05 29.48 26.00
CA ASP A 689 -8.30 30.22 26.08
C ASP A 689 -8.70 30.87 24.76
N GLY A 690 -7.97 30.57 23.68
CA GLY A 690 -8.33 30.96 22.34
C GLY A 690 -8.05 32.39 21.94
N SER A 691 -7.50 33.21 22.83
CA SER A 691 -7.27 34.61 22.47
C SER A 691 -6.21 34.77 21.39
N GLN A 692 -5.28 33.83 21.30
CA GLN A 692 -4.13 34.01 20.43
C GLN A 692 -3.67 32.68 19.87
N ALA A 693 -2.91 32.79 18.78
CA ALA A 693 -2.36 31.63 18.11
C ALA A 693 -1.12 32.08 17.37
N VAL A 694 -0.22 31.13 17.15
CA VAL A 694 0.92 31.36 16.28
C VAL A 694 1.07 30.14 15.39
N LEU A 695 1.35 30.39 14.10
CA LEU A 695 1.49 29.35 13.08
C LEU A 695 2.94 29.30 12.62
N PHE A 696 3.55 28.13 12.70
CA PHE A 696 4.85 27.91 12.08
C PHE A 696 4.61 27.17 10.78
N TYR A 697 5.11 27.71 9.67
CA TYR A 697 4.90 27.09 8.38
C TYR A 697 6.20 27.10 7.61
N PHE A 698 6.63 25.92 7.17
CA PHE A 698 7.92 25.72 6.51
C PHE A 698 7.75 25.12 5.13
N GLN A 699 8.69 25.45 4.25
CA GLN A 699 8.87 24.76 2.98
C GLN A 699 10.27 24.18 2.94
N VAL A 700 10.38 22.86 2.92
CA VAL A 700 11.68 22.23 3.07
C VAL A 700 12.38 22.12 1.72
N GLY A 701 11.96 21.20 0.86
CA GLY A 701 12.56 21.18 -0.46
C GLY A 701 12.33 22.50 -1.20
N PRO A 702 13.07 22.75 -2.27
CA PRO A 702 12.60 23.75 -3.23
C PRO A 702 11.29 23.27 -3.84
N ASN A 703 10.46 24.22 -4.26
CA ASN A 703 9.21 23.91 -4.96
C ASN A 703 9.26 24.59 -6.33
N VAL A 704 9.80 23.89 -7.31
CA VAL A 704 10.06 24.45 -8.63
C VAL A 704 8.81 24.36 -9.47
N ASN A 705 8.29 25.52 -9.89
CA ASN A 705 7.26 25.61 -10.94
C ASN A 705 6.08 24.70 -10.63
N HIS A 706 5.38 25.01 -9.54
CA HIS A 706 4.31 24.16 -9.04
C HIS A 706 3.41 24.93 -8.06
N ALA A 707 2.15 24.52 -7.98
CA ALA A 707 1.27 25.10 -6.98
C ALA A 707 1.79 24.74 -5.60
N ALA A 708 1.63 25.73 -4.62
CA ALA A 708 1.79 25.50 -3.19
C ALA A 708 0.47 25.01 -2.59
N PRO A 709 0.53 24.20 -1.54
CA PRO A 709 -0.71 23.73 -0.90
C PRO A 709 -1.36 24.83 -0.09
N TRP A 710 -2.56 24.55 0.40
CA TRP A 710 -3.23 25.42 1.35
C TRP A 710 -3.07 24.82 2.74
N VAL A 711 -2.58 25.60 3.68
CA VAL A 711 -2.50 25.15 5.07
C VAL A 711 -3.78 25.62 5.78
N ARG A 712 -4.54 24.67 6.30
CA ARG A 712 -5.78 24.96 6.99
C ARG A 712 -5.56 24.79 8.49
N LEU A 713 -6.05 25.75 9.26
CA LEU A 713 -5.83 25.75 10.69
C LEU A 713 -6.90 24.90 11.35
N GLN A 714 -6.77 24.71 12.66
CA GLN A 714 -7.81 24.02 13.43
C GLN A 714 -7.72 24.48 14.88
N GLY A 715 -8.71 24.08 15.67
CA GLY A 715 -8.70 24.52 17.04
C GLY A 715 -9.04 25.97 17.25
N LEU A 716 -9.67 26.63 16.29
CA LEU A 716 -10.18 27.99 16.46
C LEU A 716 -11.69 27.96 16.66
N ASP A 717 -12.24 29.14 16.96
CA ASP A 717 -13.68 29.33 17.05
C ASP A 717 -14.24 29.62 15.66
N PRO A 718 -15.11 28.77 15.12
CA PRO A 718 -15.58 29.00 13.72
C PRO A 718 -16.24 30.35 13.51
N GLU A 719 -16.99 30.82 14.50
CA GLU A 719 -17.76 32.04 14.38
C GLU A 719 -17.02 33.28 14.94
N ALA A 720 -15.77 33.13 15.34
CA ALA A 720 -14.99 34.27 15.81
C ALA A 720 -14.21 34.88 14.65
N ARG A 721 -13.68 36.08 14.89
CA ARG A 721 -12.84 36.76 13.91
C ARG A 721 -11.41 36.79 14.40
N TYR A 722 -10.46 36.61 13.49
CA TYR A 722 -9.05 36.59 13.84
C TYR A 722 -8.29 37.52 12.92
N THR A 723 -7.45 38.36 13.51
CA THR A 723 -6.60 39.26 12.76
C THR A 723 -5.26 38.55 12.54
N VAL A 724 -4.93 38.33 11.27
CA VAL A 724 -3.73 37.60 10.87
C VAL A 724 -2.61 38.61 10.69
N ASP A 725 -1.60 38.56 11.57
CA ASP A 725 -0.37 39.35 11.48
C ASP A 725 -0.65 40.86 11.38
N GLY A 726 -1.62 41.35 12.17
CA GLY A 726 -1.95 42.76 12.21
C GLY A 726 -2.66 43.32 11.00
N ASN A 727 -2.94 42.51 9.98
CA ASN A 727 -3.53 43.02 8.74
C ASN A 727 -4.94 42.51 8.55
N ALA A 728 -5.13 41.56 7.64
CA ALA A 728 -6.46 41.10 7.24
C ALA A 728 -7.16 40.35 8.38
N THR A 729 -8.49 40.29 8.30
CA THR A 729 -9.29 39.69 9.36
C THR A 729 -10.23 38.64 8.79
N TYR A 730 -10.06 37.40 9.22
CA TYR A 730 -10.80 36.26 8.71
C TYR A 730 -11.57 35.60 9.84
N LYS A 731 -12.69 34.99 9.48
CA LYS A 731 -13.47 34.26 10.46
C LYS A 731 -12.87 32.86 10.66
N GLY A 732 -13.00 32.36 11.89
CA GLY A 732 -12.40 31.09 12.24
C GLY A 732 -12.73 29.98 11.26
N ALA A 733 -14.00 29.92 10.83
CA ALA A 733 -14.40 28.90 9.86
C ALA A 733 -13.64 29.04 8.55
N THR A 734 -13.33 30.28 8.15
CA THR A 734 -12.58 30.47 6.92
C THR A 734 -11.14 29.99 7.08
N LEU A 735 -10.48 30.42 8.15
CA LEU A 735 -9.12 29.97 8.38
C LEU A 735 -9.05 28.45 8.52
N MET A 736 -10.14 27.81 8.93
CA MET A 736 -10.09 26.36 9.13
C MET A 736 -10.54 25.56 7.92
N ASN A 737 -11.48 26.08 7.14
CA ASN A 737 -12.01 25.32 6.02
C ASN A 737 -11.42 25.73 4.68
N LEU A 738 -10.87 26.95 4.57
CA LEU A 738 -10.15 27.37 3.38
C LEU A 738 -8.65 27.41 3.64
N GLY A 739 -8.19 28.22 4.60
CA GLY A 739 -6.79 28.27 4.95
C GLY A 739 -6.04 29.44 4.33
N LEU A 740 -4.73 29.40 4.51
CA LEU A 740 -3.82 30.39 3.95
C LEU A 740 -2.89 29.71 2.95
N GLN A 741 -2.43 30.45 1.96
CA GLN A 741 -1.45 29.91 1.03
C GLN A 741 -0.21 30.78 1.02
N PHE A 742 0.95 30.16 1.14
CA PHE A 742 2.24 30.84 1.15
C PHE A 742 3.10 30.36 0.00
N THR A 743 3.70 31.30 -0.73
CA THR A 743 4.68 30.98 -1.76
C THR A 743 6.05 31.49 -1.37
N PHE A 744 7.06 30.81 -1.88
CA PHE A 744 8.45 31.13 -1.66
C PHE A 744 9.20 30.99 -2.98
N ASP A 745 10.22 31.81 -3.18
CA ASP A 745 11.18 31.58 -4.25
C ASP A 745 12.56 31.34 -3.64
N SER A 746 12.70 30.21 -2.96
CA SER A 746 13.96 29.88 -2.31
C SER A 746 13.99 28.39 -2.07
N GLU A 747 15.18 27.90 -1.75
CA GLU A 747 15.31 26.48 -1.43
C GLU A 747 14.66 26.16 -0.09
N TYR A 748 14.76 27.08 0.88
CA TYR A 748 14.13 26.95 2.20
C TYR A 748 13.33 28.20 2.51
N GLY A 749 12.12 28.01 3.02
CA GLY A 749 11.25 29.13 3.33
C GLY A 749 10.51 28.87 4.62
N SER A 750 10.06 29.95 5.25
CA SER A 750 9.46 29.79 6.57
C SER A 750 8.71 31.06 6.93
N LYS A 751 7.60 30.88 7.63
CA LYS A 751 6.82 32.01 8.10
C LYS A 751 6.31 31.70 9.51
N VAL A 752 6.43 32.69 10.38
CA VAL A 752 5.77 32.69 11.69
C VAL A 752 4.69 33.77 11.65
N VAL A 753 3.44 33.36 11.79
CA VAL A 753 2.28 34.21 11.58
C VAL A 753 1.47 34.23 12.87
N PHE A 754 1.07 35.41 13.30
CA PHE A 754 0.33 35.55 14.54
C PHE A 754 -1.15 35.80 14.29
N LEU A 755 -2.00 35.20 15.11
CA LEU A 755 -3.45 35.42 15.06
C LEU A 755 -3.93 35.97 16.40
N GLU A 756 -4.65 37.09 16.37
CA GLU A 756 -5.35 37.60 17.53
C GLU A 756 -6.87 37.45 17.31
N LYS A 757 -7.57 36.93 18.28
CA LYS A 757 -8.97 36.87 18.19
C LYS A 757 -9.58 38.24 18.32
N GLN A 758 -10.26 38.65 17.25
CA GLN A 758 -10.70 39.98 16.90
C GLN A 758 -9.62 41.08 16.86
N ASN B 43 -31.37 33.59 1.17
CA ASN B 43 -30.00 34.10 1.24
C ASN B 43 -28.92 33.02 1.09
N ALA B 44 -29.28 31.90 0.43
CA ALA B 44 -28.27 30.92 0.06
C ALA B 44 -27.28 31.48 -0.96
N ILE B 45 -27.65 32.50 -1.71
CA ILE B 45 -26.80 33.08 -2.73
C ILE B 45 -26.52 34.53 -2.35
N VAL B 46 -25.24 34.87 -2.28
CA VAL B 46 -24.80 36.22 -1.99
C VAL B 46 -23.92 36.70 -3.13
N VAL B 47 -24.20 37.87 -3.66
CA VAL B 47 -23.38 38.47 -4.70
C VAL B 47 -22.72 39.70 -4.11
N ASP B 48 -21.40 39.82 -4.31
CA ASP B 48 -20.69 41.03 -3.92
C ASP B 48 -19.73 41.35 -5.07
N GLY B 49 -20.11 42.34 -5.88
CA GLY B 49 -19.33 42.67 -7.05
C GLY B 49 -19.42 41.52 -8.04
N THR B 50 -18.26 41.04 -8.48
CA THR B 50 -18.18 39.87 -9.33
C THR B 50 -17.89 38.60 -8.54
N THR B 51 -18.07 38.63 -7.22
CA THR B 51 -17.94 37.47 -6.37
C THR B 51 -19.31 36.85 -6.18
N PHE B 52 -19.38 35.53 -6.31
CA PHE B 52 -20.63 34.81 -6.12
C PHE B 52 -20.39 33.74 -5.08
N ALA B 53 -21.19 33.76 -4.01
CA ALA B 53 -21.10 32.74 -2.98
C ALA B 53 -22.43 32.02 -2.89
N LEU B 54 -22.37 30.70 -2.94
CA LEU B 54 -23.49 29.83 -2.64
C LEU B 54 -23.23 29.16 -1.30
N HIS B 55 -24.12 29.36 -0.34
CA HIS B 55 -23.94 28.86 1.01
C HIS B 55 -25.03 27.87 1.32
N GLY B 56 -24.64 26.71 1.84
CA GLY B 56 -25.54 25.76 2.45
C GLY B 56 -25.30 25.65 3.94
N ALA B 57 -25.96 24.66 4.55
CA ALA B 57 -25.81 24.46 5.99
C ALA B 57 -24.34 24.31 6.38
N GLY B 58 -23.67 23.28 5.87
CA GLY B 58 -22.25 23.14 6.10
C GLY B 58 -21.42 23.12 4.84
N MET B 59 -21.80 23.94 3.87
CA MET B 59 -21.12 23.96 2.59
C MET B 59 -21.05 25.37 2.06
N SER B 60 -19.99 25.65 1.32
CA SER B 60 -19.85 26.92 0.62
C SER B 60 -19.18 26.67 -0.73
N TYR B 61 -19.70 27.32 -1.76
CA TYR B 61 -19.15 27.28 -3.12
C TYR B 61 -19.01 28.72 -3.54
N VAL B 62 -17.78 29.13 -3.86
CA VAL B 62 -17.46 30.53 -4.09
C VAL B 62 -16.62 30.65 -5.35
N PHE B 63 -17.00 31.57 -6.22
CA PHE B 63 -16.21 31.86 -7.40
C PHE B 63 -16.40 33.32 -7.78
N HIS B 64 -15.52 33.82 -8.64
CA HIS B 64 -15.61 35.19 -9.09
C HIS B 64 -15.28 35.27 -10.56
N ALA B 65 -15.78 36.32 -11.21
CA ALA B 65 -15.38 36.65 -12.57
C ALA B 65 -14.18 37.56 -12.50
N ASN B 66 -13.12 37.19 -13.21
CA ASN B 66 -11.93 38.02 -13.29
C ASN B 66 -12.20 39.20 -14.21
N THR B 67 -12.00 40.41 -13.69
CA THR B 67 -12.39 41.62 -14.41
C THR B 67 -11.50 41.90 -15.61
N THR B 68 -10.32 41.29 -15.66
CA THR B 68 -9.38 41.50 -16.75
C THR B 68 -9.55 40.50 -17.88
N THR B 69 -9.62 39.20 -17.56
CA THR B 69 -9.73 38.16 -18.56
C THR B 69 -11.19 37.80 -18.89
N GLY B 70 -12.13 38.28 -18.10
CA GLY B 70 -13.50 37.82 -18.22
C GLY B 70 -13.77 36.40 -17.75
N ASP B 71 -12.77 35.66 -17.26
CA ASP B 71 -13.00 34.27 -16.93
C ASP B 71 -13.51 34.10 -15.50
N LEU B 72 -14.24 32.99 -15.27
CA LEU B 72 -14.79 32.64 -13.97
C LEU B 72 -13.76 31.83 -13.20
N ILE B 73 -13.33 32.31 -12.03
CA ILE B 73 -12.30 31.64 -11.24
C ILE B 73 -12.92 31.08 -9.97
N THR B 74 -12.55 29.86 -9.60
CA THR B 74 -13.05 29.19 -8.41
C THR B 74 -12.21 29.59 -7.20
N ASP B 75 -12.88 30.02 -6.13
CA ASP B 75 -12.16 30.29 -4.90
C ASP B 75 -12.21 29.14 -3.92
N HIS B 76 -13.37 28.49 -3.76
CA HIS B 76 -13.55 27.50 -2.70
C HIS B 76 -14.77 26.63 -2.96
N TYR B 77 -14.62 25.33 -2.75
CA TYR B 77 -15.77 24.44 -2.70
C TYR B 77 -15.52 23.47 -1.56
N GLY B 78 -16.22 23.66 -0.46
CA GLY B 78 -16.04 22.80 0.68
C GLY B 78 -16.82 23.32 1.87
N ALA B 79 -16.24 23.21 3.06
CA ALA B 79 -16.97 23.57 4.26
C ALA B 79 -17.26 25.07 4.25
N SER B 80 -18.19 25.48 5.13
CA SER B 80 -18.66 26.87 5.20
C SER B 80 -17.50 27.85 5.34
N VAL B 81 -17.56 28.93 4.55
CA VAL B 81 -16.71 30.08 4.72
C VAL B 81 -17.65 31.28 4.77
N SER B 82 -17.14 32.38 5.31
CA SER B 82 -17.92 33.62 5.37
C SER B 82 -16.98 34.79 5.58
N GLY B 83 -17.40 35.95 5.08
CA GLY B 83 -16.58 37.12 5.14
C GLY B 83 -15.45 37.07 4.14
N ALA B 84 -14.43 37.87 4.42
CA ALA B 84 -13.30 38.01 3.51
C ALA B 84 -12.60 36.67 3.29
N LEU B 85 -12.26 36.37 2.01
CA LEU B 85 -11.48 35.17 1.79
C LEU B 85 -10.01 35.48 1.52
N PRO B 86 -9.11 34.63 1.97
CA PRO B 86 -7.69 34.83 1.61
C PRO B 86 -7.50 34.74 0.12
N SER B 87 -6.66 35.62 -0.40
CA SER B 87 -6.44 35.38 -1.82
C SER B 87 -5.11 34.65 -2.03
N PRO B 88 -5.11 33.65 -2.90
CA PRO B 88 -3.87 32.96 -3.23
C PRO B 88 -2.84 33.95 -3.75
N PRO B 89 -1.59 33.81 -3.31
CA PRO B 89 -0.51 34.66 -3.87
C PRO B 89 -0.28 34.32 -5.33
N GLU B 90 -0.01 35.35 -6.12
CA GLU B 90 0.13 35.16 -7.57
C GLU B 90 1.29 34.20 -7.85
N PRO B 91 1.11 33.25 -8.78
CA PRO B 91 2.18 32.30 -9.08
C PRO B 91 3.24 32.88 -10.01
N VAL B 92 4.45 32.34 -9.89
CA VAL B 92 5.54 32.67 -10.79
C VAL B 92 5.42 31.81 -12.06
N VAL B 93 5.48 32.46 -13.22
CA VAL B 93 5.26 31.82 -14.51
C VAL B 93 6.60 31.56 -15.20
N ASN B 94 6.93 30.29 -15.42
CA ASN B 94 8.04 29.86 -16.26
C ASN B 94 7.63 28.68 -17.10
N GLY B 95 8.17 28.60 -18.30
CA GLY B 95 7.85 27.50 -19.18
C GLY B 95 6.64 27.80 -20.04
N TRP B 96 5.98 26.73 -20.46
CA TRP B 96 4.92 26.88 -21.43
C TRP B 96 3.56 27.16 -20.79
N VAL B 97 3.41 26.89 -19.50
CA VAL B 97 2.13 26.99 -18.83
C VAL B 97 2.04 28.41 -18.26
N GLY B 98 1.28 29.26 -18.93
CA GLY B 98 1.06 30.61 -18.48
C GLY B 98 0.06 30.68 -17.34
N MET B 99 -0.36 31.91 -17.04
CA MET B 99 -1.21 32.14 -15.88
C MET B 99 -2.50 31.33 -15.97
N ILE B 100 -3.07 31.21 -17.17
CA ILE B 100 -4.37 30.56 -17.35
C ILE B 100 -4.29 29.09 -16.98
N GLY B 101 -3.09 28.52 -16.94
CA GLY B 101 -2.86 27.14 -16.55
C GLY B 101 -2.63 26.92 -15.08
N ARG B 102 -2.52 27.99 -14.30
CA ARG B 102 -2.27 27.90 -12.87
C ARG B 102 -3.46 28.38 -12.05
N THR B 103 -4.61 28.57 -12.67
CA THR B 103 -5.80 29.14 -12.04
C THR B 103 -6.89 28.08 -11.94
N ARG B 104 -7.74 28.23 -10.92
CA ARG B 104 -8.88 27.33 -10.75
C ARG B 104 -10.04 27.89 -11.55
N ARG B 105 -10.42 27.19 -12.63
CA ARG B 105 -11.36 27.71 -13.62
C ARG B 105 -12.70 27.00 -13.55
N GLU B 106 -13.79 27.78 -13.64
CA GLU B 106 -15.13 27.23 -13.54
C GLU B 106 -15.62 26.60 -14.84
N PHE B 107 -15.26 27.17 -15.99
CA PHE B 107 -15.80 26.74 -17.27
C PHE B 107 -14.68 26.78 -18.30
N PRO B 108 -13.68 25.91 -18.15
CA PRO B 108 -12.43 26.08 -18.89
C PRO B 108 -12.52 25.63 -20.34
N ASP B 109 -11.82 26.36 -21.20
CA ASP B 109 -11.69 26.07 -22.61
C ASP B 109 -10.24 25.74 -22.94
N GLN B 110 -10.06 25.06 -24.07
CA GLN B 110 -8.73 24.78 -24.60
C GLN B 110 -8.49 25.57 -25.88
N GLY B 111 -7.25 26.02 -26.07
CA GLY B 111 -6.88 26.73 -27.27
C GLY B 111 -6.44 28.17 -27.05
N ARG B 112 -6.30 28.58 -25.80
CA ARG B 112 -5.76 29.90 -25.51
C ARG B 112 -4.76 29.86 -24.39
N GLY B 113 -4.15 28.72 -24.12
CA GLY B 113 -3.10 28.66 -23.13
C GLY B 113 -3.29 27.60 -22.06
N ASP B 114 -4.52 27.14 -21.85
CA ASP B 114 -4.78 26.11 -20.87
C ASP B 114 -4.69 24.74 -21.55
N PHE B 115 -3.73 23.92 -21.10
CA PHE B 115 -3.53 22.59 -21.67
C PHE B 115 -4.27 21.50 -20.91
N ARG B 116 -4.93 21.84 -19.81
CA ARG B 116 -5.77 20.89 -19.08
C ARG B 116 -7.04 20.57 -19.88
N ILE B 117 -7.70 19.47 -19.51
CA ILE B 117 -8.86 18.98 -20.29
C ILE B 117 -9.98 20.02 -20.21
N PRO B 118 -10.61 20.37 -21.33
CA PRO B 118 -11.57 21.47 -21.32
C PRO B 118 -12.95 21.05 -20.88
N ALA B 119 -13.73 22.04 -20.44
CA ALA B 119 -15.14 21.81 -20.18
C ALA B 119 -16.00 21.95 -21.44
N VAL B 120 -15.49 22.59 -22.49
CA VAL B 120 -16.26 22.81 -23.71
C VAL B 120 -15.29 22.85 -24.90
N ARG B 121 -15.73 22.28 -26.02
CA ARG B 121 -15.05 22.41 -27.31
C ARG B 121 -16.07 22.77 -28.37
N ILE B 122 -15.85 23.88 -29.07
CA ILE B 122 -16.74 24.39 -30.11
C ILE B 122 -15.94 24.56 -31.40
N ARG B 123 -16.32 23.86 -32.47
CA ARG B 123 -15.82 24.20 -33.79
C ARG B 123 -16.65 25.36 -34.33
N GLN B 124 -16.00 26.50 -34.56
CA GLN B 124 -16.70 27.71 -34.98
C GLN B 124 -17.04 27.64 -36.45
N THR B 125 -17.92 28.54 -36.91
CA THR B 125 -18.32 28.50 -38.32
C THR B 125 -17.10 28.56 -39.25
N ALA B 126 -16.12 29.41 -38.92
CA ALA B 126 -14.98 29.62 -39.80
C ALA B 126 -13.94 28.51 -39.74
N GLY B 127 -14.09 27.54 -38.84
CA GLY B 127 -13.28 26.33 -38.81
C GLY B 127 -12.40 26.19 -37.58
N TYR B 128 -12.29 27.23 -36.75
CA TYR B 128 -11.48 27.16 -35.53
C TYR B 128 -12.20 26.38 -34.43
N ALA B 129 -11.40 25.78 -33.54
CA ALA B 129 -11.89 25.21 -32.29
C ALA B 129 -11.34 26.07 -31.16
N VAL B 130 -11.64 27.35 -31.22
CA VAL B 130 -11.26 28.36 -30.25
C VAL B 130 -12.54 28.92 -29.68
N SER B 131 -12.43 29.47 -28.47
CA SER B 131 -13.60 29.94 -27.73
C SER B 131 -13.12 30.85 -26.63
N ASP B 132 -13.58 32.10 -26.63
CA ASP B 132 -13.24 33.08 -25.60
C ASP B 132 -14.53 33.62 -25.00
N LEU B 133 -15.17 32.80 -24.17
CA LEU B 133 -16.43 33.18 -23.53
C LEU B 133 -16.13 33.99 -22.28
N ARG B 134 -16.50 35.27 -22.28
CA ARG B 134 -16.22 36.15 -21.16
C ARG B 134 -17.50 36.50 -20.39
N TYR B 135 -17.30 36.90 -19.14
CA TYR B 135 -18.41 37.24 -18.24
C TYR B 135 -19.14 38.53 -18.67
N GLN B 136 -20.46 38.45 -18.84
CA GLN B 136 -21.23 39.65 -19.19
C GLN B 136 -22.16 40.14 -18.11
N GLY B 137 -22.60 39.28 -17.21
CA GLY B 137 -23.62 39.64 -16.25
C GLY B 137 -24.23 38.39 -15.66
N HIS B 138 -25.23 38.60 -14.81
CA HIS B 138 -25.81 37.48 -14.09
C HIS B 138 -27.19 37.85 -13.59
N GLU B 139 -27.95 36.81 -13.22
CA GLU B 139 -29.26 36.94 -12.63
C GLU B 139 -29.36 35.95 -11.47
N VAL B 140 -29.98 36.37 -10.37
CA VAL B 140 -30.29 35.48 -9.26
C VAL B 140 -31.79 35.27 -9.23
N ARG B 141 -32.22 34.06 -8.90
CA ARG B 141 -33.63 33.73 -8.99
C ARG B 141 -33.98 32.73 -7.91
N ASP B 142 -34.98 33.04 -7.09
CA ASP B 142 -35.40 32.02 -6.12
C ASP B 142 -36.14 30.91 -6.87
N GLY B 143 -36.10 29.71 -6.29
CA GLY B 143 -36.59 28.54 -6.97
C GLY B 143 -35.58 27.98 -7.96
N LYS B 144 -36.05 27.04 -8.74
CA LYS B 144 -35.16 26.40 -9.69
C LYS B 144 -35.89 26.19 -10.99
N PRO B 145 -35.40 26.75 -12.10
CA PRO B 145 -36.12 26.60 -13.37
C PRO B 145 -35.96 25.19 -13.91
N GLY B 146 -36.97 24.74 -14.64
CA GLY B 146 -36.94 23.40 -15.20
C GLY B 146 -35.77 23.20 -16.15
N LEU B 147 -35.68 22.02 -16.75
CA LEU B 147 -34.72 21.82 -17.83
C LEU B 147 -35.44 21.30 -19.07
N PRO B 148 -35.25 21.93 -20.23
CA PRO B 148 -36.05 21.57 -21.42
C PRO B 148 -35.75 20.16 -21.89
N GLY B 149 -36.74 19.29 -21.81
CA GLY B 149 -36.59 17.92 -22.27
C GLY B 149 -35.75 17.02 -21.39
N LEU B 150 -35.11 17.55 -20.36
CA LEU B 150 -34.29 16.70 -19.54
C LEU B 150 -34.84 16.63 -18.14
N PRO B 151 -34.63 15.50 -17.44
CA PRO B 151 -34.97 15.45 -16.01
C PRO B 151 -34.02 16.34 -15.23
N ALA B 152 -34.52 16.82 -14.10
CA ALA B 152 -33.77 17.75 -13.29
C ALA B 152 -34.40 17.77 -11.90
N THR B 153 -33.58 18.05 -10.90
CA THR B 153 -34.10 18.30 -9.56
C THR B 153 -35.04 19.51 -9.59
N PHE B 154 -35.95 19.57 -8.60
CA PHE B 154 -36.93 20.63 -8.54
C PHE B 154 -37.12 21.07 -7.09
N GLY B 155 -37.77 22.21 -6.93
CA GLY B 155 -38.12 22.74 -5.63
C GLY B 155 -38.67 24.14 -5.83
N GLU B 156 -39.25 24.68 -4.77
CA GLU B 156 -39.70 26.06 -4.85
C GLU B 156 -38.82 26.94 -3.99
N ALA B 157 -39.20 28.23 -3.91
CA ALA B 157 -38.26 29.28 -3.52
C ALA B 157 -37.67 29.06 -2.13
N GLY B 158 -38.40 28.40 -1.24
CA GLY B 158 -37.88 28.16 0.09
C GLY B 158 -36.70 27.20 0.11
N ASP B 159 -36.68 26.22 -0.79
CA ASP B 159 -35.69 25.15 -0.76
C ASP B 159 -34.49 25.38 -1.66
N VAL B 160 -34.65 26.14 -2.74
CA VAL B 160 -33.60 26.19 -3.74
C VAL B 160 -33.54 27.59 -4.33
N THR B 161 -32.32 28.06 -4.57
CA THR B 161 -32.06 29.32 -5.27
C THR B 161 -31.15 29.01 -6.45
N THR B 162 -31.33 29.75 -7.55
CA THR B 162 -30.52 29.58 -8.74
C THR B 162 -29.81 30.88 -9.11
N LEU B 163 -28.55 30.75 -9.53
CA LEU B 163 -27.73 31.83 -10.06
C LEU B 163 -27.37 31.46 -11.48
N VAL B 164 -27.69 32.33 -12.43
CA VAL B 164 -27.34 32.14 -13.83
C VAL B 164 -26.28 33.16 -14.20
N VAL B 165 -25.18 32.70 -14.76
CA VAL B 165 -24.07 33.56 -15.14
C VAL B 165 -23.96 33.52 -16.65
N HIS B 166 -24.08 34.68 -17.29
CA HIS B 166 -24.08 34.78 -18.75
C HIS B 166 -22.68 35.09 -19.28
N LEU B 167 -22.17 34.23 -20.17
CA LEU B 167 -20.92 34.48 -20.87
C LEU B 167 -21.18 34.67 -22.36
N TYR B 168 -20.24 35.34 -23.02
CA TYR B 168 -20.40 35.68 -24.41
C TYR B 168 -19.05 35.72 -25.09
N ASP B 169 -18.98 35.16 -26.29
CA ASP B 169 -17.81 35.19 -27.14
C ASP B 169 -18.08 36.22 -28.24
N ASN B 170 -17.34 37.33 -28.19
CA ASN B 170 -17.58 38.43 -29.13
C ASN B 170 -17.16 38.09 -30.53
N HIS B 171 -16.05 37.36 -30.68
CA HIS B 171 -15.50 37.14 -32.01
C HIS B 171 -16.33 36.14 -32.81
N SER B 172 -17.01 35.21 -32.15
CA SER B 172 -17.76 34.17 -32.85
C SER B 172 -19.26 34.22 -32.57
N ALA B 173 -19.71 35.08 -31.66
CA ALA B 173 -21.14 35.23 -31.36
C ALA B 173 -21.73 33.92 -30.81
N VAL B 174 -21.12 33.42 -29.75
CA VAL B 174 -21.62 32.26 -29.03
C VAL B 174 -21.88 32.67 -27.59
N ALA B 175 -23.03 32.30 -27.06
CA ALA B 175 -23.41 32.59 -25.69
C ALA B 175 -23.42 31.29 -24.88
N ALA B 176 -22.94 31.37 -23.65
CA ALA B 176 -23.04 30.27 -22.71
C ALA B 176 -23.75 30.76 -21.47
N ASP B 177 -24.56 29.90 -20.86
CA ASP B 177 -25.36 30.28 -19.70
C ASP B 177 -25.22 29.25 -18.59
N LEU B 178 -24.41 29.58 -17.60
CA LEU B 178 -24.08 28.65 -16.54
C LEU B 178 -25.07 28.81 -15.39
N SER B 179 -25.84 27.76 -15.12
CA SER B 179 -26.72 27.73 -13.96
C SER B 179 -26.01 27.12 -12.76
N TYR B 180 -26.28 27.67 -11.58
CA TYR B 180 -25.90 27.11 -10.29
C TYR B 180 -27.13 27.17 -9.39
N SER B 181 -27.54 26.04 -8.81
CA SER B 181 -28.63 25.98 -7.85
C SER B 181 -28.12 25.42 -6.52
N VAL B 182 -28.53 26.03 -5.41
CA VAL B 182 -28.24 25.52 -4.07
C VAL B 182 -29.50 24.96 -3.46
N PHE B 183 -29.41 23.75 -2.94
CA PHE B 183 -30.36 23.24 -1.97
C PHE B 183 -29.63 23.29 -0.65
N PRO B 184 -29.84 24.32 0.16
CA PRO B 184 -28.95 24.55 1.31
C PRO B 184 -29.04 23.47 2.38
N GLU B 185 -30.23 22.90 2.58
CA GLU B 185 -30.41 21.88 3.61
C GLU B 185 -29.58 20.64 3.33
N PHE B 186 -29.28 20.36 2.06
CA PHE B 186 -28.56 19.15 1.70
C PHE B 186 -27.15 19.43 1.19
N ASP B 187 -26.63 20.63 1.39
CA ASP B 187 -25.27 20.99 0.96
C ASP B 187 -25.03 20.60 -0.51
N ALA B 188 -26.03 20.80 -1.35
CA ALA B 188 -26.02 20.34 -2.73
C ALA B 188 -25.94 21.52 -3.69
N VAL B 189 -24.98 21.46 -4.62
CA VAL B 189 -24.84 22.42 -5.71
C VAL B 189 -25.19 21.71 -7.01
N VAL B 190 -26.09 22.28 -7.80
CA VAL B 190 -26.57 21.66 -9.03
C VAL B 190 -26.20 22.56 -10.19
N ARG B 191 -25.43 22.03 -11.14
CA ARG B 191 -24.94 22.84 -12.25
C ARG B 191 -25.43 22.30 -13.59
N SER B 192 -25.57 23.22 -14.54
CA SER B 192 -25.82 22.90 -15.94
C SER B 192 -25.42 24.09 -16.80
N VAL B 193 -25.25 23.86 -18.10
CA VAL B 193 -24.77 24.86 -19.02
C VAL B 193 -25.61 24.81 -20.28
N ASN B 194 -25.82 25.98 -20.89
CA ASN B 194 -26.49 26.13 -22.19
C ASN B 194 -25.55 26.83 -23.15
N ILE B 195 -25.39 26.28 -24.36
CA ILE B 195 -24.68 26.97 -25.42
C ILE B 195 -25.70 27.39 -26.48
N THR B 196 -25.69 28.67 -26.84
CA THR B 196 -26.56 29.20 -27.88
C THR B 196 -25.71 29.85 -28.95
N ASN B 197 -26.01 29.51 -30.21
CA ASN B 197 -25.38 30.11 -31.37
C ASN B 197 -26.14 31.40 -31.74
N LYS B 198 -25.45 32.54 -31.64
CA LYS B 198 -26.02 33.85 -31.96
C LYS B 198 -25.61 34.35 -33.34
N GLY B 199 -24.65 33.67 -33.97
CA GLY B 199 -24.10 34.10 -35.24
C GLY B 199 -24.89 33.58 -36.42
N ASN B 200 -24.31 33.76 -37.61
CA ASN B 200 -25.06 33.56 -38.84
C ASN B 200 -24.89 32.17 -39.43
N GLY B 201 -23.81 31.46 -39.08
CA GLY B 201 -23.55 30.12 -39.56
C GLY B 201 -23.74 29.08 -38.47
N ASN B 202 -23.54 27.82 -38.84
CA ASN B 202 -23.59 26.73 -37.87
C ASN B 202 -22.32 26.68 -37.02
N ILE B 203 -22.47 26.18 -35.81
CA ILE B 203 -21.34 25.78 -34.97
C ILE B 203 -21.62 24.35 -34.51
N THR B 204 -20.54 23.60 -34.27
CA THR B 204 -20.66 22.24 -33.75
C THR B 204 -20.01 22.18 -32.37
N ILE B 205 -20.78 21.68 -31.40
CA ILE B 205 -20.31 21.46 -30.04
C ILE B 205 -19.70 20.06 -29.99
N GLU B 206 -18.40 19.99 -29.76
CA GLU B 206 -17.76 18.68 -29.80
C GLU B 206 -17.57 18.08 -28.42
N HIS B 207 -17.66 18.90 -27.37
CA HIS B 207 -17.57 18.47 -25.98
C HIS B 207 -18.24 19.50 -25.07
N LEU B 208 -18.98 19.02 -24.07
CA LEU B 208 -19.74 19.93 -23.20
C LEU B 208 -20.01 19.24 -21.87
N ALA B 209 -19.24 19.61 -20.85
CA ALA B 209 -19.41 19.05 -19.51
C ALA B 209 -20.53 19.76 -18.76
N SER B 210 -21.30 18.99 -17.97
CA SER B 210 -22.32 19.61 -17.14
C SER B 210 -21.75 20.37 -15.96
N MET B 211 -20.52 20.07 -15.58
CA MET B 211 -19.94 20.56 -14.34
C MET B 211 -18.45 20.34 -14.42
N SER B 212 -17.71 21.37 -14.04
CA SER B 212 -16.25 21.40 -14.07
C SER B 212 -15.80 22.11 -12.81
N VAL B 213 -15.05 21.42 -11.95
CA VAL B 213 -14.52 22.05 -10.74
C VAL B 213 -13.02 21.82 -10.73
N ASP B 214 -12.26 22.86 -10.40
CA ASP B 214 -10.83 22.77 -10.18
C ASP B 214 -10.57 22.69 -8.67
N PHE B 215 -9.89 21.72 -8.29
CA PHE B 215 -9.55 21.53 -6.90
C PHE B 215 -8.17 22.07 -6.61
N PRO B 216 -7.89 22.58 -5.41
CA PRO B 216 -6.52 22.99 -5.10
C PRO B 216 -5.57 21.79 -5.07
N PHE B 217 -4.28 22.06 -4.87
CA PHE B 217 -3.29 20.99 -4.80
C PHE B 217 -3.41 20.25 -3.46
N GLU B 218 -3.65 18.94 -3.54
CA GLU B 218 -3.86 18.09 -2.36
C GLU B 218 -4.10 16.65 -2.77
N ASP B 219 -3.82 15.70 -1.89
CA ASP B 219 -4.03 14.30 -2.24
C ASP B 219 -5.51 13.98 -2.31
N LEU B 220 -5.92 13.27 -3.36
CA LEU B 220 -7.31 12.92 -3.56
C LEU B 220 -7.40 11.46 -3.94
N ASP B 221 -8.49 10.85 -3.55
CA ASP B 221 -8.85 9.52 -3.92
C ASP B 221 -10.10 9.62 -4.79
N LEU B 222 -10.24 8.76 -5.78
CA LEU B 222 -11.41 8.74 -6.62
C LEU B 222 -12.19 7.49 -6.38
N LEU B 223 -13.50 7.61 -6.23
CA LEU B 223 -14.39 6.48 -6.02
C LEU B 223 -15.48 6.43 -7.02
N GLY B 224 -15.80 5.26 -7.47
CA GLY B 224 -16.86 5.03 -8.42
C GLY B 224 -17.43 3.64 -8.35
N LEU B 225 -18.39 3.36 -9.21
CA LEU B 225 -19.05 2.06 -9.25
C LEU B 225 -18.86 1.44 -10.57
N ARG B 226 -18.25 0.30 -10.58
CA ARG B 226 -17.92 -0.38 -11.83
C ARG B 226 -18.45 -1.79 -11.80
N GLY B 227 -18.83 -2.31 -12.97
CA GLY B 227 -19.33 -3.67 -13.06
C GLY B 227 -19.73 -4.17 -14.43
N ASP B 228 -20.69 -5.09 -14.46
CA ASP B 228 -21.23 -5.63 -15.69
C ASP B 228 -22.53 -6.30 -15.31
N TRP B 229 -23.18 -6.92 -16.28
CA TRP B 229 -24.39 -7.66 -16.01
C TRP B 229 -24.16 -8.69 -14.92
N ALA B 230 -25.06 -8.73 -13.95
CA ALA B 230 -25.02 -9.62 -12.79
C ALA B 230 -23.89 -9.30 -11.81
N ARG B 231 -23.23 -8.15 -11.94
CA ARG B 231 -22.27 -7.70 -10.94
C ARG B 231 -22.16 -6.18 -10.99
N GLU B 232 -23.29 -5.49 -10.88
CA GLU B 232 -23.29 -4.04 -10.97
C GLU B 232 -22.79 -3.40 -9.68
N ALA B 233 -22.28 -2.18 -9.84
CA ALA B 233 -22.10 -1.26 -8.71
C ALA B 233 -21.11 -1.80 -7.68
N HIS B 234 -19.97 -2.32 -8.14
CA HIS B 234 -18.90 -2.70 -7.23
C HIS B 234 -18.06 -1.46 -6.94
N ARG B 235 -17.84 -1.19 -5.65
CA ARG B 235 -17.05 -0.03 -5.24
C ARG B 235 -15.57 -0.19 -5.59
N MET B 236 -15.03 0.76 -6.32
CA MET B 236 -13.60 0.87 -6.56
C MET B 236 -13.12 2.21 -6.02
N ARG B 237 -11.89 2.20 -5.50
CA ARG B 237 -11.26 3.41 -4.96
C ARG B 237 -9.79 3.42 -5.34
N ARG B 238 -9.32 4.55 -5.84
CA ARG B 238 -8.03 4.68 -6.49
C ARG B 238 -7.46 6.06 -6.15
N ARG B 239 -6.16 6.15 -5.99
CA ARG B 239 -5.53 7.45 -5.83
C ARG B 239 -5.49 8.24 -7.14
N VAL B 240 -5.77 9.54 -7.04
CA VAL B 240 -5.74 10.40 -8.21
C VAL B 240 -4.28 10.67 -8.57
N GLU B 241 -3.89 10.31 -9.80
CA GLU B 241 -2.53 10.49 -10.28
C GLU B 241 -2.42 11.68 -11.20
N TYR B 242 -1.18 12.09 -11.48
CA TYR B 242 -0.94 13.03 -12.56
C TYR B 242 -1.32 12.37 -13.89
N GLY B 243 -2.08 13.12 -14.69
CA GLY B 243 -2.69 12.61 -15.91
C GLY B 243 -4.19 12.53 -15.76
N VAL B 244 -4.81 11.74 -16.62
CA VAL B 244 -6.24 11.54 -16.63
C VAL B 244 -6.58 10.16 -16.10
N GLN B 245 -7.64 10.09 -15.32
CA GLN B 245 -8.28 8.87 -14.92
C GLN B 245 -9.77 9.14 -14.87
N GLY B 246 -10.56 8.15 -15.24
CA GLY B 246 -11.98 8.29 -15.19
C GLY B 246 -12.64 7.11 -15.87
N PHE B 247 -13.87 7.34 -16.32
CA PHE B 247 -14.66 6.27 -16.90
C PHE B 247 -15.85 6.90 -17.58
N GLY B 248 -16.59 6.08 -18.29
CA GLY B 248 -17.78 6.54 -18.97
C GLY B 248 -18.53 5.39 -19.55
N SER B 249 -19.50 5.70 -20.40
CA SER B 249 -20.26 4.68 -21.07
C SER B 249 -20.30 4.97 -22.56
N SER B 250 -20.09 3.94 -23.35
CA SER B 250 -20.24 4.04 -24.80
C SER B 250 -21.48 3.35 -25.31
N THR B 251 -22.26 2.72 -24.43
CA THR B 251 -23.38 1.89 -24.85
C THR B 251 -24.60 2.68 -25.32
N GLY B 252 -24.58 4.01 -25.20
CA GLY B 252 -25.75 4.80 -25.42
C GLY B 252 -26.63 4.93 -24.20
N TYR B 253 -26.50 4.02 -23.24
CA TYR B 253 -27.13 4.17 -21.93
C TYR B 253 -26.07 4.26 -20.85
N SER B 254 -26.47 4.73 -19.67
CA SER B 254 -25.50 4.88 -18.58
C SER B 254 -24.82 3.56 -18.24
N SER B 255 -25.52 2.42 -18.36
CA SER B 255 -24.93 1.09 -18.46
C SER B 255 -24.59 0.43 -17.12
N HIS B 256 -24.27 -0.87 -17.15
CA HIS B 256 -23.75 -1.60 -15.98
C HIS B 256 -22.27 -1.37 -15.72
N LEU B 257 -21.51 -0.90 -16.72
CA LEU B 257 -20.04 -0.98 -16.64
C LEU B 257 -19.48 0.07 -15.70
N HIS B 258 -19.99 1.30 -15.80
CA HIS B 258 -19.69 2.36 -14.87
C HIS B 258 -20.96 3.17 -14.63
N ASN B 259 -21.22 3.54 -13.38
CA ASN B 259 -22.37 4.39 -13.10
C ASN B 259 -22.01 5.87 -13.26
N PRO B 260 -22.92 6.73 -13.73
CA PRO B 260 -22.56 8.15 -13.97
C PRO B 260 -22.39 8.95 -12.69
N PHE B 261 -21.43 8.56 -11.86
CA PHE B 261 -21.32 9.00 -10.49
C PHE B 261 -19.89 8.80 -10.04
N PHE B 262 -19.36 9.72 -9.23
CA PHE B 262 -18.03 9.50 -8.69
C PHE B 262 -17.82 10.42 -7.49
N VAL B 263 -16.93 10.00 -6.59
CA VAL B 263 -16.62 10.73 -5.36
C VAL B 263 -15.14 11.05 -5.32
N LEU B 264 -14.80 12.31 -5.10
CA LEU B 264 -13.45 12.70 -4.73
C LEU B 264 -13.39 12.90 -3.22
N ALA B 265 -12.42 12.26 -2.58
CA ALA B 265 -12.27 12.30 -1.13
C ALA B 265 -10.80 12.37 -0.77
N HIS B 266 -10.52 12.75 0.47
CA HIS B 266 -9.14 12.68 0.94
C HIS B 266 -8.76 11.22 1.18
N PRO B 267 -7.48 10.87 0.97
CA PRO B 267 -7.06 9.49 1.27
C PRO B 267 -7.53 8.99 2.63
N SER B 268 -7.61 9.85 3.65
CA SER B 268 -8.01 9.42 4.99
C SER B 268 -9.52 9.40 5.21
N THR B 269 -10.31 9.71 4.20
CA THR B 269 -11.76 9.81 4.35
C THR B 269 -12.39 8.42 4.40
N THR B 270 -13.25 8.18 5.38
CA THR B 270 -13.96 6.91 5.53
C THR B 270 -15.46 7.13 5.38
N GLU B 271 -16.24 6.11 5.77
CA GLU B 271 -17.69 6.24 5.68
C GLU B 271 -18.22 7.27 6.66
N SER B 272 -17.56 7.46 7.79
CA SER B 272 -18.06 8.39 8.79
C SER B 272 -17.16 9.59 9.11
N GLN B 273 -15.95 9.70 8.55
CA GLN B 273 -15.09 10.83 8.88
C GLN B 273 -14.37 11.37 7.66
N GLY B 274 -14.09 12.66 7.69
CA GLY B 274 -13.36 13.29 6.61
C GLY B 274 -14.26 13.95 5.58
N GLU B 275 -13.62 14.55 4.59
CA GLU B 275 -14.34 15.30 3.58
C GLU B 275 -14.44 14.51 2.28
N ALA B 276 -15.60 14.63 1.64
CA ALA B 276 -15.90 13.93 0.40
C ALA B 276 -16.72 14.84 -0.48
N TRP B 277 -16.40 14.87 -1.77
CA TRP B 277 -17.20 15.57 -2.77
C TRP B 277 -17.79 14.55 -3.74
N GLY B 278 -19.10 14.63 -3.94
CA GLY B 278 -19.81 13.68 -4.78
C GLY B 278 -20.34 14.38 -6.03
N PHE B 279 -20.33 13.66 -7.14
CA PHE B 279 -20.82 14.21 -8.40
C PHE B 279 -21.67 13.15 -9.07
N ASN B 280 -22.91 13.51 -9.41
CA ASN B 280 -23.86 12.57 -9.98
C ASN B 280 -24.52 13.21 -11.19
N LEU B 281 -24.32 12.63 -12.37
CA LEU B 281 -24.90 13.16 -13.60
C LEU B 281 -26.35 12.69 -13.75
N THR B 282 -27.27 13.64 -13.96
CA THR B 282 -28.70 13.33 -14.05
C THR B 282 -29.08 13.04 -15.50
N TYR B 283 -28.62 11.88 -15.97
CA TYR B 283 -28.69 11.54 -17.38
C TYR B 283 -28.66 10.02 -17.54
N THR B 284 -29.41 9.54 -18.53
CA THR B 284 -29.54 8.13 -18.82
C THR B 284 -28.82 7.70 -20.10
N GLY B 285 -28.30 8.65 -20.87
CA GLY B 285 -27.51 8.31 -22.03
C GLY B 285 -26.06 8.08 -21.66
N SER B 286 -25.20 8.26 -22.65
CA SER B 286 -23.78 8.04 -22.45
C SER B 286 -23.19 9.19 -21.66
N PHE B 287 -22.10 8.91 -20.95
CA PHE B 287 -21.47 9.97 -20.19
C PHE B 287 -19.97 9.78 -20.23
N SER B 288 -19.26 10.83 -19.85
CA SER B 288 -17.82 10.81 -19.66
C SER B 288 -17.52 11.52 -18.35
N ALA B 289 -16.76 10.87 -17.48
CA ALA B 289 -16.30 11.47 -16.23
C ALA B 289 -14.78 11.41 -16.24
N GLN B 290 -14.14 12.57 -16.13
CA GLN B 290 -12.68 12.64 -16.19
C GLN B 290 -12.18 13.41 -14.99
N VAL B 291 -11.19 12.86 -14.31
CA VAL B 291 -10.46 13.55 -13.26
C VAL B 291 -9.03 13.65 -13.74
N GLU B 292 -8.51 14.89 -13.82
CA GLU B 292 -7.17 15.16 -14.30
C GLU B 292 -6.36 15.88 -13.23
N LYS B 293 -5.25 15.30 -12.82
CA LYS B 293 -4.31 16.04 -12.00
C LYS B 293 -3.33 16.71 -12.95
N GLY B 294 -3.41 18.04 -13.04
CA GLY B 294 -2.63 18.77 -14.01
C GLY B 294 -1.19 18.90 -13.60
N SER B 295 -0.41 19.46 -14.52
CA SER B 295 1.03 19.48 -14.32
C SER B 295 1.39 20.25 -13.07
N GLN B 296 0.64 21.33 -12.79
CA GLN B 296 0.88 22.24 -11.68
C GLN B 296 0.34 21.74 -10.35
N GLY B 297 -0.40 20.64 -10.32
CA GLY B 297 -0.87 20.07 -9.06
C GLY B 297 -2.34 20.25 -8.82
N LEU B 298 -3.01 21.13 -9.56
CA LEU B 298 -4.45 21.30 -9.41
C LEU B 298 -5.18 20.18 -10.12
N THR B 299 -6.33 19.80 -9.58
CA THR B 299 -7.12 18.68 -10.09
C THR B 299 -8.43 19.18 -10.69
N ARG B 300 -8.71 18.74 -11.90
CA ARG B 300 -9.92 19.07 -12.62
C ARG B 300 -10.82 17.84 -12.69
N ALA B 301 -12.02 17.98 -12.16
CA ALA B 301 -13.04 16.96 -12.21
C ALA B 301 -14.15 17.48 -13.10
N LEU B 302 -14.65 16.60 -13.96
CA LEU B 302 -15.68 17.02 -14.89
C LEU B 302 -16.46 15.83 -15.40
N ILE B 303 -17.75 16.03 -15.53
CA ILE B 303 -18.64 15.01 -15.99
C ILE B 303 -19.66 15.60 -16.94
N GLY B 304 -20.18 14.81 -17.83
CA GLY B 304 -21.14 15.30 -18.79
C GLY B 304 -21.32 14.33 -19.94
N PHE B 305 -21.71 14.87 -21.09
CA PHE B 305 -21.83 14.07 -22.30
C PHE B 305 -20.54 13.30 -22.60
N ASN B 306 -20.68 12.12 -23.20
CA ASN B 306 -19.51 11.45 -23.75
C ASN B 306 -19.09 12.22 -25.00
N PRO B 307 -17.89 12.82 -25.04
CA PRO B 307 -17.56 13.66 -26.20
C PRO B 307 -17.49 12.90 -27.52
N ASP B 308 -17.17 11.60 -27.49
CA ASP B 308 -17.17 10.82 -28.74
C ASP B 308 -18.57 10.49 -29.23
N GLN B 309 -19.62 10.78 -28.46
CA GLN B 309 -20.99 10.61 -28.90
C GLN B 309 -21.77 11.93 -28.79
N LEU B 310 -21.06 13.02 -29.10
CA LEU B 310 -21.66 14.36 -29.05
C LEU B 310 -21.07 15.34 -30.06
N SER B 311 -21.64 15.36 -31.27
CA SER B 311 -21.21 16.28 -32.34
C SER B 311 -22.44 17.07 -32.74
N TRP B 312 -22.83 17.99 -31.88
CA TRP B 312 -24.15 18.60 -31.95
C TRP B 312 -24.07 19.88 -32.76
N THR B 313 -24.49 19.82 -34.01
CA THR B 313 -24.53 21.01 -34.85
C THR B 313 -25.60 21.96 -34.33
N LEU B 314 -25.23 23.22 -34.13
CA LEU B 314 -26.18 24.26 -33.75
C LEU B 314 -26.23 25.28 -34.88
N GLY B 315 -27.36 25.35 -35.56
CA GLY B 315 -27.60 26.41 -36.51
C GLY B 315 -27.87 27.70 -35.78
N PRO B 316 -28.01 28.78 -36.54
CA PRO B 316 -28.24 30.10 -35.93
C PRO B 316 -29.45 30.10 -35.01
N GLY B 317 -29.27 30.64 -33.81
CA GLY B 317 -30.32 30.75 -32.81
C GLY B 317 -30.57 29.52 -31.96
N GLU B 318 -29.98 28.38 -32.30
CA GLU B 318 -30.31 27.12 -31.66
C GLU B 318 -29.55 26.94 -30.35
N THR B 319 -30.14 26.15 -29.45
CA THR B 319 -29.58 25.94 -28.12
C THR B 319 -29.32 24.46 -27.84
N LEU B 320 -28.17 24.18 -27.22
CA LEU B 320 -27.88 22.87 -26.64
C LEU B 320 -27.81 23.02 -25.13
N THR B 321 -28.63 22.26 -24.42
CA THR B 321 -28.66 22.24 -22.97
C THR B 321 -28.03 20.95 -22.47
N SER B 322 -27.12 21.05 -21.51
CA SER B 322 -26.53 19.87 -20.91
C SER B 322 -27.42 19.32 -19.81
N PRO B 323 -27.34 18.02 -19.55
CA PRO B 323 -27.99 17.46 -18.36
C PRO B 323 -27.41 18.08 -17.09
N GLU B 324 -28.19 18.05 -16.01
CA GLU B 324 -27.73 18.64 -14.75
C GLU B 324 -26.76 17.70 -14.06
N CYS B 325 -25.84 18.28 -13.28
CA CYS B 325 -24.94 17.52 -12.43
C CYS B 325 -25.17 17.98 -10.99
N VAL B 326 -25.55 17.02 -10.15
CA VAL B 326 -25.73 17.25 -8.73
C VAL B 326 -24.39 17.00 -8.03
N SER B 327 -24.02 17.92 -7.17
CA SER B 327 -22.81 17.80 -6.37
C SER B 327 -23.17 17.98 -4.90
N VAL B 328 -22.56 17.15 -4.05
CA VAL B 328 -22.79 17.22 -2.60
C VAL B 328 -21.44 17.22 -1.90
N TYR B 329 -21.21 18.22 -1.06
CA TYR B 329 -20.06 18.23 -0.15
C TYR B 329 -20.50 17.75 1.22
N SER B 330 -19.65 16.94 1.86
CA SER B 330 -19.87 16.51 3.22
C SER B 330 -18.54 16.57 3.96
N SER B 331 -18.57 17.04 5.19
CA SER B 331 -17.42 16.90 6.07
C SER B 331 -17.60 15.77 7.06
N ASP B 332 -18.63 14.93 6.89
CA ASP B 332 -18.91 13.81 7.78
C ASP B 332 -18.65 12.46 7.12
N GLY B 333 -17.73 12.43 6.16
CA GLY B 333 -17.37 11.20 5.50
C GLY B 333 -18.20 10.93 4.27
N ILE B 334 -17.87 9.81 3.63
CA ILE B 334 -18.58 9.42 2.41
C ILE B 334 -20.03 9.06 2.74
N GLY B 335 -20.24 8.39 3.87
CA GLY B 335 -21.60 8.12 4.30
C GLY B 335 -22.44 9.39 4.46
N GLY B 336 -21.86 10.44 5.03
CA GLY B 336 -22.59 11.68 5.16
C GLY B 336 -22.98 12.25 3.81
N MET B 337 -22.12 12.07 2.80
CA MET B 337 -22.48 12.53 1.47
C MET B 337 -23.65 11.72 0.91
N SER B 338 -23.60 10.39 1.03
CA SER B 338 -24.73 9.59 0.55
C SER B 338 -26.03 10.02 1.18
N ARG B 339 -26.02 10.30 2.49
CA ARG B 339 -27.29 10.58 3.16
C ARG B 339 -27.92 11.86 2.62
N LYS B 340 -27.09 12.82 2.22
CA LYS B 340 -27.61 14.05 1.64
C LYS B 340 -28.14 13.81 0.24
N PHE B 341 -27.45 12.98 -0.54
CA PHE B 341 -27.99 12.55 -1.83
C PHE B 341 -29.34 11.87 -1.66
N HIS B 342 -29.44 10.94 -0.70
CA HIS B 342 -30.67 10.18 -0.51
C HIS B 342 -31.84 11.09 -0.19
N ARG B 343 -31.65 12.01 0.76
CA ARG B 343 -32.75 12.90 1.10
C ARG B 343 -33.05 13.85 -0.03
N LEU B 344 -32.01 14.40 -0.67
CA LEU B 344 -32.23 15.31 -1.79
C LEU B 344 -33.03 14.63 -2.90
N TYR B 345 -32.68 13.39 -3.25
CA TYR B 345 -33.37 12.73 -4.35
C TYR B 345 -34.79 12.31 -3.96
N ARG B 346 -34.98 11.97 -2.68
CA ARG B 346 -36.30 11.55 -2.23
C ARG B 346 -37.28 12.73 -2.22
N LYS B 347 -36.82 13.92 -1.83
CA LYS B 347 -37.66 15.12 -1.79
C LYS B 347 -37.67 15.92 -3.09
N HIS B 348 -36.56 16.00 -3.82
CA HIS B 348 -36.47 16.97 -4.91
C HIS B 348 -36.13 16.39 -6.29
N LEU B 349 -36.24 15.09 -6.50
CA LEU B 349 -35.98 14.51 -7.81
C LEU B 349 -36.99 13.42 -8.16
N ILE B 350 -37.18 12.46 -7.26
CA ILE B 350 -38.19 11.43 -7.46
C ILE B 350 -39.54 12.10 -7.33
N ARG B 351 -40.27 12.21 -8.43
CA ARG B 351 -41.50 12.98 -8.44
C ARG B 351 -42.75 12.12 -8.30
N SER B 352 -42.62 10.80 -8.47
CA SER B 352 -43.74 9.88 -8.31
C SER B 352 -44.32 9.96 -6.90
N LYS B 353 -45.59 9.63 -6.78
CA LYS B 353 -46.19 9.66 -5.44
C LYS B 353 -45.68 8.54 -4.55
N TYR B 354 -44.91 7.60 -5.07
CA TYR B 354 -44.41 6.50 -4.27
C TYR B 354 -43.08 6.83 -3.59
N ALA B 355 -42.52 8.01 -3.82
CA ALA B 355 -41.17 8.31 -3.32
C ALA B 355 -41.04 8.03 -1.83
N THR B 356 -42.08 8.36 -1.06
CA THR B 356 -42.09 8.12 0.37
C THR B 356 -43.22 7.19 0.79
N LEU B 357 -43.87 6.53 -0.14
CA LEU B 357 -44.84 5.50 0.17
C LEU B 357 -44.15 4.17 0.31
N ASP B 358 -44.85 3.22 0.91
CA ASP B 358 -44.28 1.90 1.11
C ASP B 358 -44.69 0.97 -0.02
N ARG B 359 -43.78 0.12 -0.40
CA ARG B 359 -43.96 -0.67 -1.60
C ARG B 359 -44.61 -2.00 -1.25
N PRO B 360 -45.64 -2.44 -1.97
CA PRO B 360 -46.28 -3.70 -1.65
C PRO B 360 -45.33 -4.86 -1.93
N PRO B 361 -45.18 -5.82 -1.01
CA PRO B 361 -44.43 -7.04 -1.33
C PRO B 361 -44.99 -7.69 -2.59
N LEU B 362 -44.10 -8.07 -3.50
CA LEU B 362 -44.56 -8.52 -4.80
C LEU B 362 -44.01 -9.91 -5.11
N LEU B 363 -44.66 -10.59 -6.05
CA LEU B 363 -44.14 -11.82 -6.63
C LEU B 363 -43.98 -11.60 -8.12
N ASN B 364 -42.76 -11.78 -8.60
CA ASN B 364 -42.46 -11.70 -10.02
C ASN B 364 -42.39 -13.12 -10.58
N SER B 365 -42.98 -13.32 -11.76
CA SER B 365 -43.10 -14.67 -12.31
C SER B 365 -41.86 -15.13 -13.08
N TRP B 366 -40.89 -14.25 -13.31
CA TRP B 366 -39.84 -14.52 -14.30
C TRP B 366 -38.97 -15.72 -13.94
N GLU B 367 -38.23 -15.63 -12.82
CA GLU B 367 -37.35 -16.73 -12.44
C GLU B 367 -38.11 -18.00 -12.03
N GLY B 368 -39.42 -17.88 -11.76
CA GLY B 368 -40.18 -19.06 -11.36
C GLY B 368 -40.68 -19.91 -12.52
N VAL B 369 -40.85 -19.30 -13.71
CA VAL B 369 -41.60 -19.93 -14.79
C VAL B 369 -40.99 -19.56 -16.14
N TYR B 370 -40.22 -18.47 -16.20
CA TYR B 370 -39.53 -17.99 -17.42
C TYR B 370 -40.59 -17.81 -18.51
N PHE B 371 -40.40 -18.39 -19.70
CA PHE B 371 -41.39 -18.19 -20.75
C PHE B 371 -42.50 -19.23 -20.73
N ASP B 372 -42.38 -20.28 -19.93
CA ASP B 372 -43.25 -21.45 -20.08
C ASP B 372 -44.47 -21.29 -19.19
N TYR B 373 -45.51 -20.66 -19.72
CA TYR B 373 -46.73 -20.42 -18.97
C TYR B 373 -47.85 -19.94 -19.88
N ASN B 374 -49.04 -19.84 -19.29
CA ASN B 374 -50.20 -19.21 -19.91
C ASN B 374 -51.15 -18.78 -18.78
N GLN B 375 -52.35 -18.30 -19.16
CA GLN B 375 -53.42 -17.94 -18.23
C GLN B 375 -53.47 -18.79 -16.97
N THR B 376 -53.57 -20.11 -17.10
CA THR B 376 -53.72 -20.95 -15.91
C THR B 376 -52.51 -20.83 -15.00
N GLY B 377 -51.30 -20.89 -15.54
CA GLY B 377 -50.14 -20.76 -14.68
C GLY B 377 -50.13 -19.42 -13.97
N ILE B 378 -50.53 -18.36 -14.68
CA ILE B 378 -50.47 -17.02 -14.13
C ILE B 378 -51.43 -16.84 -12.95
N GLU B 379 -52.57 -17.52 -12.96
CA GLU B 379 -53.46 -17.43 -11.82
C GLU B 379 -53.15 -18.44 -10.72
N ARG B 380 -52.68 -19.65 -11.05
CA ARG B 380 -52.11 -20.48 -10.01
C ARG B 380 -50.99 -19.74 -9.28
N LEU B 381 -50.16 -19.00 -10.03
CA LEU B 381 -49.16 -18.16 -9.40
C LEU B 381 -49.80 -17.07 -8.56
N ALA B 382 -50.89 -16.47 -9.05
CA ALA B 382 -51.50 -15.35 -8.33
C ALA B 382 -52.27 -15.83 -7.11
N ARG B 383 -52.98 -16.96 -7.20
CA ARG B 383 -53.61 -17.52 -6.01
C ARG B 383 -52.56 -17.83 -4.94
N GLN B 384 -51.56 -18.65 -5.29
CA GLN B 384 -50.54 -19.01 -4.32
C GLN B 384 -49.86 -17.77 -3.74
N SER B 385 -49.68 -16.73 -4.55
CA SER B 385 -49.06 -15.50 -4.05
C SER B 385 -49.93 -14.85 -2.98
N ALA B 386 -51.22 -14.66 -3.28
CA ALA B 386 -52.14 -14.02 -2.35
C ALA B 386 -52.16 -14.74 -1.01
N ALA B 387 -52.11 -16.07 -1.03
CA ALA B 387 -52.17 -16.88 0.18
C ALA B 387 -50.92 -16.79 1.03
N LEU B 388 -49.83 -16.24 0.50
CA LEU B 388 -48.64 -15.98 1.30
C LEU B 388 -48.64 -14.58 1.92
N GLY B 389 -49.59 -13.72 1.56
CA GLY B 389 -49.59 -12.36 2.05
C GLY B 389 -49.07 -11.34 1.07
N ILE B 390 -48.68 -11.77 -0.14
CA ILE B 390 -48.13 -10.87 -1.15
C ILE B 390 -49.23 -9.97 -1.71
N ARG B 391 -48.86 -8.71 -1.96
CA ARG B 391 -49.84 -7.69 -2.29
C ARG B 391 -49.87 -7.31 -3.75
N LEU B 392 -48.88 -7.72 -4.53
CA LEU B 392 -48.83 -7.36 -5.95
C LEU B 392 -48.25 -8.53 -6.72
N PHE B 393 -48.96 -8.99 -7.75
CA PHE B 393 -48.44 -10.04 -8.61
C PHE B 393 -48.04 -9.43 -9.94
N VAL B 394 -46.78 -9.60 -10.32
CA VAL B 394 -46.24 -9.04 -11.57
C VAL B 394 -46.07 -10.17 -12.57
N MET B 395 -46.73 -10.03 -13.73
CA MET B 395 -46.56 -10.94 -14.86
C MET B 395 -45.41 -10.43 -15.72
N ASP B 396 -44.32 -11.21 -15.80
CA ASP B 396 -43.11 -10.78 -16.47
C ASP B 396 -43.15 -11.21 -17.95
N ASP B 397 -41.97 -11.23 -18.61
CA ASP B 397 -41.81 -11.53 -20.04
C ASP B 397 -42.62 -12.75 -20.47
N GLY B 398 -43.22 -12.67 -21.65
CA GLY B 398 -43.77 -13.87 -22.25
C GLY B 398 -45.26 -13.89 -22.55
N TRP B 399 -45.96 -12.79 -22.32
CA TRP B 399 -47.41 -12.75 -22.42
C TRP B 399 -47.91 -12.23 -23.76
N PHE B 400 -47.04 -11.64 -24.56
CA PHE B 400 -47.44 -10.85 -25.72
C PHE B 400 -47.08 -11.55 -27.02
N GLY B 401 -47.46 -10.92 -28.12
CA GLY B 401 -47.27 -11.31 -29.52
C GLY B 401 -48.40 -12.18 -30.00
N ASN B 402 -48.70 -12.09 -31.30
CA ASN B 402 -49.74 -12.94 -31.89
C ASN B 402 -49.19 -13.82 -33.02
N LYS B 403 -48.93 -13.26 -34.20
CA LYS B 403 -48.42 -14.08 -35.29
C LYS B 403 -47.01 -14.61 -35.00
N TYR B 404 -46.27 -13.94 -34.11
CA TYR B 404 -44.93 -14.38 -33.69
C TYR B 404 -44.88 -14.26 -32.17
N PRO B 405 -45.39 -15.25 -31.44
CA PRO B 405 -45.64 -15.06 -30.02
C PRO B 405 -44.34 -15.03 -29.23
N ARG B 406 -44.37 -14.34 -28.08
CA ARG B 406 -43.19 -14.28 -27.22
C ARG B 406 -43.16 -15.53 -26.34
N THR B 407 -42.73 -16.63 -26.94
CA THR B 407 -42.54 -17.85 -26.18
C THR B 407 -41.09 -18.15 -25.93
N SER B 408 -40.20 -17.21 -26.23
CA SER B 408 -38.76 -17.35 -25.97
C SER B 408 -38.09 -15.98 -26.20
N ASP B 409 -36.76 -15.97 -26.08
CA ASP B 409 -35.83 -14.89 -26.41
C ASP B 409 -35.96 -14.34 -27.83
N LYS B 410 -36.65 -15.02 -28.73
CA LYS B 410 -36.33 -14.91 -30.16
C LYS B 410 -37.41 -14.30 -31.04
N ALA B 411 -38.53 -13.84 -30.47
CA ALA B 411 -39.59 -13.27 -31.30
C ALA B 411 -40.55 -12.48 -30.43
N GLY B 412 -41.20 -11.48 -31.05
CA GLY B 412 -42.43 -10.92 -30.55
C GLY B 412 -42.33 -9.50 -30.02
N LEU B 413 -41.14 -9.07 -29.61
CA LEU B 413 -41.00 -7.72 -29.09
C LEU B 413 -41.42 -6.73 -30.18
N GLY B 414 -42.41 -5.90 -29.87
CA GLY B 414 -42.97 -4.97 -30.83
C GLY B 414 -44.45 -5.22 -31.10
N ASP B 415 -44.90 -6.46 -30.92
CA ASP B 415 -46.31 -6.80 -31.07
C ASP B 415 -46.85 -6.94 -29.65
N TRP B 416 -47.36 -5.82 -29.13
CA TRP B 416 -47.68 -5.68 -27.71
C TRP B 416 -49.13 -5.95 -27.43
N THR B 417 -49.73 -6.91 -28.13
CA THR B 417 -51.04 -7.39 -27.71
C THR B 417 -50.88 -8.77 -27.06
N PRO B 418 -51.77 -9.11 -26.12
CA PRO B 418 -51.66 -10.42 -25.46
C PRO B 418 -51.67 -11.57 -26.45
N ASN B 419 -50.92 -12.60 -26.14
CA ASN B 419 -50.88 -13.76 -27.00
C ASN B 419 -52.20 -14.52 -26.86
N PRO B 420 -52.95 -14.76 -27.94
CA PRO B 420 -54.22 -15.51 -27.80
C PRO B 420 -54.04 -17.01 -27.55
N ASP B 421 -52.89 -17.60 -27.88
CA ASP B 421 -52.59 -18.95 -27.40
C ASP B 421 -52.58 -18.98 -25.87
N ARG B 422 -52.06 -17.93 -25.23
CA ARG B 422 -51.88 -17.92 -23.79
C ARG B 422 -53.03 -17.27 -23.04
N PHE B 423 -53.72 -16.30 -23.65
CA PHE B 423 -54.80 -15.56 -23.01
C PHE B 423 -55.98 -15.53 -23.96
N PRO B 424 -56.70 -16.65 -24.09
CA PRO B 424 -57.69 -16.76 -25.18
C PRO B 424 -58.87 -15.83 -25.03
N ASP B 425 -59.19 -15.36 -23.83
CA ASP B 425 -60.34 -14.49 -23.63
C ASP B 425 -59.96 -13.03 -23.60
N GLY B 426 -58.72 -12.70 -23.95
CA GLY B 426 -58.16 -11.38 -23.69
C GLY B 426 -57.42 -11.35 -22.37
N LEU B 427 -56.78 -10.21 -22.12
CA LEU B 427 -56.05 -10.00 -20.87
C LEU B 427 -56.90 -9.44 -19.74
N GLU B 428 -58.07 -8.87 -20.05
CA GLU B 428 -58.82 -8.23 -18.97
C GLU B 428 -59.60 -9.20 -18.08
N PRO B 429 -60.26 -10.23 -18.62
CA PRO B 429 -60.82 -11.27 -17.73
C PRO B 429 -59.78 -11.93 -16.83
N VAL B 430 -58.53 -12.05 -17.25
CA VAL B 430 -57.50 -12.61 -16.36
C VAL B 430 -57.20 -11.63 -15.24
N VAL B 431 -57.03 -10.35 -15.58
CA VAL B 431 -56.61 -9.39 -14.57
C VAL B 431 -57.72 -9.14 -13.56
N GLU B 432 -59.00 -9.23 -13.97
CA GLU B 432 -60.09 -9.01 -13.03
C GLU B 432 -60.16 -10.13 -11.99
N ARG B 433 -60.07 -11.39 -12.41
CA ARG B 433 -60.07 -12.49 -11.46
C ARG B 433 -58.89 -12.38 -10.50
N ILE B 434 -57.74 -11.90 -11.00
CA ILE B 434 -56.53 -11.82 -10.19
C ILE B 434 -56.67 -10.70 -9.15
N THR B 435 -57.24 -9.56 -9.54
CA THR B 435 -57.41 -8.45 -8.60
C THR B 435 -58.65 -8.59 -7.74
N ASN B 436 -59.21 -9.79 -7.61
CA ASN B 436 -60.15 -10.06 -6.53
C ASN B 436 -59.66 -11.12 -5.56
N LEU B 437 -58.53 -11.77 -5.84
CA LEU B 437 -57.94 -12.66 -4.86
C LEU B 437 -57.68 -11.86 -3.57
N PRO B 438 -58.21 -12.31 -2.44
CA PRO B 438 -57.94 -11.61 -1.17
C PRO B 438 -56.59 -12.03 -0.60
N VAL B 439 -55.97 -11.08 0.10
CA VAL B 439 -54.59 -11.25 0.53
C VAL B 439 -54.56 -11.81 1.95
N ASN B 440 -53.85 -12.92 2.12
CA ASN B 440 -53.72 -13.60 3.40
C ASN B 440 -53.21 -12.66 4.49
N GLY B 441 -53.71 -12.88 5.71
CA GLY B 441 -53.29 -12.13 6.87
C GLY B 441 -53.52 -10.64 6.77
N THR B 442 -54.42 -10.21 5.89
CA THR B 442 -54.63 -8.78 5.65
C THR B 442 -56.01 -8.30 6.07
N ALA B 443 -57.03 -9.14 5.90
CA ALA B 443 -58.41 -8.80 6.23
C ALA B 443 -58.86 -7.60 5.42
N GLY B 444 -59.34 -7.85 4.20
CA GLY B 444 -59.75 -6.77 3.35
C GLY B 444 -59.12 -6.73 1.96
N GLU B 445 -57.83 -6.41 1.89
CA GLU B 445 -57.25 -5.94 0.64
C GLU B 445 -57.17 -7.03 -0.42
N LYS B 446 -57.38 -6.63 -1.67
CA LYS B 446 -57.30 -7.51 -2.82
C LYS B 446 -55.97 -7.34 -3.54
N LEU B 447 -55.54 -8.41 -4.20
CA LEU B 447 -54.27 -8.43 -4.92
C LEU B 447 -54.18 -7.30 -5.94
N ARG B 448 -52.95 -6.86 -6.22
CA ARG B 448 -52.69 -5.99 -7.35
C ARG B 448 -51.96 -6.76 -8.43
N PHE B 449 -51.99 -6.20 -9.65
CA PHE B 449 -51.46 -6.83 -10.84
C PHE B 449 -50.52 -5.88 -11.57
N GLY B 450 -49.43 -6.45 -12.10
CA GLY B 450 -48.44 -5.66 -12.80
C GLY B 450 -47.90 -6.42 -13.99
N ILE B 451 -47.43 -5.65 -14.96
CA ILE B 451 -47.04 -6.18 -16.26
C ILE B 451 -45.60 -5.81 -16.53
N TRP B 452 -44.93 -6.61 -17.36
CA TRP B 452 -43.61 -6.31 -17.90
C TRP B 452 -43.75 -5.82 -19.33
N VAL B 453 -42.96 -4.81 -19.68
CA VAL B 453 -42.85 -4.33 -21.05
C VAL B 453 -41.39 -4.04 -21.33
N GLU B 454 -41.07 -3.89 -22.61
CA GLU B 454 -39.74 -3.50 -23.04
C GLU B 454 -39.89 -2.69 -24.33
N PRO B 455 -40.39 -1.46 -24.22
CA PRO B 455 -40.92 -0.77 -25.40
C PRO B 455 -39.85 -0.26 -26.38
N GLU B 456 -38.59 -0.13 -25.97
CA GLU B 456 -37.63 0.44 -26.91
C GLU B 456 -37.04 -0.59 -27.83
N MET B 457 -37.49 -1.84 -27.74
CA MET B 457 -36.84 -2.94 -28.42
C MET B 457 -37.79 -3.61 -29.38
N VAL B 458 -37.23 -4.25 -30.42
CA VAL B 458 -37.99 -5.01 -31.41
C VAL B 458 -37.20 -6.24 -31.84
N ASN B 459 -37.91 -7.40 -31.96
CA ASN B 459 -37.32 -8.60 -32.56
C ASN B 459 -37.44 -8.51 -34.08
N PRO B 460 -36.38 -8.76 -34.85
CA PRO B 460 -36.60 -8.97 -36.29
C PRO B 460 -37.78 -9.92 -36.56
N ASN B 461 -37.90 -11.01 -35.79
CA ASN B 461 -39.03 -11.90 -35.93
C ASN B 461 -40.24 -11.32 -35.18
N SER B 462 -40.94 -10.42 -35.86
CA SER B 462 -42.13 -9.78 -35.29
C SER B 462 -42.93 -9.14 -36.41
N SER B 463 -44.19 -8.84 -36.11
CA SER B 463 -44.95 -8.06 -37.09
C SER B 463 -44.38 -6.67 -37.23
N LEU B 464 -43.91 -6.10 -36.13
CA LEU B 464 -43.48 -4.71 -36.14
C LEU B 464 -42.33 -4.50 -37.10
N TYR B 465 -41.31 -5.35 -37.01
CA TYR B 465 -40.13 -5.17 -37.85
C TYR B 465 -40.45 -5.47 -39.30
N ARG B 466 -41.36 -6.42 -39.56
CA ARG B 466 -41.73 -6.71 -40.94
C ARG B 466 -42.39 -5.49 -41.58
N GLU B 467 -43.20 -4.77 -40.82
CA GLU B 467 -43.84 -3.57 -41.37
C GLU B 467 -42.91 -2.37 -41.41
N HIS B 468 -42.19 -2.07 -40.32
CA HIS B 468 -41.42 -0.82 -40.20
C HIS B 468 -39.96 -1.08 -39.89
N PRO B 469 -39.22 -1.70 -40.82
CA PRO B 469 -37.80 -1.98 -40.52
C PRO B 469 -36.94 -0.72 -40.48
N ASP B 470 -37.45 0.40 -40.95
CA ASP B 470 -36.71 1.65 -40.94
C ASP B 470 -36.71 2.32 -39.58
N TRP B 471 -37.41 1.75 -38.60
CA TRP B 471 -37.58 2.35 -37.27
C TRP B 471 -36.46 2.01 -36.31
N VAL B 472 -35.57 1.10 -36.66
CA VAL B 472 -34.54 0.69 -35.72
C VAL B 472 -33.29 1.52 -35.98
N LEU B 473 -32.40 1.53 -34.99
CA LEU B 473 -31.11 2.18 -35.13
C LEU B 473 -30.21 1.36 -36.05
N HIS B 474 -29.72 1.98 -37.12
CA HIS B 474 -28.84 1.29 -38.06
C HIS B 474 -28.02 2.35 -38.78
N ALA B 475 -26.94 1.90 -39.43
CA ALA B 475 -26.04 2.76 -40.19
C ALA B 475 -26.00 2.22 -41.62
N GLY B 476 -26.70 2.89 -42.53
CA GLY B 476 -26.76 2.43 -43.91
C GLY B 476 -26.96 0.95 -44.03
N SER B 477 -26.18 0.35 -44.90
CA SER B 477 -26.23 -1.09 -45.13
C SER B 477 -25.43 -1.90 -44.11
N TYR B 478 -24.85 -1.26 -43.10
CA TYR B 478 -24.04 -2.03 -42.16
C TYR B 478 -24.91 -3.11 -41.52
N PRO B 479 -24.39 -4.31 -41.37
CA PRO B 479 -25.15 -5.37 -40.68
C PRO B 479 -25.80 -4.88 -39.40
N ARG B 480 -27.07 -5.25 -39.20
CA ARG B 480 -27.84 -4.79 -38.06
C ARG B 480 -27.66 -5.82 -36.96
N THR B 481 -26.63 -5.60 -36.14
CA THR B 481 -26.20 -6.60 -35.18
C THR B 481 -27.21 -6.70 -34.05
N GLU B 482 -27.57 -7.93 -33.71
CA GLU B 482 -28.48 -8.22 -32.61
C GLU B 482 -27.70 -8.52 -31.34
N ARG B 483 -28.35 -8.31 -30.21
CA ARG B 483 -27.88 -8.74 -28.91
C ARG B 483 -29.12 -9.24 -28.17
N ARG B 484 -29.13 -10.52 -27.82
CA ARG B 484 -30.36 -11.20 -27.36
C ARG B 484 -31.46 -11.21 -28.44
N ASN B 485 -31.06 -11.27 -29.72
CA ASN B 485 -31.96 -11.36 -30.87
C ASN B 485 -32.86 -10.14 -31.04
N GLN B 486 -32.49 -8.97 -30.52
CA GLN B 486 -33.35 -7.81 -30.67
C GLN B 486 -32.55 -6.66 -31.26
N LEU B 487 -33.27 -5.72 -31.87
CA LEU B 487 -32.73 -4.45 -32.32
C LEU B 487 -33.32 -3.32 -31.48
N VAL B 488 -32.70 -2.17 -31.55
CA VAL B 488 -33.15 -1.03 -30.78
C VAL B 488 -33.96 -0.15 -31.69
N LEU B 489 -35.22 0.09 -31.31
CA LEU B 489 -36.02 1.10 -31.96
C LEU B 489 -35.42 2.49 -31.78
N ASN B 490 -35.48 3.27 -32.82
CA ASN B 490 -34.91 4.58 -32.81
C ASN B 490 -35.80 5.61 -32.20
N LEU B 491 -35.56 5.93 -30.95
CA LEU B 491 -36.36 6.87 -30.22
C LEU B 491 -36.32 8.35 -30.58
N ALA B 492 -35.44 8.73 -31.45
CA ALA B 492 -35.34 10.03 -32.00
C ALA B 492 -36.41 10.23 -33.05
N LEU B 493 -37.09 9.18 -33.48
CA LEU B 493 -38.18 9.39 -34.44
C LEU B 493 -39.48 9.65 -33.69
N PRO B 494 -40.22 10.71 -34.06
CA PRO B 494 -41.54 10.94 -33.44
C PRO B 494 -42.56 9.83 -33.74
N GLU B 495 -42.46 9.16 -34.90
CA GLU B 495 -43.32 7.99 -35.15
C GLU B 495 -43.07 6.91 -34.10
N VAL B 496 -41.80 6.72 -33.73
CA VAL B 496 -41.43 5.72 -32.73
C VAL B 496 -41.98 6.12 -31.37
N GLN B 497 -41.74 7.37 -30.94
CA GLN B 497 -42.23 7.83 -29.65
C GLN B 497 -43.74 7.71 -29.53
N ASP B 498 -44.47 8.04 -30.58
CA ASP B 498 -45.93 7.97 -30.50
C ASP B 498 -46.39 6.52 -30.49
N PHE B 499 -45.74 5.66 -31.29
CA PHE B 499 -45.99 4.23 -31.20
C PHE B 499 -45.92 3.73 -29.76
N ILE B 500 -44.86 4.12 -29.03
CA ILE B 500 -44.71 3.66 -27.65
C ILE B 500 -45.78 4.28 -26.77
N ILE B 501 -45.97 5.57 -26.84
CA ILE B 501 -46.97 6.21 -26.03
C ILE B 501 -48.33 5.57 -26.19
N ASP B 502 -48.62 5.16 -27.39
CA ASP B 502 -49.83 4.50 -27.75
C ASP B 502 -50.08 3.09 -27.28
N PHE B 503 -49.17 2.18 -27.55
CA PHE B 503 -49.34 0.82 -27.11
C PHE B 503 -49.35 0.76 -25.62
N MET B 504 -48.57 1.61 -24.97
CA MET B 504 -48.56 1.69 -23.51
C MET B 504 -49.86 2.28 -22.97
N THR B 505 -50.38 3.33 -23.62
CA THR B 505 -51.64 3.91 -23.16
C THR B 505 -52.79 2.94 -23.35
N ASN B 506 -52.87 2.28 -24.51
CA ASN B 506 -53.93 1.32 -24.74
C ASN B 506 -53.83 0.14 -23.77
N LEU B 507 -52.60 -0.34 -23.52
CA LEU B 507 -52.41 -1.47 -22.60
C LEU B 507 -52.81 -1.10 -21.16
N LEU B 508 -52.39 0.06 -20.67
CA LEU B 508 -52.72 0.40 -19.29
C LEU B 508 -54.20 0.73 -19.10
N ASN B 509 -54.93 1.03 -20.16
CA ASN B 509 -56.35 1.30 -20.04
C ASN B 509 -57.23 0.09 -20.34
N SER B 510 -56.62 -1.06 -20.69
CA SER B 510 -57.41 -2.24 -20.99
C SER B 510 -57.76 -3.06 -19.75
N ALA B 511 -56.93 -3.02 -18.72
CA ALA B 511 -57.15 -3.81 -17.53
C ALA B 511 -56.74 -3.01 -16.30
N ASP B 512 -56.92 -3.62 -15.12
CA ASP B 512 -56.58 -2.99 -13.84
C ASP B 512 -55.10 -3.19 -13.49
N ILE B 513 -54.24 -2.53 -14.25
CA ILE B 513 -52.79 -2.67 -14.10
C ILE B 513 -52.28 -1.50 -13.26
N SER B 514 -51.68 -1.79 -12.12
CA SER B 514 -51.19 -0.73 -11.23
C SER B 514 -49.68 -0.81 -11.03
N TYR B 515 -48.97 -1.56 -11.86
CA TYR B 515 -47.53 -1.64 -11.76
C TYR B 515 -47.02 -1.99 -13.15
N VAL B 516 -45.96 -1.32 -13.57
CA VAL B 516 -45.27 -1.61 -14.83
C VAL B 516 -43.78 -1.73 -14.56
N LYS B 517 -43.20 -2.86 -14.94
CA LYS B 517 -41.75 -3.01 -15.03
C LYS B 517 -41.32 -2.66 -16.45
N TRP B 518 -40.49 -1.64 -16.59
CA TRP B 518 -40.07 -1.14 -17.90
C TRP B 518 -38.63 -1.57 -18.16
N ASP B 519 -38.43 -2.62 -18.94
CA ASP B 519 -37.14 -3.26 -19.14
C ASP B 519 -36.50 -2.79 -20.45
N ASN B 520 -35.23 -3.17 -20.66
CA ASN B 520 -34.39 -2.70 -21.76
C ASN B 520 -33.11 -3.52 -21.82
N ASN B 521 -33.03 -4.50 -22.70
CA ASN B 521 -32.09 -5.60 -22.53
C ASN B 521 -30.92 -5.60 -23.53
N ARG B 522 -30.46 -4.43 -23.96
CA ARG B 522 -29.23 -4.35 -24.73
C ARG B 522 -28.84 -2.88 -24.87
N GLY B 523 -27.66 -2.65 -25.43
CA GLY B 523 -27.19 -1.31 -25.72
C GLY B 523 -27.30 -0.97 -27.20
N MET B 524 -26.81 0.22 -27.52
CA MET B 524 -26.79 0.72 -28.88
C MET B 524 -25.52 0.29 -29.59
N HIS B 525 -25.63 0.03 -30.89
CA HIS B 525 -24.48 -0.31 -31.69
C HIS B 525 -24.43 0.69 -32.81
N GLU B 526 -24.81 0.30 -34.03
CA GLU B 526 -24.88 1.21 -35.16
C GLU B 526 -25.86 2.35 -34.89
N MET B 527 -25.45 3.58 -35.20
CA MET B 527 -26.32 4.74 -35.07
C MET B 527 -26.37 5.48 -36.41
N PRO B 528 -27.53 6.01 -36.79
CA PRO B 528 -27.61 6.74 -38.07
C PRO B 528 -26.68 7.96 -38.12
N SER B 529 -26.20 8.43 -36.98
CA SER B 529 -25.37 9.62 -36.86
C SER B 529 -25.04 9.83 -35.39
N THR B 530 -24.02 10.64 -35.12
CA THR B 530 -23.67 10.90 -33.73
C THR B 530 -24.74 11.71 -33.01
N ARG B 531 -25.41 12.61 -33.71
CA ARG B 531 -26.49 13.37 -33.09
C ARG B 531 -27.55 12.47 -32.48
N THR B 532 -27.69 11.25 -32.98
CA THR B 532 -28.81 10.41 -32.60
C THR B 532 -28.72 9.93 -31.15
N TYR B 533 -27.51 9.82 -30.58
CA TYR B 533 -27.39 9.41 -29.18
C TYR B 533 -28.18 10.33 -28.26
N HIS B 534 -27.95 11.64 -28.38
CA HIS B 534 -28.65 12.57 -27.50
C HIS B 534 -30.11 12.74 -27.91
N GLU B 535 -30.40 12.73 -29.21
CA GLU B 535 -31.79 12.89 -29.65
C GLU B 535 -32.67 11.74 -29.15
N TYR B 536 -32.13 10.52 -29.20
CA TYR B 536 -32.81 9.37 -28.64
C TYR B 536 -33.27 9.66 -27.23
N MET B 537 -32.38 10.22 -26.39
CA MET B 537 -32.71 10.42 -24.99
C MET B 537 -33.79 11.47 -24.81
N LEU B 538 -33.68 12.59 -25.56
CA LEU B 538 -34.76 13.57 -25.57
C LEU B 538 -36.07 12.92 -25.99
N GLY B 539 -36.00 11.95 -26.90
CA GLY B 539 -37.18 11.17 -27.23
C GLY B 539 -37.63 10.27 -26.09
N LEU B 540 -36.70 9.51 -25.51
CA LEU B 540 -37.07 8.63 -24.39
C LEU B 540 -37.67 9.41 -23.24
N TYR B 541 -37.13 10.61 -22.97
CA TYR B 541 -37.63 11.40 -21.87
C TYR B 541 -39.00 11.97 -22.18
N ARG B 542 -39.28 12.25 -23.45
CA ARG B 542 -40.63 12.66 -23.80
C ARG B 542 -41.62 11.52 -23.52
N VAL B 543 -41.22 10.28 -23.81
CA VAL B 543 -42.09 9.12 -23.60
C VAL B 543 -42.30 8.87 -22.11
N LEU B 544 -41.23 8.96 -21.31
CA LEU B 544 -41.36 8.69 -19.87
C LEU B 544 -42.15 9.78 -19.15
N ASP B 545 -41.95 11.05 -19.55
CA ASP B 545 -42.71 12.15 -18.97
C ASP B 545 -44.20 12.02 -19.29
N THR B 546 -44.52 11.78 -20.56
CA THR B 546 -45.91 11.61 -20.96
C THR B 546 -46.58 10.47 -20.21
N LEU B 547 -45.97 9.28 -20.26
CA LEU B 547 -46.62 8.11 -19.69
C LEU B 547 -46.71 8.18 -18.18
N SER B 548 -45.63 8.58 -17.51
CA SER B 548 -45.69 8.67 -16.06
C SER B 548 -46.69 9.73 -15.59
N ALA B 549 -46.85 10.82 -16.34
CA ALA B 549 -47.87 11.80 -15.96
C ALA B 549 -49.28 11.34 -16.30
N ARG B 550 -49.46 10.55 -17.35
CA ARG B 550 -50.79 10.07 -17.69
C ARG B 550 -51.28 9.02 -16.70
N PHE B 551 -50.37 8.34 -16.02
CA PHE B 551 -50.72 7.27 -15.09
C PHE B 551 -49.93 7.46 -13.80
N PRO B 552 -50.32 8.43 -12.97
CA PRO B 552 -49.57 8.70 -11.73
C PRO B 552 -49.81 7.69 -10.62
N ASP B 553 -50.81 6.82 -10.78
CA ASP B 553 -51.14 5.81 -9.78
C ASP B 553 -50.49 4.47 -10.06
N VAL B 554 -49.84 4.33 -11.21
CA VAL B 554 -49.06 3.15 -11.51
C VAL B 554 -47.74 3.22 -10.75
N LEU B 555 -47.35 2.12 -10.10
CA LEU B 555 -46.00 1.97 -9.55
C LEU B 555 -45.07 1.55 -10.69
N TRP B 556 -44.19 2.45 -11.13
CA TRP B 556 -43.32 2.20 -12.28
C TRP B 556 -41.95 1.75 -11.79
N GLU B 557 -41.43 0.67 -12.35
CA GLU B 557 -40.09 0.18 -11.99
C GLU B 557 -39.19 0.17 -13.22
N GLY B 558 -38.13 0.97 -13.19
CA GLY B 558 -37.12 0.88 -14.22
C GLY B 558 -36.41 -0.47 -14.18
N CYS B 559 -35.90 -0.87 -15.34
CA CYS B 559 -35.06 -2.07 -15.41
C CYS B 559 -34.28 -2.04 -16.71
N ALA B 560 -33.11 -2.64 -16.70
CA ALA B 560 -32.30 -2.71 -17.90
C ALA B 560 -31.32 -3.87 -17.76
N SER B 561 -31.80 -5.10 -17.96
CA SER B 561 -31.08 -6.29 -17.52
C SER B 561 -30.58 -6.09 -16.10
N GLY B 562 -31.43 -5.52 -15.26
CA GLY B 562 -31.01 -5.11 -13.92
C GLY B 562 -30.62 -3.65 -13.90
N GLY B 563 -29.43 -3.36 -13.38
CA GLY B 563 -29.01 -2.01 -13.11
C GLY B 563 -28.34 -1.35 -14.29
N GLY B 564 -28.77 -1.69 -15.51
CA GLY B 564 -28.16 -1.14 -16.70
C GLY B 564 -28.51 0.32 -16.98
N ARG B 565 -29.57 0.84 -16.34
CA ARG B 565 -29.87 2.26 -16.40
C ARG B 565 -30.28 2.70 -15.00
N PHE B 566 -29.39 2.51 -14.04
CA PHE B 566 -29.63 2.92 -12.67
C PHE B 566 -29.03 4.32 -12.47
N ASP B 567 -29.74 5.33 -12.96
CA ASP B 567 -29.24 6.70 -12.88
C ASP B 567 -30.36 7.64 -12.43
N ALA B 568 -29.98 8.84 -12.00
CA ALA B 568 -30.96 9.81 -11.56
C ALA B 568 -31.87 10.28 -12.70
N GLY B 569 -31.48 10.07 -13.96
CA GLY B 569 -32.39 10.40 -15.06
C GLY B 569 -33.66 9.58 -15.02
N ILE B 570 -33.52 8.25 -14.96
CA ILE B 570 -34.68 7.36 -14.83
C ILE B 570 -35.44 7.66 -13.55
N LEU B 571 -34.72 7.87 -12.43
CA LEU B 571 -35.39 7.97 -11.13
C LEU B 571 -36.36 9.14 -11.06
N HIS B 572 -36.08 10.21 -11.82
CA HIS B 572 -37.02 11.33 -11.91
C HIS B 572 -38.43 10.84 -12.25
N TYR B 573 -38.55 9.89 -13.16
CA TYR B 573 -39.83 9.40 -13.64
C TYR B 573 -40.33 8.14 -12.94
N PHE B 574 -39.42 7.23 -12.56
CA PHE B 574 -39.75 5.94 -11.91
C PHE B 574 -39.21 5.90 -10.48
N PRO B 575 -40.04 5.60 -9.48
CA PRO B 575 -39.56 5.60 -8.08
C PRO B 575 -38.64 4.45 -7.73
N GLN B 576 -38.55 3.40 -8.54
CA GLN B 576 -37.65 2.31 -8.19
C GLN B 576 -37.10 1.64 -9.44
N ILE B 577 -36.01 0.91 -9.24
CA ILE B 577 -35.24 0.32 -10.33
C ILE B 577 -34.80 -1.08 -9.90
N TRP B 578 -34.92 -2.03 -10.81
CA TRP B 578 -34.40 -3.36 -10.59
C TRP B 578 -32.88 -3.33 -10.49
N THR B 579 -32.35 -3.65 -9.31
CA THR B 579 -30.94 -3.38 -9.01
C THR B 579 -30.00 -4.29 -9.80
N SER B 580 -30.39 -5.55 -10.03
CA SER B 580 -29.52 -6.49 -10.71
C SER B 580 -30.25 -7.78 -11.00
N ASP B 581 -29.90 -8.41 -12.13
CA ASP B 581 -30.37 -9.76 -12.42
C ASP B 581 -29.75 -10.81 -11.51
N ASN B 582 -28.53 -10.60 -11.03
CA ASN B 582 -28.01 -11.43 -9.95
C ASN B 582 -28.87 -11.31 -8.70
N THR B 583 -29.66 -12.33 -8.38
CA THR B 583 -30.47 -12.35 -7.16
C THR B 583 -29.90 -13.26 -6.07
N ASP B 584 -28.61 -13.57 -6.10
CA ASP B 584 -27.99 -14.36 -5.05
C ASP B 584 -27.72 -13.48 -3.83
N GLY B 585 -28.01 -14.01 -2.64
CA GLY B 585 -27.96 -13.18 -1.44
C GLY B 585 -26.59 -12.60 -1.18
N VAL B 586 -25.53 -13.35 -1.47
CA VAL B 586 -24.19 -12.85 -1.15
C VAL B 586 -23.79 -11.73 -2.12
N ASP B 587 -23.97 -11.94 -3.42
CA ASP B 587 -23.53 -10.95 -4.40
C ASP B 587 -24.36 -9.68 -4.31
N ARG B 588 -25.63 -9.79 -3.93
CA ARG B 588 -26.50 -8.64 -3.75
C ARG B 588 -26.09 -7.76 -2.57
N ILE B 589 -25.43 -8.32 -1.56
CA ILE B 589 -24.92 -7.46 -0.48
C ILE B 589 -23.96 -6.44 -1.07
N THR B 590 -22.99 -6.91 -1.85
CA THR B 590 -22.09 -6.00 -2.55
C THR B 590 -22.85 -5.09 -3.52
N ILE B 591 -23.76 -5.66 -4.30
CA ILE B 591 -24.42 -4.85 -5.31
C ILE B 591 -25.23 -3.73 -4.67
N GLN B 592 -25.89 -4.01 -3.54
CA GLN B 592 -26.75 -3.01 -2.92
C GLN B 592 -25.96 -1.98 -2.12
N PHE B 593 -24.88 -2.41 -1.44
CA PHE B 593 -24.03 -1.44 -0.75
C PHE B 593 -23.37 -0.50 -1.73
N GLY B 594 -23.03 -0.98 -2.92
CA GLY B 594 -22.44 -0.12 -3.92
C GLY B 594 -23.45 0.85 -4.52
N THR B 595 -24.66 0.35 -4.84
CA THR B 595 -25.69 1.22 -5.41
C THR B 595 -26.07 2.32 -4.43
N SER B 596 -26.16 1.97 -3.15
CA SER B 596 -26.57 2.93 -2.13
C SER B 596 -25.57 4.06 -1.97
N LEU B 597 -24.34 3.88 -2.44
CA LEU B 597 -23.36 4.96 -2.41
C LEU B 597 -23.91 6.24 -3.03
N ALA B 598 -24.86 6.12 -3.96
CA ALA B 598 -25.41 7.32 -4.59
C ALA B 598 -26.95 7.36 -4.56
N TYR B 599 -27.61 6.19 -4.50
CA TYR B 599 -29.05 6.22 -4.64
C TYR B 599 -29.73 5.67 -3.39
N PRO B 600 -30.90 6.19 -3.03
CA PRO B 600 -31.51 5.78 -1.77
C PRO B 600 -31.91 4.32 -1.81
N PRO B 601 -31.82 3.62 -0.68
CA PRO B 601 -32.34 2.24 -0.64
C PRO B 601 -33.79 2.11 -1.05
N SER B 602 -34.64 3.12 -0.81
CA SER B 602 -36.04 3.06 -1.21
C SER B 602 -36.19 2.86 -2.73
N THR B 603 -35.12 3.10 -3.45
CA THR B 603 -35.04 3.11 -4.90
C THR B 603 -34.71 1.74 -5.46
N MET B 604 -34.31 0.78 -4.63
CA MET B 604 -33.77 -0.50 -5.08
C MET B 604 -34.80 -1.61 -4.92
N GLY B 605 -35.06 -2.35 -6.00
CA GLY B 605 -35.85 -3.57 -5.91
C GLY B 605 -34.93 -4.73 -5.59
N ALA B 606 -35.44 -5.66 -4.76
CA ALA B 606 -34.68 -6.84 -4.38
C ALA B 606 -35.63 -8.00 -4.12
N HIS B 607 -35.38 -9.14 -4.73
CA HIS B 607 -36.33 -10.26 -4.64
C HIS B 607 -35.65 -11.49 -4.07
N LEU B 608 -36.39 -12.18 -3.21
CA LEU B 608 -35.96 -13.46 -2.69
C LEU B 608 -36.08 -14.48 -3.81
N SER B 609 -34.98 -15.16 -4.14
CA SER B 609 -34.94 -16.11 -5.25
C SER B 609 -34.70 -17.53 -4.74
N ALA B 610 -34.84 -18.48 -5.65
CA ALA B 610 -34.68 -19.89 -5.35
C ALA B 610 -33.21 -20.29 -5.40
N VAL B 611 -32.91 -21.43 -4.78
CA VAL B 611 -31.52 -21.89 -4.71
C VAL B 611 -31.48 -23.33 -5.20
N PRO B 612 -30.38 -23.80 -5.82
CA PRO B 612 -29.19 -23.05 -6.29
C PRO B 612 -29.49 -21.87 -7.23
N ASN B 613 -28.80 -20.76 -6.97
CA ASN B 613 -29.02 -19.55 -7.74
C ASN B 613 -28.74 -19.74 -9.22
N HIS B 614 -29.61 -19.16 -10.06
CA HIS B 614 -29.54 -19.36 -11.50
C HIS B 614 -28.39 -18.61 -12.17
N GLN B 615 -27.75 -17.67 -11.48
CA GLN B 615 -26.62 -16.93 -12.04
C GLN B 615 -25.28 -17.31 -11.43
N THR B 616 -25.25 -17.76 -10.16
CA THR B 616 -23.99 -18.11 -9.49
C THR B 616 -23.86 -19.57 -9.12
N SER B 617 -24.93 -20.35 -9.12
CA SER B 617 -24.96 -21.75 -8.67
C SER B 617 -24.76 -21.89 -7.17
N ARG B 618 -24.70 -20.78 -6.43
CA ARG B 618 -24.53 -20.79 -4.98
C ARG B 618 -25.83 -21.19 -4.29
N THR B 619 -25.70 -21.90 -3.17
CA THR B 619 -26.80 -22.11 -2.23
C THR B 619 -26.54 -21.33 -0.94
N VAL B 620 -27.57 -20.60 -0.48
CA VAL B 620 -27.50 -19.71 0.67
C VAL B 620 -28.81 -19.86 1.44
N PRO B 621 -28.82 -19.81 2.78
CA PRO B 621 -30.07 -20.05 3.51
C PRO B 621 -31.16 -19.00 3.28
N LEU B 622 -32.42 -19.45 3.41
CA LEU B 622 -33.57 -18.64 3.07
C LEU B 622 -33.63 -17.35 3.90
N GLU B 623 -33.43 -17.47 5.21
CA GLU B 623 -33.51 -16.29 6.06
C GLU B 623 -32.44 -15.28 5.66
N PHE B 624 -31.26 -15.76 5.25
CA PHE B 624 -30.19 -14.89 4.77
C PHE B 624 -30.55 -14.19 3.46
N ARG B 625 -31.16 -14.94 2.51
CA ARG B 625 -31.65 -14.30 1.29
C ARG B 625 -32.71 -13.26 1.58
N ALA B 626 -33.73 -13.64 2.37
CA ALA B 626 -34.80 -12.72 2.70
C ALA B 626 -34.27 -11.45 3.36
N HIS B 627 -33.34 -11.60 4.31
CA HIS B 627 -32.80 -10.43 4.99
C HIS B 627 -32.05 -9.52 4.03
N VAL B 628 -31.30 -10.07 3.08
CA VAL B 628 -30.60 -9.20 2.14
C VAL B 628 -31.61 -8.38 1.32
N ALA B 629 -32.75 -9.00 0.97
CA ALA B 629 -33.76 -8.34 0.17
C ALA B 629 -34.55 -7.27 0.92
N MET B 630 -34.57 -7.31 2.25
CA MET B 630 -35.30 -6.29 3.00
C MET B 630 -34.59 -4.95 3.03
N MET B 631 -33.31 -4.91 2.67
CA MET B 631 -32.64 -3.63 2.50
C MET B 631 -33.03 -2.92 1.22
N GLY B 632 -33.82 -3.55 0.35
CA GLY B 632 -34.39 -2.87 -0.80
C GLY B 632 -35.75 -2.24 -0.54
N GLY B 633 -36.01 -1.15 -1.25
CA GLY B 633 -37.29 -0.47 -1.09
C GLY B 633 -38.47 -1.34 -1.51
N SER B 634 -38.35 -2.04 -2.64
CA SER B 634 -39.41 -2.91 -3.10
C SER B 634 -38.93 -4.34 -2.89
N PHE B 635 -39.39 -4.94 -1.79
CA PHE B 635 -39.12 -6.34 -1.49
C PHE B 635 -40.08 -7.22 -2.29
N GLY B 636 -39.62 -8.40 -2.66
CA GLY B 636 -40.51 -9.33 -3.31
C GLY B 636 -39.93 -10.73 -3.35
N LEU B 637 -40.68 -11.62 -4.01
CA LEU B 637 -40.27 -12.99 -4.27
C LEU B 637 -40.18 -13.21 -5.78
N GLU B 638 -39.10 -13.83 -6.22
CA GLU B 638 -38.94 -14.24 -7.61
C GLU B 638 -38.73 -15.75 -7.65
N LEU B 639 -39.79 -16.50 -7.38
CA LEU B 639 -39.69 -17.95 -7.38
C LEU B 639 -41.05 -18.62 -7.32
N ASP B 640 -41.13 -19.82 -7.90
CA ASP B 640 -42.37 -20.60 -7.93
C ASP B 640 -42.83 -20.83 -6.49
N PRO B 641 -43.99 -20.29 -6.09
CA PRO B 641 -44.43 -20.45 -4.69
C PRO B 641 -44.68 -21.90 -4.25
N ALA B 642 -44.69 -22.88 -5.15
CA ALA B 642 -44.77 -24.25 -4.66
C ALA B 642 -43.39 -24.79 -4.22
N THR B 643 -42.31 -24.41 -4.93
CA THR B 643 -40.97 -24.94 -4.60
C THR B 643 -40.51 -24.61 -3.19
N LEU B 644 -41.23 -23.73 -2.47
CA LEU B 644 -40.89 -23.41 -1.09
C LEU B 644 -41.67 -24.34 -0.17
N GLN B 645 -40.95 -24.92 0.79
CA GLN B 645 -41.45 -25.98 1.67
C GLN B 645 -42.04 -25.44 2.97
N ASP B 646 -41.53 -24.31 3.47
CA ASP B 646 -41.92 -23.75 4.76
C ASP B 646 -42.81 -22.53 4.56
N ASP B 647 -44.08 -22.79 4.25
CA ASP B 647 -45.06 -21.71 4.14
C ASP B 647 -45.11 -20.80 5.38
N PRO B 648 -44.99 -21.30 6.63
CA PRO B 648 -44.93 -20.37 7.78
C PRO B 648 -43.69 -19.49 7.79
N GLU B 649 -42.52 -20.08 7.50
CA GLU B 649 -41.29 -19.30 7.50
C GLU B 649 -41.34 -18.15 6.49
N VAL B 650 -41.90 -18.41 5.29
CA VAL B 650 -41.97 -17.30 4.36
C VAL B 650 -43.13 -16.38 4.68
N ARG B 651 -44.14 -16.82 5.42
CA ARG B 651 -45.16 -15.86 5.82
C ARG B 651 -44.66 -14.99 6.94
N ARG B 652 -43.85 -15.57 7.83
CA ARG B 652 -43.19 -14.80 8.86
C ARG B 652 -42.25 -13.76 8.24
N LEU B 653 -41.46 -14.18 7.24
CA LEU B 653 -40.50 -13.28 6.62
C LEU B 653 -41.18 -12.13 5.88
N ILE B 654 -42.31 -12.38 5.23
CA ILE B 654 -43.01 -11.29 4.54
C ILE B 654 -43.50 -10.26 5.56
N LYS B 655 -44.03 -10.73 6.70
CA LYS B 655 -44.42 -9.82 7.76
C LYS B 655 -43.23 -9.01 8.27
N LEU B 656 -42.08 -9.66 8.47
CA LEU B 656 -40.87 -8.92 8.83
C LEU B 656 -40.52 -7.90 7.76
N ALA B 657 -40.68 -8.26 6.49
CA ALA B 657 -40.36 -7.34 5.41
C ALA B 657 -41.23 -6.09 5.48
N GLU B 658 -42.54 -6.27 5.67
CA GLU B 658 -43.43 -5.13 5.80
C GLU B 658 -43.15 -4.33 7.06
N LYS B 659 -42.53 -4.93 8.07
CA LYS B 659 -42.20 -4.18 9.27
C LYS B 659 -41.00 -3.27 9.05
N VAL B 660 -39.97 -3.76 8.35
CA VAL B 660 -38.78 -2.94 8.12
C VAL B 660 -38.97 -1.91 7.01
N ASN B 661 -39.90 -2.15 6.08
CA ASN B 661 -40.04 -1.29 4.90
C ASN B 661 -40.14 0.20 5.19
N PRO B 662 -40.94 0.68 6.16
CA PRO B 662 -40.99 2.14 6.40
C PRO B 662 -39.64 2.76 6.74
N LEU B 663 -38.79 2.04 7.47
CA LEU B 663 -37.47 2.57 7.80
C LEU B 663 -36.54 2.57 6.60
N VAL B 664 -36.73 1.65 5.65
CA VAL B 664 -35.88 1.64 4.47
C VAL B 664 -36.33 2.72 3.51
N ILE B 665 -37.64 2.94 3.40
CA ILE B 665 -38.18 3.96 2.52
C ILE B 665 -37.83 5.37 3.01
N ASN B 666 -38.11 5.68 4.28
CA ASN B 666 -37.94 7.05 4.77
C ASN B 666 -36.68 7.28 5.60
N GLY B 667 -35.93 6.23 5.91
CA GLY B 667 -34.87 6.33 6.89
C GLY B 667 -33.58 6.88 6.32
N ASP B 668 -32.59 6.99 7.20
CA ASP B 668 -31.26 7.44 6.86
C ASP B 668 -30.32 6.24 6.92
N LEU B 669 -29.60 5.99 5.80
CA LEU B 669 -28.70 4.84 5.71
C LEU B 669 -27.35 5.15 6.35
N TYR B 670 -26.93 4.27 7.27
CA TYR B 670 -25.58 4.30 7.85
C TYR B 670 -24.91 2.97 7.53
N ARG B 671 -24.05 2.96 6.52
CA ARG B 671 -23.27 1.75 6.23
C ARG B 671 -22.19 1.61 7.30
N LEU B 672 -22.39 0.66 8.21
CA LEU B 672 -21.52 0.50 9.38
C LEU B 672 -20.24 -0.25 9.06
N ARG B 673 -20.33 -1.29 8.23
CA ARG B 673 -19.16 -2.09 7.86
C ARG B 673 -19.34 -2.51 6.42
N LEU B 674 -18.35 -2.19 5.54
CA LEU B 674 -18.52 -2.42 4.10
C LEU B 674 -18.22 -3.87 3.76
N PRO B 675 -18.94 -4.46 2.78
CA PRO B 675 -18.62 -5.83 2.35
C PRO B 675 -17.28 -5.93 1.65
N GLU B 676 -16.69 -4.81 1.25
CA GLU B 676 -15.36 -4.83 0.68
C GLU B 676 -14.27 -4.82 1.74
N GLU B 677 -14.59 -4.39 2.96
CA GLU B 677 -13.63 -4.29 4.05
C GLU B 677 -13.48 -5.57 4.86
N SER B 678 -14.50 -6.42 4.89
CA SER B 678 -14.48 -7.59 5.77
C SER B 678 -15.63 -8.52 5.39
N GLN B 679 -15.72 -9.65 6.09
CA GLN B 679 -16.80 -10.61 5.91
C GLN B 679 -18.01 -10.34 6.83
N TRP B 680 -18.05 -9.20 7.51
CA TRP B 680 -19.19 -8.87 8.37
C TRP B 680 -19.77 -7.51 7.99
N PRO B 681 -20.31 -7.37 6.78
CA PRO B 681 -20.94 -6.09 6.41
C PRO B 681 -22.18 -5.85 7.26
N ALA B 682 -22.52 -4.57 7.39
CA ALA B 682 -23.62 -4.21 8.27
C ALA B 682 -24.11 -2.79 7.96
N ALA B 683 -25.43 -2.63 7.88
CA ALA B 683 -26.04 -1.33 7.62
C ALA B 683 -27.12 -1.05 8.66
N LEU B 684 -27.30 0.21 8.98
CA LEU B 684 -28.27 0.63 9.96
C LEU B 684 -29.14 1.71 9.35
N PHE B 685 -30.45 1.61 9.58
CA PHE B 685 -31.43 2.54 9.02
C PHE B 685 -32.06 3.29 10.18
N VAL B 686 -31.82 4.58 10.28
CA VAL B 686 -32.34 5.37 11.38
C VAL B 686 -33.49 6.22 10.87
N ALA B 687 -34.63 6.15 11.56
CA ALA B 687 -35.76 6.98 11.20
C ALA B 687 -35.39 8.46 11.25
N GLU B 688 -35.90 9.19 10.27
CA GLU B 688 -35.89 10.65 10.13
C GLU B 688 -35.83 11.37 11.49
N ASP B 689 -36.75 11.02 12.40
CA ASP B 689 -36.94 11.65 13.72
C ASP B 689 -36.10 11.02 14.83
N GLY B 690 -35.40 9.91 14.55
CA GLY B 690 -34.53 9.24 15.50
C GLY B 690 -35.21 8.23 16.40
N SER B 691 -36.51 7.99 16.23
CA SER B 691 -37.29 7.22 17.19
C SER B 691 -37.22 5.72 16.98
N GLN B 692 -36.86 5.24 15.78
CA GLN B 692 -36.67 3.82 15.53
C GLN B 692 -35.47 3.62 14.61
N ALA B 693 -34.99 2.39 14.58
CA ALA B 693 -33.88 2.02 13.71
C ALA B 693 -33.90 0.51 13.52
N VAL B 694 -33.22 0.05 12.48
CA VAL B 694 -33.11 -1.37 12.22
C VAL B 694 -31.68 -1.65 11.80
N LEU B 695 -31.07 -2.69 12.36
CA LEU B 695 -29.70 -3.05 12.04
C LEU B 695 -29.69 -4.34 11.21
N PHE B 696 -29.13 -4.27 10.02
CA PHE B 696 -28.84 -5.48 9.25
C PHE B 696 -27.40 -5.86 9.49
N TYR B 697 -27.17 -7.09 9.92
CA TYR B 697 -25.83 -7.57 10.19
C TYR B 697 -25.65 -8.90 9.49
N PHE B 698 -24.52 -9.09 8.84
CA PHE B 698 -24.32 -10.27 8.02
C PHE B 698 -22.97 -10.91 8.32
N GLN B 699 -22.90 -12.23 8.25
CA GLN B 699 -21.63 -12.94 8.23
C GLN B 699 -21.56 -13.74 6.94
N VAL B 700 -20.61 -13.41 6.06
CA VAL B 700 -20.62 -13.99 4.73
C VAL B 700 -19.83 -15.29 4.68
N GLY B 701 -18.54 -15.26 4.92
CA GLY B 701 -17.84 -16.51 5.03
C GLY B 701 -18.23 -17.27 6.30
N PRO B 702 -17.71 -18.48 6.46
CA PRO B 702 -17.68 -19.09 7.79
C PRO B 702 -16.54 -18.51 8.60
N ASN B 703 -16.73 -18.45 9.92
CA ASN B 703 -15.73 -17.86 10.80
C ASN B 703 -15.32 -18.90 11.84
N VAL B 704 -14.48 -19.84 11.43
CA VAL B 704 -14.22 -20.99 12.27
C VAL B 704 -13.13 -20.65 13.27
N ASN B 705 -13.41 -20.91 14.54
CA ASN B 705 -12.45 -20.81 15.64
C ASN B 705 -11.74 -19.46 15.66
N HIS B 706 -12.54 -18.39 15.78
CA HIS B 706 -12.00 -17.05 15.74
C HIS B 706 -12.96 -16.09 16.43
N ALA B 707 -12.41 -15.04 17.02
CA ALA B 707 -13.24 -13.98 17.58
C ALA B 707 -14.09 -13.35 16.49
N ALA B 708 -15.24 -12.77 16.91
CA ALA B 708 -16.05 -11.99 15.97
C ALA B 708 -15.91 -10.49 16.28
N PRO B 709 -16.07 -9.61 15.30
CA PRO B 709 -15.94 -8.18 15.59
C PRO B 709 -17.16 -7.66 16.35
N TRP B 710 -17.03 -6.43 16.80
CA TRP B 710 -18.18 -5.68 17.30
C TRP B 710 -18.66 -4.75 16.22
N VAL B 711 -19.98 -4.60 16.10
CA VAL B 711 -20.54 -3.62 15.18
C VAL B 711 -20.98 -2.41 15.99
N ARG B 712 -20.33 -1.28 15.75
CA ARG B 712 -20.68 -0.05 16.44
C ARG B 712 -21.69 0.70 15.59
N LEU B 713 -22.71 1.23 16.24
CA LEU B 713 -23.76 1.94 15.56
C LEU B 713 -23.37 3.41 15.40
N GLN B 714 -24.17 4.14 14.64
CA GLN B 714 -24.00 5.58 14.54
C GLN B 714 -25.33 6.18 14.14
N GLY B 715 -25.40 7.51 14.17
CA GLY B 715 -26.65 8.17 13.89
C GLY B 715 -27.67 8.17 15.01
N LEU B 716 -27.28 7.75 16.20
CA LEU B 716 -28.17 7.76 17.37
C LEU B 716 -27.90 8.96 18.26
N ASP B 717 -28.79 9.13 19.25
CA ASP B 717 -28.64 10.16 20.26
C ASP B 717 -27.78 9.61 21.40
N PRO B 718 -26.56 10.12 21.61
CA PRO B 718 -25.68 9.54 22.65
C PRO B 718 -26.33 9.45 24.03
N GLU B 719 -27.15 10.43 24.41
CA GLU B 719 -27.74 10.48 25.74
C GLU B 719 -29.16 9.90 25.80
N ALA B 720 -29.61 9.21 24.78
CA ALA B 720 -30.92 8.58 24.78
C ALA B 720 -30.79 7.09 25.08
N ARG B 721 -31.89 6.47 25.46
CA ARG B 721 -31.91 5.04 25.71
C ARG B 721 -32.68 4.34 24.60
N TYR B 722 -32.17 3.20 24.16
CA TYR B 722 -32.79 2.46 23.06
C TYR B 722 -33.01 1.04 23.52
N THR B 723 -34.20 0.51 23.28
CA THR B 723 -34.46 -0.89 23.56
C THR B 723 -34.17 -1.70 22.30
N VAL B 724 -33.43 -2.79 22.47
CA VAL B 724 -32.94 -3.60 21.37
C VAL B 724 -33.79 -4.86 21.30
N ASP B 725 -34.61 -4.96 20.25
CA ASP B 725 -35.43 -6.15 19.97
C ASP B 725 -36.36 -6.48 21.13
N GLY B 726 -36.86 -5.45 21.80
CA GLY B 726 -37.83 -5.61 22.87
C GLY B 726 -37.27 -6.13 24.18
N ASN B 727 -35.95 -6.16 24.35
CA ASN B 727 -35.35 -6.73 25.55
C ASN B 727 -34.46 -5.73 26.28
N ALA B 728 -33.14 -5.92 26.16
CA ALA B 728 -32.18 -5.06 26.83
C ALA B 728 -32.27 -3.62 26.33
N THR B 729 -32.01 -2.69 27.24
CA THR B 729 -32.07 -1.26 26.95
C THR B 729 -30.69 -0.66 27.19
N TYR B 730 -30.19 0.10 26.22
CA TYR B 730 -28.85 0.65 26.27
C TYR B 730 -28.87 2.14 25.97
N LYS B 731 -27.89 2.86 26.51
CA LYS B 731 -27.71 4.25 26.09
C LYS B 731 -27.18 4.29 24.66
N GLY B 732 -27.45 5.40 23.97
CA GLY B 732 -26.90 5.57 22.63
C GLY B 732 -25.37 5.56 22.61
N ALA B 733 -24.74 6.20 23.60
CA ALA B 733 -23.28 6.25 23.59
C ALA B 733 -22.69 4.86 23.58
N THR B 734 -23.22 3.96 24.42
CA THR B 734 -22.75 2.58 24.47
C THR B 734 -22.94 1.89 23.12
N LEU B 735 -24.14 1.99 22.54
CA LEU B 735 -24.39 1.34 21.26
C LEU B 735 -23.46 1.86 20.18
N MET B 736 -23.08 3.14 20.24
CA MET B 736 -22.21 3.73 19.24
C MET B 736 -20.73 3.58 19.54
N ASN B 737 -20.35 3.55 20.83
CA ASN B 737 -18.96 3.54 21.22
C ASN B 737 -18.43 2.17 21.56
N LEU B 738 -19.29 1.24 21.94
CA LEU B 738 -18.89 -0.13 22.18
C LEU B 738 -19.61 -1.09 21.26
N GLY B 739 -20.91 -0.90 21.05
CA GLY B 739 -21.62 -1.63 20.03
C GLY B 739 -22.05 -2.99 20.53
N LEU B 740 -22.44 -3.80 19.56
CA LEU B 740 -22.98 -5.13 19.81
C LEU B 740 -22.09 -6.17 19.16
N GLN B 741 -22.22 -7.40 19.61
CA GLN B 741 -21.46 -8.48 19.02
C GLN B 741 -22.32 -9.72 18.86
N PHE B 742 -22.31 -10.30 17.66
CA PHE B 742 -23.07 -11.49 17.32
C PHE B 742 -22.12 -12.60 16.87
N THR B 743 -22.36 -13.81 17.36
CA THR B 743 -21.66 -14.98 16.86
C THR B 743 -22.67 -15.87 16.13
N PHE B 744 -22.15 -16.71 15.25
CA PHE B 744 -22.94 -17.68 14.50
C PHE B 744 -22.13 -18.97 14.42
N ASP B 745 -22.83 -20.09 14.31
CA ASP B 745 -22.16 -21.33 13.94
C ASP B 745 -22.76 -21.90 12.65
N SER B 746 -22.66 -21.13 11.56
CA SER B 746 -23.06 -21.58 10.24
C SER B 746 -22.08 -21.04 9.22
N GLU B 747 -22.29 -21.43 7.96
CA GLU B 747 -21.56 -20.83 6.87
C GLU B 747 -22.04 -19.40 6.60
N TYR B 748 -23.36 -19.17 6.62
CA TYR B 748 -23.92 -17.84 6.48
C TYR B 748 -24.73 -17.51 7.71
N GLY B 749 -24.67 -16.25 8.12
CA GLY B 749 -25.47 -15.76 9.23
C GLY B 749 -25.99 -14.38 8.90
N SER B 750 -27.17 -14.07 9.44
CA SER B 750 -27.71 -12.73 9.32
C SER B 750 -28.55 -12.45 10.56
N LYS B 751 -28.69 -11.15 10.86
CA LYS B 751 -29.58 -10.70 11.92
C LYS B 751 -30.22 -9.39 11.51
N VAL B 752 -31.50 -9.23 11.85
CA VAL B 752 -32.24 -7.98 11.70
C VAL B 752 -32.75 -7.58 13.08
N VAL B 753 -32.21 -6.49 13.61
CA VAL B 753 -32.45 -6.08 14.98
C VAL B 753 -33.13 -4.72 15.00
N PHE B 754 -34.16 -4.58 15.83
CA PHE B 754 -34.91 -3.33 15.94
C PHE B 754 -34.50 -2.55 17.18
N LEU B 755 -34.49 -1.23 17.06
CA LEU B 755 -34.24 -0.36 18.20
C LEU B 755 -35.37 0.63 18.29
N GLU B 756 -35.84 0.90 19.50
CA GLU B 756 -36.84 1.92 19.76
C GLU B 756 -36.28 2.91 20.76
N LYS B 757 -36.36 4.17 20.46
CA LYS B 757 -35.91 5.13 21.38
C LYS B 757 -36.80 5.01 22.56
N GLN B 758 -36.16 4.77 23.69
CA GLN B 758 -36.70 4.92 25.03
C GLN B 758 -37.72 3.86 25.44
N ASN C 43 13.37 -15.24 -41.21
CA ASN C 43 12.45 -16.14 -40.52
C ASN C 43 11.76 -15.46 -39.34
N ALA C 44 11.85 -14.13 -39.28
CA ALA C 44 11.28 -13.41 -38.15
C ALA C 44 9.76 -13.31 -38.23
N ILE C 45 9.21 -13.38 -39.43
CA ILE C 45 7.76 -13.33 -39.64
C ILE C 45 7.34 -14.66 -40.23
N VAL C 46 6.52 -15.41 -39.50
CA VAL C 46 5.99 -16.70 -39.94
C VAL C 46 4.49 -16.51 -40.19
N VAL C 47 4.03 -16.93 -41.35
CA VAL C 47 2.62 -16.86 -41.71
C VAL C 47 2.15 -18.28 -41.98
N ASP C 48 1.01 -18.64 -41.40
CA ASP C 48 0.37 -19.95 -41.57
C ASP C 48 -1.11 -19.68 -41.74
N GLY C 49 -1.59 -19.73 -42.99
CA GLY C 49 -2.96 -19.40 -43.25
C GLY C 49 -3.20 -17.94 -42.88
N THR C 50 -4.18 -17.71 -42.02
CA THR C 50 -4.46 -16.35 -41.55
C THR C 50 -3.88 -16.09 -40.16
N THR C 51 -2.90 -16.88 -39.72
CA THR C 51 -2.17 -16.65 -38.49
C THR C 51 -0.86 -15.92 -38.81
N PHE C 52 -0.63 -14.79 -38.14
CA PHE C 52 0.60 -14.03 -38.31
C PHE C 52 1.43 -14.10 -37.03
N ALA C 53 2.71 -14.47 -37.17
CA ALA C 53 3.62 -14.57 -36.02
C ALA C 53 4.88 -13.76 -36.28
N LEU C 54 5.23 -12.91 -35.32
CA LEU C 54 6.40 -12.05 -35.37
C LEU C 54 7.33 -12.47 -34.24
N HIS C 55 8.53 -12.94 -34.57
CA HIS C 55 9.43 -13.55 -33.59
C HIS C 55 10.69 -12.74 -33.44
N GLY C 56 11.12 -12.54 -32.19
CA GLY C 56 12.40 -11.97 -31.89
C GLY C 56 13.27 -12.94 -31.12
N ALA C 57 14.37 -12.41 -30.58
CA ALA C 57 15.26 -13.24 -29.77
C ALA C 57 14.49 -13.88 -28.62
N GLY C 58 13.81 -13.04 -27.83
CA GLY C 58 12.99 -13.56 -26.74
C GLY C 58 11.59 -13.03 -26.71
N MET C 59 11.05 -12.67 -27.86
CA MET C 59 9.73 -12.07 -27.95
C MET C 59 8.95 -12.75 -29.06
N SER C 60 7.65 -12.94 -28.85
CA SER C 60 6.75 -13.36 -29.92
C SER C 60 5.50 -12.51 -29.86
N TYR C 61 4.96 -12.23 -31.05
CA TYR C 61 3.77 -11.41 -31.22
C TYR C 61 2.93 -12.15 -32.24
N VAL C 62 1.80 -12.72 -31.81
CA VAL C 62 1.02 -13.64 -32.63
C VAL C 62 -0.42 -13.17 -32.68
N PHE C 63 -0.94 -12.97 -33.89
CA PHE C 63 -2.35 -12.64 -34.05
C PHE C 63 -2.86 -13.35 -35.28
N HIS C 64 -4.16 -13.26 -35.52
CA HIS C 64 -4.74 -13.95 -36.66
C HIS C 64 -6.00 -13.22 -37.11
N ALA C 65 -6.37 -13.46 -38.37
CA ALA C 65 -7.63 -12.97 -38.92
C ALA C 65 -8.70 -14.03 -38.75
N ASN C 66 -9.82 -13.65 -38.13
CA ASN C 66 -10.95 -14.56 -37.95
C ASN C 66 -11.73 -14.65 -39.25
N THR C 67 -11.72 -15.85 -39.84
CA THR C 67 -12.25 -16.09 -41.17
C THR C 67 -13.72 -15.70 -41.30
N THR C 68 -14.48 -15.80 -40.19
CA THR C 68 -15.92 -15.59 -40.14
C THR C 68 -16.29 -14.13 -39.94
N THR C 69 -15.57 -13.41 -39.07
CA THR C 69 -15.89 -12.03 -38.74
C THR C 69 -15.02 -11.02 -39.49
N GLY C 70 -13.88 -11.45 -40.05
CA GLY C 70 -12.93 -10.55 -40.66
C GLY C 70 -12.02 -9.83 -39.69
N ASP C 71 -12.22 -10.01 -38.38
CA ASP C 71 -11.52 -9.25 -37.36
C ASP C 71 -10.13 -9.81 -37.12
N LEU C 72 -9.20 -8.91 -36.82
CA LEU C 72 -7.84 -9.25 -36.40
C LEU C 72 -7.79 -9.47 -34.90
N ILE C 73 -7.49 -10.69 -34.47
CA ILE C 73 -7.52 -11.07 -33.06
C ILE C 73 -6.09 -11.32 -32.56
N THR C 74 -5.77 -10.78 -31.39
CA THR C 74 -4.47 -11.00 -30.77
C THR C 74 -4.48 -12.31 -30.00
N ASP C 75 -3.38 -13.05 -30.08
CA ASP C 75 -3.19 -14.27 -29.31
C ASP C 75 -2.11 -14.15 -28.25
N HIS C 76 -0.99 -13.50 -28.58
CA HIS C 76 0.11 -13.45 -27.65
C HIS C 76 1.04 -12.29 -27.98
N TYR C 77 1.40 -11.51 -26.97
CA TYR C 77 2.45 -10.49 -27.06
C TYR C 77 3.25 -10.65 -25.78
N GLY C 78 4.31 -11.46 -25.85
CA GLY C 78 5.13 -11.75 -24.68
C GLY C 78 6.37 -12.53 -25.05
N ALA C 79 6.89 -13.33 -24.11
CA ALA C 79 8.09 -14.11 -24.39
C ALA C 79 7.83 -15.11 -25.52
N SER C 80 8.92 -15.72 -25.98
CA SER C 80 8.86 -16.54 -27.19
C SER C 80 7.88 -17.70 -27.06
N VAL C 81 7.07 -17.89 -28.10
CA VAL C 81 6.29 -19.09 -28.31
C VAL C 81 6.65 -19.62 -29.69
N SER C 82 6.29 -20.88 -29.94
CA SER C 82 6.44 -21.48 -31.25
C SER C 82 5.56 -22.71 -31.28
N GLY C 83 5.29 -23.20 -32.49
CA GLY C 83 4.40 -24.34 -32.64
C GLY C 83 2.94 -23.97 -32.47
N ALA C 84 2.16 -24.98 -32.10
CA ALA C 84 0.73 -24.80 -31.87
C ALA C 84 0.48 -23.95 -30.64
N LEU C 85 -0.49 -23.02 -30.74
CA LEU C 85 -0.82 -22.22 -29.57
C LEU C 85 -2.16 -22.63 -29.01
N PRO C 86 -2.32 -22.68 -27.69
CA PRO C 86 -3.62 -23.04 -27.12
C PRO C 86 -4.65 -21.97 -27.43
N SER C 87 -5.85 -22.41 -27.74
CA SER C 87 -6.82 -21.35 -27.97
C SER C 87 -7.70 -21.14 -26.74
N PRO C 88 -8.11 -19.90 -26.49
CA PRO C 88 -9.04 -19.64 -25.38
C PRO C 88 -10.35 -20.38 -25.58
N PRO C 89 -10.84 -21.07 -24.56
CA PRO C 89 -12.22 -21.60 -24.61
C PRO C 89 -13.20 -20.46 -24.84
N GLU C 90 -14.30 -20.77 -25.52
CA GLU C 90 -15.18 -19.69 -25.96
C GLU C 90 -15.98 -19.15 -24.78
N PRO C 91 -16.05 -17.83 -24.59
CA PRO C 91 -16.75 -17.30 -23.43
C PRO C 91 -18.25 -17.38 -23.60
N VAL C 92 -18.95 -17.49 -22.48
CA VAL C 92 -20.41 -17.44 -22.49
C VAL C 92 -20.86 -15.97 -22.45
N VAL C 93 -21.84 -15.63 -23.28
CA VAL C 93 -22.25 -14.26 -23.46
C VAL C 93 -23.58 -14.06 -22.73
N ASN C 94 -23.58 -13.09 -21.82
CA ASN C 94 -24.75 -12.70 -21.05
C ASN C 94 -24.70 -11.19 -20.82
N GLY C 95 -25.84 -10.52 -20.92
CA GLY C 95 -25.85 -9.08 -20.75
C GLY C 95 -25.74 -8.30 -22.05
N TRP C 96 -25.15 -7.11 -22.02
CA TRP C 96 -25.08 -6.30 -23.23
C TRP C 96 -23.80 -6.52 -24.00
N VAL C 97 -22.78 -7.09 -23.40
CA VAL C 97 -21.45 -7.23 -24.00
C VAL C 97 -21.41 -8.53 -24.79
N GLY C 98 -21.47 -8.43 -26.12
CA GLY C 98 -21.39 -9.60 -26.97
C GLY C 98 -19.97 -10.10 -27.12
N MET C 99 -19.82 -11.10 -27.99
CA MET C 99 -18.53 -11.74 -28.23
C MET C 99 -17.45 -10.74 -28.63
N ILE C 100 -17.82 -9.71 -29.38
CA ILE C 100 -16.83 -8.75 -29.83
C ILE C 100 -16.21 -8.01 -28.64
N GLY C 101 -16.92 -7.92 -27.51
CA GLY C 101 -16.44 -7.25 -26.32
C GLY C 101 -15.63 -8.13 -25.40
N ARG C 102 -15.51 -9.40 -25.73
CA ARG C 102 -14.80 -10.36 -24.90
C ARG C 102 -13.52 -10.86 -25.57
N THR C 103 -13.21 -10.39 -26.77
CA THR C 103 -12.04 -10.84 -27.51
C THR C 103 -10.92 -9.80 -27.43
N ARG C 104 -9.73 -10.22 -27.78
CA ARG C 104 -8.56 -9.35 -27.84
C ARG C 104 -8.37 -8.90 -29.28
N ARG C 105 -8.59 -7.61 -29.55
CA ARG C 105 -8.63 -7.07 -30.91
C ARG C 105 -7.40 -6.23 -31.23
N GLU C 106 -6.91 -6.34 -32.48
CA GLU C 106 -5.73 -5.65 -33.00
C GLU C 106 -6.03 -4.23 -33.48
N PHE C 107 -7.19 -4.03 -34.10
CA PHE C 107 -7.59 -2.73 -34.64
C PHE C 107 -9.06 -2.47 -34.33
N PRO C 108 -9.39 -2.24 -33.05
CA PRO C 108 -10.81 -2.15 -32.66
C PRO C 108 -11.47 -0.86 -33.14
N ASP C 109 -12.67 -1.02 -33.69
CA ASP C 109 -13.59 0.07 -33.92
C ASP C 109 -14.65 0.04 -32.82
N GLN C 110 -15.43 1.10 -32.76
CA GLN C 110 -16.61 1.17 -31.92
C GLN C 110 -17.83 1.34 -32.80
N GLY C 111 -18.99 1.03 -32.24
CA GLY C 111 -20.23 1.19 -32.95
C GLY C 111 -20.78 -0.07 -33.56
N ARG C 112 -20.17 -1.22 -33.28
CA ARG C 112 -20.73 -2.49 -33.75
C ARG C 112 -20.91 -3.48 -32.61
N GLY C 113 -20.86 -3.01 -31.36
CA GLY C 113 -21.06 -3.86 -30.21
C GLY C 113 -19.91 -3.88 -29.22
N ASP C 114 -18.70 -3.48 -29.62
CA ASP C 114 -17.60 -3.34 -28.67
C ASP C 114 -17.65 -1.96 -28.01
N PHE C 115 -17.95 -1.94 -26.72
CA PHE C 115 -18.06 -0.69 -25.98
C PHE C 115 -16.73 -0.17 -25.46
N ARG C 116 -15.61 -0.81 -25.78
CA ARG C 116 -14.33 -0.38 -25.23
C ARG C 116 -13.73 0.76 -26.08
N ILE C 117 -12.72 1.43 -25.55
CA ILE C 117 -12.13 2.58 -26.26
C ILE C 117 -11.57 2.09 -27.61
N PRO C 118 -11.85 2.78 -28.71
CA PRO C 118 -11.47 2.27 -30.03
C PRO C 118 -10.11 2.78 -30.49
N ALA C 119 -9.54 2.07 -31.47
CA ALA C 119 -8.30 2.49 -32.10
C ALA C 119 -8.51 3.38 -33.32
N VAL C 120 -9.75 3.50 -33.81
CA VAL C 120 -10.07 4.28 -35.00
C VAL C 120 -11.52 4.73 -34.92
N ARG C 121 -11.77 5.91 -35.43
CA ARG C 121 -13.13 6.42 -35.57
C ARG C 121 -13.16 7.19 -36.87
N ILE C 122 -14.12 6.87 -37.73
CA ILE C 122 -14.25 7.48 -39.06
C ILE C 122 -15.69 7.94 -39.23
N ARG C 123 -15.87 9.22 -39.55
CA ARG C 123 -17.18 9.71 -39.96
C ARG C 123 -17.28 9.47 -41.46
N GLN C 124 -18.21 8.60 -41.85
CA GLN C 124 -18.40 8.25 -43.25
C GLN C 124 -19.11 9.39 -44.00
N THR C 125 -19.13 9.30 -45.32
CA THR C 125 -19.71 10.39 -46.12
C THR C 125 -21.19 10.59 -45.81
N ALA C 126 -21.91 9.51 -45.52
CA ALA C 126 -23.33 9.59 -45.21
C ALA C 126 -23.61 10.11 -43.82
N GLY C 127 -22.60 10.30 -42.97
CA GLY C 127 -22.77 10.85 -41.63
C GLY C 127 -22.65 9.84 -40.50
N TYR C 128 -22.56 8.54 -40.77
CA TYR C 128 -22.34 7.55 -39.73
C TYR C 128 -20.91 7.58 -39.26
N ALA C 129 -20.72 7.19 -38.01
CA ALA C 129 -19.41 6.96 -37.45
C ALA C 129 -19.11 5.47 -37.34
N VAL C 130 -19.71 4.67 -38.20
CA VAL C 130 -19.54 3.23 -38.18
C VAL C 130 -18.47 2.84 -39.18
N SER C 131 -17.88 1.65 -38.97
CA SER C 131 -16.66 1.19 -39.61
C SER C 131 -16.64 -0.33 -39.43
N ASP C 132 -16.56 -1.07 -40.54
CA ASP C 132 -16.42 -2.55 -40.49
C ASP C 132 -15.25 -2.97 -41.37
N LEU C 133 -14.03 -2.68 -40.93
CA LEU C 133 -12.84 -2.99 -41.71
C LEU C 133 -12.51 -4.47 -41.55
N ARG C 134 -12.51 -5.20 -42.67
CA ARG C 134 -12.34 -6.64 -42.66
C ARG C 134 -11.05 -7.03 -43.37
N TYR C 135 -10.41 -8.09 -42.87
CA TYR C 135 -9.15 -8.57 -43.43
C TYR C 135 -9.33 -8.96 -44.88
N GLN C 136 -8.47 -8.44 -45.76
CA GLN C 136 -8.50 -8.81 -47.17
C GLN C 136 -7.25 -9.53 -47.63
N GLY C 137 -6.13 -9.34 -46.96
CA GLY C 137 -4.89 -9.90 -47.47
C GLY C 137 -3.70 -9.35 -46.71
N HIS C 138 -2.53 -9.77 -47.15
CA HIS C 138 -1.32 -9.42 -46.43
C HIS C 138 -0.14 -9.53 -47.36
N GLU C 139 0.99 -9.00 -46.92
CA GLU C 139 2.22 -9.05 -47.67
C GLU C 139 3.38 -8.96 -46.68
N VAL C 140 4.40 -9.78 -46.89
CA VAL C 140 5.63 -9.77 -46.11
C VAL C 140 6.75 -9.25 -47.01
N ARG C 141 7.55 -8.33 -46.49
CA ARG C 141 8.70 -7.80 -47.22
C ARG C 141 9.92 -7.82 -46.32
N ASP C 142 11.10 -7.83 -46.93
CA ASP C 142 12.33 -7.69 -46.18
C ASP C 142 12.63 -6.21 -45.94
N GLY C 143 13.30 -5.93 -44.84
CA GLY C 143 13.52 -4.52 -44.57
C GLY C 143 12.24 -3.85 -44.11
N LYS C 144 12.16 -2.57 -44.41
CA LYS C 144 11.11 -1.77 -43.80
C LYS C 144 10.94 -0.50 -44.60
N PRO C 145 9.72 -0.21 -45.05
CA PRO C 145 9.50 1.01 -45.81
C PRO C 145 9.61 2.22 -44.90
N GLY C 146 9.89 3.34 -45.50
CA GLY C 146 9.84 4.57 -44.74
C GLY C 146 8.41 5.04 -44.57
N LEU C 147 8.27 6.08 -43.80
CA LEU C 147 6.98 6.69 -43.62
C LEU C 147 6.92 8.02 -44.36
N PRO C 148 5.81 8.29 -45.09
CA PRO C 148 5.69 9.54 -45.85
C PRO C 148 5.64 10.80 -44.99
N GLY C 149 6.71 11.59 -45.05
CA GLY C 149 6.74 12.84 -44.33
C GLY C 149 7.01 12.73 -42.85
N LEU C 150 7.18 11.51 -42.31
CA LEU C 150 7.36 11.38 -40.88
C LEU C 150 8.69 10.71 -40.55
N PRO C 151 9.28 11.00 -39.39
CA PRO C 151 10.41 10.21 -38.93
C PRO C 151 9.97 8.78 -38.66
N ALA C 152 10.91 7.86 -38.77
CA ALA C 152 10.60 6.46 -38.56
C ALA C 152 11.90 5.68 -38.38
N THR C 153 11.81 4.55 -37.68
CA THR C 153 12.92 3.61 -37.61
C THR C 153 13.23 3.09 -39.00
N PHE C 154 14.46 2.64 -39.18
CA PHE C 154 14.90 2.15 -40.48
C PHE C 154 15.80 0.95 -40.29
N GLY C 155 15.88 0.13 -41.34
CA GLY C 155 16.74 -1.01 -41.32
C GLY C 155 16.70 -1.70 -42.65
N GLU C 156 17.80 -2.40 -42.96
CA GLU C 156 17.89 -3.23 -44.15
C GLU C 156 17.55 -4.69 -43.82
N ALA C 157 17.47 -5.51 -44.87
CA ALA C 157 16.88 -6.85 -44.84
C ALA C 157 17.21 -7.67 -43.59
N GLY C 158 18.51 -7.75 -43.24
CA GLY C 158 18.96 -8.65 -42.19
C GLY C 158 18.62 -8.22 -40.77
N ASP C 159 18.14 -6.99 -40.58
CA ASP C 159 17.84 -6.48 -39.25
C ASP C 159 16.37 -6.26 -39.01
N VAL C 160 15.53 -6.25 -40.05
CA VAL C 160 14.11 -5.97 -39.84
C VAL C 160 13.31 -6.60 -40.98
N THR C 161 12.08 -7.03 -40.66
CA THR C 161 11.15 -7.64 -41.61
C THR C 161 9.77 -7.04 -41.35
N THR C 162 8.98 -6.88 -42.42
CA THR C 162 7.75 -6.11 -42.29
C THR C 162 6.57 -6.87 -42.89
N LEU C 163 5.49 -6.95 -42.12
CA LEU C 163 4.24 -7.52 -42.56
C LEU C 163 3.21 -6.41 -42.65
N VAL C 164 2.55 -6.29 -43.79
CA VAL C 164 1.44 -5.36 -43.98
C VAL C 164 0.17 -6.17 -44.11
N VAL C 165 -0.82 -5.85 -43.28
CA VAL C 165 -2.14 -6.46 -43.34
C VAL C 165 -3.09 -5.46 -43.98
N HIS C 166 -3.82 -5.89 -45.01
CA HIS C 166 -4.82 -5.07 -45.70
C HIS C 166 -6.22 -5.35 -45.12
N LEU C 167 -6.84 -4.30 -44.60
CA LEU C 167 -8.23 -4.34 -44.19
C LEU C 167 -8.98 -3.47 -45.18
N TYR C 168 -10.27 -3.75 -45.34
CA TYR C 168 -11.10 -3.00 -46.27
C TYR C 168 -12.54 -3.08 -45.78
N ASP C 169 -13.23 -1.95 -45.81
CA ASP C 169 -14.65 -1.87 -45.45
C ASP C 169 -15.46 -1.74 -46.74
N ASN C 170 -16.29 -2.75 -47.03
CA ASN C 170 -16.96 -2.77 -48.32
C ASN C 170 -18.22 -1.91 -48.33
N HIS C 171 -18.84 -1.65 -47.17
CA HIS C 171 -20.04 -0.82 -47.18
C HIS C 171 -19.71 0.63 -47.52
N SER C 172 -18.51 1.11 -47.20
CA SER C 172 -18.18 2.52 -47.27
C SER C 172 -16.99 2.84 -48.16
N ALA C 173 -16.21 1.85 -48.61
CA ALA C 173 -15.09 2.03 -49.55
C ALA C 173 -13.89 2.67 -48.86
N VAL C 174 -13.54 2.15 -47.69
CA VAL C 174 -12.43 2.68 -46.92
C VAL C 174 -11.46 1.57 -46.68
N ALA C 175 -10.21 1.77 -47.12
CA ALA C 175 -9.10 0.85 -46.90
C ALA C 175 -8.24 1.29 -45.74
N ALA C 176 -7.64 0.32 -45.06
CA ALA C 176 -6.76 0.55 -43.93
C ALA C 176 -5.63 -0.48 -43.97
N ASP C 177 -4.39 -0.04 -43.77
CA ASP C 177 -3.23 -0.89 -43.97
C ASP C 177 -2.36 -0.84 -42.72
N LEU C 178 -2.27 -1.95 -41.99
CA LEU C 178 -1.49 -2.01 -40.77
C LEU C 178 -0.12 -2.59 -41.06
N SER C 179 0.92 -1.88 -40.62
CA SER C 179 2.29 -2.34 -40.78
C SER C 179 2.81 -2.88 -39.45
N TYR C 180 3.40 -4.08 -39.50
CA TYR C 180 4.14 -4.64 -38.37
C TYR C 180 5.58 -4.90 -38.82
N SER C 181 6.52 -4.37 -38.06
CA SER C 181 7.93 -4.60 -38.33
C SER C 181 8.60 -5.21 -37.11
N VAL C 182 9.51 -6.15 -37.35
CA VAL C 182 10.22 -6.81 -36.27
C VAL C 182 11.70 -6.57 -36.46
N PHE C 183 12.32 -5.96 -35.45
CA PHE C 183 13.76 -5.99 -35.26
C PHE C 183 14.05 -7.14 -34.30
N PRO C 184 14.34 -8.34 -34.82
CA PRO C 184 14.43 -9.50 -33.93
C PRO C 184 15.47 -9.34 -32.83
N GLU C 185 16.61 -8.68 -33.10
CA GLU C 185 17.65 -8.61 -32.09
C GLU C 185 17.20 -7.78 -30.89
N PHE C 186 16.27 -6.86 -31.07
CA PHE C 186 15.88 -5.98 -29.98
C PHE C 186 14.48 -6.27 -29.45
N ASP C 187 13.85 -7.36 -29.92
CA ASP C 187 12.51 -7.76 -29.48
C ASP C 187 11.50 -6.62 -29.67
N ALA C 188 11.66 -5.87 -30.76
CA ALA C 188 10.88 -4.67 -31.03
C ALA C 188 9.89 -4.92 -32.14
N VAL C 189 8.63 -4.56 -31.89
CA VAL C 189 7.60 -4.51 -32.91
C VAL C 189 7.28 -3.04 -33.12
N VAL C 190 7.40 -2.59 -34.37
CA VAL C 190 7.01 -1.24 -34.77
C VAL C 190 5.72 -1.33 -35.56
N ARG C 191 4.73 -0.51 -35.19
CA ARG C 191 3.43 -0.52 -35.86
C ARG C 191 3.05 0.87 -36.36
N SER C 192 2.29 0.88 -37.47
CA SER C 192 1.70 2.10 -37.99
C SER C 192 0.56 1.69 -38.92
N VAL C 193 -0.30 2.66 -39.26
CA VAL C 193 -1.51 2.42 -40.03
C VAL C 193 -1.76 3.58 -40.98
N ASN C 194 -2.11 3.26 -42.22
CA ASN C 194 -2.67 4.20 -43.19
C ASN C 194 -4.16 3.96 -43.32
N ILE C 195 -4.93 5.04 -43.41
CA ILE C 195 -6.33 5.00 -43.82
C ILE C 195 -6.44 5.69 -45.18
N THR C 196 -6.97 4.96 -46.17
CA THR C 196 -7.19 5.51 -47.50
C THR C 196 -8.67 5.54 -47.81
N ASN C 197 -9.16 6.69 -48.26
CA ASN C 197 -10.56 6.83 -48.65
C ASN C 197 -10.70 6.41 -50.09
N LYS C 198 -11.52 5.39 -50.35
CA LYS C 198 -11.61 4.93 -51.72
C LYS C 198 -13.02 5.05 -52.29
N GLY C 199 -13.86 5.86 -51.64
CA GLY C 199 -15.17 6.19 -52.10
C GLY C 199 -15.18 7.50 -52.86
N ASN C 200 -16.38 8.05 -53.05
CA ASN C 200 -16.54 9.25 -53.85
C ASN C 200 -16.87 10.48 -53.03
N GLY C 201 -17.10 10.36 -51.73
CA GLY C 201 -17.25 11.49 -50.85
C GLY C 201 -16.02 11.69 -49.98
N ASN C 202 -16.11 12.71 -49.14
CA ASN C 202 -15.13 12.92 -48.09
C ASN C 202 -15.45 12.03 -46.89
N ILE C 203 -14.40 11.50 -46.24
CA ILE C 203 -14.51 10.91 -44.93
C ILE C 203 -13.66 11.75 -43.99
N THR C 204 -13.95 11.63 -42.70
CA THR C 204 -13.20 12.32 -41.67
C THR C 204 -12.61 11.29 -40.72
N ILE C 205 -11.31 11.37 -40.49
CA ILE C 205 -10.67 10.57 -39.45
C ILE C 205 -10.73 11.39 -38.17
N GLU C 206 -11.58 10.96 -37.23
CA GLU C 206 -11.73 11.67 -35.97
C GLU C 206 -10.85 11.10 -34.86
N HIS C 207 -10.23 9.93 -35.08
CA HIS C 207 -9.32 9.32 -34.12
C HIS C 207 -8.58 8.21 -34.84
N LEU C 208 -7.26 8.15 -34.68
CA LEU C 208 -6.48 7.10 -35.32
C LEU C 208 -5.28 6.76 -34.44
N ALA C 209 -5.32 5.63 -33.76
CA ALA C 209 -4.19 5.21 -32.93
C ALA C 209 -3.12 4.52 -33.77
N SER C 210 -1.88 4.66 -33.34
CA SER C 210 -0.77 4.08 -34.10
C SER C 210 -0.57 2.61 -33.76
N MET C 211 -0.93 2.22 -32.54
CA MET C 211 -0.75 0.89 -32.02
C MET C 211 -1.84 0.62 -31.00
N SER C 212 -2.37 -0.60 -31.01
CA SER C 212 -3.43 -0.98 -30.10
C SER C 212 -3.26 -2.45 -29.76
N VAL C 213 -3.08 -2.75 -28.48
CA VAL C 213 -2.90 -4.12 -28.00
C VAL C 213 -3.95 -4.40 -26.92
N ASP C 214 -4.57 -5.58 -26.98
CA ASP C 214 -5.38 -6.06 -25.87
C ASP C 214 -4.57 -7.08 -25.08
N PHE C 215 -4.43 -6.84 -23.80
CA PHE C 215 -3.77 -7.76 -22.89
C PHE C 215 -4.77 -8.76 -22.33
N PRO C 216 -4.35 -9.97 -21.96
CA PRO C 216 -5.28 -10.91 -21.31
C PRO C 216 -5.57 -10.43 -19.90
N PHE C 217 -6.42 -11.14 -19.15
CA PHE C 217 -6.81 -10.68 -17.82
C PHE C 217 -5.73 -10.99 -16.80
N GLU C 218 -5.15 -9.94 -16.21
CA GLU C 218 -3.98 -10.06 -15.34
C GLU C 218 -3.68 -8.69 -14.76
N ASP C 219 -3.03 -8.67 -13.60
CA ASP C 219 -2.71 -7.42 -12.93
C ASP C 219 -1.61 -6.66 -13.67
N LEU C 220 -1.80 -5.35 -13.84
CA LEU C 220 -0.85 -4.54 -14.58
C LEU C 220 -0.58 -3.24 -13.84
N ASP C 221 0.66 -2.77 -13.97
CA ASP C 221 1.08 -1.44 -13.52
C ASP C 221 1.41 -0.58 -14.73
N LEU C 222 1.11 0.71 -14.62
CA LEU C 222 1.34 1.66 -15.71
C LEU C 222 2.43 2.64 -15.27
N LEU C 223 3.51 2.73 -16.05
CA LEU C 223 4.62 3.64 -15.77
C LEU C 223 4.66 4.74 -16.81
N GLY C 224 4.83 5.98 -16.36
CA GLY C 224 4.92 7.10 -17.26
C GLY C 224 5.93 8.12 -16.77
N LEU C 225 6.15 9.15 -17.58
CA LEU C 225 7.06 10.24 -17.26
C LEU C 225 6.27 11.54 -17.28
N ARG C 226 6.10 12.14 -16.10
CA ARG C 226 5.35 13.38 -15.94
C ARG C 226 6.31 14.48 -15.51
N GLY C 227 5.89 15.72 -15.73
CA GLY C 227 6.70 16.84 -15.30
C GLY C 227 6.12 18.14 -15.76
N ASP C 228 6.95 19.17 -15.70
CA ASP C 228 6.70 20.49 -16.24
C ASP C 228 8.08 21.12 -16.39
N TRP C 229 8.11 22.38 -16.82
CA TRP C 229 9.39 23.05 -17.01
C TRP C 229 10.26 22.91 -15.77
N ALA C 230 11.54 22.62 -15.98
CA ALA C 230 12.54 22.48 -14.92
C ALA C 230 12.30 21.30 -13.99
N ARG C 231 11.39 20.39 -14.35
CA ARG C 231 11.24 19.13 -13.63
C ARG C 231 10.65 18.05 -14.55
N GLU C 232 11.20 17.94 -15.76
CA GLU C 232 10.75 16.93 -16.71
C GLU C 232 11.00 15.52 -16.21
N ALA C 233 10.20 14.59 -16.74
CA ALA C 233 10.54 13.17 -16.73
C ALA C 233 10.67 12.59 -15.33
N HIS C 234 9.68 12.84 -14.49
CA HIS C 234 9.58 12.15 -13.21
C HIS C 234 8.84 10.83 -13.42
N ARG C 235 9.48 9.72 -13.06
CA ARG C 235 8.84 8.40 -13.12
C ARG C 235 7.58 8.36 -12.28
N MET C 236 6.54 7.70 -12.79
CA MET C 236 5.31 7.50 -12.04
C MET C 236 4.77 6.12 -12.32
N ARG C 237 4.25 5.46 -11.28
CA ARG C 237 3.79 4.08 -11.38
C ARG C 237 2.51 3.90 -10.59
N ARG C 238 1.54 3.23 -11.20
CA ARG C 238 0.22 3.09 -10.61
C ARG C 238 -0.40 1.79 -11.11
N ARG C 239 -1.23 1.19 -10.26
CA ARG C 239 -2.01 0.02 -10.70
C ARG C 239 -2.98 0.44 -11.79
N VAL C 240 -3.14 -0.42 -12.80
CA VAL C 240 -4.17 -0.21 -13.81
C VAL C 240 -5.52 -0.57 -13.19
N GLU C 241 -6.52 0.27 -13.43
CA GLU C 241 -7.83 0.13 -12.82
C GLU C 241 -8.88 -0.13 -13.87
N TYR C 242 -10.01 -0.72 -13.43
CA TYR C 242 -11.19 -0.71 -14.27
C TYR C 242 -11.55 0.73 -14.59
N GLY C 243 -11.76 1.01 -15.87
CA GLY C 243 -11.94 2.36 -16.34
C GLY C 243 -10.77 2.81 -17.20
N VAL C 244 -10.68 4.12 -17.40
CA VAL C 244 -9.62 4.67 -18.24
C VAL C 244 -8.57 5.34 -17.39
N GLN C 245 -7.33 5.25 -17.84
CA GLN C 245 -6.25 6.04 -17.30
C GLN C 245 -5.23 6.23 -18.41
N GLY C 246 -4.49 7.33 -18.33
CA GLY C 246 -3.51 7.67 -19.34
C GLY C 246 -3.18 9.15 -19.28
N PHE C 247 -2.77 9.67 -20.42
CA PHE C 247 -2.21 11.02 -20.48
C PHE C 247 -1.95 11.37 -21.93
N GLY C 248 -1.61 12.63 -22.16
CA GLY C 248 -1.30 13.05 -23.50
C GLY C 248 -0.80 14.48 -23.48
N SER C 249 -0.75 15.06 -24.67
CA SER C 249 -0.29 16.43 -24.84
C SER C 249 -1.34 17.21 -25.63
N SER C 250 -1.72 18.37 -25.11
CA SER C 250 -2.58 19.31 -25.83
C SER C 250 -1.84 20.56 -26.29
N THR C 251 -0.51 20.60 -26.12
CA THR C 251 0.28 21.77 -26.46
C THR C 251 0.65 21.85 -27.95
N GLY C 252 0.37 20.83 -28.76
CA GLY C 252 0.88 20.78 -30.11
C GLY C 252 2.26 20.15 -30.25
N TYR C 253 3.05 20.13 -29.18
CA TYR C 253 4.29 19.37 -29.14
C TYR C 253 4.14 18.27 -28.11
N SER C 254 5.16 17.42 -27.99
CA SER C 254 5.01 16.32 -27.04
C SER C 254 5.10 16.78 -25.60
N SER C 255 5.66 17.97 -25.35
CA SER C 255 5.54 18.72 -24.08
C SER C 255 6.38 18.22 -22.91
N HIS C 256 6.61 19.11 -21.93
CA HIS C 256 7.16 18.75 -20.63
C HIS C 256 6.18 17.97 -19.77
N LEU C 257 4.87 18.08 -20.04
CA LEU C 257 3.90 17.60 -19.05
C LEU C 257 3.79 16.08 -19.04
N HIS C 258 3.87 15.45 -20.21
CA HIS C 258 3.86 14.00 -20.30
C HIS C 258 4.67 13.61 -21.52
N ASN C 259 5.43 12.59 -21.41
CA ASN C 259 6.20 12.12 -22.54
C ASN C 259 5.40 11.12 -23.37
N PRO C 260 5.56 11.06 -24.68
CA PRO C 260 4.76 10.06 -25.44
C PRO C 260 5.31 8.65 -25.33
N PHE C 261 5.22 8.10 -24.11
CA PHE C 261 5.87 6.85 -23.73
C PHE C 261 5.13 6.27 -22.52
N PHE C 262 5.03 4.94 -22.46
CA PHE C 262 4.54 4.33 -21.22
C PHE C 262 4.91 2.85 -21.20
N VAL C 263 4.97 2.29 -20.00
CA VAL C 263 5.30 0.90 -19.78
C VAL C 263 4.13 0.21 -19.07
N LEU C 264 3.78 -0.99 -19.54
CA LEU C 264 2.94 -1.93 -18.82
C LEU C 264 3.81 -3.01 -18.24
N ALA C 265 3.70 -3.21 -16.94
CA ALA C 265 4.52 -4.20 -16.26
C ALA C 265 3.66 -4.89 -15.24
N HIS C 266 4.11 -6.07 -14.83
CA HIS C 266 3.50 -6.75 -13.72
C HIS C 266 3.83 -6.00 -12.43
N PRO C 267 2.93 -6.01 -11.45
CA PRO C 267 3.21 -5.30 -10.20
C PRO C 267 4.53 -5.68 -9.57
N SER C 268 4.94 -6.94 -9.71
CA SER C 268 6.19 -7.43 -9.14
C SER C 268 7.42 -7.03 -9.96
N THR C 269 7.27 -6.32 -11.09
CA THR C 269 8.36 -6.08 -12.01
C THR C 269 9.24 -4.92 -11.54
N THR C 270 10.54 -5.13 -11.54
CA THR C 270 11.56 -4.20 -11.10
C THR C 270 12.48 -3.84 -12.27
N GLU C 271 13.57 -3.13 -11.98
CA GLU C 271 14.50 -2.79 -13.06
C GLU C 271 15.17 -4.04 -13.64
N SER C 272 15.20 -5.15 -12.89
CA SER C 272 15.92 -6.31 -13.36
C SER C 272 15.15 -7.64 -13.27
N GLN C 273 13.88 -7.64 -12.89
CA GLN C 273 13.09 -8.87 -12.87
C GLN C 273 11.70 -8.59 -13.44
N GLY C 274 11.16 -9.55 -14.17
CA GLY C 274 9.76 -9.50 -14.53
C GLY C 274 9.53 -9.03 -15.95
N GLU C 275 8.26 -9.07 -16.34
CA GLU C 275 7.86 -8.75 -17.69
C GLU C 275 7.42 -7.30 -17.79
N ALA C 276 7.86 -6.65 -18.86
CA ALA C 276 7.57 -5.25 -19.10
C ALA C 276 7.33 -5.06 -20.57
N TRP C 277 6.30 -4.28 -20.90
CA TRP C 277 5.96 -3.95 -22.27
C TRP C 277 6.05 -2.44 -22.40
N GLY C 278 7.00 -1.95 -23.17
CA GLY C 278 7.14 -0.53 -23.43
C GLY C 278 6.55 -0.12 -24.77
N PHE C 279 6.12 1.14 -24.84
CA PHE C 279 5.45 1.70 -26.00
C PHE C 279 5.92 3.13 -26.16
N ASN C 280 6.39 3.46 -27.35
CA ASN C 280 6.97 4.78 -27.60
C ASN C 280 6.48 5.28 -28.95
N LEU C 281 5.92 6.49 -28.97
CA LEU C 281 5.35 7.10 -30.18
C LEU C 281 6.39 8.00 -30.84
N THR C 282 6.70 7.74 -32.10
CA THR C 282 7.74 8.46 -32.84
C THR C 282 7.15 9.72 -33.47
N TYR C 283 6.89 10.70 -32.62
CA TYR C 283 6.10 11.85 -33.03
C TYR C 283 6.40 12.99 -32.09
N THR C 284 6.48 14.20 -32.64
CA THR C 284 6.78 15.39 -31.85
C THR C 284 5.54 16.24 -31.60
N GLY C 285 4.41 15.88 -32.17
CA GLY C 285 3.19 16.65 -32.01
C GLY C 285 2.40 16.24 -30.79
N SER C 286 1.14 16.66 -30.77
CA SER C 286 0.24 16.20 -29.72
C SER C 286 0.07 14.70 -29.80
N PHE C 287 -0.20 14.08 -28.66
CA PHE C 287 -0.44 12.64 -28.58
C PHE C 287 -1.47 12.33 -27.50
N SER C 288 -2.00 11.11 -27.54
CA SER C 288 -2.81 10.58 -26.47
C SER C 288 -2.38 9.14 -26.24
N ALA C 289 -2.29 8.75 -24.99
CA ALA C 289 -2.03 7.37 -24.61
C ALA C 289 -3.10 6.98 -23.60
N GLN C 290 -3.85 5.93 -23.90
CA GLN C 290 -4.87 5.45 -22.98
C GLN C 290 -4.69 3.97 -22.71
N VAL C 291 -4.88 3.61 -21.45
CA VAL C 291 -4.92 2.21 -21.03
C VAL C 291 -6.27 2.00 -20.36
N GLU C 292 -7.09 1.12 -20.94
CA GLU C 292 -8.42 0.82 -20.42
C GLU C 292 -8.53 -0.64 -20.00
N LYS C 293 -8.96 -0.86 -18.76
CA LYS C 293 -9.39 -2.18 -18.32
C LYS C 293 -10.89 -2.27 -18.50
N GLY C 294 -11.33 -3.20 -19.35
CA GLY C 294 -12.73 -3.28 -19.69
C GLY C 294 -13.54 -4.05 -18.68
N SER C 295 -14.87 -4.03 -18.86
CA SER C 295 -15.73 -4.64 -17.87
C SER C 295 -15.43 -6.13 -17.74
N GLN C 296 -14.94 -6.76 -18.81
CA GLN C 296 -14.61 -8.17 -18.76
C GLN C 296 -13.20 -8.43 -18.24
N GLY C 297 -12.37 -7.40 -18.12
CA GLY C 297 -11.07 -7.55 -17.52
C GLY C 297 -9.91 -7.61 -18.48
N LEU C 298 -10.16 -7.62 -19.78
CA LEU C 298 -9.06 -7.43 -20.71
C LEU C 298 -8.63 -5.97 -20.67
N THR C 299 -7.36 -5.73 -20.92
CA THR C 299 -6.77 -4.40 -20.83
C THR C 299 -6.37 -3.96 -22.22
N ARG C 300 -6.87 -2.80 -22.64
CA ARG C 300 -6.59 -2.25 -23.96
C ARG C 300 -5.62 -1.09 -23.81
N ALA C 301 -4.51 -1.14 -24.53
CA ALA C 301 -3.48 -0.12 -24.52
C ALA C 301 -3.43 0.51 -25.88
N LEU C 302 -3.37 1.83 -25.91
CA LEU C 302 -3.35 2.54 -27.17
C LEU C 302 -2.64 3.87 -27.07
N ILE C 303 -1.92 4.19 -28.13
CA ILE C 303 -1.19 5.42 -28.24
C ILE C 303 -1.24 5.94 -29.66
N GLY C 304 -1.19 7.24 -29.86
CA GLY C 304 -1.30 7.79 -31.20
C GLY C 304 -1.63 9.27 -31.13
N PHE C 305 -2.17 9.80 -32.24
CA PHE C 305 -2.70 11.16 -32.29
C PHE C 305 -3.62 11.43 -31.11
N ASN C 306 -3.56 12.66 -30.62
CA ASN C 306 -4.57 13.14 -29.68
C ASN C 306 -5.86 13.31 -30.44
N PRO C 307 -6.93 12.57 -30.12
CA PRO C 307 -8.13 12.61 -30.97
C PRO C 307 -8.80 13.97 -31.03
N ASP C 308 -8.70 14.74 -29.94
CA ASP C 308 -9.29 16.05 -29.86
C ASP C 308 -8.57 17.09 -30.71
N GLN C 309 -7.41 16.73 -31.25
CA GLN C 309 -6.63 17.62 -32.10
C GLN C 309 -6.39 16.97 -33.45
N LEU C 310 -7.32 16.10 -33.84
CA LEU C 310 -7.25 15.32 -35.07
C LEU C 310 -8.65 15.32 -35.66
N SER C 311 -8.85 16.11 -36.71
CA SER C 311 -10.07 16.05 -37.51
C SER C 311 -9.58 16.14 -38.95
N TRP C 312 -9.23 14.99 -39.49
CA TRP C 312 -8.53 14.92 -40.75
C TRP C 312 -9.51 14.44 -41.81
N THR C 313 -9.79 15.32 -42.77
CA THR C 313 -10.69 15.01 -43.87
C THR C 313 -9.87 14.46 -45.03
N LEU C 314 -10.29 13.31 -45.55
CA LEU C 314 -9.67 12.67 -46.70
C LEU C 314 -10.64 12.74 -47.87
N GLY C 315 -10.24 13.40 -48.94
CA GLY C 315 -11.00 13.33 -50.16
C GLY C 315 -10.79 11.98 -50.81
N PRO C 316 -11.54 11.73 -51.89
CA PRO C 316 -11.42 10.43 -52.58
C PRO C 316 -9.99 10.19 -53.03
N GLY C 317 -9.47 9.00 -52.72
CA GLY C 317 -8.09 8.65 -52.97
C GLY C 317 -7.09 9.13 -51.92
N GLU C 318 -7.45 10.07 -51.05
CA GLU C 318 -6.47 10.60 -50.11
C GLU C 318 -6.14 9.61 -48.99
N THR C 319 -5.02 9.88 -48.31
CA THR C 319 -4.44 8.95 -47.34
C THR C 319 -3.98 9.70 -46.10
N LEU C 320 -4.13 9.06 -44.95
CA LEU C 320 -3.55 9.54 -43.70
C LEU C 320 -2.66 8.45 -43.12
N THR C 321 -1.45 8.82 -42.73
CA THR C 321 -0.48 7.92 -42.13
C THR C 321 -0.27 8.33 -40.67
N SER C 322 -0.49 7.40 -39.76
CA SER C 322 -0.15 7.64 -38.38
C SER C 322 1.36 7.61 -38.23
N PRO C 323 1.89 8.27 -37.20
CA PRO C 323 3.28 8.03 -36.84
C PRO C 323 3.45 6.59 -36.39
N GLU C 324 4.69 6.12 -36.37
CA GLU C 324 4.93 4.76 -35.93
C GLU C 324 4.99 4.69 -34.41
N CYS C 325 4.67 3.52 -33.87
CA CYS C 325 4.82 3.25 -32.45
C CYS C 325 5.79 2.10 -32.27
N VAL C 326 6.89 2.36 -31.57
CA VAL C 326 7.84 1.31 -31.19
C VAL C 326 7.37 0.64 -29.91
N SER C 327 7.39 -0.69 -29.91
CA SER C 327 7.04 -1.47 -28.73
C SER C 327 8.13 -2.48 -28.48
N VAL C 328 8.55 -2.60 -27.23
CA VAL C 328 9.59 -3.53 -26.83
C VAL C 328 9.04 -4.38 -25.70
N TYR C 329 9.25 -5.68 -25.76
CA TYR C 329 8.93 -6.56 -24.66
C TYR C 329 10.21 -7.08 -24.04
N SER C 330 10.25 -7.15 -22.71
CA SER C 330 11.40 -7.70 -22.03
C SER C 330 10.95 -8.59 -20.89
N SER C 331 11.58 -9.75 -20.77
CA SER C 331 11.36 -10.61 -19.62
C SER C 331 12.44 -10.42 -18.56
N ASP C 332 13.28 -9.41 -18.74
CA ASP C 332 14.34 -9.12 -17.78
C ASP C 332 14.17 -7.72 -17.18
N GLY C 333 12.95 -7.43 -16.75
CA GLY C 333 12.67 -6.22 -16.01
C GLY C 333 12.56 -5.00 -16.89
N ILE C 334 12.15 -3.90 -16.25
CA ILE C 334 12.02 -2.64 -16.95
C ILE C 334 13.37 -2.17 -17.48
N GLY C 335 14.47 -2.55 -16.80
CA GLY C 335 15.77 -2.14 -17.28
C GLY C 335 16.19 -2.87 -18.54
N GLY C 336 15.78 -4.13 -18.67
CA GLY C 336 16.04 -4.85 -19.91
C GLY C 336 15.32 -4.23 -21.10
N MET C 337 14.10 -3.77 -20.89
CA MET C 337 13.36 -3.09 -21.95
C MET C 337 14.04 -1.78 -22.37
N SER C 338 14.58 -1.01 -21.41
CA SER C 338 15.26 0.23 -21.77
C SER C 338 16.51 -0.05 -22.58
N ARG C 339 17.32 -1.05 -22.18
CA ARG C 339 18.51 -1.35 -22.97
C ARG C 339 18.17 -1.72 -24.40
N LYS C 340 17.05 -2.41 -24.64
CA LYS C 340 16.71 -2.70 -26.03
C LYS C 340 16.24 -1.45 -26.75
N PHE C 341 15.45 -0.61 -26.08
CA PHE C 341 15.14 0.72 -26.65
C PHE C 341 16.40 1.49 -26.98
N HIS C 342 17.38 1.52 -26.06
CA HIS C 342 18.56 2.33 -26.29
C HIS C 342 19.36 1.82 -27.49
N ARG C 343 19.51 0.50 -27.62
CA ARG C 343 20.33 -0.01 -28.71
C ARG C 343 19.61 0.07 -30.05
N LEU C 344 18.28 -0.10 -30.04
CA LEU C 344 17.49 0.09 -31.26
C LEU C 344 17.53 1.54 -31.75
N TYR C 345 17.50 2.52 -30.84
CA TYR C 345 17.46 3.90 -31.29
C TYR C 345 18.81 4.34 -31.81
N ARG C 346 19.89 3.85 -31.19
CA ARG C 346 21.23 4.25 -31.60
C ARG C 346 21.57 3.70 -32.98
N LYS C 347 21.17 2.44 -33.26
CA LYS C 347 21.42 1.78 -34.54
C LYS C 347 20.38 2.07 -35.62
N HIS C 348 19.09 2.26 -35.26
CA HIS C 348 18.01 2.25 -36.24
C HIS C 348 17.06 3.44 -36.14
N LEU C 349 17.41 4.50 -35.42
CA LEU C 349 16.54 5.66 -35.39
C LEU C 349 17.32 6.95 -35.56
N ILE C 350 18.38 7.13 -34.74
CA ILE C 350 19.21 8.33 -34.78
C ILE C 350 20.10 8.25 -36.01
N ARG C 351 19.72 8.95 -37.06
CA ARG C 351 20.46 8.84 -38.31
C ARG C 351 21.67 9.76 -38.38
N SER C 352 21.80 10.72 -37.49
CA SER C 352 22.97 11.60 -37.53
C SER C 352 24.25 10.79 -37.32
N LYS C 353 25.32 11.25 -37.97
CA LYS C 353 26.61 10.60 -37.83
C LYS C 353 27.14 10.68 -36.40
N TYR C 354 26.54 11.48 -35.54
CA TYR C 354 27.01 11.60 -34.17
C TYR C 354 26.38 10.59 -33.20
N ALA C 355 25.46 9.73 -33.67
CA ALA C 355 24.77 8.79 -32.79
C ALA C 355 25.75 8.01 -31.91
N THR C 356 26.87 7.55 -32.50
CA THR C 356 27.89 6.81 -31.77
C THR C 356 29.24 7.52 -31.80
N LEU C 357 29.26 8.82 -32.01
CA LEU C 357 30.46 9.63 -31.91
C LEU C 357 30.51 10.36 -30.58
N ASP C 358 31.72 10.66 -30.11
CA ASP C 358 31.87 11.29 -28.81
C ASP C 358 31.54 12.78 -28.92
N ARG C 359 30.81 13.30 -27.92
CA ARG C 359 30.53 14.72 -28.10
C ARG C 359 31.60 15.56 -27.42
N PRO C 360 32.02 16.67 -28.04
CA PRO C 360 33.06 17.50 -27.44
C PRO C 360 32.55 18.20 -26.19
N PRO C 361 33.33 18.23 -25.12
CA PRO C 361 32.96 19.08 -23.96
C PRO C 361 32.73 20.52 -24.40
N LEU C 362 31.55 21.06 -24.07
CA LEU C 362 31.15 22.38 -24.52
C LEU C 362 30.92 23.35 -23.36
N LEU C 363 30.89 24.64 -23.71
CA LEU C 363 30.54 25.70 -22.77
C LEU C 363 29.44 26.55 -23.40
N ASN C 364 28.31 26.70 -22.69
CA ASN C 364 27.17 27.46 -23.18
C ASN C 364 27.06 28.75 -22.38
N SER C 365 26.83 29.88 -23.08
CA SER C 365 26.88 31.20 -22.48
C SER C 365 25.62 31.60 -21.71
N TRP C 366 24.57 30.78 -21.71
CA TRP C 366 23.25 31.29 -21.31
C TRP C 366 23.22 31.71 -19.85
N GLU C 367 23.63 30.82 -18.95
CA GLU C 367 23.53 31.12 -17.53
C GLU C 367 24.65 32.01 -17.03
N GLY C 368 25.77 32.10 -17.77
CA GLY C 368 26.86 32.93 -17.31
C GLY C 368 26.66 34.41 -17.55
N VAL C 369 25.80 34.77 -18.50
CA VAL C 369 25.82 36.12 -19.09
C VAL C 369 24.42 36.53 -19.52
N TYR C 370 23.56 35.57 -19.80
CA TYR C 370 22.14 35.81 -20.14
C TYR C 370 22.10 36.70 -21.38
N PHE C 371 21.33 37.78 -21.39
CA PHE C 371 21.25 38.61 -22.59
C PHE C 371 22.35 39.66 -22.65
N ASP C 372 23.07 39.89 -21.56
CA ASP C 372 23.89 41.10 -21.42
C ASP C 372 25.30 40.82 -21.88
N TYR C 373 25.61 41.18 -23.13
CA TYR C 373 26.94 40.97 -23.68
C TYR C 373 27.05 41.67 -25.03
N ASN C 374 28.26 41.64 -25.56
CA ASN C 374 28.51 41.93 -26.96
C ASN C 374 29.75 41.13 -27.37
N GLN C 375 30.29 41.47 -28.54
CA GLN C 375 31.45 40.81 -29.11
C GLN C 375 32.53 40.53 -28.08
N THR C 376 32.84 41.53 -27.26
CA THR C 376 33.99 41.44 -26.38
C THR C 376 33.79 40.40 -25.30
N GLY C 377 32.57 40.30 -24.75
CA GLY C 377 32.29 39.29 -23.74
C GLY C 377 32.21 37.88 -24.31
N ILE C 378 31.80 37.75 -25.57
CA ILE C 378 31.75 36.44 -26.21
C ILE C 378 33.16 35.90 -26.44
N GLU C 379 34.10 36.75 -26.82
CA GLU C 379 35.45 36.23 -26.96
C GLU C 379 36.14 36.00 -25.61
N ARG C 380 35.82 36.78 -24.59
CA ARG C 380 36.31 36.47 -23.25
C ARG C 380 35.90 35.06 -22.85
N LEU C 381 34.60 34.76 -22.98
CA LEU C 381 34.09 33.45 -22.60
C LEU C 381 34.76 32.34 -23.41
N ALA C 382 35.01 32.60 -24.70
CA ALA C 382 35.63 31.58 -25.54
C ALA C 382 37.09 31.36 -25.16
N ARG C 383 37.84 32.44 -24.95
CA ARG C 383 39.23 32.36 -24.47
C ARG C 383 39.32 31.54 -23.19
N GLN C 384 38.48 31.88 -22.22
CA GLN C 384 38.53 31.19 -20.94
C GLN C 384 38.11 29.74 -21.11
N SER C 385 37.15 29.47 -21.99
CA SER C 385 36.72 28.10 -22.23
C SER C 385 37.85 27.25 -22.80
N ALA C 386 38.54 27.76 -23.82
CA ALA C 386 39.69 27.07 -24.37
C ALA C 386 40.77 26.86 -23.32
N ALA C 387 40.85 27.76 -22.34
CA ALA C 387 41.85 27.64 -21.28
C ALA C 387 41.61 26.40 -20.40
N LEU C 388 40.34 26.00 -20.24
CA LEU C 388 39.97 24.86 -19.39
C LEU C 388 40.04 23.52 -20.09
N GLY C 389 40.29 23.47 -21.39
CA GLY C 389 40.15 22.23 -22.13
C GLY C 389 38.83 22.05 -22.83
N ILE C 390 37.99 23.08 -22.85
CA ILE C 390 36.70 23.04 -23.53
C ILE C 390 36.92 23.07 -25.03
N ARG C 391 36.23 22.19 -25.76
CA ARG C 391 36.46 22.06 -27.20
C ARG C 391 35.42 22.80 -28.05
N LEU C 392 34.28 23.18 -27.48
CA LEU C 392 33.18 23.74 -28.26
C LEU C 392 32.56 24.86 -27.45
N PHE C 393 32.48 26.05 -28.02
CA PHE C 393 31.91 27.20 -27.34
C PHE C 393 30.60 27.58 -28.02
N VAL C 394 29.50 27.54 -27.30
CA VAL C 394 28.18 27.81 -27.85
C VAL C 394 27.74 29.22 -27.41
N MET C 395 27.44 30.08 -28.38
CA MET C 395 26.82 31.38 -28.13
C MET C 395 25.30 31.22 -28.05
N ASP C 396 24.73 31.51 -26.88
CA ASP C 396 23.31 31.25 -26.69
C ASP C 396 22.48 32.46 -27.10
N ASP C 397 21.31 32.63 -26.50
CA ASP C 397 20.35 33.67 -26.88
C ASP C 397 20.94 35.08 -26.70
N GLY C 398 20.53 35.99 -27.58
CA GLY C 398 20.85 37.39 -27.44
C GLY C 398 21.77 38.00 -28.47
N TRP C 399 22.00 37.34 -29.60
CA TRP C 399 23.02 37.80 -30.55
C TRP C 399 22.44 38.47 -31.78
N PHE C 400 21.12 38.43 -31.94
CA PHE C 400 20.48 38.75 -33.21
C PHE C 400 19.55 39.93 -33.04
N GLY C 401 19.01 40.39 -34.16
CA GLY C 401 18.08 41.50 -34.14
C GLY C 401 18.72 42.80 -34.58
N ASN C 402 17.97 43.60 -35.33
CA ASN C 402 18.50 44.83 -35.86
C ASN C 402 17.70 46.01 -35.34
N LYS C 403 16.61 46.36 -36.04
CA LYS C 403 15.74 47.43 -35.57
C LYS C 403 15.02 47.05 -34.29
N TYR C 404 14.92 45.77 -33.97
CA TYR C 404 14.38 45.31 -32.69
C TYR C 404 15.38 44.31 -32.14
N PRO C 405 16.42 44.80 -31.48
CA PRO C 405 17.50 43.91 -31.01
C PRO C 405 17.03 42.97 -29.91
N ARG C 406 17.65 41.79 -29.88
CA ARG C 406 17.38 40.78 -28.85
C ARG C 406 18.24 41.08 -27.63
N THR C 407 17.84 42.10 -26.90
CA THR C 407 18.50 42.42 -25.64
C THR C 407 17.75 41.86 -24.44
N SER C 408 16.63 41.18 -24.67
CA SER C 408 15.79 40.63 -23.60
C SER C 408 14.81 39.64 -24.20
N ASP C 409 13.85 39.21 -23.39
CA ASP C 409 12.75 38.31 -23.72
C ASP C 409 11.76 38.88 -24.75
N LYS C 410 11.85 40.18 -25.07
CA LYS C 410 10.69 40.89 -25.62
C LYS C 410 10.81 41.26 -27.09
N ALA C 411 11.94 40.99 -27.75
CA ALA C 411 12.06 41.44 -29.13
C ALA C 411 13.05 40.58 -29.90
N GLY C 412 12.83 40.48 -31.22
CA GLY C 412 13.86 40.09 -32.16
C GLY C 412 13.71 38.72 -32.76
N LEU C 413 12.92 37.84 -32.16
CA LEU C 413 12.67 36.53 -32.78
C LEU C 413 12.03 36.73 -34.14
N GLY C 414 12.63 36.16 -35.18
CA GLY C 414 12.24 36.43 -36.54
C GLY C 414 13.31 37.15 -37.34
N ASP C 415 14.21 37.89 -36.68
CA ASP C 415 15.23 38.72 -37.31
C ASP C 415 16.59 38.07 -37.04
N TRP C 416 16.99 37.14 -37.91
CA TRP C 416 18.17 36.32 -37.64
C TRP C 416 19.42 36.83 -38.36
N THR C 417 19.68 38.11 -38.24
CA THR C 417 20.97 38.67 -38.58
C THR C 417 21.65 39.17 -37.31
N PRO C 418 22.98 39.13 -37.24
CA PRO C 418 23.66 39.50 -35.99
C PRO C 418 23.47 40.98 -35.69
N ASN C 419 23.22 41.28 -34.42
CA ASN C 419 22.99 42.65 -33.96
C ASN C 419 24.23 43.51 -34.20
N PRO C 420 24.14 44.55 -35.02
CA PRO C 420 25.33 45.40 -35.26
C PRO C 420 25.81 46.16 -34.03
N ASP C 421 24.93 46.48 -33.08
CA ASP C 421 25.36 47.05 -31.79
C ASP C 421 26.18 46.07 -30.96
N ARG C 422 26.04 44.77 -31.18
CA ARG C 422 26.88 43.81 -30.49
C ARG C 422 27.95 43.18 -31.36
N PHE C 423 27.74 43.13 -32.68
CA PHE C 423 28.69 42.50 -33.61
C PHE C 423 28.92 43.47 -34.75
N PRO C 424 29.70 44.54 -34.51
CA PRO C 424 29.76 45.63 -35.49
C PRO C 424 30.33 45.23 -36.84
N ASP C 425 31.29 44.31 -36.90
CA ASP C 425 31.86 43.91 -38.18
C ASP C 425 31.27 42.60 -38.70
N GLY C 426 30.09 42.22 -38.19
CA GLY C 426 29.50 40.96 -38.58
C GLY C 426 29.85 39.85 -37.61
N LEU C 427 29.29 38.67 -37.92
CA LEU C 427 29.53 37.49 -37.11
C LEU C 427 30.79 36.76 -37.53
N GLU C 428 31.07 36.72 -38.84
CA GLU C 428 32.19 35.94 -39.34
C GLU C 428 33.55 36.33 -38.76
N PRO C 429 33.92 37.61 -38.61
CA PRO C 429 35.24 37.90 -38.02
C PRO C 429 35.40 37.37 -36.60
N VAL C 430 34.36 37.49 -35.76
CA VAL C 430 34.45 36.97 -34.39
C VAL C 430 34.56 35.45 -34.39
N VAL C 431 33.75 34.76 -35.20
CA VAL C 431 33.80 33.31 -35.23
C VAL C 431 35.14 32.84 -35.78
N GLU C 432 35.81 33.67 -36.58
CA GLU C 432 37.14 33.34 -37.06
C GLU C 432 38.18 33.36 -35.94
N ARG C 433 38.19 34.42 -35.12
CA ARG C 433 39.11 34.48 -33.99
C ARG C 433 38.81 33.40 -32.95
N ILE C 434 37.51 33.11 -32.74
CA ILE C 434 37.13 32.10 -31.76
C ILE C 434 37.63 30.73 -32.18
N THR C 435 37.45 30.36 -33.47
CA THR C 435 37.91 29.07 -33.99
C THR C 435 39.41 29.04 -34.21
N ASN C 436 40.15 30.05 -33.76
CA ASN C 436 41.60 29.99 -33.78
C ASN C 436 42.22 29.69 -32.42
N LEU C 437 41.48 29.89 -31.33
CA LEU C 437 42.02 29.64 -29.99
C LEU C 437 42.39 28.16 -29.85
N PRO C 438 43.61 27.84 -29.48
CA PRO C 438 43.94 26.42 -29.20
C PRO C 438 43.30 25.97 -27.89
N VAL C 439 43.04 24.67 -27.81
CA VAL C 439 42.46 24.07 -26.61
C VAL C 439 43.58 23.61 -25.69
N ASN C 440 43.50 23.97 -24.42
CA ASN C 440 44.60 23.60 -23.54
C ASN C 440 44.56 22.11 -23.24
N GLY C 441 45.76 21.55 -23.08
CA GLY C 441 45.91 20.13 -22.89
C GLY C 441 45.44 19.29 -24.05
N THR C 442 45.48 19.87 -25.23
CA THR C 442 45.03 19.21 -26.43
C THR C 442 46.06 19.15 -27.52
N ALA C 443 47.13 19.91 -27.42
CA ALA C 443 48.19 19.93 -28.40
C ALA C 443 47.77 20.01 -29.87
N GLY C 444 47.21 21.13 -30.29
CA GLY C 444 46.79 21.27 -31.67
C GLY C 444 45.35 21.61 -31.98
N GLU C 445 44.38 20.88 -31.43
CA GLU C 445 42.98 21.17 -31.72
C GLU C 445 42.63 22.63 -31.46
N LYS C 446 41.78 23.18 -32.32
CA LYS C 446 41.25 24.52 -32.14
C LYS C 446 39.78 24.45 -31.72
N LEU C 447 39.36 25.46 -30.96
CA LEU C 447 37.99 25.53 -30.46
C LEU C 447 36.98 25.61 -31.60
N ARG C 448 35.85 24.92 -31.43
CA ARG C 448 34.70 25.01 -32.34
C ARG C 448 33.64 25.95 -31.78
N PHE C 449 32.80 26.47 -32.68
CA PHE C 449 31.80 27.48 -32.32
C PHE C 449 30.40 26.97 -32.62
N GLY C 450 29.47 27.19 -31.68
CA GLY C 450 28.09 26.82 -31.84
C GLY C 450 27.20 28.03 -31.64
N ILE C 451 25.94 27.91 -32.06
CA ILE C 451 25.02 29.02 -31.99
C ILE C 451 23.62 28.54 -31.60
N TRP C 452 22.82 29.45 -31.09
CA TRP C 452 21.46 29.18 -30.65
C TRP C 452 20.46 29.83 -31.60
N VAL C 453 19.40 29.11 -31.98
CA VAL C 453 18.34 29.65 -32.83
C VAL C 453 17.00 29.14 -32.32
N GLU C 454 15.93 29.89 -32.63
CA GLU C 454 14.57 29.49 -32.29
C GLU C 454 13.63 29.70 -33.50
N PRO C 455 13.77 28.85 -34.53
CA PRO C 455 13.22 29.21 -35.84
C PRO C 455 11.69 29.28 -35.92
N GLU C 456 10.97 28.50 -35.12
CA GLU C 456 9.51 28.44 -35.23
C GLU C 456 8.78 29.57 -34.49
N MET C 457 9.49 30.56 -33.99
CA MET C 457 8.90 31.56 -33.09
C MET C 457 9.14 32.95 -33.64
N VAL C 458 8.28 33.89 -33.23
CA VAL C 458 8.41 35.28 -33.65
C VAL C 458 7.98 36.17 -32.50
N ASN C 459 8.70 37.33 -32.32
CA ASN C 459 8.25 38.39 -31.42
C ASN C 459 7.38 39.37 -32.18
N PRO C 460 6.24 39.79 -31.65
CA PRO C 460 5.52 40.90 -32.29
C PRO C 460 6.42 42.11 -32.51
N ASN C 461 7.25 42.47 -31.54
CA ASN C 461 8.28 43.48 -31.75
C ASN C 461 9.42 42.82 -32.52
N SER C 462 9.22 42.73 -33.84
CA SER C 462 10.27 42.25 -34.75
C SER C 462 9.88 42.64 -36.17
N SER C 463 10.90 42.75 -37.03
CA SER C 463 10.65 43.11 -38.43
C SER C 463 9.86 42.02 -39.14
N LEU C 464 10.23 40.77 -38.90
CA LEU C 464 9.51 39.64 -39.48
C LEU C 464 8.00 39.74 -39.27
N TYR C 465 7.56 40.09 -38.06
CA TYR C 465 6.13 40.12 -37.76
C TYR C 465 5.42 41.29 -38.41
N ARG C 466 6.03 42.46 -38.43
CA ARG C 466 5.44 43.59 -39.15
C ARG C 466 5.30 43.27 -40.63
N GLU C 467 6.27 42.55 -41.21
CA GLU C 467 6.19 42.20 -42.62
C GLU C 467 5.10 41.15 -42.88
N HIS C 468 5.18 39.99 -42.20
CA HIS C 468 4.27 38.86 -42.45
C HIS C 468 3.43 38.53 -41.22
N PRO C 469 2.54 39.43 -40.79
CA PRO C 469 1.80 39.17 -39.54
C PRO C 469 0.85 37.98 -39.64
N ASP C 470 0.55 37.51 -40.83
CA ASP C 470 -0.33 36.38 -41.02
C ASP C 470 0.39 35.03 -40.96
N TRP C 471 1.71 35.03 -40.84
CA TRP C 471 2.44 33.77 -40.76
C TRP C 471 2.27 33.09 -39.40
N VAL C 472 1.78 33.81 -38.41
CA VAL C 472 1.74 33.24 -37.06
C VAL C 472 0.52 32.35 -36.93
N LEU C 473 0.60 31.37 -36.04
CA LEU C 473 -0.59 30.62 -35.71
C LEU C 473 -1.60 31.55 -35.06
N HIS C 474 -2.83 31.51 -35.55
CA HIS C 474 -3.91 32.34 -35.02
C HIS C 474 -5.23 31.82 -35.55
N ALA C 475 -6.32 32.23 -34.90
CA ALA C 475 -7.68 31.88 -35.31
C ALA C 475 -8.46 33.18 -35.52
N GLY C 476 -8.74 33.50 -36.79
CA GLY C 476 -9.47 34.70 -37.14
C GLY C 476 -9.07 35.91 -36.33
N SER C 477 -10.04 36.52 -35.67
CA SER C 477 -9.83 37.76 -34.93
C SER C 477 -9.64 37.54 -33.42
N TYR C 478 -9.38 36.31 -32.98
CA TYR C 478 -9.15 36.09 -31.56
C TYR C 478 -7.84 36.74 -31.14
N PRO C 479 -7.73 37.21 -29.90
CA PRO C 479 -6.44 37.72 -29.40
C PRO C 479 -5.30 36.76 -29.72
N ARG C 480 -4.16 37.34 -30.09
CA ARG C 480 -2.95 36.54 -30.29
C ARG C 480 -2.20 36.49 -28.97
N THR C 481 -2.52 35.48 -28.16
CA THR C 481 -1.99 35.39 -26.81
C THR C 481 -0.54 34.93 -26.88
N GLU C 482 0.31 35.61 -26.12
CA GLU C 482 1.74 35.39 -26.10
C GLU C 482 2.20 34.62 -24.86
N ARG C 483 3.30 33.93 -24.97
CA ARG C 483 3.92 33.24 -23.88
C ARG C 483 5.37 33.56 -24.11
N ARG C 484 5.95 34.18 -23.13
CA ARG C 484 7.30 34.70 -23.16
C ARG C 484 7.47 35.72 -24.31
N ASN C 485 6.47 36.56 -24.45
CA ASN C 485 6.36 37.58 -25.43
C ASN C 485 6.43 37.13 -26.89
N GLN C 486 6.15 35.90 -27.19
CA GLN C 486 6.27 35.43 -28.52
C GLN C 486 5.11 34.67 -29.05
N LEU C 487 5.02 34.65 -30.36
CA LEU C 487 4.02 33.87 -31.07
C LEU C 487 4.69 32.70 -31.76
N VAL C 488 3.87 31.77 -32.26
CA VAL C 488 4.37 30.62 -33.02
C VAL C 488 4.14 30.83 -34.50
N LEU C 489 5.19 30.65 -35.30
CA LEU C 489 5.05 30.68 -36.76
C LEU C 489 4.37 29.41 -37.25
N ASN C 490 3.47 29.57 -38.23
CA ASN C 490 2.68 28.45 -38.74
C ASN C 490 3.51 27.62 -39.71
N LEU C 491 4.11 26.53 -39.21
CA LEU C 491 4.92 25.71 -40.09
C LEU C 491 4.08 24.88 -41.03
N ALA C 492 2.74 24.96 -40.96
CA ALA C 492 1.95 24.33 -41.99
C ALA C 492 2.06 25.05 -43.33
N LEU C 493 2.40 26.36 -43.34
CA LEU C 493 2.54 27.15 -44.57
C LEU C 493 3.91 26.93 -45.21
N PRO C 494 3.98 26.60 -46.50
CA PRO C 494 5.30 26.41 -47.14
C PRO C 494 6.15 27.66 -47.14
N GLU C 495 5.52 28.84 -47.10
CA GLU C 495 6.26 30.10 -46.95
C GLU C 495 7.13 30.07 -45.71
N VAL C 496 6.55 29.66 -44.57
CA VAL C 496 7.28 29.63 -43.32
C VAL C 496 8.41 28.62 -43.39
N GLN C 497 8.12 27.43 -43.95
CA GLN C 497 9.14 26.40 -44.06
C GLN C 497 10.32 26.89 -44.86
N ASP C 498 10.05 27.51 -46.03
CA ASP C 498 11.13 28.00 -46.85
C ASP C 498 11.84 29.18 -46.18
N PHE C 499 11.12 29.97 -45.37
CA PHE C 499 11.79 31.02 -44.61
C PHE C 499 12.79 30.42 -43.60
N ILE C 500 12.39 29.37 -42.89
CA ILE C 500 13.28 28.76 -41.90
C ILE C 500 14.45 28.09 -42.58
N ILE C 501 14.21 27.37 -43.68
CA ILE C 501 15.30 26.72 -44.40
C ILE C 501 16.28 27.76 -44.91
N ASP C 502 15.77 28.89 -45.43
CA ASP C 502 16.65 29.86 -46.05
C ASP C 502 17.49 30.59 -45.00
N PHE C 503 16.87 31.05 -43.89
CA PHE C 503 17.71 31.80 -42.96
C PHE C 503 18.66 30.89 -42.17
N MET C 504 18.33 29.61 -42.02
CA MET C 504 19.29 28.72 -41.38
C MET C 504 20.42 28.36 -42.32
N THR C 505 20.13 28.19 -43.61
CA THR C 505 21.19 27.88 -44.58
C THR C 505 22.14 29.06 -44.77
N ASN C 506 21.60 30.27 -44.81
CA ASN C 506 22.46 31.43 -44.96
C ASN C 506 23.26 31.66 -43.69
N LEU C 507 22.68 31.38 -42.52
CA LEU C 507 23.41 31.51 -41.26
C LEU C 507 24.54 30.49 -41.16
N LEU C 508 24.26 29.23 -41.47
CA LEU C 508 25.28 28.18 -41.33
C LEU C 508 26.36 28.28 -42.39
N ASN C 509 26.10 28.97 -43.50
CA ASN C 509 27.13 29.21 -44.51
C ASN C 509 27.92 30.48 -44.27
N SER C 510 27.44 31.36 -43.37
CA SER C 510 28.04 32.68 -43.21
C SER C 510 29.21 32.70 -42.24
N ALA C 511 29.41 31.64 -41.46
CA ALA C 511 30.56 31.54 -40.57
C ALA C 511 30.84 30.06 -40.34
N ASP C 512 31.88 29.78 -39.54
CA ASP C 512 32.34 28.41 -39.30
C ASP C 512 31.62 27.85 -38.07
N ILE C 513 30.36 27.46 -38.27
CA ILE C 513 29.48 27.02 -37.22
C ILE C 513 29.35 25.50 -37.31
N SER C 514 29.76 24.78 -36.26
CA SER C 514 29.67 23.32 -36.28
C SER C 514 28.69 22.75 -35.26
N TYR C 515 27.85 23.59 -34.67
CA TYR C 515 26.90 23.16 -33.66
C TYR C 515 25.71 24.12 -33.65
N VAL C 516 24.52 23.57 -33.59
CA VAL C 516 23.30 24.38 -33.54
C VAL C 516 22.41 23.90 -32.40
N LYS C 517 21.99 24.82 -31.57
CA LYS C 517 21.03 24.55 -30.51
C LYS C 517 19.71 25.12 -31.00
N TRP C 518 18.82 24.23 -31.43
CA TRP C 518 17.50 24.57 -31.93
C TRP C 518 16.51 24.58 -30.76
N ASP C 519 16.11 25.76 -30.31
CA ASP C 519 15.20 25.92 -29.19
C ASP C 519 13.77 26.21 -29.67
N ASN C 520 12.86 26.40 -28.70
CA ASN C 520 11.42 26.51 -28.93
C ASN C 520 10.70 26.66 -27.59
N ASN C 521 10.25 27.87 -27.24
CA ASN C 521 9.96 28.16 -25.83
C ASN C 521 8.49 28.43 -25.55
N ARG C 522 7.59 27.84 -26.33
CA ARG C 522 6.19 27.90 -25.93
C ARG C 522 5.41 26.88 -26.74
N GLY C 523 4.22 26.56 -26.24
CA GLY C 523 3.31 25.68 -26.94
C GLY C 523 2.41 26.44 -27.90
N MET C 524 1.53 25.68 -28.57
CA MET C 524 0.54 26.26 -29.45
C MET C 524 -0.70 26.65 -28.66
N HIS C 525 -1.33 27.75 -29.05
CA HIS C 525 -2.58 28.15 -28.44
C HIS C 525 -3.63 28.17 -29.55
N GLU C 526 -3.97 29.34 -30.08
CA GLU C 526 -4.98 29.43 -31.13
C GLU C 526 -4.45 28.85 -32.44
N MET C 527 -5.30 28.08 -33.13
CA MET C 527 -4.96 27.39 -34.37
C MET C 527 -5.96 27.75 -35.45
N PRO C 528 -5.50 28.02 -36.67
CA PRO C 528 -6.46 28.34 -37.72
C PRO C 528 -7.43 27.22 -38.00
N SER C 529 -7.10 25.98 -37.62
CA SER C 529 -7.96 24.80 -37.81
C SER C 529 -7.35 23.63 -37.05
N THR C 530 -8.16 22.59 -36.85
CA THR C 530 -7.65 21.36 -36.24
C THR C 530 -6.66 20.66 -37.15
N ARG C 531 -6.91 20.68 -38.47
CA ARG C 531 -5.96 20.14 -39.44
C ARG C 531 -4.55 20.63 -39.18
N THR C 532 -4.39 21.87 -38.71
CA THR C 532 -3.07 22.48 -38.63
C THR C 532 -2.16 21.80 -37.62
N TYR C 533 -2.72 21.11 -36.62
CA TYR C 533 -1.86 20.45 -35.64
C TYR C 533 -0.91 19.47 -36.33
N HIS C 534 -1.44 18.63 -37.22
CA HIS C 534 -0.58 17.66 -37.87
C HIS C 534 0.13 18.27 -39.07
N GLU C 535 -0.58 19.12 -39.82
CA GLU C 535 0.06 19.83 -40.92
C GLU C 535 1.32 20.55 -40.44
N TYR C 536 1.26 21.16 -39.26
CA TYR C 536 2.45 21.78 -38.69
C TYR C 536 3.58 20.77 -38.56
N MET C 537 3.30 19.60 -37.98
CA MET C 537 4.37 18.62 -37.80
C MET C 537 4.96 18.16 -39.13
N LEU C 538 4.11 17.91 -40.14
CA LEU C 538 4.64 17.53 -41.45
C LEU C 538 5.53 18.64 -42.03
N GLY C 539 5.16 19.90 -41.77
CA GLY C 539 6.03 21.01 -42.17
C GLY C 539 7.32 21.04 -41.38
N LEU C 540 7.22 20.95 -40.04
CA LEU C 540 8.42 20.96 -39.20
C LEU C 540 9.38 19.86 -39.60
N TYR C 541 8.85 18.67 -39.92
CA TYR C 541 9.71 17.53 -40.25
C TYR C 541 10.35 17.71 -41.61
N ARG C 542 9.67 18.37 -42.55
CA ARG C 542 10.32 18.67 -43.82
C ARG C 542 11.51 19.61 -43.59
N VAL C 543 11.34 20.58 -42.69
CA VAL C 543 12.42 21.53 -42.42
C VAL C 543 13.58 20.84 -41.73
N LEU C 544 13.29 20.03 -40.70
CA LEU C 544 14.36 19.33 -39.97
C LEU C 544 15.03 18.29 -40.85
N ASP C 545 14.28 17.64 -41.73
CA ASP C 545 14.92 16.72 -42.65
C ASP C 545 15.88 17.47 -43.56
N THR C 546 15.42 18.55 -44.18
CA THR C 546 16.23 19.30 -45.14
C THR C 546 17.50 19.82 -44.49
N LEU C 547 17.35 20.56 -43.39
CA LEU C 547 18.50 21.20 -42.76
C LEU C 547 19.49 20.17 -42.23
N SER C 548 19.00 19.10 -41.58
CA SER C 548 19.91 18.14 -40.95
C SER C 548 20.65 17.29 -41.99
N ALA C 549 20.06 17.06 -43.17
CA ALA C 549 20.82 16.44 -44.26
C ALA C 549 21.69 17.42 -45.03
N ARG C 550 21.40 18.73 -44.97
CA ARG C 550 22.22 19.70 -45.67
C ARG C 550 23.51 20.02 -44.93
N PHE C 551 23.53 19.78 -43.63
CA PHE C 551 24.64 20.10 -42.76
C PHE C 551 24.91 18.87 -41.89
N PRO C 552 25.39 17.78 -42.49
CA PRO C 552 25.61 16.54 -41.73
C PRO C 552 26.76 16.63 -40.76
N ASP C 553 27.62 17.65 -40.85
CA ASP C 553 28.78 17.72 -39.97
C ASP C 553 28.61 18.76 -38.88
N VAL C 554 27.44 19.39 -38.81
CA VAL C 554 27.04 20.15 -37.64
C VAL C 554 26.49 19.19 -36.61
N LEU C 555 26.85 19.39 -35.34
CA LEU C 555 26.18 18.71 -34.24
C LEU C 555 24.90 19.47 -33.91
N TRP C 556 23.75 18.90 -34.28
CA TRP C 556 22.47 19.53 -33.98
C TRP C 556 22.01 19.06 -32.62
N GLU C 557 21.49 19.98 -31.83
CA GLU C 557 20.97 19.63 -30.52
C GLU C 557 19.59 20.25 -30.39
N GLY C 558 18.58 19.41 -30.14
CA GLY C 558 17.25 19.91 -29.94
C GLY C 558 17.04 20.45 -28.55
N CYS C 559 16.17 21.45 -28.46
CA CYS C 559 15.85 22.06 -27.19
C CYS C 559 14.41 22.58 -27.25
N ALA C 560 13.78 22.70 -26.09
CA ALA C 560 12.45 23.27 -26.02
C ALA C 560 12.16 23.61 -24.56
N SER C 561 12.73 24.71 -24.08
CA SER C 561 12.70 25.04 -22.67
C SER C 561 13.14 23.83 -21.85
N GLY C 562 14.24 23.22 -22.28
CA GLY C 562 14.66 21.95 -21.73
C GLY C 562 14.04 20.81 -22.51
N GLY C 563 13.34 19.91 -21.79
CA GLY C 563 12.82 18.72 -22.42
C GLY C 563 11.42 18.80 -22.99
N GLY C 564 11.03 19.93 -23.59
CA GLY C 564 9.65 20.03 -24.03
C GLY C 564 9.34 19.26 -25.30
N ARG C 565 10.37 18.86 -26.04
CA ARG C 565 10.26 18.07 -27.26
C ARG C 565 11.27 16.94 -27.19
N PHE C 566 11.34 16.27 -26.05
CA PHE C 566 12.25 15.12 -25.89
C PHE C 566 11.54 13.84 -26.33
N ASP C 567 11.51 13.62 -27.63
CA ASP C 567 10.81 12.45 -28.15
C ASP C 567 11.60 11.84 -29.31
N ALA C 568 11.21 10.61 -29.66
CA ALA C 568 11.84 9.88 -30.75
C ALA C 568 11.73 10.60 -32.09
N GLY C 569 10.74 11.48 -32.25
CA GLY C 569 10.62 12.23 -33.47
C GLY C 569 11.83 13.10 -33.75
N ILE C 570 12.13 14.02 -32.83
CA ILE C 570 13.29 14.90 -32.95
C ILE C 570 14.57 14.09 -33.03
N LEU C 571 14.66 13.01 -32.24
CA LEU C 571 15.89 12.23 -32.15
C LEU C 571 16.27 11.60 -33.47
N HIS C 572 15.31 11.42 -34.38
CA HIS C 572 15.63 10.91 -35.70
C HIS C 572 16.52 11.88 -36.47
N TYR C 573 16.34 13.17 -36.26
CA TYR C 573 17.12 14.19 -36.95
C TYR C 573 18.26 14.75 -36.10
N PHE C 574 18.11 14.75 -34.78
CA PHE C 574 19.10 15.32 -33.88
C PHE C 574 19.65 14.24 -32.96
N PRO C 575 20.97 14.13 -32.79
CA PRO C 575 21.49 13.07 -31.92
C PRO C 575 21.43 13.39 -30.43
N GLN C 576 21.08 14.62 -30.04
CA GLN C 576 21.02 14.95 -28.63
C GLN C 576 20.06 16.09 -28.38
N ILE C 577 19.57 16.16 -27.14
CA ILE C 577 18.49 17.05 -26.75
C ILE C 577 18.82 17.62 -25.39
N TRP C 578 18.58 18.91 -25.22
CA TRP C 578 18.77 19.53 -23.92
C TRP C 578 17.75 18.96 -22.94
N THR C 579 18.23 18.22 -21.93
CA THR C 579 17.35 17.40 -21.10
C THR C 579 16.40 18.24 -20.23
N SER C 580 16.86 19.38 -19.70
CA SER C 580 16.05 20.19 -18.79
C SER C 580 16.75 21.52 -18.56
N ASP C 581 15.96 22.59 -18.42
CA ASP C 581 16.53 23.87 -18.02
C ASP C 581 17.03 23.84 -16.59
N ASN C 582 16.47 22.94 -15.79
CA ASN C 582 16.98 22.69 -14.44
C ASN C 582 18.36 22.06 -14.54
N THR C 583 19.38 22.79 -14.08
CA THR C 583 20.73 22.25 -14.06
C THR C 583 21.20 21.93 -12.66
N ASP C 584 20.29 21.92 -11.68
CA ASP C 584 20.67 21.53 -10.33
C ASP C 584 21.08 20.06 -10.32
N GLY C 585 22.18 19.77 -9.61
CA GLY C 585 22.72 18.43 -9.64
C GLY C 585 21.82 17.39 -9.00
N VAL C 586 21.07 17.76 -7.98
CA VAL C 586 20.21 16.77 -7.31
C VAL C 586 18.98 16.45 -8.17
N ASP C 587 18.39 17.47 -8.82
CA ASP C 587 17.18 17.27 -9.61
C ASP C 587 17.48 16.62 -10.94
N ARG C 588 18.67 16.85 -11.49
CA ARG C 588 19.06 16.20 -12.72
C ARG C 588 19.23 14.69 -12.56
N ILE C 589 19.49 14.21 -11.34
CA ILE C 589 19.52 12.76 -11.16
C ILE C 589 18.15 12.17 -11.48
N THR C 590 17.11 12.67 -10.81
CA THR C 590 15.75 12.27 -11.09
C THR C 590 15.41 12.45 -12.57
N ILE C 591 15.78 13.62 -13.12
CA ILE C 591 15.39 13.97 -14.48
C ILE C 591 16.07 13.06 -15.48
N GLN C 592 17.37 12.79 -15.27
CA GLN C 592 18.15 11.99 -16.21
C GLN C 592 17.80 10.49 -16.12
N PHE C 593 17.72 9.94 -14.91
CA PHE C 593 17.25 8.57 -14.74
C PHE C 593 15.88 8.37 -15.39
N GLY C 594 14.99 9.36 -15.24
CA GLY C 594 13.66 9.23 -15.82
C GLY C 594 13.68 9.21 -17.34
N THR C 595 14.30 10.21 -17.95
CA THR C 595 14.42 10.27 -19.39
C THR C 595 15.05 8.99 -19.95
N SER C 596 16.03 8.43 -19.25
CA SER C 596 16.72 7.21 -19.66
C SER C 596 15.81 5.98 -19.69
N LEU C 597 14.64 6.06 -19.08
CA LEU C 597 13.65 4.99 -19.17
C LEU C 597 13.27 4.74 -20.62
N ALA C 598 13.14 5.81 -21.41
CA ALA C 598 12.78 5.69 -22.82
C ALA C 598 13.93 5.96 -23.78
N TYR C 599 14.83 6.91 -23.47
CA TYR C 599 15.80 7.36 -24.46
C TYR C 599 17.22 7.10 -23.96
N PRO C 600 18.18 6.91 -24.87
CA PRO C 600 19.52 6.51 -24.44
C PRO C 600 20.27 7.67 -23.81
N PRO C 601 21.15 7.41 -22.85
CA PRO C 601 21.95 8.50 -22.27
C PRO C 601 22.82 9.24 -23.30
N SER C 602 23.28 8.58 -24.36
CA SER C 602 23.99 9.31 -25.39
C SER C 602 23.19 10.50 -25.93
N THR C 603 21.91 10.57 -25.64
CA THR C 603 21.00 11.54 -26.21
C THR C 603 20.83 12.77 -25.33
N MET C 604 21.25 12.70 -24.07
CA MET C 604 20.89 13.69 -23.07
C MET C 604 22.01 14.69 -22.90
N GLY C 605 21.66 15.98 -22.96
CA GLY C 605 22.61 17.04 -22.67
C GLY C 605 22.59 17.40 -21.20
N ALA C 606 23.78 17.61 -20.64
CA ALA C 606 23.91 17.91 -19.23
C ALA C 606 25.07 18.88 -19.02
N HIS C 607 24.82 19.95 -18.28
CA HIS C 607 25.83 20.97 -18.06
C HIS C 607 26.08 21.17 -16.57
N LEU C 608 27.35 21.26 -16.21
CA LEU C 608 27.74 21.66 -14.87
C LEU C 608 27.42 23.15 -14.69
N SER C 609 26.63 23.47 -13.69
CA SER C 609 26.20 24.84 -13.45
C SER C 609 26.89 25.43 -12.23
N ALA C 610 26.68 26.73 -12.05
CA ALA C 610 27.19 27.44 -10.88
C ALA C 610 26.21 27.30 -9.71
N VAL C 611 26.68 27.67 -8.52
CA VAL C 611 25.85 27.60 -7.32
C VAL C 611 25.87 28.95 -6.62
N PRO C 612 24.81 29.34 -5.88
CA PRO C 612 23.50 28.69 -5.81
C PRO C 612 22.78 28.62 -7.16
N ASN C 613 22.01 27.55 -7.33
CA ASN C 613 21.40 27.26 -8.62
C ASN C 613 20.32 28.29 -8.94
N HIS C 614 20.25 28.65 -10.22
CA HIS C 614 19.33 29.71 -10.65
C HIS C 614 17.88 29.25 -10.70
N GLN C 615 17.63 27.94 -10.72
CA GLN C 615 16.27 27.43 -10.66
C GLN C 615 15.86 27.00 -9.27
N THR C 616 16.74 26.37 -8.50
CA THR C 616 16.33 25.83 -7.21
C THR C 616 16.84 26.60 -6.00
N SER C 617 17.93 27.35 -6.14
CA SER C 617 18.64 28.06 -5.08
C SER C 617 19.52 27.12 -4.27
N ARG C 618 19.55 25.83 -4.60
CA ARG C 618 20.37 24.84 -3.92
C ARG C 618 21.85 25.06 -4.19
N THR C 619 22.68 24.80 -3.18
CA THR C 619 24.12 24.76 -3.35
C THR C 619 24.63 23.33 -3.16
N VAL C 620 25.26 22.78 -4.20
CA VAL C 620 25.69 21.39 -4.26
C VAL C 620 27.17 21.39 -4.64
N PRO C 621 27.99 20.51 -4.08
CA PRO C 621 29.44 20.54 -4.37
C PRO C 621 29.79 20.26 -5.82
N LEU C 622 30.92 20.83 -6.25
CA LEU C 622 31.29 20.83 -7.67
C LEU C 622 31.49 19.42 -8.23
N GLU C 623 32.19 18.57 -7.50
CA GLU C 623 32.42 17.21 -7.99
C GLU C 623 31.09 16.47 -8.16
N PHE C 624 30.17 16.63 -7.21
CA PHE C 624 28.83 16.06 -7.34
C PHE C 624 28.17 16.53 -8.63
N ARG C 625 27.99 17.85 -8.77
CA ARG C 625 27.47 18.45 -10.01
C ARG C 625 28.13 17.87 -11.25
N ALA C 626 29.47 17.88 -11.29
CA ALA C 626 30.19 17.39 -12.47
C ALA C 626 29.86 15.92 -12.76
N HIS C 627 29.84 15.08 -11.72
CA HIS C 627 29.58 13.65 -11.93
C HIS C 627 28.15 13.41 -12.43
N VAL C 628 27.18 14.21 -11.98
CA VAL C 628 25.82 14.05 -12.50
C VAL C 628 25.80 14.33 -14.00
N ALA C 629 26.52 15.38 -14.44
CA ALA C 629 26.52 15.76 -15.86
C ALA C 629 27.25 14.77 -16.75
N MET C 630 28.16 13.96 -16.20
CA MET C 630 28.87 12.96 -17.01
C MET C 630 27.99 11.79 -17.41
N MET C 631 26.77 11.69 -16.90
CA MET C 631 25.89 10.62 -17.31
C MET C 631 25.20 10.93 -18.63
N GLY C 632 25.17 12.19 -19.03
CA GLY C 632 24.67 12.53 -20.34
C GLY C 632 25.74 12.45 -21.42
N GLY C 633 25.27 12.25 -22.66
CA GLY C 633 26.18 12.11 -23.78
C GLY C 633 26.97 13.37 -24.08
N SER C 634 26.35 14.54 -23.92
CA SER C 634 27.03 15.80 -24.19
C SER C 634 27.19 16.51 -22.84
N PHE C 635 28.36 16.32 -22.24
CA PHE C 635 28.79 17.04 -21.05
C PHE C 635 29.19 18.46 -21.44
N GLY C 636 28.89 19.39 -20.54
CA GLY C 636 29.29 20.75 -20.83
C GLY C 636 29.32 21.58 -19.57
N LEU C 637 29.68 22.85 -19.75
CA LEU C 637 29.66 23.85 -18.70
C LEU C 637 28.69 24.96 -19.10
N GLU C 638 27.98 25.49 -18.14
CA GLU C 638 27.08 26.56 -18.40
C GLU C 638 27.27 27.52 -17.28
N LEU C 639 28.43 28.18 -17.29
CA LEU C 639 28.77 29.15 -16.27
C LEU C 639 29.91 30.03 -16.76
N ASP C 640 30.07 31.18 -16.12
CA ASP C 640 31.09 32.12 -16.46
C ASP C 640 32.37 31.59 -15.95
N PRO C 641 33.31 31.26 -16.81
CA PRO C 641 34.56 30.66 -16.34
C PRO C 641 35.37 31.48 -15.37
N ALA C 642 35.04 32.74 -15.16
CA ALA C 642 35.79 33.54 -14.24
C ALA C 642 35.32 33.30 -12.81
N THR C 643 34.14 32.76 -12.63
CA THR C 643 33.61 32.51 -11.33
C THR C 643 33.92 31.13 -10.77
N LEU C 644 34.95 30.47 -11.27
CA LEU C 644 35.29 29.15 -10.82
C LEU C 644 36.17 29.09 -9.58
N GLN C 645 35.78 28.28 -8.61
CA GLN C 645 36.56 28.15 -7.40
C GLN C 645 37.84 27.37 -7.63
N ASP C 646 37.87 26.49 -8.62
CA ASP C 646 39.04 25.68 -8.85
C ASP C 646 39.37 25.35 -10.28
N ASP C 647 40.25 26.05 -10.95
CA ASP C 647 40.57 25.60 -12.30
C ASP C 647 41.13 24.19 -12.31
N PRO C 648 42.12 23.82 -11.47
CA PRO C 648 42.67 22.45 -11.58
C PRO C 648 41.63 21.37 -11.36
N GLU C 649 40.66 21.58 -10.48
CA GLU C 649 39.65 20.54 -10.29
C GLU C 649 38.64 20.51 -11.43
N VAL C 650 38.32 21.66 -12.01
CA VAL C 650 37.50 21.67 -13.21
C VAL C 650 38.25 20.98 -14.35
N ARG C 651 39.50 21.36 -14.56
CA ARG C 651 40.26 20.74 -15.63
C ARG C 651 40.32 19.23 -15.46
N ARG C 652 40.51 18.76 -14.23
CA ARG C 652 40.54 17.31 -13.99
C ARG C 652 39.19 16.66 -14.22
N LEU C 653 38.09 17.40 -14.01
CA LEU C 653 36.76 16.84 -14.21
C LEU C 653 36.38 16.79 -15.69
N ILE C 654 36.92 17.71 -16.51
CA ILE C 654 36.64 17.65 -17.94
C ILE C 654 37.38 16.49 -18.60
N LYS C 655 38.61 16.23 -18.15
CA LYS C 655 39.31 15.04 -18.62
C LYS C 655 38.58 13.77 -18.18
N LEU C 656 37.97 13.78 -17.01
CA LEU C 656 37.23 12.59 -16.58
C LEU C 656 35.98 12.39 -17.43
N ALA C 657 35.30 13.48 -17.78
CA ALA C 657 34.18 13.41 -18.71
C ALA C 657 34.61 12.79 -20.04
N GLU C 658 35.77 13.21 -20.58
CA GLU C 658 36.20 12.67 -21.86
C GLU C 658 36.51 11.19 -21.75
N LYS C 659 36.87 10.74 -20.56
CA LYS C 659 37.17 9.34 -20.33
C LYS C 659 35.91 8.50 -20.13
N VAL C 660 34.87 9.06 -19.50
CA VAL C 660 33.64 8.28 -19.32
C VAL C 660 32.74 8.33 -20.55
N ASN C 661 32.92 9.34 -21.40
CA ASN C 661 32.01 9.56 -22.52
C ASN C 661 31.86 8.34 -23.44
N PRO C 662 32.94 7.68 -23.88
CA PRO C 662 32.72 6.55 -24.81
C PRO C 662 31.81 5.50 -24.21
N LEU C 663 31.95 5.22 -22.92
CA LEU C 663 31.07 4.26 -22.27
C LEU C 663 29.63 4.75 -22.20
N VAL C 664 29.42 6.04 -21.95
CA VAL C 664 28.06 6.55 -21.86
C VAL C 664 27.39 6.55 -23.22
N ILE C 665 28.16 6.81 -24.27
CA ILE C 665 27.60 6.90 -25.62
C ILE C 665 27.23 5.51 -26.17
N ASN C 666 28.08 4.51 -25.92
CA ASN C 666 27.95 3.20 -26.56
C ASN C 666 27.63 2.07 -25.60
N GLY C 667 27.66 2.31 -24.29
CA GLY C 667 27.47 1.26 -23.32
C GLY C 667 26.00 0.90 -23.15
N ASP C 668 25.77 -0.09 -22.30
CA ASP C 668 24.43 -0.46 -21.86
C ASP C 668 24.20 0.09 -20.45
N LEU C 669 23.08 0.79 -20.26
CA LEU C 669 22.76 1.38 -18.96
C LEU C 669 22.07 0.35 -18.06
N TYR C 670 22.60 0.15 -16.87
CA TYR C 670 21.94 -0.60 -15.80
C TYR C 670 21.62 0.39 -14.67
N ARG C 671 20.34 0.67 -14.47
CA ARG C 671 19.94 1.50 -13.34
C ARG C 671 19.94 0.60 -12.11
N LEU C 672 21.01 0.66 -11.33
CA LEU C 672 21.19 -0.24 -10.20
C LEU C 672 20.23 0.10 -9.06
N ARG C 673 20.10 1.39 -8.75
CA ARG C 673 19.25 1.83 -7.67
C ARG C 673 18.56 3.11 -8.11
N LEU C 674 17.26 3.16 -7.96
CA LEU C 674 16.48 4.27 -8.50
C LEU C 674 16.44 5.44 -7.52
N PRO C 675 16.51 6.70 -7.97
CA PRO C 675 16.40 7.82 -7.00
C PRO C 675 15.03 7.94 -6.37
N GLU C 676 14.02 7.30 -6.94
CA GLU C 676 12.69 7.31 -6.38
C GLU C 676 12.55 6.34 -5.22
N GLU C 677 13.50 5.41 -5.05
CA GLU C 677 13.39 4.33 -4.07
C GLU C 677 14.31 4.49 -2.85
N SER C 678 15.40 5.24 -2.97
CA SER C 678 16.28 5.49 -1.83
C SER C 678 17.08 6.74 -2.11
N GLN C 679 17.81 7.19 -1.10
CA GLN C 679 18.67 8.35 -1.30
C GLN C 679 20.04 8.00 -1.87
N TRP C 680 20.25 6.75 -2.31
CA TRP C 680 21.49 6.29 -2.92
C TRP C 680 21.30 5.80 -4.35
N PRO C 681 20.86 6.67 -5.28
CA PRO C 681 20.76 6.24 -6.68
C PRO C 681 22.11 5.80 -7.23
N ALA C 682 22.08 4.88 -8.19
CA ALA C 682 23.32 4.38 -8.78
C ALA C 682 23.06 3.88 -10.19
N ALA C 683 24.03 4.08 -11.07
CA ALA C 683 23.93 3.65 -12.45
C ALA C 683 25.23 3.02 -12.91
N LEU C 684 25.12 2.09 -13.84
CA LEU C 684 26.28 1.38 -14.36
C LEU C 684 26.20 1.34 -15.89
N PHE C 685 27.26 1.79 -16.55
CA PHE C 685 27.39 1.73 -18.00
C PHE C 685 28.38 0.64 -18.33
N VAL C 686 27.93 -0.42 -19.00
CA VAL C 686 28.80 -1.53 -19.36
C VAL C 686 29.02 -1.46 -20.86
N ALA C 687 30.28 -1.62 -21.28
CA ALA C 687 30.60 -1.67 -22.69
C ALA C 687 29.89 -2.84 -23.36
N GLU C 688 29.50 -2.62 -24.63
CA GLU C 688 28.74 -3.64 -25.36
C GLU C 688 29.45 -4.99 -25.33
N ASP C 689 30.78 -4.97 -25.39
CA ASP C 689 31.63 -6.16 -25.33
C ASP C 689 32.06 -6.51 -23.92
N GLY C 690 31.59 -5.78 -22.93
CA GLY C 690 31.86 -6.12 -21.55
C GLY C 690 33.29 -6.02 -21.10
N SER C 691 34.15 -5.33 -21.85
CA SER C 691 35.53 -5.18 -21.41
C SER C 691 35.71 -4.06 -20.38
N GLN C 692 34.80 -3.10 -20.33
CA GLN C 692 34.91 -1.97 -19.42
C GLN C 692 33.54 -1.58 -18.89
N ALA C 693 33.54 -0.89 -17.75
CA ALA C 693 32.32 -0.35 -17.18
C ALA C 693 32.66 0.86 -16.31
N VAL C 694 31.74 1.83 -16.27
CA VAL C 694 31.77 2.96 -15.36
C VAL C 694 30.60 2.81 -14.40
N LEU C 695 30.82 3.07 -13.11
CA LEU C 695 29.77 3.04 -12.09
C LEU C 695 29.66 4.44 -11.50
N PHE C 696 28.49 5.06 -11.66
CA PHE C 696 28.15 6.30 -10.95
C PHE C 696 27.36 5.96 -9.69
N TYR C 697 27.79 6.49 -8.55
CA TYR C 697 27.11 6.25 -7.29
C TYR C 697 26.97 7.56 -6.54
N PHE C 698 25.78 7.80 -6.01
CA PHE C 698 25.46 9.06 -5.38
C PHE C 698 24.81 8.84 -4.02
N GLN C 699 25.06 9.76 -3.11
CA GLN C 699 24.30 9.84 -1.87
C GLN C 699 23.66 11.22 -1.83
N VAL C 700 22.33 11.27 -1.81
CA VAL C 700 21.74 12.57 -2.04
C VAL C 700 21.65 13.30 -0.71
N GLY C 701 20.73 12.97 0.19
CA GLY C 701 20.74 13.63 1.46
C GLY C 701 21.93 13.23 2.34
N PRO C 702 22.03 13.82 3.53
CA PRO C 702 23.02 13.34 4.50
C PRO C 702 22.64 11.99 5.07
N ASN C 703 23.64 11.21 5.48
CA ASN C 703 23.38 9.90 6.10
C ASN C 703 23.97 9.93 7.50
N VAL C 704 23.24 10.54 8.43
CA VAL C 704 23.76 10.77 9.77
C VAL C 704 23.69 9.48 10.57
N ASN C 705 24.82 9.08 11.16
CA ASN C 705 24.90 7.97 12.14
C ASN C 705 24.01 6.79 11.76
N HIS C 706 24.34 6.13 10.64
CA HIS C 706 23.50 5.06 10.11
C HIS C 706 24.30 4.31 9.05
N ALA C 707 24.06 3.01 8.93
CA ALA C 707 24.81 2.25 7.94
C ALA C 707 24.46 2.70 6.52
N ALA C 708 25.34 2.36 5.58
CA ALA C 708 25.10 2.64 4.17
C ALA C 708 24.79 1.33 3.45
N PRO C 709 23.99 1.38 2.37
CA PRO C 709 23.66 0.15 1.65
C PRO C 709 24.83 -0.36 0.84
N TRP C 710 24.65 -1.55 0.28
CA TRP C 710 25.56 -2.10 -0.71
C TRP C 710 24.97 -1.84 -2.09
N VAL C 711 25.79 -1.37 -3.01
CA VAL C 711 25.39 -1.26 -4.40
C VAL C 711 25.87 -2.52 -5.09
N ARG C 712 24.94 -3.24 -5.72
CA ARG C 712 25.26 -4.48 -6.41
C ARG C 712 25.20 -4.26 -7.91
N LEU C 713 26.25 -4.68 -8.59
CA LEU C 713 26.35 -4.50 -10.03
C LEU C 713 25.49 -5.55 -10.74
N GLN C 714 25.38 -5.40 -12.05
CA GLN C 714 24.76 -6.40 -12.90
C GLN C 714 25.28 -6.17 -14.32
N GLY C 715 25.00 -7.11 -15.19
CA GLY C 715 25.47 -7.02 -16.55
C GLY C 715 26.93 -7.38 -16.74
N LEU C 716 27.57 -7.97 -15.74
CA LEU C 716 28.93 -8.46 -15.89
C LEU C 716 28.93 -9.97 -16.07
N ASP C 717 30.10 -10.50 -16.46
CA ASP C 717 30.30 -11.94 -16.56
C ASP C 717 30.57 -12.51 -15.17
N PRO C 718 29.73 -13.41 -14.65
CA PRO C 718 29.94 -13.89 -13.27
C PRO C 718 31.29 -14.58 -13.05
N GLU C 719 31.95 -15.04 -14.11
CA GLU C 719 33.19 -15.78 -13.94
C GLU C 719 34.44 -15.00 -14.33
N ALA C 720 34.29 -13.83 -14.97
CA ALA C 720 35.44 -12.98 -15.23
C ALA C 720 35.92 -12.30 -13.95
N ARG C 721 37.15 -11.80 -14.00
CA ARG C 721 37.68 -10.92 -12.96
C ARG C 721 37.72 -9.49 -13.47
N TYR C 722 37.47 -8.54 -12.57
CA TYR C 722 37.34 -7.14 -12.93
C TYR C 722 38.13 -6.30 -11.95
N THR C 723 39.10 -5.54 -12.44
CA THR C 723 39.86 -4.63 -11.59
C THR C 723 39.12 -3.31 -11.40
N VAL C 724 38.96 -2.92 -10.13
CA VAL C 724 38.17 -1.76 -9.74
C VAL C 724 39.11 -0.59 -9.45
N ASP C 725 39.00 0.46 -10.27
CA ASP C 725 39.78 1.69 -10.11
C ASP C 725 41.28 1.40 -9.95
N GLY C 726 41.80 0.50 -10.80
CA GLY C 726 43.21 0.15 -10.79
C GLY C 726 43.73 -0.55 -9.54
N ASN C 727 42.88 -0.87 -8.57
CA ASN C 727 43.33 -1.38 -7.30
C ASN C 727 42.86 -2.83 -7.18
N ALA C 728 41.81 -3.09 -6.41
CA ALA C 728 41.39 -4.44 -6.10
C ALA C 728 40.81 -5.16 -7.34
N THR C 729 40.83 -6.49 -7.29
CA THR C 729 40.35 -7.31 -8.39
C THR C 729 39.37 -8.35 -7.85
N TYR C 730 38.16 -8.35 -8.41
CA TYR C 730 37.04 -9.13 -7.89
C TYR C 730 36.36 -9.88 -9.03
N LYS C 731 35.84 -11.06 -8.72
CA LYS C 731 35.07 -11.81 -9.69
C LYS C 731 33.72 -11.15 -9.95
N GLY C 732 33.20 -11.34 -11.17
CA GLY C 732 31.93 -10.74 -11.52
C GLY C 732 30.80 -11.12 -10.59
N ALA C 733 30.74 -12.41 -10.23
CA ALA C 733 29.70 -12.88 -9.30
C ALA C 733 29.81 -12.17 -7.96
N THR C 734 31.04 -11.93 -7.50
CA THR C 734 31.22 -11.21 -6.25
C THR C 734 30.73 -9.77 -6.36
N LEU C 735 31.01 -9.11 -7.48
CA LEU C 735 30.53 -7.73 -7.66
C LEU C 735 29.02 -7.68 -7.85
N MET C 736 28.43 -8.74 -8.40
CA MET C 736 27.00 -8.74 -8.63
C MET C 736 26.19 -9.23 -7.43
N ASN C 737 26.73 -10.15 -6.63
CA ASN C 737 25.93 -10.76 -5.59
C ASN C 737 26.23 -10.22 -4.19
N LEU C 738 27.42 -9.67 -3.98
CA LEU C 738 27.75 -8.98 -2.75
C LEU C 738 27.80 -7.47 -2.95
N GLY C 739 28.59 -7.00 -3.92
CA GLY C 739 28.64 -5.61 -4.26
C GLY C 739 29.77 -4.85 -3.62
N LEU C 740 29.63 -3.54 -3.65
CA LEU C 740 30.57 -2.60 -3.09
C LEU C 740 29.84 -1.70 -2.11
N GLN C 741 30.57 -1.12 -1.16
CA GLN C 741 30.00 -0.20 -0.20
C GLN C 741 30.83 1.08 -0.14
N PHE C 742 30.15 2.22 -0.14
CA PHE C 742 30.80 3.53 -0.06
C PHE C 742 30.18 4.32 1.09
N THR C 743 31.02 5.03 1.84
CA THR C 743 30.61 5.90 2.94
C THR C 743 31.06 7.33 2.68
N PHE C 744 30.34 8.26 3.31
CA PHE C 744 30.55 9.69 3.09
C PHE C 744 30.36 10.46 4.39
N ASP C 745 31.18 11.51 4.58
CA ASP C 745 31.03 12.44 5.71
C ASP C 745 30.58 13.80 5.18
N SER C 746 29.39 13.86 4.58
CA SER C 746 28.99 15.10 3.93
C SER C 746 27.53 15.00 3.52
N GLU C 747 26.95 16.15 3.19
CA GLU C 747 25.54 16.21 2.78
C GLU C 747 25.33 15.52 1.45
N TYR C 748 26.32 15.60 0.56
CA TYR C 748 26.22 15.09 -0.80
C TYR C 748 27.50 14.33 -1.11
N GLY C 749 27.34 13.11 -1.62
CA GLY C 749 28.47 12.30 -2.01
C GLY C 749 28.28 11.80 -3.43
N SER C 750 29.40 11.39 -4.03
CA SER C 750 29.37 10.82 -5.37
C SER C 750 30.66 10.05 -5.59
N LYS C 751 30.58 8.99 -6.40
CA LYS C 751 31.76 8.21 -6.74
C LYS C 751 31.65 7.75 -8.18
N VAL C 752 32.70 7.98 -8.95
CA VAL C 752 32.83 7.45 -10.31
C VAL C 752 33.92 6.38 -10.25
N VAL C 753 33.52 5.13 -10.46
CA VAL C 753 34.38 3.97 -10.27
C VAL C 753 34.44 3.20 -11.58
N PHE C 754 35.66 3.03 -12.11
CA PHE C 754 35.86 2.35 -13.38
C PHE C 754 36.11 0.87 -13.15
N LEU C 755 35.62 0.02 -14.07
CA LEU C 755 35.88 -1.42 -14.05
C LEU C 755 36.53 -1.83 -15.35
N GLU C 756 37.52 -2.72 -15.27
CA GLU C 756 38.16 -3.27 -16.45
C GLU C 756 38.24 -4.78 -16.35
N LYS C 757 37.75 -5.48 -17.35
CA LYS C 757 37.87 -6.90 -17.38
C LYS C 757 39.35 -7.21 -17.31
N GLN C 758 39.73 -7.81 -16.19
CA GLN C 758 41.07 -8.16 -15.76
C GLN C 758 41.97 -6.94 -15.68
N ASN D 43 35.24 -29.43 -1.73
CA ASN D 43 35.56 -28.02 -1.52
C ASN D 43 34.32 -27.15 -1.24
N ALA D 44 33.31 -27.74 -0.58
CA ALA D 44 32.17 -26.96 -0.14
C ALA D 44 32.49 -25.99 1.01
N ILE D 45 33.54 -26.25 1.79
CA ILE D 45 33.95 -25.34 2.85
C ILE D 45 35.40 -24.99 2.61
N VAL D 46 35.70 -23.70 2.62
CA VAL D 46 37.04 -23.21 2.37
C VAL D 46 37.45 -22.35 3.54
N VAL D 47 38.55 -22.71 4.17
CA VAL D 47 39.12 -21.94 5.25
C VAL D 47 40.37 -21.24 4.73
N ASP D 48 40.47 -19.95 5.01
CA ASP D 48 41.63 -19.13 4.65
C ASP D 48 41.95 -18.31 5.89
N GLY D 49 42.90 -18.76 6.69
CA GLY D 49 43.28 -18.00 7.87
C GLY D 49 42.13 -18.03 8.87
N THR D 50 41.61 -16.86 9.20
CA THR D 50 40.41 -16.78 10.03
C THR D 50 39.14 -16.53 9.20
N THR D 51 39.21 -16.71 7.89
CA THR D 51 38.03 -16.59 7.04
C THR D 51 37.44 -17.96 6.73
N PHE D 52 36.12 -18.06 6.80
CA PHE D 52 35.40 -19.30 6.56
C PHE D 52 34.37 -19.09 5.47
N ALA D 53 34.37 -19.94 4.45
CA ALA D 53 33.39 -19.79 3.37
C ALA D 53 32.67 -21.10 3.17
N LEU D 54 31.34 -21.07 3.12
CA LEU D 54 30.51 -22.22 2.82
C LEU D 54 29.95 -22.00 1.44
N HIS D 55 30.30 -22.84 0.49
CA HIS D 55 29.84 -22.68 -0.88
C HIS D 55 28.85 -23.79 -1.21
N GLY D 56 27.77 -23.40 -1.88
CA GLY D 56 26.85 -24.32 -2.50
C GLY D 56 26.79 -24.09 -4.01
N ALA D 57 25.93 -24.87 -4.64
CA ALA D 57 25.76 -24.78 -6.09
C ALA D 57 25.44 -23.35 -6.49
N GLY D 58 24.56 -22.69 -5.74
CA GLY D 58 24.18 -21.34 -6.07
C GLY D 58 24.12 -20.42 -4.87
N MET D 59 24.88 -20.75 -3.83
CA MET D 59 24.79 -20.05 -2.56
C MET D 59 26.20 -19.91 -1.98
N SER D 60 26.41 -18.84 -1.22
CA SER D 60 27.65 -18.68 -0.46
C SER D 60 27.33 -18.06 0.90
N TYR D 61 28.08 -18.51 1.89
CA TYR D 61 27.94 -18.11 3.28
C TYR D 61 29.36 -17.86 3.77
N VAL D 62 29.68 -16.60 4.08
CA VAL D 62 31.05 -16.21 4.38
C VAL D 62 31.09 -15.42 5.68
N PHE D 63 31.93 -15.87 6.62
CA PHE D 63 32.17 -15.15 7.85
C PHE D 63 33.63 -15.28 8.23
N HIS D 64 34.02 -14.61 9.31
CA HIS D 64 35.42 -14.60 9.66
C HIS D 64 35.53 -14.23 11.14
N ALA D 65 36.71 -14.52 11.70
CA ALA D 65 37.00 -14.24 13.08
C ALA D 65 37.80 -12.97 13.16
N ASN D 66 37.28 -11.99 13.88
CA ASN D 66 37.98 -10.75 14.17
C ASN D 66 39.14 -11.05 15.11
N THR D 67 40.37 -10.84 14.64
CA THR D 67 41.52 -11.24 15.44
C THR D 67 41.84 -10.24 16.55
N THR D 68 41.20 -9.09 16.57
CA THR D 68 41.36 -8.15 17.67
C THR D 68 40.35 -8.41 18.78
N THR D 69 39.08 -8.50 18.43
CA THR D 69 38.01 -8.76 19.39
C THR D 69 37.75 -10.24 19.62
N GLY D 70 38.04 -11.11 18.66
CA GLY D 70 37.67 -12.48 18.81
C GLY D 70 36.28 -12.83 18.33
N ASP D 71 35.50 -11.86 17.87
CA ASP D 71 34.11 -12.13 17.52
C ASP D 71 34.01 -12.68 16.10
N LEU D 72 32.91 -13.36 15.82
CA LEU D 72 32.60 -13.81 14.47
C LEU D 72 31.76 -12.77 13.76
N ILE D 73 32.22 -12.33 12.59
CA ILE D 73 31.56 -11.29 11.81
C ILE D 73 31.10 -11.89 10.49
N THR D 74 29.85 -11.60 10.10
CA THR D 74 29.31 -12.11 8.83
C THR D 74 29.66 -11.19 7.67
N ASP D 75 30.15 -11.78 6.59
CA ASP D 75 30.49 -11.01 5.40
C ASP D 75 29.40 -11.09 4.35
N HIS D 76 28.93 -12.29 4.05
CA HIS D 76 27.96 -12.43 3.00
C HIS D 76 27.14 -13.69 3.26
N TYR D 77 25.84 -13.61 3.04
CA TYR D 77 24.99 -14.81 2.99
C TYR D 77 24.01 -14.56 1.86
N GLY D 78 24.19 -15.28 0.76
CA GLY D 78 23.43 -15.01 -0.45
C GLY D 78 23.97 -15.76 -1.64
N ALA D 79 23.93 -15.15 -2.82
CA ALA D 79 24.34 -15.84 -4.03
C ALA D 79 25.86 -16.08 -4.00
N SER D 80 26.32 -16.91 -4.94
CA SER D 80 27.72 -17.32 -4.97
C SER D 80 28.64 -16.12 -5.06
N VAL D 81 29.68 -16.13 -4.25
CA VAL D 81 30.84 -15.26 -4.42
C VAL D 81 32.05 -16.18 -4.49
N SER D 82 33.19 -15.61 -4.90
CA SER D 82 34.44 -16.36 -4.86
C SER D 82 35.60 -15.42 -5.07
N GLY D 83 36.74 -15.79 -4.52
CA GLY D 83 37.89 -14.92 -4.56
C GLY D 83 37.83 -13.85 -3.48
N ALA D 84 38.55 -12.76 -3.72
CA ALA D 84 38.57 -11.67 -2.76
C ALA D 84 37.16 -11.12 -2.54
N LEU D 85 36.85 -10.76 -1.27
CA LEU D 85 35.59 -10.09 -1.01
C LEU D 85 35.83 -8.63 -0.68
N PRO D 86 35.01 -7.71 -1.20
CA PRO D 86 35.12 -6.30 -0.78
C PRO D 86 34.90 -6.13 0.72
N SER D 87 35.76 -5.42 1.33
CA SER D 87 35.45 -5.28 2.74
C SER D 87 34.71 -3.97 3.00
N PRO D 88 33.82 -3.93 3.98
CA PRO D 88 33.04 -2.72 4.24
C PRO D 88 33.89 -1.63 4.86
N PRO D 89 33.82 -0.40 4.32
CA PRO D 89 34.55 0.72 4.92
C PRO D 89 34.11 0.96 6.36
N GLU D 90 35.10 1.17 7.24
CA GLU D 90 34.81 1.19 8.66
C GLU D 90 33.83 2.29 9.01
N PRO D 91 32.83 2.02 9.83
CA PRO D 91 31.81 3.04 10.12
C PRO D 91 32.31 4.08 11.11
N VAL D 92 31.75 5.27 10.99
CA VAL D 92 32.03 6.35 11.93
C VAL D 92 31.12 6.17 13.15
N VAL D 93 31.70 6.24 14.34
CA VAL D 93 31.02 5.93 15.59
C VAL D 93 30.65 7.23 16.30
N ASN D 94 29.36 7.38 16.63
CA ASN D 94 28.91 8.50 17.46
C ASN D 94 27.76 8.07 18.36
N GLY D 95 27.62 8.75 19.50
CA GLY D 95 26.57 8.38 20.44
C GLY D 95 26.91 7.13 21.23
N TRP D 96 25.87 6.37 21.57
CA TRP D 96 26.03 5.25 22.49
C TRP D 96 26.38 3.93 21.81
N VAL D 97 25.97 3.77 20.55
CA VAL D 97 26.15 2.54 19.82
C VAL D 97 27.59 2.53 19.31
N GLY D 98 28.46 1.82 20.01
CA GLY D 98 29.84 1.68 19.56
C GLY D 98 29.99 0.74 18.40
N MET D 99 31.23 0.30 18.14
CA MET D 99 31.52 -0.47 16.95
C MET D 99 30.87 -1.86 16.96
N ILE D 100 30.69 -2.45 18.16
CA ILE D 100 30.08 -3.79 18.23
C ILE D 100 28.62 -3.73 17.77
N GLY D 101 27.94 -2.59 17.95
CA GLY D 101 26.58 -2.34 17.49
C GLY D 101 26.45 -1.94 16.03
N ARG D 102 27.54 -1.97 15.27
CA ARG D 102 27.51 -1.56 13.86
C ARG D 102 28.07 -2.63 12.95
N THR D 103 28.33 -3.83 13.47
CA THR D 103 28.90 -4.93 12.70
C THR D 103 27.90 -6.07 12.67
N ARG D 104 28.03 -6.89 11.64
CA ARG D 104 27.17 -8.06 11.48
C ARG D 104 27.81 -9.21 12.25
N ARG D 105 27.10 -9.73 13.26
CA ARG D 105 27.68 -10.69 14.19
C ARG D 105 27.01 -12.06 14.08
N GLU D 106 27.84 -13.12 14.07
CA GLU D 106 27.34 -14.50 13.95
C GLU D 106 26.71 -15.05 15.23
N PHE D 107 27.29 -14.77 16.39
CA PHE D 107 26.81 -15.29 17.67
C PHE D 107 26.82 -14.16 18.69
N PRO D 108 25.91 -13.18 18.55
CA PRO D 108 26.00 -11.97 19.35
C PRO D 108 25.48 -12.13 20.77
N ASP D 109 26.22 -11.54 21.72
CA ASP D 109 25.82 -11.39 23.11
C ASP D 109 25.45 -9.94 23.41
N GLN D 110 24.76 -9.74 24.53
CA GLN D 110 24.39 -8.43 25.04
C GLN D 110 25.12 -8.10 26.33
N GLY D 111 25.21 -6.81 26.63
CA GLY D 111 25.90 -6.39 27.82
C GLY D 111 27.36 -6.01 27.67
N ARG D 112 27.85 -5.81 26.43
CA ARG D 112 29.21 -5.31 26.25
C ARG D 112 29.26 -4.18 25.21
N GLY D 113 28.12 -3.56 24.91
CA GLY D 113 28.04 -2.48 23.95
C GLY D 113 27.01 -2.67 22.86
N ASP D 114 26.66 -3.91 22.55
CA ASP D 114 25.65 -4.20 21.54
C ASP D 114 24.28 -4.18 22.22
N PHE D 115 23.40 -3.32 21.74
CA PHE D 115 22.06 -3.23 22.28
C PHE D 115 21.02 -3.99 21.45
N ARG D 116 21.45 -4.70 20.39
CA ARG D 116 20.54 -5.50 19.58
C ARG D 116 20.19 -6.81 20.27
N ILE D 117 19.08 -7.41 19.87
CA ILE D 117 18.61 -8.65 20.50
C ILE D 117 19.68 -9.73 20.37
N PRO D 118 20.05 -10.41 21.44
CA PRO D 118 21.18 -11.36 21.39
C PRO D 118 20.77 -12.79 21.07
N ALA D 119 21.77 -13.56 20.62
CA ALA D 119 21.60 -14.98 20.41
C ALA D 119 21.81 -15.83 21.66
N VAL D 120 22.52 -15.32 22.66
CA VAL D 120 22.82 -16.09 23.86
C VAL D 120 22.70 -15.16 25.07
N ARG D 121 22.08 -15.65 26.14
CA ARG D 121 22.13 -15.03 27.46
C ARG D 121 22.56 -16.09 28.45
N ILE D 122 23.58 -15.79 29.24
CA ILE D 122 24.08 -16.75 30.21
C ILE D 122 24.18 -16.04 31.56
N ARG D 123 23.61 -16.67 32.60
CA ARG D 123 23.76 -16.21 33.97
C ARG D 123 24.94 -16.93 34.60
N GLN D 124 26.04 -16.19 34.86
CA GLN D 124 27.25 -16.76 35.45
C GLN D 124 27.03 -17.14 36.91
N THR D 125 27.93 -18.01 37.41
CA THR D 125 27.85 -18.43 38.80
C THR D 125 27.93 -17.24 39.74
N ALA D 126 28.72 -16.22 39.39
CA ALA D 126 28.87 -15.01 40.19
C ALA D 126 27.75 -14.00 40.01
N GLY D 127 26.68 -14.34 39.26
CA GLY D 127 25.52 -13.49 39.14
C GLY D 127 25.47 -12.61 37.92
N TYR D 128 26.57 -12.46 37.17
CA TYR D 128 26.60 -11.60 36.01
C TYR D 128 25.82 -12.21 34.86
N ALA D 129 25.22 -11.34 34.05
CA ALA D 129 24.64 -11.79 32.80
C ALA D 129 25.48 -11.22 31.68
N VAL D 130 26.79 -11.41 31.78
CA VAL D 130 27.76 -11.00 30.78
C VAL D 130 28.41 -12.24 30.19
N SER D 131 28.94 -12.09 28.97
CA SER D 131 29.44 -13.21 28.19
C SER D 131 30.40 -12.68 27.13
N ASP D 132 31.68 -13.03 27.23
CA ASP D 132 32.70 -12.62 26.25
C ASP D 132 33.28 -13.86 25.57
N LEU D 133 32.54 -14.39 24.59
CA LEU D 133 32.95 -15.57 23.85
C LEU D 133 33.87 -15.17 22.69
N ARG D 134 35.07 -15.73 22.67
CA ARG D 134 36.09 -15.37 21.70
C ARG D 134 36.54 -16.61 20.94
N TYR D 135 36.70 -16.43 19.62
CA TYR D 135 37.18 -17.50 18.76
C TYR D 135 38.44 -18.14 19.32
N GLN D 136 38.48 -19.46 19.28
CA GLN D 136 39.67 -20.22 19.68
C GLN D 136 40.27 -21.01 18.53
N GLY D 137 39.46 -21.72 17.78
CA GLY D 137 39.93 -22.59 16.71
C GLY D 137 38.72 -23.21 16.05
N HIS D 138 39.01 -24.10 15.11
CA HIS D 138 37.95 -24.73 14.31
C HIS D 138 38.46 -26.03 13.76
N GLU D 139 37.53 -26.83 13.25
CA GLU D 139 37.81 -28.10 12.59
C GLU D 139 36.78 -28.29 11.47
N VAL D 140 37.21 -28.78 10.33
CA VAL D 140 36.28 -29.10 9.26
C VAL D 140 36.34 -30.59 9.02
N ARG D 141 35.18 -31.22 8.85
CA ARG D 141 35.11 -32.65 8.68
C ARG D 141 34.12 -32.94 7.57
N ASP D 142 34.40 -33.97 6.79
CA ASP D 142 33.40 -34.31 5.81
C ASP D 142 32.23 -34.99 6.51
N GLY D 143 31.07 -34.96 5.85
CA GLY D 143 29.87 -35.51 6.45
C GLY D 143 29.27 -34.57 7.48
N LYS D 144 28.47 -35.15 8.39
CA LYS D 144 27.78 -34.37 9.39
C LYS D 144 27.62 -35.28 10.60
N PRO D 145 27.99 -34.83 11.80
CA PRO D 145 27.79 -35.65 13.00
C PRO D 145 26.36 -35.56 13.50
N GLY D 146 26.02 -36.52 14.38
CA GLY D 146 24.71 -36.53 14.96
C GLY D 146 24.52 -35.47 16.02
N LEU D 147 23.26 -35.17 16.31
CA LEU D 147 22.90 -34.23 17.35
C LEU D 147 22.38 -35.03 18.53
N PRO D 148 22.98 -34.92 19.71
CA PRO D 148 22.61 -35.78 20.84
C PRO D 148 21.17 -35.58 21.29
N GLY D 149 20.40 -36.66 21.22
CA GLY D 149 19.03 -36.65 21.68
C GLY D 149 18.03 -35.97 20.78
N LEU D 150 18.46 -35.30 19.72
CA LEU D 150 17.61 -34.45 18.90
C LEU D 150 17.52 -35.00 17.49
N PRO D 151 16.47 -34.64 16.75
CA PRO D 151 16.43 -34.99 15.32
C PRO D 151 17.23 -33.99 14.52
N ALA D 152 17.79 -34.47 13.41
CA ALA D 152 18.66 -33.60 12.62
C ALA D 152 18.83 -34.15 11.22
N THR D 153 19.19 -33.26 10.32
CA THR D 153 19.56 -33.68 8.97
C THR D 153 20.78 -34.59 9.04
N PHE D 154 20.94 -35.39 8.00
CA PHE D 154 22.01 -36.38 7.94
C PHE D 154 22.43 -36.52 6.49
N GLY D 155 23.61 -37.09 6.27
CA GLY D 155 24.08 -37.32 4.92
C GLY D 155 25.53 -37.73 4.94
N GLU D 156 25.98 -38.30 3.82
CA GLU D 156 27.33 -38.83 3.73
C GLU D 156 28.31 -37.78 3.19
N ALA D 157 29.61 -38.14 3.17
CA ALA D 157 30.66 -37.16 2.91
C ALA D 157 30.48 -36.41 1.57
N GLY D 158 29.82 -37.03 0.60
CA GLY D 158 29.62 -36.32 -0.66
C GLY D 158 28.53 -35.29 -0.64
N ASP D 159 27.57 -35.41 0.29
CA ASP D 159 26.38 -34.56 0.33
C ASP D 159 26.51 -33.38 1.27
N VAL D 160 27.18 -33.53 2.40
CA VAL D 160 27.26 -32.45 3.37
C VAL D 160 28.68 -32.37 3.91
N THR D 161 29.14 -31.15 4.21
CA THR D 161 30.40 -30.91 4.92
C THR D 161 30.11 -30.01 6.12
N THR D 162 30.87 -30.21 7.20
CA THR D 162 30.59 -29.53 8.45
C THR D 162 31.83 -28.80 8.96
N LEU D 163 31.62 -27.58 9.43
CA LEU D 163 32.64 -26.79 10.08
C LEU D 163 32.17 -26.52 11.49
N VAL D 164 33.02 -26.77 12.49
CA VAL D 164 32.70 -26.48 13.87
C VAL D 164 33.66 -25.41 14.35
N VAL D 165 33.11 -24.34 14.93
CA VAL D 165 33.90 -23.22 15.42
C VAL D 165 33.82 -23.19 16.94
N HIS D 166 34.98 -23.10 17.59
CA HIS D 166 35.06 -23.14 19.05
C HIS D 166 35.28 -21.74 19.62
N LEU D 167 34.42 -21.32 20.54
CA LEU D 167 34.58 -20.08 21.28
C LEU D 167 34.78 -20.40 22.76
N TYR D 168 35.50 -19.52 23.45
CA TYR D 168 35.74 -19.70 24.87
C TYR D 168 35.76 -18.34 25.54
N ASP D 169 35.06 -18.25 26.67
CA ASP D 169 35.06 -17.10 27.56
C ASP D 169 36.00 -17.38 28.75
N ASN D 170 37.18 -16.74 28.74
CA ASN D 170 38.18 -17.08 29.76
C ASN D 170 37.81 -16.53 31.14
N HIS D 171 36.97 -15.49 31.20
CA HIS D 171 36.63 -14.84 32.46
C HIS D 171 35.62 -15.62 33.28
N SER D 172 34.82 -16.47 32.64
CA SER D 172 33.80 -17.24 33.34
C SER D 172 33.92 -18.74 33.08
N ALA D 173 34.83 -19.16 32.20
CA ALA D 173 35.04 -20.57 31.83
C ALA D 173 33.76 -21.18 31.24
N VAL D 174 33.35 -20.63 30.11
CA VAL D 174 32.21 -21.14 29.35
C VAL D 174 32.67 -21.32 27.91
N ALA D 175 32.23 -22.40 27.29
CA ALA D 175 32.55 -22.68 25.89
C ALA D 175 31.30 -22.76 25.03
N ALA D 176 31.48 -22.47 23.75
CA ALA D 176 30.43 -22.64 22.76
C ALA D 176 31.02 -23.33 21.55
N ASP D 177 30.19 -24.12 20.88
CA ASP D 177 30.57 -24.71 19.62
C ASP D 177 29.46 -24.44 18.61
N LEU D 178 29.83 -23.75 17.54
CA LEU D 178 28.89 -23.36 16.49
C LEU D 178 29.11 -24.29 15.32
N SER D 179 28.07 -25.00 14.91
CA SER D 179 28.17 -25.94 13.81
C SER D 179 27.56 -25.36 12.55
N TYR D 180 28.26 -25.56 11.44
CA TYR D 180 27.84 -25.12 10.11
C TYR D 180 27.92 -26.32 9.19
N SER D 181 26.81 -26.67 8.57
CA SER D 181 26.83 -27.75 7.59
C SER D 181 26.28 -27.25 6.26
N VAL D 182 27.00 -27.51 5.19
CA VAL D 182 26.54 -27.15 3.87
C VAL D 182 26.03 -28.41 3.21
N PHE D 183 24.82 -28.36 2.69
CA PHE D 183 24.43 -29.31 1.67
C PHE D 183 24.52 -28.57 0.33
N PRO D 184 25.67 -28.61 -0.36
CA PRO D 184 25.84 -27.76 -1.56
C PRO D 184 24.78 -27.95 -2.64
N GLU D 185 24.26 -29.16 -2.83
CA GLU D 185 23.26 -29.40 -3.88
C GLU D 185 21.93 -28.70 -3.59
N PHE D 186 21.70 -28.27 -2.36
CA PHE D 186 20.41 -27.68 -1.98
C PHE D 186 20.56 -26.28 -1.42
N ASP D 187 21.76 -25.70 -1.50
CA ASP D 187 22.00 -24.34 -1.06
C ASP D 187 21.53 -24.13 0.38
N ALA D 188 21.70 -25.16 1.19
CA ALA D 188 21.24 -25.18 2.56
C ALA D 188 22.42 -25.09 3.53
N VAL D 189 22.26 -24.27 4.55
CA VAL D 189 23.17 -24.19 5.67
C VAL D 189 22.39 -24.60 6.91
N VAL D 190 22.92 -25.56 7.66
CA VAL D 190 22.33 -26.08 8.88
C VAL D 190 23.20 -25.63 10.05
N ARG D 191 22.60 -24.96 11.03
CA ARG D 191 23.35 -24.43 12.16
C ARG D 191 22.82 -24.95 13.49
N SER D 192 23.73 -25.16 14.44
CA SER D 192 23.36 -25.48 15.81
C SER D 192 24.51 -25.03 16.72
N VAL D 193 24.23 -24.89 18.01
CA VAL D 193 25.25 -24.42 18.93
C VAL D 193 25.21 -25.24 20.21
N ASN D 194 26.39 -25.54 20.73
CA ASN D 194 26.61 -26.13 22.05
C ASN D 194 27.03 -25.06 23.05
N ILE D 195 26.58 -25.18 24.29
CA ILE D 195 27.14 -24.41 25.38
C ILE D 195 27.65 -25.39 26.43
N THR D 196 28.90 -25.21 26.85
CA THR D 196 29.48 -26.09 27.85
C THR D 196 29.89 -25.26 29.05
N ASN D 197 29.56 -25.75 30.24
CA ASN D 197 30.07 -25.13 31.45
C ASN D 197 31.42 -25.76 31.76
N LYS D 198 32.47 -24.95 31.71
CA LYS D 198 33.82 -25.41 32.01
C LYS D 198 34.29 -24.94 33.38
N GLY D 199 33.40 -24.35 34.19
CA GLY D 199 33.75 -23.82 35.49
C GLY D 199 33.31 -24.70 36.65
N ASN D 200 33.55 -24.21 37.85
CA ASN D 200 33.32 -25.04 39.03
C ASN D 200 31.93 -24.86 39.62
N GLY D 201 31.19 -23.83 39.24
CA GLY D 201 29.85 -23.64 39.71
C GLY D 201 28.81 -23.85 38.61
N ASN D 202 27.57 -23.59 38.96
CA ASN D 202 26.49 -23.68 37.99
C ASN D 202 26.40 -22.41 37.17
N ILE D 203 25.98 -22.58 35.92
CA ILE D 203 25.54 -21.49 35.08
C ILE D 203 24.15 -21.88 34.57
N THR D 204 23.41 -20.87 34.12
CA THR D 204 22.06 -21.02 33.64
C THR D 204 21.99 -20.41 32.24
N ILE D 205 21.53 -21.19 31.27
CA ILE D 205 21.30 -20.68 29.93
C ILE D 205 19.90 -20.09 29.94
N GLU D 206 19.81 -18.78 29.78
CA GLU D 206 18.51 -18.15 29.81
C GLU D 206 17.92 -17.94 28.42
N HIS D 207 18.74 -18.05 27.36
CA HIS D 207 18.36 -17.86 25.97
C HIS D 207 19.45 -18.45 25.07
N LEU D 208 19.06 -19.10 23.99
CA LEU D 208 20.06 -19.72 23.11
C LEU D 208 19.41 -19.98 21.74
N ALA D 209 19.74 -19.16 20.76
CA ALA D 209 19.21 -19.35 19.41
C ALA D 209 20.03 -20.38 18.65
N SER D 210 19.34 -21.14 17.79
CA SER D 210 20.04 -22.12 16.98
C SER D 210 20.84 -21.43 15.88
N MET D 211 20.35 -20.29 15.44
CA MET D 211 20.84 -19.65 14.24
C MET D 211 20.62 -18.16 14.41
N SER D 212 21.62 -17.38 14.04
CA SER D 212 21.58 -15.93 14.13
C SER D 212 22.31 -15.39 12.92
N VAL D 213 21.59 -14.80 11.98
CA VAL D 213 22.19 -14.12 10.83
C VAL D 213 21.89 -12.64 10.96
N ASP D 214 22.89 -11.81 10.61
CA ASP D 214 22.76 -10.36 10.55
C ASP D 214 22.82 -9.96 9.09
N PHE D 215 21.81 -9.30 8.64
CA PHE D 215 21.62 -8.87 7.27
C PHE D 215 22.11 -7.43 7.10
N PRO D 216 22.57 -7.05 5.90
CA PRO D 216 22.95 -5.65 5.67
C PRO D 216 21.71 -4.77 5.57
N PHE D 217 21.95 -3.46 5.56
CA PHE D 217 20.88 -2.50 5.35
C PHE D 217 20.22 -2.72 3.99
N GLU D 218 19.06 -3.39 4.01
CA GLU D 218 18.21 -3.63 2.85
C GLU D 218 16.75 -3.52 3.29
N ASP D 219 15.86 -3.47 2.30
CA ASP D 219 14.44 -3.62 2.57
C ASP D 219 14.08 -5.09 2.52
N LEU D 220 13.45 -5.57 3.59
CA LEU D 220 13.13 -6.97 3.76
C LEU D 220 11.65 -7.11 4.06
N ASP D 221 11.05 -8.19 3.54
CA ASP D 221 9.74 -8.67 3.96
C ASP D 221 9.90 -9.93 4.79
N LEU D 222 9.04 -10.13 5.76
CA LEU D 222 9.03 -11.29 6.58
C LEU D 222 7.79 -12.11 6.32
N LEU D 223 7.96 -13.41 6.09
CA LEU D 223 6.89 -14.34 5.84
C LEU D 223 6.79 -15.46 6.83
N GLY D 224 5.58 -15.81 7.18
CA GLY D 224 5.35 -16.87 8.11
C GLY D 224 4.02 -17.54 7.99
N LEU D 225 3.76 -18.52 8.81
CA LEU D 225 2.50 -19.22 8.81
C LEU D 225 1.83 -19.03 10.10
N ARG D 226 0.59 -18.61 10.09
CA ARG D 226 -0.15 -18.39 11.32
C ARG D 226 -1.51 -19.06 11.21
N GLY D 227 -2.08 -19.38 12.36
CA GLY D 227 -3.43 -19.91 12.38
C GLY D 227 -3.79 -20.43 13.76
N ASP D 228 -4.77 -21.32 13.78
CA ASP D 228 -5.24 -21.99 14.98
C ASP D 228 -5.84 -23.32 14.53
N TRP D 229 -6.48 -24.03 15.46
CA TRP D 229 -7.18 -25.26 15.09
C TRP D 229 -8.16 -25.00 13.93
N ALA D 230 -8.14 -25.90 12.95
CA ALA D 230 -8.98 -25.89 11.75
C ALA D 230 -8.66 -24.72 10.82
N ARG D 231 -7.53 -24.04 11.03
CA ARG D 231 -7.08 -23.09 10.02
C ARG D 231 -5.57 -22.88 10.09
N GLU D 232 -4.80 -23.97 10.07
CA GLU D 232 -3.35 -23.89 10.18
C GLU D 232 -2.74 -23.22 8.96
N ALA D 233 -1.59 -22.60 9.18
CA ALA D 233 -0.62 -22.32 8.12
C ALA D 233 -1.21 -21.42 7.03
N HIS D 234 -1.84 -20.33 7.46
CA HIS D 234 -2.17 -19.24 6.56
C HIS D 234 -0.97 -18.34 6.36
N ARG D 235 -0.65 -18.03 5.10
CA ARG D 235 0.54 -17.24 4.84
C ARG D 235 0.34 -15.78 5.20
N MET D 236 1.41 -15.18 5.68
CA MET D 236 1.40 -13.83 6.18
C MET D 236 2.70 -13.19 5.67
N ARG D 237 2.64 -11.89 5.33
CA ARG D 237 3.78 -11.20 4.72
C ARG D 237 3.72 -9.72 5.10
N ARG D 238 4.73 -9.26 5.84
CA ARG D 238 4.79 -7.92 6.38
C ARG D 238 6.16 -7.34 6.09
N ARG D 239 6.23 -6.02 6.00
CA ARG D 239 7.52 -5.36 5.86
C ARG D 239 8.25 -5.37 7.20
N VAL D 240 9.56 -5.57 7.16
CA VAL D 240 10.37 -5.56 8.36
C VAL D 240 10.59 -4.11 8.79
N GLU D 241 10.23 -3.79 10.02
CA GLU D 241 10.29 -2.44 10.55
C GLU D 241 11.38 -2.33 11.62
N TYR D 242 11.84 -1.09 11.86
CA TYR D 242 12.70 -0.82 13.01
C TYR D 242 12.01 -1.29 14.29
N GLY D 243 12.76 -2.00 15.12
CA GLY D 243 12.18 -2.70 16.25
C GLY D 243 12.17 -4.20 16.03
N VAL D 244 11.36 -4.87 16.84
CA VAL D 244 11.30 -6.32 16.87
C VAL D 244 9.97 -6.76 16.28
N GLN D 245 10.01 -7.82 15.51
CA GLN D 245 8.79 -8.45 15.06
C GLN D 245 9.06 -9.95 15.01
N GLY D 246 8.03 -10.74 15.24
CA GLY D 246 8.19 -12.16 15.11
C GLY D 246 6.98 -12.88 15.65
N PHE D 247 7.23 -14.09 16.12
CA PHE D 247 6.18 -14.99 16.58
C PHE D 247 6.88 -16.17 17.23
N GLY D 248 6.13 -16.92 18.01
CA GLY D 248 6.69 -18.08 18.65
C GLY D 248 5.56 -18.94 19.13
N SER D 249 5.92 -19.97 19.87
CA SER D 249 4.92 -20.80 20.51
C SER D 249 5.25 -20.91 21.98
N SER D 250 4.22 -20.80 22.81
CA SER D 250 4.33 -21.05 24.25
C SER D 250 3.57 -22.31 24.68
N THR D 251 3.16 -23.15 23.74
CA THR D 251 2.28 -24.24 24.09
C THR D 251 3.04 -25.49 24.52
N GLY D 252 4.37 -25.43 24.56
CA GLY D 252 5.18 -26.62 24.72
C GLY D 252 5.39 -27.42 23.45
N TYR D 253 4.58 -27.19 22.43
CA TYR D 253 4.71 -27.81 21.13
C TYR D 253 4.81 -26.71 20.09
N SER D 254 5.24 -27.07 18.88
CA SER D 254 5.41 -26.03 17.88
C SER D 254 4.09 -25.37 17.52
N SER D 255 2.95 -26.07 17.68
CA SER D 255 1.59 -25.50 17.74
C SER D 255 0.91 -25.14 16.41
N HIS D 256 -0.41 -24.96 16.48
CA HIS D 256 -1.23 -24.45 15.38
C HIS D 256 -1.04 -22.98 15.12
N LEU D 257 -0.51 -22.22 16.09
CA LEU D 257 -0.61 -20.77 16.08
C LEU D 257 0.44 -20.12 15.19
N HIS D 258 1.69 -20.56 15.30
CA HIS D 258 2.74 -20.16 14.36
C HIS D 258 3.63 -21.36 14.13
N ASN D 259 4.10 -21.51 12.90
CA ASN D 259 4.99 -22.62 12.62
C ASN D 259 6.44 -22.22 12.87
N PRO D 260 7.31 -23.15 13.31
CA PRO D 260 8.71 -22.75 13.53
C PRO D 260 9.44 -22.57 12.21
N PHE D 261 9.05 -21.53 11.46
CA PHE D 261 9.51 -21.34 10.10
C PHE D 261 9.24 -19.89 9.71
N PHE D 262 10.20 -19.28 9.00
CA PHE D 262 9.96 -17.94 8.47
C PHE D 262 10.89 -17.70 7.29
N VAL D 263 10.50 -16.73 6.45
CA VAL D 263 11.24 -16.36 5.25
C VAL D 263 11.48 -14.87 5.28
N LEU D 264 12.69 -14.46 4.91
CA LEU D 264 12.99 -13.06 4.66
C LEU D 264 13.23 -12.93 3.17
N ALA D 265 12.69 -11.88 2.58
CA ALA D 265 12.86 -11.69 1.16
C ALA D 265 12.72 -10.20 0.88
N HIS D 266 13.18 -9.82 -0.31
CA HIS D 266 13.00 -8.44 -0.76
C HIS D 266 11.52 -8.19 -1.04
N PRO D 267 11.09 -6.93 -0.95
CA PRO D 267 9.65 -6.65 -1.16
C PRO D 267 9.13 -7.08 -2.52
N SER D 268 9.99 -7.19 -3.52
CA SER D 268 9.61 -7.51 -4.88
C SER D 268 9.76 -9.00 -5.19
N THR D 269 10.15 -9.79 -4.21
CA THR D 269 10.35 -11.22 -4.39
C THR D 269 8.99 -11.90 -4.49
N THR D 270 8.83 -12.76 -5.48
CA THR D 270 7.59 -13.50 -5.66
C THR D 270 7.86 -14.98 -5.57
N GLU D 271 6.94 -15.80 -6.11
CA GLU D 271 7.17 -17.23 -6.06
C GLU D 271 8.25 -17.65 -7.05
N SER D 272 8.46 -16.88 -8.14
CA SER D 272 9.46 -17.27 -9.14
C SER D 272 10.57 -16.26 -9.40
N GLN D 273 10.49 -15.02 -8.90
CA GLN D 273 11.57 -14.04 -9.06
C GLN D 273 12.07 -13.58 -7.69
N GLY D 274 13.35 -13.21 -7.65
CA GLY D 274 13.88 -12.50 -6.52
C GLY D 274 14.56 -13.40 -5.51
N GLU D 275 15.15 -12.75 -4.49
CA GLU D 275 15.95 -13.42 -3.48
C GLU D 275 15.12 -13.73 -2.24
N ALA D 276 15.36 -14.90 -1.67
CA ALA D 276 14.65 -15.29 -0.45
C ALA D 276 15.55 -16.15 0.43
N TRP D 277 15.41 -15.95 1.73
CA TRP D 277 16.13 -16.71 2.74
C TRP D 277 15.09 -17.39 3.63
N GLY D 278 15.11 -18.72 3.68
CA GLY D 278 14.26 -19.49 4.55
C GLY D 278 14.98 -19.94 5.82
N PHE D 279 14.21 -20.12 6.89
CA PHE D 279 14.73 -20.55 8.19
C PHE D 279 13.73 -21.51 8.79
N ASN D 280 14.19 -22.70 9.16
CA ASN D 280 13.35 -23.73 9.73
C ASN D 280 14.02 -24.31 10.96
N LEU D 281 13.31 -24.35 12.08
CA LEU D 281 13.81 -24.96 13.30
C LEU D 281 13.36 -26.43 13.39
N THR D 282 14.32 -27.36 13.53
CA THR D 282 14.04 -28.80 13.55
C THR D 282 13.68 -29.22 14.97
N TYR D 283 12.49 -28.80 15.38
CA TYR D 283 12.15 -28.92 16.79
C TYR D 283 10.63 -28.92 16.94
N THR D 284 10.14 -29.75 17.87
CA THR D 284 8.71 -29.87 18.15
C THR D 284 8.26 -29.09 19.38
N GLY D 285 9.17 -28.60 20.21
CA GLY D 285 8.77 -27.88 21.38
C GLY D 285 8.43 -26.43 21.06
N SER D 286 8.27 -25.66 22.14
CA SER D 286 8.13 -24.22 22.01
C SER D 286 9.32 -23.64 21.30
N PHE D 287 9.13 -22.47 20.73
CA PHE D 287 10.18 -21.83 19.98
C PHE D 287 9.94 -20.33 19.98
N SER D 288 11.00 -19.59 19.67
CA SER D 288 10.90 -18.15 19.43
C SER D 288 11.58 -17.81 18.11
N ALA D 289 10.93 -16.94 17.33
CA ALA D 289 11.49 -16.43 16.09
C ALA D 289 11.41 -14.92 16.14
N GLN D 290 12.57 -14.26 16.06
CA GLN D 290 12.66 -12.82 16.16
C GLN D 290 13.44 -12.26 14.99
N VAL D 291 12.87 -11.24 14.34
CA VAL D 291 13.58 -10.41 13.37
C VAL D 291 13.57 -8.98 13.88
N GLU D 292 14.72 -8.32 13.83
CA GLU D 292 14.85 -7.00 14.42
C GLU D 292 15.68 -6.12 13.52
N LYS D 293 15.12 -4.97 13.08
CA LYS D 293 15.90 -3.99 12.34
C LYS D 293 16.50 -3.04 13.35
N GLY D 294 17.81 -3.14 13.52
CA GLY D 294 18.50 -2.35 14.53
C GLY D 294 18.54 -0.87 14.18
N SER D 295 19.01 -0.07 15.14
CA SER D 295 18.98 1.38 14.95
C SER D 295 19.85 1.80 13.79
N GLN D 296 20.93 1.06 13.53
CA GLN D 296 21.85 1.29 12.42
C GLN D 296 21.35 0.73 11.09
N GLY D 297 20.22 0.03 11.07
CA GLY D 297 19.64 -0.45 9.83
C GLY D 297 20.00 -1.87 9.45
N LEU D 298 20.91 -2.53 10.17
CA LEU D 298 21.14 -3.94 9.95
C LEU D 298 20.01 -4.74 10.58
N THR D 299 19.61 -5.81 9.90
CA THR D 299 18.54 -6.67 10.34
C THR D 299 19.14 -7.94 10.95
N ARG D 300 18.70 -8.30 12.16
CA ARG D 300 19.09 -9.54 12.82
C ARG D 300 17.92 -10.52 12.77
N ALA D 301 18.19 -11.74 12.32
CA ALA D 301 17.19 -12.80 12.33
C ALA D 301 17.66 -13.92 13.25
N LEU D 302 16.76 -14.39 14.12
CA LEU D 302 17.16 -15.42 15.06
C LEU D 302 16.00 -16.34 15.41
N ILE D 303 16.26 -17.63 15.30
CA ILE D 303 15.25 -18.64 15.62
C ILE D 303 15.81 -19.69 16.57
N GLY D 304 14.98 -20.13 17.49
CA GLY D 304 15.40 -21.22 18.37
C GLY D 304 14.41 -21.42 19.49
N PHE D 305 14.94 -21.92 20.61
CA PHE D 305 14.21 -22.10 21.86
C PHE D 305 13.40 -20.85 22.19
N ASN D 306 12.31 -21.02 22.95
CA ASN D 306 11.59 -19.89 23.51
C ASN D 306 12.27 -19.46 24.80
N PRO D 307 12.91 -18.29 24.83
CA PRO D 307 13.67 -17.91 26.04
C PRO D 307 12.85 -17.87 27.30
N ASP D 308 11.53 -17.74 27.17
CA ASP D 308 10.65 -17.75 28.35
C ASP D 308 10.39 -19.15 28.86
N GLN D 309 10.70 -20.18 28.08
CA GLN D 309 10.59 -21.55 28.52
C GLN D 309 11.93 -22.26 28.38
N LEU D 310 12.98 -21.57 28.83
CA LEU D 310 14.35 -22.08 28.79
C LEU D 310 15.09 -21.40 29.95
N SER D 311 15.24 -22.12 31.06
CA SER D 311 16.13 -21.77 32.17
C SER D 311 16.89 -23.07 32.41
N TRP D 312 18.00 -23.23 31.72
CA TRP D 312 18.68 -24.52 31.64
C TRP D 312 19.94 -24.45 32.49
N THR D 313 19.84 -24.90 33.73
CA THR D 313 21.02 -24.96 34.57
C THR D 313 22.03 -25.99 34.07
N LEU D 314 23.27 -25.55 33.88
CA LEU D 314 24.37 -26.43 33.53
C LEU D 314 25.35 -26.50 34.70
N GLY D 315 25.53 -27.70 35.25
CA GLY D 315 26.57 -27.95 36.21
C GLY D 315 27.94 -28.03 35.56
N PRO D 316 29.00 -28.09 36.36
CA PRO D 316 30.35 -28.23 35.77
C PRO D 316 30.42 -29.39 34.80
N GLY D 317 31.05 -29.14 33.65
CA GLY D 317 31.19 -30.13 32.60
C GLY D 317 29.95 -30.37 31.76
N GLU D 318 28.78 -29.87 32.16
CA GLU D 318 27.57 -30.18 31.43
C GLU D 318 27.46 -29.32 30.15
N THR D 319 26.73 -29.86 29.17
CA THR D 319 26.48 -29.22 27.88
C THR D 319 24.98 -29.15 27.60
N LEU D 320 24.55 -28.04 27.01
CA LEU D 320 23.22 -27.90 26.42
C LEU D 320 23.39 -27.72 24.91
N THR D 321 22.66 -28.53 24.16
CA THR D 321 22.70 -28.53 22.70
C THR D 321 21.42 -27.91 22.16
N SER D 322 21.56 -27.03 21.25
CA SER D 322 20.37 -26.43 20.67
C SER D 322 19.87 -27.28 19.50
N PRO D 323 18.58 -27.27 19.18
CA PRO D 323 18.13 -27.94 17.96
C PRO D 323 18.77 -27.29 16.75
N GLU D 324 18.76 -28.01 15.64
CA GLU D 324 19.35 -27.40 14.47
C GLU D 324 18.34 -26.50 13.75
N CYS D 325 18.85 -25.55 12.99
CA CYS D 325 18.03 -24.71 12.13
C CYS D 325 18.52 -24.91 10.70
N VAL D 326 17.66 -25.47 9.85
CA VAL D 326 17.95 -25.55 8.43
C VAL D 326 17.64 -24.20 7.81
N SER D 327 18.51 -23.74 6.92
CA SER D 327 18.35 -22.44 6.28
C SER D 327 18.74 -22.52 4.81
N VAL D 328 17.97 -21.88 3.95
CA VAL D 328 18.10 -22.07 2.51
C VAL D 328 18.03 -20.71 1.84
N TYR D 329 18.95 -20.46 0.90
CA TYR D 329 18.93 -19.26 0.07
C TYR D 329 18.49 -19.61 -1.35
N SER D 330 17.69 -18.74 -1.96
CA SER D 330 17.35 -18.96 -3.35
C SER D 330 17.32 -17.64 -4.10
N SER D 331 17.99 -17.60 -5.24
CA SER D 331 17.85 -16.48 -6.16
C SER D 331 16.68 -16.67 -7.12
N ASP D 332 15.92 -17.75 -6.95
CA ASP D 332 14.79 -18.05 -7.84
C ASP D 332 13.46 -18.06 -7.10
N GLY D 333 13.16 -17.00 -6.36
CA GLY D 333 11.85 -16.85 -5.76
C GLY D 333 11.65 -17.63 -4.47
N ILE D 334 10.51 -17.37 -3.84
CA ILE D 334 10.16 -18.11 -2.65
C ILE D 334 9.96 -19.59 -2.98
N GLY D 335 9.35 -19.89 -4.13
CA GLY D 335 9.14 -21.27 -4.52
C GLY D 335 10.43 -22.01 -4.84
N GLY D 336 11.43 -21.29 -5.35
CA GLY D 336 12.75 -21.89 -5.49
C GLY D 336 13.25 -22.40 -4.15
N MET D 337 13.13 -21.55 -3.13
CA MET D 337 13.54 -21.94 -1.78
C MET D 337 12.74 -23.13 -1.25
N SER D 338 11.40 -23.11 -1.40
CA SER D 338 10.57 -24.26 -1.02
C SER D 338 11.03 -25.54 -1.69
N ARG D 339 11.22 -25.52 -3.02
CA ARG D 339 11.62 -26.74 -3.70
C ARG D 339 12.94 -27.27 -3.16
N LYS D 340 13.81 -26.38 -2.66
CA LYS D 340 15.08 -26.84 -2.09
C LYS D 340 14.86 -27.50 -0.73
N PHE D 341 14.04 -26.89 0.12
CA PHE D 341 13.61 -27.55 1.36
C PHE D 341 12.99 -28.92 1.06
N HIS D 342 12.09 -28.98 0.09
CA HIS D 342 11.39 -30.24 -0.14
C HIS D 342 12.35 -31.35 -0.54
N ARG D 343 13.32 -31.05 -1.41
CA ARG D 343 14.27 -32.06 -1.82
C ARG D 343 15.17 -32.45 -0.66
N LEU D 344 15.69 -31.45 0.04
CA LEU D 344 16.54 -31.71 1.20
C LEU D 344 15.83 -32.59 2.22
N TYR D 345 14.62 -32.22 2.65
CA TYR D 345 13.94 -32.99 3.68
C TYR D 345 13.68 -34.43 3.24
N ARG D 346 13.32 -34.64 1.98
CA ARG D 346 12.92 -35.98 1.53
C ARG D 346 14.11 -36.92 1.43
N LYS D 347 15.30 -36.37 1.19
CA LYS D 347 16.52 -37.16 1.04
C LYS D 347 17.43 -37.12 2.28
N HIS D 348 17.29 -36.11 3.17
CA HIS D 348 18.24 -35.91 4.26
C HIS D 348 17.61 -35.60 5.61
N LEU D 349 16.29 -35.69 5.77
CA LEU D 349 15.69 -35.54 7.08
C LEU D 349 14.71 -36.66 7.38
N ILE D 350 13.76 -36.90 6.48
CA ILE D 350 12.73 -37.92 6.68
C ILE D 350 13.41 -39.27 6.54
N ARG D 351 13.64 -39.94 7.67
CA ARG D 351 14.41 -41.17 7.64
C ARG D 351 13.58 -42.42 7.40
N SER D 352 12.24 -42.34 7.50
CA SER D 352 11.42 -43.52 7.29
C SER D 352 11.57 -44.02 5.86
N LYS D 353 11.38 -45.32 5.68
CA LYS D 353 11.47 -45.87 4.33
C LYS D 353 10.31 -45.43 3.44
N TYR D 354 9.32 -44.71 3.96
CA TYR D 354 8.20 -44.21 3.17
C TYR D 354 8.42 -42.82 2.62
N ALA D 355 9.61 -42.23 2.81
CA ALA D 355 9.90 -40.89 2.30
C ALA D 355 9.67 -40.80 0.79
N THR D 356 10.10 -41.82 0.05
CA THR D 356 9.98 -41.87 -1.41
C THR D 356 8.93 -42.87 -1.89
N LEU D 357 8.15 -43.47 -1.00
CA LEU D 357 7.23 -44.55 -1.38
C LEU D 357 5.80 -44.03 -1.51
N ASP D 358 5.02 -44.72 -2.36
CA ASP D 358 3.64 -44.32 -2.54
C ASP D 358 2.80 -44.65 -1.32
N ARG D 359 1.90 -43.74 -0.94
CA ARG D 359 1.04 -44.01 0.20
C ARG D 359 -0.24 -44.69 -0.25
N PRO D 360 -0.70 -45.68 0.50
CA PRO D 360 -1.96 -46.36 0.14
C PRO D 360 -3.15 -45.48 0.46
N PRO D 361 -4.08 -45.31 -0.49
CA PRO D 361 -5.33 -44.60 -0.18
C PRO D 361 -6.05 -45.28 0.97
N LEU D 362 -6.38 -44.49 2.00
CA LEU D 362 -6.92 -45.01 3.24
C LEU D 362 -8.33 -44.49 3.50
N LEU D 363 -9.02 -45.14 4.42
CA LEU D 363 -10.28 -44.63 4.94
C LEU D 363 -10.18 -44.57 6.45
N ASN D 364 -10.26 -43.37 7.00
CA ASN D 364 -10.27 -43.16 8.44
C ASN D 364 -11.71 -43.05 8.92
N SER D 365 -12.02 -43.70 10.04
CA SER D 365 -13.39 -43.84 10.52
C SER D 365 -13.85 -42.69 11.42
N TRP D 366 -12.99 -41.71 11.71
CA TRP D 366 -13.35 -40.66 12.67
C TRP D 366 -14.64 -39.92 12.31
N GLU D 367 -14.59 -39.10 11.24
CA GLU D 367 -15.71 -38.22 10.87
C GLU D 367 -16.93 -38.98 10.38
N GLY D 368 -16.78 -40.26 10.06
CA GLY D 368 -17.90 -41.07 9.61
C GLY D 368 -18.67 -41.73 10.74
N VAL D 369 -18.01 -41.98 11.87
CA VAL D 369 -18.62 -42.78 12.93
C VAL D 369 -18.39 -42.17 14.32
N TYR D 370 -17.33 -41.37 14.46
CA TYR D 370 -16.99 -40.77 15.74
C TYR D 370 -16.91 -41.87 16.81
N PHE D 371 -17.35 -41.61 18.04
CA PHE D 371 -17.21 -42.63 19.07
C PHE D 371 -18.22 -43.77 18.96
N ASP D 372 -19.21 -43.66 18.07
CA ASP D 372 -20.40 -44.51 18.15
C ASP D 372 -20.21 -45.77 17.30
N TYR D 373 -19.62 -46.82 17.88
CA TYR D 373 -19.43 -48.05 17.12
C TYR D 373 -19.07 -49.21 18.05
N ASN D 374 -18.94 -50.39 17.45
CA ASN D 374 -18.31 -51.57 18.03
C ASN D 374 -17.75 -52.40 16.88
N GLN D 375 -17.28 -53.62 17.21
CA GLN D 375 -16.79 -54.57 16.22
C GLN D 375 -17.61 -54.58 14.94
N THR D 376 -18.93 -54.56 15.08
CA THR D 376 -19.81 -54.74 13.93
C THR D 376 -19.63 -53.60 12.92
N GLY D 377 -19.69 -52.35 13.38
CA GLY D 377 -19.53 -51.23 12.47
C GLY D 377 -18.13 -51.13 11.89
N ILE D 378 -17.12 -51.53 12.67
CA ILE D 378 -15.73 -51.43 12.20
C ILE D 378 -15.50 -52.38 11.02
N GLU D 379 -16.20 -53.50 10.96
CA GLU D 379 -16.03 -54.37 9.81
C GLU D 379 -16.96 -54.00 8.66
N ARG D 380 -18.16 -53.50 8.93
CA ARG D 380 -18.96 -52.87 7.88
C ARG D 380 -18.13 -51.79 7.17
N LEU D 381 -17.44 -50.94 7.94
CA LEU D 381 -16.63 -49.90 7.32
C LEU D 381 -15.48 -50.50 6.52
N ALA D 382 -14.93 -51.62 6.99
CA ALA D 382 -13.73 -52.16 6.35
C ALA D 382 -14.09 -52.88 5.06
N ARG D 383 -15.17 -53.65 5.07
CA ARG D 383 -15.69 -54.23 3.83
C ARG D 383 -16.00 -53.15 2.80
N GLN D 384 -16.76 -52.12 3.21
CA GLN D 384 -17.14 -51.12 2.24
C GLN D 384 -15.94 -50.37 1.69
N SER D 385 -14.89 -50.25 2.51
CA SER D 385 -13.64 -49.63 2.05
C SER D 385 -12.96 -50.48 0.98
N ALA D 386 -12.73 -51.76 1.27
CA ALA D 386 -12.12 -52.64 0.28
C ALA D 386 -12.92 -52.66 -1.02
N ALA D 387 -14.26 -52.61 -0.91
CA ALA D 387 -15.14 -52.58 -2.09
C ALA D 387 -14.89 -51.36 -2.97
N LEU D 388 -14.37 -50.27 -2.41
CA LEU D 388 -14.16 -49.07 -3.20
C LEU D 388 -12.76 -48.97 -3.79
N GLY D 389 -11.87 -49.92 -3.52
CA GLY D 389 -10.49 -49.77 -3.95
C GLY D 389 -9.56 -49.15 -2.93
N ILE D 390 -10.04 -48.86 -1.74
CA ILE D 390 -9.19 -48.37 -0.66
C ILE D 390 -8.36 -49.52 -0.10
N ARG D 391 -7.05 -49.30 0.04
CA ARG D 391 -6.12 -50.36 0.41
C ARG D 391 -5.67 -50.33 1.86
N LEU D 392 -6.08 -49.33 2.64
CA LEU D 392 -5.69 -49.24 4.05
C LEU D 392 -6.86 -48.68 4.84
N PHE D 393 -7.25 -49.39 5.89
CA PHE D 393 -8.37 -48.99 6.73
C PHE D 393 -7.85 -48.61 8.10
N VAL D 394 -8.27 -47.45 8.59
CA VAL D 394 -7.79 -46.93 9.87
C VAL D 394 -8.97 -46.87 10.83
N MET D 395 -8.84 -47.53 11.97
CA MET D 395 -9.76 -47.36 13.09
C MET D 395 -9.28 -46.22 13.98
N ASP D 396 -10.08 -45.15 14.07
CA ASP D 396 -9.66 -43.94 14.78
C ASP D 396 -9.92 -44.05 16.28
N ASP D 397 -10.32 -42.94 16.90
CA ASP D 397 -10.54 -42.88 18.33
C ASP D 397 -11.76 -43.71 18.73
N GLY D 398 -11.70 -44.29 19.94
CA GLY D 398 -12.87 -44.94 20.53
C GLY D 398 -12.83 -46.45 20.69
N TRP D 399 -11.68 -47.10 20.53
CA TRP D 399 -11.61 -48.55 20.61
C TRP D 399 -11.10 -49.06 21.95
N PHE D 400 -10.65 -48.20 22.85
CA PHE D 400 -9.83 -48.63 23.97
C PHE D 400 -10.54 -48.35 25.31
N GLY D 401 -9.83 -48.64 26.39
CA GLY D 401 -10.38 -48.48 27.73
C GLY D 401 -11.23 -49.66 28.13
N ASN D 402 -11.33 -49.93 29.43
CA ASN D 402 -12.13 -51.04 29.91
C ASN D 402 -13.03 -50.58 31.05
N LYS D 403 -12.46 -50.48 32.25
CA LYS D 403 -13.23 -50.00 33.40
C LYS D 403 -13.84 -48.63 33.11
N TYR D 404 -13.10 -47.77 32.40
CA TYR D 404 -13.57 -46.46 31.95
C TYR D 404 -13.35 -46.42 30.45
N PRO D 405 -14.36 -46.76 29.66
CA PRO D 405 -14.13 -47.00 28.23
C PRO D 405 -14.16 -45.68 27.47
N ARG D 406 -13.54 -45.70 26.29
CA ARG D 406 -13.50 -44.53 25.40
C ARG D 406 -14.75 -44.49 24.52
N THR D 407 -15.87 -44.16 25.15
CA THR D 407 -17.12 -43.93 24.43
C THR D 407 -17.43 -42.45 24.27
N SER D 408 -16.45 -41.58 24.52
CA SER D 408 -16.60 -40.12 24.45
C SER D 408 -15.23 -39.48 24.72
N ASP D 409 -15.23 -38.15 24.78
CA ASP D 409 -14.06 -37.31 25.07
C ASP D 409 -13.56 -37.43 26.49
N LYS D 410 -14.25 -38.17 27.36
CA LYS D 410 -14.21 -37.95 28.80
C LYS D 410 -13.47 -39.02 29.60
N ALA D 411 -13.18 -40.18 29.02
CA ALA D 411 -12.57 -41.25 29.79
C ALA D 411 -11.76 -42.15 28.87
N GLY D 412 -10.75 -42.81 29.45
CA GLY D 412 -10.11 -43.92 28.77
C GLY D 412 -8.67 -43.72 28.33
N LEU D 413 -8.33 -42.56 27.78
CA LEU D 413 -6.94 -42.28 27.43
C LEU D 413 -6.04 -42.68 28.58
N GLY D 414 -5.07 -43.54 28.29
CA GLY D 414 -4.21 -44.13 29.30
C GLY D 414 -4.40 -45.62 29.46
N ASP D 415 -5.62 -46.12 29.22
CA ASP D 415 -5.93 -47.55 29.28
C ASP D 415 -5.96 -48.08 27.84
N TRP D 416 -4.79 -48.49 27.34
CA TRP D 416 -4.60 -48.84 25.93
C TRP D 416 -4.80 -50.32 25.61
N THR D 417 -5.84 -50.94 26.14
CA THR D 417 -6.27 -52.26 25.71
C THR D 417 -7.65 -52.13 25.07
N PRO D 418 -8.03 -53.03 24.17
CA PRO D 418 -9.32 -52.88 23.48
C PRO D 418 -10.47 -52.92 24.47
N ASN D 419 -11.55 -52.23 24.11
CA ASN D 419 -12.72 -52.20 24.98
C ASN D 419 -13.49 -53.51 24.84
N PRO D 420 -13.61 -54.32 25.89
CA PRO D 420 -14.32 -55.62 25.76
C PRO D 420 -15.77 -55.50 25.36
N ASP D 421 -16.49 -54.48 25.86
CA ASP D 421 -17.85 -54.20 25.39
C ASP D 421 -17.92 -54.08 23.87
N ARG D 422 -16.87 -53.54 23.23
CA ARG D 422 -16.87 -53.31 21.79
C ARG D 422 -16.12 -54.37 21.00
N PHE D 423 -15.16 -55.06 21.62
CA PHE D 423 -14.33 -56.09 20.97
C PHE D 423 -14.31 -57.32 21.88
N PRO D 424 -15.40 -58.10 21.89
CA PRO D 424 -15.48 -59.24 22.84
C PRO D 424 -14.29 -60.19 22.84
N ASP D 425 -13.89 -60.69 21.66
CA ASP D 425 -12.78 -61.63 21.59
C ASP D 425 -11.43 -60.92 21.43
N GLY D 426 -11.36 -59.64 21.76
CA GLY D 426 -10.12 -58.90 21.60
C GLY D 426 -10.02 -58.23 20.25
N LEU D 427 -8.79 -57.75 19.97
CA LEU D 427 -8.55 -57.00 18.75
C LEU D 427 -8.08 -57.88 17.61
N GLU D 428 -7.33 -58.91 17.90
CA GLU D 428 -6.64 -59.60 16.81
C GLU D 428 -7.55 -60.48 15.94
N PRO D 429 -8.60 -61.12 16.48
CA PRO D 429 -9.58 -61.74 15.56
C PRO D 429 -10.18 -60.76 14.56
N VAL D 430 -10.45 -59.52 14.97
CA VAL D 430 -11.02 -58.53 14.06
C VAL D 430 -9.99 -58.09 13.02
N VAL D 431 -8.77 -57.77 13.47
CA VAL D 431 -7.73 -57.33 12.54
C VAL D 431 -7.41 -58.44 11.53
N GLU D 432 -7.66 -59.70 11.89
CA GLU D 432 -7.36 -60.79 10.96
C GLU D 432 -8.45 -60.95 9.92
N ARG D 433 -9.71 -60.83 10.32
CA ARG D 433 -10.79 -60.73 9.34
C ARG D 433 -10.59 -59.51 8.44
N ILE D 434 -10.29 -58.35 9.05
CA ILE D 434 -10.13 -57.12 8.29
C ILE D 434 -8.96 -57.23 7.31
N THR D 435 -7.82 -57.78 7.76
CA THR D 435 -6.72 -57.86 6.81
C THR D 435 -6.89 -58.99 5.81
N ASN D 436 -8.04 -59.65 5.76
CA ASN D 436 -8.27 -60.70 4.78
C ASN D 436 -9.31 -60.30 3.73
N LEU D 437 -9.81 -59.08 3.79
CA LEU D 437 -10.67 -58.59 2.75
C LEU D 437 -9.84 -58.35 1.48
N PRO D 438 -10.35 -58.73 0.31
CA PRO D 438 -9.69 -58.36 -0.94
C PRO D 438 -10.13 -56.96 -1.35
N VAL D 439 -9.21 -56.24 -1.97
CA VAL D 439 -9.48 -54.88 -2.40
C VAL D 439 -9.99 -54.93 -3.84
N ASN D 440 -10.99 -54.10 -4.14
CA ASN D 440 -11.59 -54.06 -5.47
C ASN D 440 -10.60 -53.51 -6.49
N GLY D 441 -10.61 -54.10 -7.69
CA GLY D 441 -9.80 -53.59 -8.78
C GLY D 441 -8.31 -53.73 -8.56
N THR D 442 -7.89 -54.71 -7.79
CA THR D 442 -6.49 -54.89 -7.44
C THR D 442 -5.90 -56.22 -7.87
N ALA D 443 -6.72 -57.25 -8.05
CA ALA D 443 -6.23 -58.59 -8.41
C ALA D 443 -5.08 -59.01 -7.50
N GLY D 444 -5.39 -59.46 -6.29
CA GLY D 444 -4.34 -59.88 -5.40
C GLY D 444 -4.36 -59.27 -4.01
N GLU D 445 -4.24 -57.95 -3.93
CA GLU D 445 -3.88 -57.26 -2.68
C GLU D 445 -4.96 -57.37 -1.61
N LYS D 446 -4.52 -57.35 -0.35
CA LYS D 446 -5.39 -57.40 0.82
C LYS D 446 -5.42 -56.08 1.56
N LEU D 447 -6.54 -55.82 2.24
CA LEU D 447 -6.68 -54.62 3.05
C LEU D 447 -5.61 -54.60 4.14
N ARG D 448 -5.09 -53.41 4.43
CA ARG D 448 -4.16 -53.22 5.53
C ARG D 448 -4.88 -52.51 6.66
N PHE D 449 -4.42 -52.71 7.89
CA PHE D 449 -5.11 -52.17 9.05
C PHE D 449 -4.25 -51.17 9.82
N GLY D 450 -4.89 -50.08 10.25
CA GLY D 450 -4.21 -49.05 11.01
C GLY D 450 -5.03 -48.63 12.22
N ILE D 451 -4.38 -47.96 13.16
CA ILE D 451 -5.00 -47.68 14.45
C ILE D 451 -4.50 -46.34 15.00
N TRP D 452 -5.31 -45.75 15.86
CA TRP D 452 -5.12 -44.42 16.41
C TRP D 452 -4.75 -44.50 17.89
N VAL D 453 -3.71 -43.77 18.29
CA VAL D 453 -3.29 -43.68 19.69
C VAL D 453 -3.01 -42.22 20.04
N GLU D 454 -3.11 -41.90 21.31
CA GLU D 454 -2.75 -40.60 21.87
C GLU D 454 -1.89 -40.84 23.09
N PRO D 455 -0.63 -41.26 22.90
CA PRO D 455 0.12 -41.86 24.02
C PRO D 455 0.53 -40.86 25.10
N GLU D 456 0.62 -39.57 24.80
CA GLU D 456 1.13 -38.60 25.75
C GLU D 456 0.05 -38.03 26.65
N MET D 457 -1.18 -38.50 26.55
CA MET D 457 -2.30 -37.93 27.27
C MET D 457 -2.95 -38.96 28.19
N VAL D 458 -3.81 -38.47 29.08
CA VAL D 458 -4.51 -39.31 30.03
C VAL D 458 -5.76 -38.57 30.49
N ASN D 459 -6.86 -39.29 30.57
CA ASN D 459 -8.04 -38.72 31.21
C ASN D 459 -7.95 -38.90 32.72
N PRO D 460 -8.36 -37.91 33.50
CA PRO D 460 -8.55 -38.18 34.94
C PRO D 460 -9.46 -39.35 35.14
N ASN D 461 -10.43 -39.51 34.25
CA ASN D 461 -11.32 -40.65 34.31
C ASN D 461 -10.70 -41.82 33.54
N SER D 462 -9.73 -42.46 34.17
CA SER D 462 -9.08 -43.61 33.59
C SER D 462 -8.38 -44.39 34.70
N SER D 463 -8.05 -45.64 34.40
CA SER D 463 -7.28 -46.43 35.35
C SER D 463 -5.88 -45.86 35.54
N LEU D 464 -5.21 -45.47 34.44
CA LEU D 464 -3.85 -44.94 34.52
C LEU D 464 -3.78 -43.78 35.51
N TYR D 465 -4.71 -42.84 35.40
CA TYR D 465 -4.66 -41.69 36.29
C TYR D 465 -4.93 -42.10 37.73
N ARG D 466 -5.75 -43.11 37.94
CA ARG D 466 -5.99 -43.56 39.30
C ARG D 466 -4.78 -44.27 39.88
N GLU D 467 -4.04 -45.00 39.06
CA GLU D 467 -2.81 -45.65 39.52
C GLU D 467 -1.64 -44.65 39.68
N HIS D 468 -1.42 -43.76 38.71
CA HIS D 468 -0.21 -42.93 38.65
C HIS D 468 -0.55 -41.45 38.52
N PRO D 469 -1.24 -40.86 39.50
CA PRO D 469 -1.67 -39.47 39.35
C PRO D 469 -0.50 -38.47 39.34
N ASP D 470 0.70 -38.91 39.66
CA ASP D 470 1.83 -38.00 39.67
C ASP D 470 2.59 -38.03 38.36
N TRP D 471 2.12 -38.82 37.39
CA TRP D 471 2.75 -38.89 36.10
C TRP D 471 2.42 -37.71 35.20
N VAL D 472 1.46 -36.87 35.57
CA VAL D 472 0.98 -35.83 34.67
C VAL D 472 1.75 -34.54 34.93
N LEU D 473 1.82 -33.69 33.92
CA LEU D 473 2.40 -32.37 34.13
C LEU D 473 1.50 -31.58 35.08
N HIS D 474 2.11 -31.05 36.14
CA HIS D 474 1.43 -30.21 37.12
C HIS D 474 2.48 -29.45 37.90
N ALA D 475 2.04 -28.42 38.59
CA ALA D 475 2.91 -27.62 39.43
C ALA D 475 2.32 -27.64 40.83
N GLY D 476 2.92 -28.44 41.71
CA GLY D 476 2.50 -28.49 43.10
C GLY D 476 1.00 -28.70 43.22
N SER D 477 0.35 -27.84 43.97
CA SER D 477 -1.08 -27.94 44.23
C SER D 477 -1.93 -27.09 43.29
N TYR D 478 -1.34 -26.46 42.28
CA TYR D 478 -2.12 -25.64 41.36
C TYR D 478 -3.15 -26.53 40.66
N PRO D 479 -4.34 -26.01 40.37
CA PRO D 479 -5.37 -26.87 39.76
C PRO D 479 -4.84 -27.52 38.49
N ARG D 480 -5.22 -28.78 38.31
CA ARG D 480 -4.85 -29.52 37.12
C ARG D 480 -5.89 -29.26 36.04
N THR D 481 -5.74 -28.12 35.37
CA THR D 481 -6.70 -27.70 34.33
C THR D 481 -6.69 -28.68 33.16
N GLU D 482 -7.87 -28.87 32.60
CA GLU D 482 -8.09 -29.84 31.54
C GLU D 482 -8.35 -29.11 30.23
N ARG D 483 -8.08 -29.81 29.13
CA ARG D 483 -8.52 -29.37 27.81
C ARG D 483 -9.04 -30.59 27.10
N ARG D 484 -10.28 -30.54 26.61
CA ARG D 484 -10.96 -31.74 26.16
C ARG D 484 -10.86 -32.85 27.21
N ASN D 485 -11.03 -32.46 28.48
CA ASN D 485 -11.10 -33.39 29.59
C ASN D 485 -9.86 -34.26 29.72
N GLN D 486 -8.68 -33.76 29.33
CA GLN D 486 -7.46 -34.55 29.45
C GLN D 486 -6.32 -33.73 30.05
N LEU D 487 -5.39 -34.45 30.65
CA LEU D 487 -4.12 -33.93 31.16
C LEU D 487 -3.00 -34.47 30.30
N VAL D 488 -1.80 -33.87 30.42
CA VAL D 488 -0.63 -34.27 29.63
C VAL D 488 0.29 -35.12 30.49
N LEU D 489 0.77 -36.24 29.94
CA LEU D 489 1.73 -37.06 30.64
C LEU D 489 3.09 -36.40 30.59
N ASN D 490 3.92 -36.68 31.60
CA ASN D 490 5.24 -36.02 31.70
C ASN D 490 6.30 -36.91 31.08
N LEU D 491 6.58 -36.68 29.81
CA LEU D 491 7.61 -37.43 29.09
C LEU D 491 9.03 -37.07 29.51
N ALA D 492 9.22 -36.14 30.45
CA ALA D 492 10.54 -36.01 31.05
C ALA D 492 10.83 -37.14 32.01
N LEU D 493 9.80 -37.81 32.53
CA LEU D 493 10.00 -38.90 33.48
C LEU D 493 10.30 -40.19 32.73
N PRO D 494 11.39 -40.88 33.07
CA PRO D 494 11.68 -42.16 32.42
C PRO D 494 10.60 -43.21 32.60
N GLU D 495 9.88 -43.16 33.73
CA GLU D 495 8.76 -44.07 33.92
C GLU D 495 7.70 -43.89 32.84
N VAL D 496 7.40 -42.63 32.48
CA VAL D 496 6.39 -42.36 31.46
C VAL D 496 6.86 -42.79 30.08
N GLN D 497 8.15 -42.59 29.78
CA GLN D 497 8.64 -42.97 28.46
C GLN D 497 8.58 -44.47 28.27
N ASP D 498 8.90 -45.22 29.32
CA ASP D 498 8.90 -46.68 29.19
C ASP D 498 7.48 -47.22 29.15
N PHE D 499 6.57 -46.65 29.93
CA PHE D 499 5.15 -46.94 29.79
C PHE D 499 4.72 -46.82 28.34
N ILE D 500 5.07 -45.69 27.70
CA ILE D 500 4.66 -45.45 26.33
C ILE D 500 5.29 -46.46 25.39
N ILE D 501 6.61 -46.64 25.48
CA ILE D 501 7.33 -47.58 24.60
C ILE D 501 6.79 -48.99 24.74
N ASP D 502 6.38 -49.37 25.95
CA ASP D 502 5.96 -50.76 26.17
C ASP D 502 4.54 -51.03 25.66
N PHE D 503 3.57 -50.16 25.96
CA PHE D 503 2.22 -50.47 25.50
C PHE D 503 2.11 -50.33 24.00
N MET D 504 2.90 -49.42 23.42
CA MET D 504 2.95 -49.32 21.97
C MET D 504 3.56 -50.56 21.36
N THR D 505 4.62 -51.09 21.99
CA THR D 505 5.28 -52.28 21.48
C THR D 505 4.36 -53.47 21.61
N ASN D 506 3.74 -53.60 22.78
CA ASN D 506 2.77 -54.66 23.02
C ASN D 506 1.59 -54.54 22.06
N LEU D 507 1.23 -53.31 21.66
CA LEU D 507 0.07 -53.11 20.79
C LEU D 507 0.37 -53.52 19.36
N LEU D 508 1.46 -53.01 18.79
CA LEU D 508 1.82 -53.33 17.41
C LEU D 508 2.14 -54.81 17.21
N ASN D 509 2.48 -55.54 18.27
CA ASN D 509 2.78 -56.96 18.19
C ASN D 509 1.55 -57.84 18.45
N SER D 510 0.44 -57.26 18.87
CA SER D 510 -0.73 -58.06 19.19
C SER D 510 -1.62 -58.35 18.00
N ALA D 511 -1.33 -57.80 16.82
CA ALA D 511 -2.13 -57.99 15.60
C ALA D 511 -1.35 -57.41 14.43
N ASP D 512 -1.91 -57.55 13.22
CA ASP D 512 -1.23 -57.09 11.99
C ASP D 512 -1.63 -55.64 11.70
N ILE D 513 -1.01 -54.74 12.49
CA ILE D 513 -1.12 -53.30 12.37
C ILE D 513 0.04 -52.80 11.53
N SER D 514 -0.26 -52.07 10.45
CA SER D 514 0.79 -51.56 9.57
C SER D 514 0.72 -50.03 9.41
N TYR D 515 -0.03 -49.36 10.28
CA TYR D 515 -0.17 -47.91 10.23
C TYR D 515 -0.60 -47.42 11.61
N VAL D 516 0.07 -46.40 12.13
CA VAL D 516 -0.30 -45.78 13.39
C VAL D 516 -0.51 -44.29 13.16
N LYS D 517 -1.68 -43.80 13.59
CA LYS D 517 -1.89 -42.37 13.73
C LYS D 517 -1.60 -41.97 15.18
N TRP D 518 -0.59 -41.13 15.37
CA TRP D 518 -0.13 -40.73 16.70
C TRP D 518 -0.65 -39.32 17.01
N ASP D 519 -1.72 -39.21 17.78
CA ASP D 519 -2.42 -37.96 18.00
C ASP D 519 -1.96 -37.29 19.30
N ASN D 520 -2.38 -36.04 19.47
CA ASN D 520 -1.97 -35.21 20.60
C ASN D 520 -2.84 -33.96 20.66
N ASN D 521 -3.80 -33.91 21.60
CA ASN D 521 -4.97 -33.05 21.41
C ASN D 521 -5.05 -31.86 22.36
N ARG D 522 -3.94 -31.40 22.92
CA ARG D 522 -3.92 -30.19 23.73
C ARG D 522 -2.47 -29.83 23.96
N GLY D 523 -2.25 -28.66 24.52
CA GLY D 523 -0.93 -28.19 24.83
C GLY D 523 -0.64 -28.27 26.32
N MET D 524 0.58 -27.88 26.68
CA MET D 524 0.99 -27.90 28.06
C MET D 524 0.54 -26.63 28.75
N HIS D 525 0.09 -26.78 30.00
CA HIS D 525 -0.28 -25.66 30.82
C HIS D 525 0.71 -25.63 31.99
N GLU D 526 0.39 -26.21 33.14
CA GLU D 526 1.26 -26.16 34.29
C GLU D 526 2.40 -27.16 34.13
N MET D 527 3.61 -26.72 34.47
CA MET D 527 4.83 -27.51 34.36
C MET D 527 5.51 -27.57 35.70
N PRO D 528 6.14 -28.70 36.05
CA PRO D 528 6.89 -28.77 37.31
C PRO D 528 8.06 -27.83 37.38
N SER D 529 8.59 -27.39 36.24
CA SER D 529 9.68 -26.42 36.22
C SER D 529 9.88 -25.97 34.77
N THR D 530 10.70 -24.95 34.60
CA THR D 530 10.99 -24.49 33.24
C THR D 530 11.85 -25.51 32.49
N ARG D 531 12.82 -26.12 33.17
CA ARG D 531 13.64 -27.17 32.57
C ARG D 531 12.80 -28.30 31.96
N THR D 532 11.54 -28.48 32.40
CA THR D 532 10.76 -29.63 31.95
C THR D 532 10.27 -29.48 30.52
N TYR D 533 10.09 -28.23 30.06
CA TYR D 533 9.73 -28.02 28.66
C TYR D 533 10.68 -28.75 27.75
N HIS D 534 11.96 -28.38 27.80
CA HIS D 534 12.91 -29.04 26.91
C HIS D 534 13.11 -30.51 27.27
N GLU D 535 12.97 -30.87 28.57
CA GLU D 535 13.20 -32.27 28.94
C GLU D 535 12.03 -33.15 28.55
N TYR D 536 10.83 -32.60 28.44
CA TYR D 536 9.73 -33.29 27.77
C TYR D 536 10.13 -33.69 26.35
N MET D 537 10.57 -32.71 25.55
CA MET D 537 10.93 -33.02 24.18
C MET D 537 12.03 -34.07 24.10
N LEU D 538 13.00 -34.04 25.01
CA LEU D 538 14.03 -35.07 24.94
C LEU D 538 13.42 -36.46 25.19
N GLY D 539 12.45 -36.55 26.11
CA GLY D 539 11.77 -37.82 26.32
C GLY D 539 11.02 -38.28 25.09
N LEU D 540 10.29 -37.34 24.46
CA LEU D 540 9.44 -37.68 23.32
C LEU D 540 10.26 -38.18 22.14
N TYR D 541 11.38 -37.53 21.87
CA TYR D 541 12.29 -37.98 20.82
C TYR D 541 12.90 -39.33 21.14
N ARG D 542 13.17 -39.61 22.42
CA ARG D 542 13.62 -40.95 22.78
C ARG D 542 12.53 -41.98 22.47
N VAL D 543 11.27 -41.62 22.73
CA VAL D 543 10.16 -42.52 22.46
C VAL D 543 9.96 -42.74 20.97
N LEU D 544 10.02 -41.66 20.18
CA LEU D 544 9.73 -41.78 18.75
C LEU D 544 10.89 -42.46 18.03
N ASP D 545 12.13 -42.15 18.42
CA ASP D 545 13.27 -42.84 17.85
C ASP D 545 13.19 -44.35 18.07
N THR D 546 12.90 -44.77 19.31
CA THR D 546 12.79 -46.19 19.63
C THR D 546 11.69 -46.86 18.83
N LEU D 547 10.47 -46.30 18.88
CA LEU D 547 9.33 -46.97 18.25
C LEU D 547 9.46 -46.98 16.74
N SER D 548 9.88 -45.87 16.14
CA SER D 548 9.99 -45.85 14.69
C SER D 548 11.10 -46.78 14.21
N ALA D 549 12.21 -46.88 14.94
CA ALA D 549 13.25 -47.84 14.57
C ALA D 549 12.85 -49.27 14.87
N ARG D 550 12.08 -49.50 15.93
CA ARG D 550 11.68 -50.87 16.30
C ARG D 550 10.68 -51.42 15.30
N PHE D 551 9.81 -50.57 14.76
CA PHE D 551 8.79 -50.94 13.78
C PHE D 551 9.01 -50.12 12.50
N PRO D 552 10.06 -50.42 11.75
CA PRO D 552 10.36 -49.62 10.53
C PRO D 552 9.37 -49.84 9.39
N ASP D 553 8.51 -50.85 9.45
CA ASP D 553 7.61 -51.19 8.37
C ASP D 553 6.19 -50.63 8.56
N VAL D 554 5.92 -50.06 9.74
CA VAL D 554 4.66 -49.38 10.00
C VAL D 554 4.69 -47.99 9.36
N LEU D 555 3.59 -47.58 8.72
CA LEU D 555 3.45 -46.20 8.26
C LEU D 555 3.01 -45.39 9.47
N TRP D 556 3.95 -44.63 10.02
CA TRP D 556 3.67 -43.74 11.14
C TRP D 556 3.19 -42.39 10.61
N GLU D 557 2.07 -41.91 11.15
CA GLU D 557 1.52 -40.62 10.78
C GLU D 557 1.23 -39.85 12.04
N GLY D 558 1.81 -38.66 12.16
CA GLY D 558 1.63 -37.85 13.33
C GLY D 558 0.45 -36.94 13.18
N CYS D 559 -0.04 -36.49 14.33
CA CYS D 559 -1.23 -35.65 14.32
C CYS D 559 -1.24 -34.90 15.64
N ALA D 560 -1.88 -33.74 15.63
CA ALA D 560 -2.03 -32.95 16.86
C ALA D 560 -3.20 -32.01 16.65
N SER D 561 -4.41 -32.52 16.84
CA SER D 561 -5.63 -31.86 16.41
C SER D 561 -5.43 -31.25 15.04
N GLY D 562 -4.86 -32.07 14.15
CA GLY D 562 -4.47 -31.59 12.84
C GLY D 562 -3.00 -31.25 12.83
N GLY D 563 -2.67 -30.08 12.26
CA GLY D 563 -1.30 -29.62 12.15
C GLY D 563 -0.72 -28.96 13.40
N GLY D 564 -1.09 -29.44 14.59
CA GLY D 564 -0.58 -28.81 15.81
C GLY D 564 0.88 -29.09 16.09
N ARG D 565 1.49 -30.07 15.43
CA ARG D 565 2.92 -30.36 15.58
C ARG D 565 3.48 -30.73 14.20
N PHE D 566 3.25 -29.84 13.24
CA PHE D 566 3.72 -30.01 11.87
C PHE D 566 5.03 -29.27 11.69
N ASP D 567 6.10 -29.86 12.23
CA ASP D 567 7.44 -29.31 12.17
C ASP D 567 8.41 -30.37 11.70
N ALA D 568 9.63 -29.93 11.35
CA ALA D 568 10.64 -30.85 10.84
C ALA D 568 11.06 -31.89 11.85
N GLY D 569 10.80 -31.65 13.15
CA GLY D 569 11.24 -32.57 14.17
C GLY D 569 10.46 -33.86 14.17
N ILE D 570 9.17 -33.78 13.86
CA ILE D 570 8.38 -34.99 13.72
C ILE D 570 8.71 -35.71 12.40
N LEU D 571 8.84 -34.95 11.31
CA LEU D 571 9.09 -35.55 10.00
C LEU D 571 10.37 -36.40 9.96
N HIS D 572 11.31 -36.16 10.87
CA HIS D 572 12.49 -37.00 10.95
C HIS D 572 12.10 -38.44 11.17
N TYR D 573 11.07 -38.67 12.01
CA TYR D 573 10.63 -39.98 12.45
C TYR D 573 9.37 -40.47 11.73
N PHE D 574 8.44 -39.57 11.44
CA PHE D 574 7.16 -39.87 10.80
C PHE D 574 7.19 -39.35 9.38
N PRO D 575 6.88 -40.15 8.36
CA PRO D 575 6.92 -39.61 6.99
C PRO D 575 5.74 -38.72 6.63
N GLN D 576 4.74 -38.56 7.50
CA GLN D 576 3.57 -37.80 7.08
C GLN D 576 2.73 -37.42 8.30
N ILE D 577 2.05 -36.28 8.19
CA ILE D 577 1.36 -35.63 9.29
C ILE D 577 -0.02 -35.17 8.84
N TRP D 578 -1.00 -35.34 9.70
CA TRP D 578 -2.37 -34.89 9.43
C TRP D 578 -2.42 -33.38 9.33
N THR D 579 -2.63 -32.84 8.12
CA THR D 579 -2.41 -31.41 7.88
C THR D 579 -3.35 -30.53 8.72
N SER D 580 -4.61 -30.93 8.88
CA SER D 580 -5.57 -30.06 9.57
C SER D 580 -6.85 -30.83 9.81
N ASP D 581 -7.55 -30.52 10.92
CA ASP D 581 -8.84 -31.15 11.17
C ASP D 581 -9.93 -30.57 10.28
N ASN D 582 -9.70 -29.38 9.74
CA ASN D 582 -10.52 -28.81 8.68
C ASN D 582 -10.30 -29.61 7.39
N THR D 583 -11.36 -30.28 6.92
CA THR D 583 -11.29 -31.09 5.72
C THR D 583 -12.11 -30.50 4.57
N ASP D 584 -12.53 -29.25 4.73
CA ASP D 584 -13.36 -28.58 3.74
C ASP D 584 -12.49 -28.22 2.54
N GLY D 585 -12.93 -28.60 1.34
CA GLY D 585 -12.07 -28.51 0.17
C GLY D 585 -11.51 -27.11 -0.09
N VAL D 586 -12.33 -26.08 0.15
CA VAL D 586 -11.88 -24.71 -0.08
C VAL D 586 -10.81 -24.33 0.94
N ASP D 587 -11.05 -24.63 2.22
CA ASP D 587 -10.11 -24.24 3.28
C ASP D 587 -8.81 -25.03 3.20
N ARG D 588 -8.87 -26.28 2.72
CA ARG D 588 -7.67 -27.09 2.57
C ARG D 588 -6.74 -26.54 1.52
N ILE D 589 -7.25 -25.79 0.53
CA ILE D 589 -6.36 -25.20 -0.46
C ILE D 589 -5.42 -24.19 0.20
N THR D 590 -5.99 -23.27 0.96
CA THR D 590 -5.14 -22.33 1.71
C THR D 590 -4.24 -23.05 2.69
N ILE D 591 -4.76 -24.05 3.41
CA ILE D 591 -3.95 -24.73 4.42
C ILE D 591 -2.83 -25.53 3.78
N GLN D 592 -3.12 -26.24 2.66
CA GLN D 592 -2.13 -27.07 2.01
C GLN D 592 -1.06 -26.24 1.27
N PHE D 593 -1.46 -25.25 0.46
CA PHE D 593 -0.48 -24.31 -0.10
C PHE D 593 0.38 -23.65 0.98
N GLY D 594 -0.22 -23.36 2.14
CA GLY D 594 0.52 -22.69 3.19
C GLY D 594 1.58 -23.59 3.81
N THR D 595 1.19 -24.83 4.14
CA THR D 595 2.11 -25.81 4.72
C THR D 595 3.27 -26.13 3.79
N SER D 596 3.00 -26.19 2.48
CA SER D 596 3.99 -26.46 1.45
C SER D 596 5.07 -25.40 1.36
N LEU D 597 4.86 -24.23 1.94
CA LEU D 597 5.94 -23.25 1.99
C LEU D 597 7.21 -23.85 2.58
N ALA D 598 7.08 -24.66 3.65
CA ALA D 598 8.23 -25.28 4.30
C ALA D 598 8.38 -26.76 3.99
N TYR D 599 7.30 -27.53 4.05
CA TYR D 599 7.37 -28.98 4.07
C TYR D 599 6.87 -29.58 2.77
N PRO D 600 7.41 -30.72 2.36
CA PRO D 600 7.04 -31.28 1.07
C PRO D 600 5.61 -31.78 1.08
N PRO D 601 4.90 -31.66 -0.04
CA PRO D 601 3.55 -32.22 -0.11
C PRO D 601 3.46 -33.73 0.17
N SER D 602 4.53 -34.50 -0.09
CA SER D 602 4.52 -35.93 0.23
C SER D 602 4.23 -36.17 1.70
N THR D 603 4.39 -35.15 2.49
CA THR D 603 4.35 -35.17 3.93
C THR D 603 2.95 -34.90 4.47
N MET D 604 2.03 -34.42 3.65
CA MET D 604 0.76 -33.89 4.10
C MET D 604 -0.35 -34.90 3.94
N GLY D 605 -1.15 -35.09 4.99
CA GLY D 605 -2.32 -35.93 4.91
C GLY D 605 -3.54 -35.10 4.54
N ALA D 606 -4.32 -35.58 3.58
CA ALA D 606 -5.49 -34.85 3.13
C ALA D 606 -6.59 -35.84 2.80
N HIS D 607 -7.79 -35.61 3.34
CA HIS D 607 -8.88 -36.57 3.27
C HIS D 607 -10.12 -35.96 2.63
N LEU D 608 -10.70 -36.70 1.70
CA LEU D 608 -12.00 -36.36 1.16
C LEU D 608 -13.08 -36.51 2.22
N SER D 609 -13.71 -35.40 2.58
CA SER D 609 -14.69 -35.36 3.65
C SER D 609 -16.11 -35.31 3.09
N ALA D 610 -17.08 -35.54 3.97
CA ALA D 610 -18.48 -35.49 3.59
C ALA D 610 -19.01 -34.05 3.70
N VAL D 611 -20.10 -33.79 2.99
CA VAL D 611 -20.70 -32.45 2.99
C VAL D 611 -22.15 -32.56 3.45
N PRO D 612 -22.72 -31.52 4.11
CA PRO D 612 -22.04 -30.28 4.49
C PRO D 612 -20.89 -30.48 5.49
N ASN D 613 -19.82 -29.72 5.30
CA ASN D 613 -18.60 -29.96 6.04
C ASN D 613 -18.82 -29.77 7.54
N HIS D 614 -18.20 -30.63 8.35
CA HIS D 614 -18.46 -30.61 9.78
C HIS D 614 -17.81 -29.42 10.50
N GLN D 615 -16.82 -28.77 9.89
CA GLN D 615 -16.18 -27.60 10.50
C GLN D 615 -16.66 -26.28 9.92
N THR D 616 -16.98 -26.22 8.63
CA THR D 616 -17.38 -24.96 7.99
C THR D 616 -18.87 -24.84 7.71
N SER D 617 -19.61 -25.96 7.67
CA SER D 617 -21.00 -26.05 7.18
C SER D 617 -21.12 -25.72 5.70
N ARG D 618 -20.03 -25.85 4.95
CA ARG D 618 -20.01 -25.58 3.51
C ARG D 618 -20.16 -26.88 2.71
N THR D 619 -20.90 -26.78 1.60
CA THR D 619 -21.02 -27.87 0.64
C THR D 619 -20.21 -27.54 -0.61
N VAL D 620 -19.45 -28.51 -1.08
CA VAL D 620 -18.55 -28.34 -2.22
C VAL D 620 -18.64 -29.63 -3.03
N PRO D 621 -18.69 -29.56 -4.37
CA PRO D 621 -18.90 -30.79 -5.16
C PRO D 621 -17.81 -31.83 -4.93
N LEU D 622 -18.19 -33.10 -5.08
CA LEU D 622 -17.29 -34.20 -4.73
C LEU D 622 -15.98 -34.15 -5.50
N GLU D 623 -16.04 -33.82 -6.80
CA GLU D 623 -14.80 -33.85 -7.59
C GLU D 623 -13.84 -32.71 -7.20
N PHE D 624 -14.36 -31.56 -6.76
CA PHE D 624 -13.51 -30.51 -6.20
C PHE D 624 -12.78 -31.00 -4.95
N ARG D 625 -13.51 -31.65 -4.03
CA ARG D 625 -12.91 -32.11 -2.78
C ARG D 625 -11.80 -33.10 -3.05
N ALA D 626 -12.11 -34.11 -3.87
CA ALA D 626 -11.14 -35.14 -4.25
C ALA D 626 -9.88 -34.56 -4.86
N HIS D 627 -10.01 -33.49 -5.65
CA HIS D 627 -8.83 -32.92 -6.31
C HIS D 627 -7.94 -32.19 -5.33
N VAL D 628 -8.53 -31.51 -4.34
CA VAL D 628 -7.77 -30.85 -3.30
C VAL D 628 -7.01 -31.86 -2.46
N ALA D 629 -7.68 -32.98 -2.14
CA ALA D 629 -7.05 -33.96 -1.30
C ALA D 629 -5.95 -34.70 -2.03
N MET D 630 -5.96 -34.68 -3.37
CA MET D 630 -4.95 -35.39 -4.15
C MET D 630 -3.59 -34.72 -4.14
N MET D 631 -3.50 -33.42 -3.78
CA MET D 631 -2.21 -32.75 -3.64
C MET D 631 -1.52 -33.03 -2.31
N GLY D 632 -2.08 -33.92 -1.49
CA GLY D 632 -1.39 -34.47 -0.35
C GLY D 632 -0.78 -35.83 -0.65
N GLY D 633 0.36 -36.09 0.01
CA GLY D 633 1.04 -37.35 -0.19
C GLY D 633 0.20 -38.56 0.20
N SER D 634 -0.55 -38.46 1.30
CA SER D 634 -1.41 -39.56 1.69
C SER D 634 -2.86 -39.09 1.49
N PHE D 635 -3.44 -39.51 0.37
CA PHE D 635 -4.86 -39.32 0.06
C PHE D 635 -5.72 -40.35 0.82
N GLY D 636 -6.94 -39.94 1.16
CA GLY D 636 -7.82 -40.85 1.83
C GLY D 636 -9.26 -40.42 1.76
N LEU D 637 -10.11 -41.10 2.53
CA LEU D 637 -11.53 -40.81 2.66
C LEU D 637 -11.83 -40.76 4.15
N GLU D 638 -12.50 -39.69 4.61
CA GLU D 638 -12.89 -39.62 6.02
C GLU D 638 -14.39 -39.40 6.08
N LEU D 639 -15.14 -40.46 5.80
CA LEU D 639 -16.59 -40.40 5.74
C LEU D 639 -17.11 -41.82 5.78
N ASP D 640 -18.42 -41.94 5.99
CA ASP D 640 -19.06 -43.24 5.90
C ASP D 640 -19.14 -43.64 4.44
N PRO D 641 -18.68 -44.85 4.07
CA PRO D 641 -18.78 -45.29 2.66
C PRO D 641 -20.21 -45.56 2.19
N ALA D 642 -21.19 -45.56 3.09
CA ALA D 642 -22.57 -45.60 2.64
C ALA D 642 -23.05 -44.20 2.22
N THR D 643 -22.56 -43.16 2.91
CA THR D 643 -22.90 -41.77 2.60
C THR D 643 -22.82 -41.49 1.10
N LEU D 644 -21.79 -42.02 0.43
CA LEU D 644 -21.58 -41.76 -0.98
C LEU D 644 -22.32 -42.78 -1.84
N GLN D 645 -23.10 -42.26 -2.79
CA GLN D 645 -24.04 -43.02 -3.61
C GLN D 645 -23.57 -43.22 -5.05
N ASP D 646 -22.74 -42.32 -5.60
CA ASP D 646 -22.15 -42.52 -6.93
C ASP D 646 -20.87 -43.33 -6.76
N ASP D 647 -21.04 -44.65 -6.64
CA ASP D 647 -19.90 -45.56 -6.61
C ASP D 647 -19.02 -45.47 -7.87
N PRO D 648 -19.56 -45.25 -9.09
CA PRO D 648 -18.67 -45.14 -10.27
C PRO D 648 -17.67 -44.00 -10.20
N GLU D 649 -18.13 -42.78 -9.91
CA GLU D 649 -17.25 -41.62 -9.87
C GLU D 649 -16.23 -41.69 -8.73
N VAL D 650 -16.58 -42.33 -7.61
CA VAL D 650 -15.61 -42.46 -6.52
C VAL D 650 -14.51 -43.42 -6.90
N ARG D 651 -14.87 -44.56 -7.49
CA ARG D 651 -13.89 -45.53 -7.95
C ARG D 651 -12.94 -44.88 -8.96
N ARG D 652 -13.48 -43.99 -9.81
CA ARG D 652 -12.64 -43.25 -10.74
C ARG D 652 -11.70 -42.29 -10.01
N LEU D 653 -12.19 -41.59 -8.98
CA LEU D 653 -11.34 -40.62 -8.28
C LEU D 653 -10.22 -41.32 -7.50
N ILE D 654 -10.45 -42.54 -7.00
CA ILE D 654 -9.37 -43.25 -6.30
C ILE D 654 -8.31 -43.71 -7.28
N LYS D 655 -8.71 -44.13 -8.48
CA LYS D 655 -7.74 -44.45 -9.51
C LYS D 655 -6.92 -43.22 -9.88
N LEU D 656 -7.60 -42.07 -10.07
CA LEU D 656 -6.91 -40.81 -10.31
C LEU D 656 -5.94 -40.50 -9.17
N ALA D 657 -6.39 -40.66 -7.92
CA ALA D 657 -5.50 -40.51 -6.77
C ALA D 657 -4.25 -41.39 -6.93
N GLU D 658 -4.45 -42.68 -7.21
CA GLU D 658 -3.30 -43.57 -7.36
C GLU D 658 -2.42 -43.15 -8.54
N LYS D 659 -3.01 -42.55 -9.58
CA LYS D 659 -2.21 -42.15 -10.74
C LYS D 659 -1.31 -40.96 -10.41
N VAL D 660 -1.83 -39.94 -9.72
CA VAL D 660 -1.04 -38.73 -9.47
C VAL D 660 -0.13 -38.88 -8.27
N ASN D 661 -0.36 -39.87 -7.41
CA ASN D 661 0.42 -39.95 -6.18
C ASN D 661 1.93 -40.05 -6.41
N PRO D 662 2.45 -40.75 -7.42
CA PRO D 662 3.92 -40.75 -7.59
C PRO D 662 4.48 -39.36 -7.87
N LEU D 663 3.78 -38.53 -8.66
CA LEU D 663 4.29 -37.18 -8.90
C LEU D 663 4.28 -36.31 -7.65
N VAL D 664 3.29 -36.50 -6.78
CA VAL D 664 3.21 -35.67 -5.60
C VAL D 664 4.22 -36.10 -4.55
N ILE D 665 4.60 -37.38 -4.52
CA ILE D 665 5.58 -37.84 -3.56
C ILE D 665 6.99 -37.40 -3.97
N ASN D 666 7.30 -37.50 -5.28
CA ASN D 666 8.68 -37.39 -5.72
C ASN D 666 8.98 -36.19 -6.62
N GLY D 667 7.99 -35.41 -7.04
CA GLY D 667 8.23 -34.32 -7.96
C GLY D 667 8.52 -33.00 -7.24
N ASP D 668 8.83 -31.99 -8.04
CA ASP D 668 9.03 -30.65 -7.53
C ASP D 668 7.71 -29.91 -7.59
N LEU D 669 7.44 -29.11 -6.57
CA LEU D 669 6.23 -28.29 -6.51
C LEU D 669 6.51 -26.89 -7.05
N TYR D 670 5.70 -26.45 -8.01
CA TYR D 670 5.68 -25.07 -8.49
C TYR D 670 4.31 -24.48 -8.18
N ARG D 671 4.27 -23.48 -7.30
CA ARG D 671 3.01 -22.85 -6.92
C ARG D 671 2.75 -21.73 -7.91
N LEU D 672 1.99 -22.04 -8.96
CA LEU D 672 1.80 -21.11 -10.07
C LEU D 672 1.00 -19.89 -9.65
N ARG D 673 -0.09 -20.12 -8.91
CA ARG D 673 -0.98 -19.06 -8.45
C ARG D 673 -1.38 -19.35 -7.01
N LEU D 674 -1.25 -18.35 -6.15
CA LEU D 674 -1.46 -18.49 -4.73
C LEU D 674 -2.93 -18.25 -4.37
N PRO D 675 -3.53 -19.05 -3.49
CA PRO D 675 -4.91 -18.75 -3.05
C PRO D 675 -5.08 -17.38 -2.42
N GLU D 676 -3.98 -16.76 -2.02
CA GLU D 676 -4.07 -15.45 -1.39
C GLU D 676 -4.24 -14.34 -2.43
N GLU D 677 -3.68 -14.50 -3.64
CA GLU D 677 -3.70 -13.45 -4.66
C GLU D 677 -4.92 -13.47 -5.58
N SER D 678 -5.62 -14.60 -5.71
CA SER D 678 -6.73 -14.66 -6.67
C SER D 678 -7.61 -15.85 -6.33
N GLN D 679 -8.79 -15.89 -6.96
CA GLN D 679 -9.71 -17.00 -6.78
C GLN D 679 -9.42 -18.16 -7.73
N TRP D 680 -8.28 -18.16 -8.40
CA TRP D 680 -7.90 -19.28 -9.25
C TRP D 680 -6.52 -19.79 -8.83
N PRO D 681 -6.40 -20.43 -7.66
CA PRO D 681 -5.11 -21.00 -7.25
C PRO D 681 -4.72 -22.17 -8.15
N ALA D 682 -3.42 -22.42 -8.25
CA ALA D 682 -2.97 -23.47 -9.14
C ALA D 682 -1.59 -23.96 -8.71
N ALA D 683 -1.37 -25.28 -8.80
CA ALA D 683 -0.09 -25.90 -8.48
C ALA D 683 0.27 -26.92 -9.54
N LEU D 684 1.55 -26.95 -9.90
CA LEU D 684 2.07 -27.89 -10.88
C LEU D 684 3.10 -28.76 -10.17
N PHE D 685 3.04 -30.07 -10.42
CA PHE D 685 4.04 -31.01 -9.92
C PHE D 685 4.81 -31.54 -11.12
N VAL D 686 6.14 -31.35 -11.10
CA VAL D 686 7.00 -31.77 -12.20
C VAL D 686 7.91 -32.88 -11.71
N ALA D 687 7.98 -33.97 -12.47
CA ALA D 687 8.90 -35.05 -12.14
C ALA D 687 10.32 -34.52 -12.00
N GLU D 688 11.15 -35.26 -11.24
CA GLU D 688 12.55 -34.87 -11.04
C GLU D 688 13.33 -34.85 -12.34
N ASP D 689 13.09 -35.84 -13.20
CA ASP D 689 13.70 -35.96 -14.52
C ASP D 689 12.93 -35.23 -15.62
N GLY D 690 11.82 -34.55 -15.29
CA GLY D 690 11.12 -33.71 -16.24
C GLY D 690 10.18 -34.44 -17.18
N SER D 691 10.00 -35.75 -17.04
CA SER D 691 9.32 -36.52 -18.06
C SER D 691 7.81 -36.36 -17.98
N GLN D 692 7.27 -36.13 -16.78
CA GLN D 692 5.84 -36.00 -16.60
C GLN D 692 5.55 -34.84 -15.65
N ALA D 693 4.32 -34.34 -15.73
CA ALA D 693 3.89 -33.32 -14.78
C ALA D 693 2.39 -33.45 -14.59
N VAL D 694 1.92 -33.05 -13.43
CA VAL D 694 0.48 -32.93 -13.20
C VAL D 694 0.18 -31.52 -12.73
N LEU D 695 -0.94 -30.96 -13.21
CA LEU D 695 -1.39 -29.61 -12.90
C LEU D 695 -2.74 -29.67 -12.21
N PHE D 696 -2.82 -29.05 -11.03
CA PHE D 696 -4.06 -28.85 -10.29
C PHE D 696 -4.46 -27.40 -10.47
N TYR D 697 -5.68 -27.17 -10.93
CA TYR D 697 -6.18 -25.82 -11.17
C TYR D 697 -7.58 -25.73 -10.60
N PHE D 698 -7.83 -24.70 -9.79
CA PHE D 698 -9.10 -24.53 -9.11
C PHE D 698 -9.70 -23.17 -9.40
N GLN D 699 -11.04 -23.13 -9.45
CA GLN D 699 -11.80 -21.88 -9.38
C GLN D 699 -12.63 -21.98 -8.09
N VAL D 700 -12.31 -21.13 -7.13
CA VAL D 700 -12.93 -21.20 -5.82
C VAL D 700 -14.24 -20.43 -5.81
N GLY D 701 -14.21 -19.10 -5.90
CA GLY D 701 -15.45 -18.38 -6.08
C GLY D 701 -16.22 -18.79 -7.35
N PRO D 702 -17.40 -18.23 -7.56
CA PRO D 702 -17.95 -18.22 -8.93
C PRO D 702 -17.44 -17.03 -9.72
N ASN D 703 -17.30 -17.22 -11.04
CA ASN D 703 -16.78 -16.15 -11.90
C ASN D 703 -17.89 -15.72 -12.87
N VAL D 704 -18.76 -14.85 -12.40
CA VAL D 704 -19.95 -14.46 -13.15
C VAL D 704 -19.57 -13.43 -14.21
N ASN D 705 -19.77 -13.77 -15.49
CA ASN D 705 -19.72 -12.81 -16.58
C ASN D 705 -18.40 -12.02 -16.58
N HIS D 706 -17.31 -12.77 -16.72
CA HIS D 706 -15.97 -12.21 -16.62
C HIS D 706 -14.97 -13.11 -17.33
N ALA D 707 -13.91 -12.51 -17.86
CA ALA D 707 -12.78 -13.26 -18.38
C ALA D 707 -12.14 -14.11 -17.30
N ALA D 708 -11.66 -15.30 -17.67
CA ALA D 708 -10.83 -16.16 -16.83
C ALA D 708 -9.36 -15.85 -17.11
N PRO D 709 -8.50 -15.99 -16.11
CA PRO D 709 -7.07 -15.76 -16.33
C PRO D 709 -6.43 -16.88 -17.12
N TRP D 710 -5.17 -16.69 -17.46
CA TRP D 710 -4.36 -17.76 -18.01
C TRP D 710 -3.48 -18.29 -16.90
N VAL D 711 -3.37 -19.61 -16.78
CA VAL D 711 -2.41 -20.20 -15.86
C VAL D 711 -1.18 -20.57 -16.67
N ARG D 712 -0.04 -20.00 -16.28
CA ARG D 712 1.22 -20.19 -16.96
C ARG D 712 2.09 -21.16 -16.14
N LEU D 713 2.58 -22.20 -16.81
CA LEU D 713 3.35 -23.25 -16.17
C LEU D 713 4.79 -22.78 -15.90
N GLN D 714 5.59 -23.62 -15.27
CA GLN D 714 7.03 -23.39 -15.18
C GLN D 714 7.71 -24.72 -14.86
N GLY D 715 9.03 -24.68 -14.71
CA GLY D 715 9.73 -25.92 -14.47
C GLY D 715 9.75 -26.88 -15.62
N LEU D 716 9.38 -26.44 -16.83
CA LEU D 716 9.47 -27.29 -18.00
C LEU D 716 10.67 -26.89 -18.87
N ASP D 717 10.99 -27.76 -19.82
CA ASP D 717 12.02 -27.50 -20.82
C ASP D 717 11.43 -26.65 -21.93
N PRO D 718 11.91 -25.42 -22.13
CA PRO D 718 11.24 -24.54 -23.13
C PRO D 718 11.24 -25.13 -24.53
N GLU D 719 12.20 -25.98 -24.88
CA GLU D 719 12.32 -26.47 -26.23
C GLU D 719 11.76 -27.88 -26.41
N ALA D 720 11.27 -28.50 -25.35
CA ALA D 720 10.66 -29.81 -25.47
C ALA D 720 9.18 -29.68 -25.80
N ARG D 721 8.60 -30.79 -26.23
CA ARG D 721 7.18 -30.85 -26.52
C ARG D 721 6.47 -31.63 -25.42
N TYR D 722 5.25 -31.22 -25.09
CA TYR D 722 4.51 -31.86 -24.02
C TYR D 722 3.09 -32.14 -24.50
N THR D 723 2.63 -33.36 -24.27
CA THR D 723 1.25 -33.70 -24.62
C THR D 723 0.38 -33.45 -23.40
N VAL D 724 -0.65 -32.64 -23.57
CA VAL D 724 -1.51 -32.23 -22.47
C VAL D 724 -2.75 -33.10 -22.49
N ASP D 725 -2.90 -33.96 -21.48
CA ASP D 725 -4.09 -34.80 -21.30
C ASP D 725 -4.36 -35.69 -22.51
N GLY D 726 -3.30 -36.27 -23.08
CA GLY D 726 -3.46 -37.16 -24.22
C GLY D 726 -3.79 -36.49 -25.55
N ASN D 727 -4.19 -35.22 -25.54
CA ASN D 727 -4.65 -34.50 -26.73
C ASN D 727 -3.55 -33.68 -27.38
N ALA D 728 -3.67 -32.35 -27.26
CA ALA D 728 -2.78 -31.44 -27.98
C ALA D 728 -1.34 -31.50 -27.44
N THR D 729 -0.40 -31.17 -28.32
CA THR D 729 1.02 -31.10 -27.98
C THR D 729 1.51 -29.66 -28.13
N TYR D 730 2.16 -29.15 -27.10
CA TYR D 730 2.64 -27.78 -27.07
C TYR D 730 4.09 -27.76 -26.63
N LYS D 731 4.86 -26.84 -27.19
CA LYS D 731 6.22 -26.62 -26.72
C LYS D 731 6.20 -26.11 -25.28
N GLY D 732 7.20 -26.51 -24.50
CA GLY D 732 7.30 -26.04 -23.13
C GLY D 732 7.34 -24.53 -23.01
N ALA D 733 8.00 -23.85 -23.97
CA ALA D 733 8.01 -22.40 -23.95
C ALA D 733 6.60 -21.85 -24.12
N THR D 734 5.78 -22.50 -24.96
CA THR D 734 4.41 -22.05 -25.15
C THR D 734 3.61 -22.20 -23.87
N LEU D 735 3.81 -23.32 -23.14
CA LEU D 735 3.12 -23.55 -21.88
C LEU D 735 3.66 -22.66 -20.76
N MET D 736 4.88 -22.17 -20.87
CA MET D 736 5.40 -21.34 -19.79
C MET D 736 5.16 -19.86 -20.01
N ASN D 737 5.06 -19.43 -21.27
CA ASN D 737 4.94 -18.02 -21.58
C ASN D 737 3.54 -17.61 -22.00
N LEU D 738 2.78 -18.52 -22.59
CA LEU D 738 1.37 -18.26 -22.90
C LEU D 738 0.44 -18.88 -21.85
N GLY D 739 0.58 -20.19 -21.62
CA GLY D 739 -0.23 -20.88 -20.64
C GLY D 739 -1.46 -21.59 -21.21
N LEU D 740 -2.29 -22.01 -20.27
CA LEU D 740 -3.57 -22.62 -20.59
C LEU D 740 -4.67 -21.78 -19.97
N GLN D 741 -5.87 -21.88 -20.52
CA GLN D 741 -7.01 -21.20 -19.96
C GLN D 741 -8.17 -22.17 -19.80
N PHE D 742 -8.87 -22.06 -18.68
CA PHE D 742 -9.97 -22.94 -18.34
C PHE D 742 -11.15 -22.09 -17.92
N THR D 743 -12.33 -22.43 -18.42
CA THR D 743 -13.57 -21.77 -18.05
C THR D 743 -14.51 -22.77 -17.38
N PHE D 744 -15.24 -22.29 -16.38
CA PHE D 744 -16.25 -23.07 -15.69
C PHE D 744 -17.56 -22.31 -15.69
N ASP D 745 -18.66 -23.02 -15.41
CA ASP D 745 -19.94 -22.39 -15.12
C ASP D 745 -20.59 -23.05 -13.92
N SER D 746 -19.85 -23.08 -12.83
CA SER D 746 -20.32 -23.60 -11.56
C SER D 746 -19.81 -22.69 -10.48
N GLU D 747 -20.32 -22.91 -9.25
CA GLU D 747 -19.80 -22.19 -8.11
C GLU D 747 -18.32 -22.51 -7.89
N TYR D 748 -17.96 -23.77 -8.11
CA TYR D 748 -16.62 -24.29 -7.88
C TYR D 748 -16.25 -25.10 -9.10
N GLY D 749 -14.99 -24.99 -9.52
CA GLY D 749 -14.48 -25.82 -10.60
C GLY D 749 -13.07 -26.28 -10.31
N SER D 750 -12.68 -27.35 -10.98
CA SER D 750 -11.32 -27.84 -10.79
C SER D 750 -10.90 -28.67 -11.99
N LYS D 751 -9.61 -28.66 -12.28
CA LYS D 751 -9.08 -29.51 -13.33
C LYS D 751 -7.81 -30.18 -12.84
N VAL D 752 -7.65 -31.45 -13.19
CA VAL D 752 -6.38 -32.14 -13.08
C VAL D 752 -5.93 -32.47 -14.50
N VAL D 753 -4.72 -32.03 -14.85
CA VAL D 753 -4.22 -32.11 -16.20
C VAL D 753 -2.85 -32.79 -16.16
N PHE D 754 -2.67 -33.83 -16.96
CA PHE D 754 -1.38 -34.49 -17.03
C PHE D 754 -0.61 -33.99 -18.24
N LEU D 755 0.71 -34.02 -18.12
CA LEU D 755 1.61 -33.66 -19.19
C LEU D 755 2.69 -34.73 -19.30
N GLU D 756 2.97 -35.14 -20.53
CA GLU D 756 3.99 -36.14 -20.82
C GLU D 756 4.97 -35.56 -21.82
N LYS D 757 6.24 -35.53 -21.48
CA LYS D 757 7.28 -35.03 -22.37
C LYS D 757 7.39 -35.77 -23.67
N GLN D 758 7.28 -35.03 -24.76
CA GLN D 758 7.19 -35.54 -26.12
C GLN D 758 6.15 -36.61 -26.31
C TRS E . 30.87 10.81 20.54
C1 TRS E . 30.35 9.76 21.54
C2 TRS E . 32.34 11.17 20.73
C3 TRS E . 29.95 12.04 20.55
N TRS E . 30.83 10.17 19.23
O1 TRS E . 29.24 10.25 22.28
O2 TRS E . 32.91 11.54 19.50
O3 TRS E . 29.60 12.42 21.88
C TRS F . -12.18 -29.92 20.84
C1 TRS F . -10.86 -29.67 21.54
C2 TRS F . -12.99 -30.98 21.59
C3 TRS F . -11.94 -30.37 19.40
N TRS F . -12.96 -28.65 20.82
O1 TRS F . -9.90 -30.68 21.15
O2 TRS F . -14.31 -31.04 21.05
O3 TRS F . -10.84 -31.28 19.36
C TRS G . 10.03 31.91 -19.31
C1 TRS G . 9.54 31.57 -20.71
C2 TRS G . 10.56 33.34 -19.27
C3 TRS G . 11.13 30.94 -18.88
N TRS G . 8.89 31.79 -18.36
O1 TRS G . 9.45 30.14 -20.85
O2 TRS G . 11.30 33.54 -18.07
O3 TRS G . 11.98 30.66 -20.01
C TRS H . -28.92 -12.57 -22.26
C1 TRS H . -28.65 -11.19 -22.89
C2 TRS H . -29.75 -13.45 -23.20
C3 TRS H . -29.53 -12.46 -20.85
N TRS H . -27.61 -13.23 -22.16
O1 TRS H . -29.26 -10.09 -22.23
O2 TRS H . -29.46 -14.83 -23.07
O3 TRS H . -30.64 -11.57 -20.76
#